data_2MII
#
_entry.id   2MII
#
_entity_poly.entity_id   1
_entity_poly.type   'polypeptide(L)'
_entity_poly.pdbx_seq_one_letter_code
;GSHMVGQREPAPVEEVKPAPEQPAEPQQPVPTVPSVPTIPQQPGPIEHEDQTAPPAPHIRHYDWNGAMQPMVSKMLGADG
VTAGSVLLVDSVNNRTNGSLNAAEATETLRNALANNGKFTLVSAQQLSMAKQQLGLSPQDSLGTRSKAIGIARNVGAHYV
LYSSASGNVNAPTLQMQLMLVQTGEIIWSGKGAVSQQ
;
_entity_poly.pdbx_strand_id   A
#
# COMPACT_ATOMS: atom_id res chain seq x y z
N GLY A 1 48.37 13.77 -65.52
CA GLY A 1 48.46 14.14 -66.95
C GLY A 1 49.89 14.25 -67.42
N SER A 2 50.79 13.47 -66.81
CA SER A 2 52.19 13.51 -67.17
C SER A 2 52.42 12.80 -68.50
N HIS A 3 52.66 13.60 -69.55
CA HIS A 3 52.84 13.09 -70.91
C HIS A 3 51.58 12.39 -71.40
N MET A 4 51.76 11.66 -72.50
CA MET A 4 50.79 10.71 -73.02
C MET A 4 49.54 11.40 -73.53
N VAL A 5 49.75 12.58 -74.08
CA VAL A 5 48.67 13.40 -74.61
C VAL A 5 48.75 13.44 -76.13
N GLY A 6 49.92 13.74 -76.66
CA GLY A 6 50.09 13.82 -78.10
C GLY A 6 49.21 14.90 -78.71
N GLN A 7 49.38 16.11 -78.21
CA GLN A 7 48.60 17.25 -78.67
C GLN A 7 48.97 17.61 -80.11
N ARG A 8 47.94 17.84 -80.94
CA ARG A 8 48.12 18.19 -82.34
C ARG A 8 48.83 17.07 -83.10
N GLU A 9 48.09 16.02 -83.41
CA GLU A 9 48.60 14.94 -84.25
C GLU A 9 48.70 15.41 -85.71
N PRO A 10 49.51 14.73 -86.53
CA PRO A 10 49.66 15.05 -87.96
C PRO A 10 48.33 14.97 -88.71
N ALA A 11 48.01 13.78 -89.24
CA ALA A 11 46.82 13.57 -90.06
C ALA A 11 46.72 12.10 -90.49
N PRO A 12 47.81 11.51 -91.04
CA PRO A 12 47.86 10.07 -91.26
C PRO A 12 48.00 9.33 -89.93
N VAL A 13 47.36 8.17 -89.82
CA VAL A 13 47.44 7.38 -88.61
C VAL A 13 48.88 6.95 -88.34
N GLU A 14 49.25 6.94 -87.06
CA GLU A 14 50.62 6.65 -86.67
C GLU A 14 50.70 6.43 -85.16
N GLU A 15 51.55 5.51 -84.76
CA GLU A 15 51.83 5.27 -83.35
C GLU A 15 52.72 6.39 -82.82
N VAL A 16 52.56 6.69 -81.54
CA VAL A 16 53.32 7.77 -80.90
C VAL A 16 54.80 7.45 -80.90
N LYS A 17 55.54 8.14 -81.77
CA LYS A 17 56.97 7.92 -81.91
C LYS A 17 57.80 8.62 -80.83
N PRO A 18 57.44 9.85 -80.37
CA PRO A 18 58.10 10.48 -79.23
C PRO A 18 57.74 9.80 -77.90
N ALA A 19 57.70 8.47 -77.93
CA ALA A 19 57.36 7.66 -76.78
C ALA A 19 57.68 6.20 -77.08
N PRO A 20 58.80 5.70 -76.55
CA PRO A 20 59.27 4.34 -76.78
C PRO A 20 58.25 3.29 -76.35
N GLU A 21 57.96 3.27 -75.06
CA GLU A 21 57.07 2.27 -74.49
C GLU A 21 56.11 2.90 -73.50
N GLN A 22 56.63 3.37 -72.37
CA GLN A 22 55.82 4.01 -71.33
C GLN A 22 54.50 3.27 -71.11
N PRO A 23 54.56 2.03 -70.58
CA PRO A 23 53.37 1.20 -70.34
C PRO A 23 52.42 1.82 -69.34
N ALA A 24 51.17 1.38 -69.38
CA ALA A 24 50.16 1.82 -68.43
C ALA A 24 50.47 1.27 -67.04
N GLU A 25 50.81 2.17 -66.13
CA GLU A 25 51.21 1.79 -64.78
C GLU A 25 50.03 1.19 -64.02
N PRO A 26 50.28 0.10 -63.27
CA PRO A 26 49.25 -0.55 -62.45
C PRO A 26 48.66 0.41 -61.42
N GLN A 27 47.34 0.48 -61.37
CA GLN A 27 46.66 1.30 -60.38
C GLN A 27 46.81 0.67 -58.99
N GLN A 28 46.73 -0.65 -58.95
CA GLN A 28 46.92 -1.39 -57.72
C GLN A 28 47.71 -2.66 -57.99
N PRO A 29 48.80 -2.92 -57.25
CA PRO A 29 49.59 -4.13 -57.44
C PRO A 29 48.88 -5.38 -56.93
N VAL A 30 47.91 -5.19 -56.05
CA VAL A 30 47.17 -6.30 -55.49
C VAL A 30 45.99 -6.68 -56.38
N PRO A 31 45.92 -7.95 -56.80
CA PRO A 31 44.78 -8.49 -57.53
C PRO A 31 43.73 -9.05 -56.59
N THR A 32 43.56 -8.38 -55.46
CA THR A 32 42.67 -8.84 -54.41
C THR A 32 41.23 -8.44 -54.67
N VAL A 33 40.31 -9.22 -54.12
CA VAL A 33 38.89 -8.94 -54.22
C VAL A 33 38.22 -9.13 -52.87
N PRO A 34 37.78 -8.02 -52.24
CA PRO A 34 37.09 -8.05 -50.95
C PRO A 34 35.87 -8.94 -50.96
N SER A 35 35.49 -9.41 -49.79
CA SER A 35 34.39 -10.34 -49.65
C SER A 35 33.79 -10.24 -48.26
N VAL A 36 32.50 -9.94 -48.21
CA VAL A 36 31.80 -9.85 -46.93
C VAL A 36 30.73 -10.94 -46.84
N PRO A 37 30.89 -11.87 -45.89
CA PRO A 37 29.95 -12.97 -45.70
C PRO A 37 28.70 -12.54 -44.94
N THR A 38 27.60 -13.23 -45.20
CA THR A 38 26.34 -12.93 -44.53
C THR A 38 26.39 -13.40 -43.08
N ILE A 39 25.81 -12.59 -42.20
CA ILE A 39 25.79 -12.90 -40.79
C ILE A 39 24.57 -13.75 -40.46
N PRO A 40 24.79 -14.99 -39.98
CA PRO A 40 23.70 -15.89 -39.60
C PRO A 40 22.80 -15.31 -38.52
N GLN A 41 21.61 -15.87 -38.36
CA GLN A 41 20.64 -15.34 -37.42
C GLN A 41 20.94 -15.82 -36.00
N GLN A 42 21.63 -14.98 -35.25
CA GLN A 42 21.96 -15.29 -33.86
C GLN A 42 20.80 -14.90 -32.94
N PRO A 43 20.39 -15.80 -32.05
CA PRO A 43 19.28 -15.54 -31.13
C PRO A 43 19.62 -14.48 -30.09
N GLY A 44 18.59 -13.98 -29.44
CA GLY A 44 18.77 -12.98 -28.40
C GLY A 44 18.58 -13.56 -27.02
N PRO A 45 18.86 -12.78 -25.97
CA PRO A 45 18.73 -13.22 -24.58
C PRO A 45 17.26 -13.45 -24.20
N ILE A 46 17.00 -14.55 -23.53
CA ILE A 46 15.67 -14.86 -23.05
C ILE A 46 15.41 -14.13 -21.73
N GLU A 47 16.29 -14.39 -20.76
CA GLU A 47 16.24 -13.72 -19.46
C GLU A 47 14.88 -13.90 -18.77
N HIS A 48 14.70 -15.06 -18.14
CA HIS A 48 13.48 -15.33 -17.40
C HIS A 48 13.51 -14.62 -16.06
N GLU A 49 12.36 -14.53 -15.42
CA GLU A 49 12.26 -13.90 -14.12
C GLU A 49 11.96 -14.94 -13.05
N ASP A 50 11.88 -14.51 -11.80
CA ASP A 50 11.64 -15.43 -10.69
C ASP A 50 10.37 -15.06 -9.93
N GLN A 51 9.23 -15.25 -10.57
CA GLN A 51 7.92 -14.96 -9.96
C GLN A 51 7.74 -13.46 -9.71
N THR A 52 6.59 -12.93 -10.09
CA THR A 52 6.31 -11.51 -9.89
C THR A 52 6.16 -11.18 -8.41
N ALA A 53 6.55 -9.97 -8.08
CA ALA A 53 6.55 -9.51 -6.71
C ALA A 53 5.80 -8.19 -6.61
N PRO A 54 4.62 -8.20 -5.98
CA PRO A 54 3.78 -7.01 -5.87
C PRO A 54 4.43 -5.92 -5.03
N PRO A 55 4.75 -4.76 -5.63
CA PRO A 55 5.32 -3.63 -4.92
C PRO A 55 4.44 -3.21 -3.74
N ALA A 56 3.13 -3.18 -3.98
CA ALA A 56 2.14 -2.83 -2.97
C ALA A 56 2.28 -1.37 -2.54
N PRO A 57 1.31 -0.52 -2.91
CA PRO A 57 1.33 0.90 -2.57
C PRO A 57 1.12 1.14 -1.08
N HIS A 58 1.08 2.39 -0.74
CA HIS A 58 0.94 2.77 0.67
C HIS A 58 -0.32 3.59 0.86
N ILE A 59 -0.98 3.35 1.97
CA ILE A 59 -2.24 3.99 2.29
C ILE A 59 -2.00 5.29 3.05
N ARG A 60 -3.09 5.97 3.26
CA ARG A 60 -3.18 7.19 4.02
C ARG A 60 -2.76 6.98 5.46
N HIS A 61 -3.36 7.78 6.29
CA HIS A 61 -3.17 7.74 7.72
C HIS A 61 -4.34 8.42 8.31
N TYR A 62 -4.85 7.84 9.35
CA TYR A 62 -6.00 8.37 9.99
C TYR A 62 -5.74 8.69 11.42
N ASP A 63 -6.51 9.61 11.97
CA ASP A 63 -6.43 9.86 13.38
C ASP A 63 -7.31 8.86 14.10
N TRP A 64 -6.84 7.64 14.01
CA TRP A 64 -7.41 6.50 14.70
C TRP A 64 -7.45 6.69 16.20
N ASN A 65 -6.37 7.22 16.70
CA ASN A 65 -6.22 7.58 18.11
C ASN A 65 -7.36 8.48 18.58
N GLY A 66 -7.92 9.20 17.64
CA GLY A 66 -9.03 10.10 17.92
C GLY A 66 -10.33 9.35 18.04
N ALA A 67 -10.29 8.13 17.56
CA ALA A 67 -11.44 7.26 17.52
C ALA A 67 -11.40 6.24 18.65
N MET A 68 -10.27 5.55 18.71
CA MET A 68 -10.03 4.50 19.66
C MET A 68 -9.99 5.01 21.09
N GLN A 69 -9.08 5.92 21.35
CA GLN A 69 -8.86 6.47 22.69
C GLN A 69 -10.13 6.73 23.49
N PRO A 70 -11.09 7.51 22.96
CA PRO A 70 -12.32 7.82 23.66
C PRO A 70 -13.13 6.56 23.93
N MET A 71 -12.96 5.59 23.03
CA MET A 71 -13.66 4.32 23.10
C MET A 71 -12.99 3.35 24.03
N VAL A 72 -11.67 3.29 23.91
CA VAL A 72 -10.82 2.50 24.77
C VAL A 72 -11.05 2.90 26.19
N SER A 73 -11.21 4.20 26.33
CA SER A 73 -11.56 4.80 27.59
C SER A 73 -12.93 4.26 28.10
N LYS A 74 -13.83 3.96 27.16
CA LYS A 74 -15.16 3.40 27.47
C LYS A 74 -15.09 1.91 27.65
N MET A 75 -14.23 1.28 26.86
CA MET A 75 -14.16 -0.17 26.80
C MET A 75 -13.74 -0.75 28.11
N LEU A 76 -13.01 0.01 28.88
CA LEU A 76 -12.53 -0.44 30.15
C LEU A 76 -13.48 -0.05 31.27
N GLY A 77 -14.49 0.66 30.87
CA GLY A 77 -15.60 0.97 31.75
C GLY A 77 -16.79 0.14 31.34
N ALA A 78 -16.51 -0.88 30.53
CA ALA A 78 -17.52 -1.78 30.03
C ALA A 78 -17.76 -2.88 31.01
N ASP A 79 -18.90 -3.51 30.87
CA ASP A 79 -19.23 -4.66 31.68
C ASP A 79 -18.66 -5.91 31.08
N GLY A 80 -17.61 -6.40 31.67
CA GLY A 80 -16.97 -7.58 31.18
C GLY A 80 -15.49 -7.42 31.19
N VAL A 81 -15.05 -6.18 31.16
CA VAL A 81 -13.63 -5.88 31.06
C VAL A 81 -13.06 -5.45 32.39
N THR A 82 -11.79 -5.72 32.56
CA THR A 82 -11.07 -5.36 33.75
C THR A 82 -9.69 -4.79 33.41
N ALA A 83 -9.31 -3.77 34.15
CA ALA A 83 -7.95 -3.26 34.16
C ALA A 83 -6.96 -4.38 34.48
N GLY A 84 -5.90 -4.46 33.70
CA GLY A 84 -4.85 -5.43 33.95
C GLY A 84 -4.97 -6.65 33.09
N SER A 85 -5.85 -6.61 32.10
CA SER A 85 -5.97 -7.72 31.18
C SER A 85 -5.09 -7.53 29.99
N VAL A 86 -4.62 -8.61 29.42
CA VAL A 86 -4.02 -8.55 28.12
C VAL A 86 -5.12 -8.54 27.07
N LEU A 87 -5.17 -7.47 26.35
CA LEU A 87 -6.23 -7.23 25.42
C LEU A 87 -5.73 -7.45 24.01
N LEU A 88 -6.21 -8.53 23.42
CA LEU A 88 -5.88 -8.87 22.06
C LEU A 88 -6.58 -7.91 21.15
N VAL A 89 -5.88 -6.87 20.77
CA VAL A 89 -6.43 -5.90 19.88
C VAL A 89 -6.48 -6.56 18.51
N ASP A 90 -7.68 -6.68 17.98
CA ASP A 90 -7.89 -7.29 16.70
C ASP A 90 -7.51 -6.30 15.65
N SER A 91 -7.30 -6.77 14.45
CA SER A 91 -7.13 -5.86 13.36
C SER A 91 -8.41 -5.10 13.25
N VAL A 92 -8.28 -3.88 12.92
CA VAL A 92 -9.38 -3.11 12.55
C VAL A 92 -9.80 -3.57 11.18
N ASN A 93 -11.08 -3.64 10.99
CA ASN A 93 -11.61 -3.95 9.71
C ASN A 93 -11.72 -2.71 8.88
N ASN A 94 -11.85 -2.92 7.61
CA ASN A 94 -12.07 -1.86 6.67
C ASN A 94 -13.33 -2.17 5.89
N ARG A 95 -14.44 -1.78 6.48
CA ARG A 95 -15.78 -2.13 6.00
C ARG A 95 -16.40 -0.91 5.38
N THR A 96 -15.65 0.17 5.50
CA THR A 96 -16.07 1.49 5.07
C THR A 96 -16.59 1.59 3.66
N ASN A 97 -16.76 2.84 3.26
CA ASN A 97 -17.13 3.20 1.90
C ASN A 97 -15.95 2.96 0.95
N GLY A 98 -14.79 2.61 1.51
CA GLY A 98 -13.61 2.39 0.70
C GLY A 98 -12.58 1.51 1.36
N SER A 99 -11.31 1.83 1.13
CA SER A 99 -10.20 1.04 1.62
C SER A 99 -9.26 1.86 2.51
N LEU A 100 -8.94 1.31 3.68
CA LEU A 100 -8.09 2.00 4.64
C LEU A 100 -7.10 1.04 5.22
N ASN A 101 -6.07 1.63 5.75
CA ASN A 101 -5.04 0.88 6.44
C ASN A 101 -5.53 0.61 7.83
N ALA A 102 -6.32 -0.40 7.93
CA ALA A 102 -6.85 -0.81 9.19
C ALA A 102 -5.75 -1.41 10.03
N ALA A 103 -4.64 -1.75 9.41
CA ALA A 103 -3.52 -2.31 10.13
C ALA A 103 -2.78 -1.19 10.82
N GLU A 104 -2.82 -0.05 10.18
CA GLU A 104 -2.37 1.20 10.74
C GLU A 104 -3.23 1.53 11.93
N ALA A 105 -4.49 1.22 11.76
CA ALA A 105 -5.48 1.44 12.75
C ALA A 105 -5.25 0.50 13.88
N THR A 106 -4.99 -0.73 13.51
CA THR A 106 -4.78 -1.79 14.45
C THR A 106 -3.52 -1.53 15.27
N GLU A 107 -2.55 -0.88 14.64
CA GLU A 107 -1.39 -0.42 15.36
C GLU A 107 -1.84 0.66 16.32
N THR A 108 -2.56 1.64 15.80
CA THR A 108 -3.12 2.71 16.61
C THR A 108 -3.99 2.18 17.73
N LEU A 109 -4.66 1.07 17.47
CA LEU A 109 -5.41 0.36 18.48
C LEU A 109 -4.54 0.14 19.68
N ARG A 110 -3.56 -0.71 19.49
CA ARG A 110 -2.57 -1.01 20.51
C ARG A 110 -2.12 0.27 21.21
N ASN A 111 -2.02 1.31 20.42
CA ASN A 111 -1.52 2.60 20.85
C ASN A 111 -2.50 3.31 21.76
N ALA A 112 -3.74 3.34 21.34
CA ALA A 112 -4.78 3.99 22.09
C ALA A 112 -5.08 3.14 23.32
N LEU A 113 -4.95 1.85 23.10
CA LEU A 113 -5.05 0.86 24.15
C LEU A 113 -3.92 1.06 25.17
N ALA A 114 -2.78 1.52 24.65
CA ALA A 114 -1.56 1.71 25.45
C ALA A 114 -1.65 2.95 26.31
N ASN A 115 -2.20 3.99 25.72
CA ASN A 115 -2.29 5.27 26.37
C ASN A 115 -3.25 5.19 27.56
N ASN A 116 -4.20 4.27 27.49
CA ASN A 116 -5.20 4.17 28.55
C ASN A 116 -4.71 3.25 29.65
N GLY A 117 -3.70 2.44 29.31
CA GLY A 117 -2.86 1.80 30.30
C GLY A 117 -3.49 0.67 31.09
N LYS A 118 -4.81 0.53 31.00
CA LYS A 118 -5.51 -0.51 31.77
C LYS A 118 -5.33 -1.87 31.13
N PHE A 119 -4.88 -1.92 29.89
CA PHE A 119 -4.65 -3.19 29.24
C PHE A 119 -3.21 -3.51 29.05
N THR A 120 -3.02 -4.73 28.60
CA THR A 120 -1.77 -5.19 28.14
C THR A 120 -1.92 -5.54 26.68
N LEU A 121 -1.19 -4.85 25.86
CA LEU A 121 -1.39 -4.97 24.47
C LEU A 121 -0.54 -6.09 23.91
N VAL A 122 -1.10 -6.85 23.02
CA VAL A 122 -0.34 -7.84 22.32
C VAL A 122 0.35 -7.19 21.13
N SER A 123 1.43 -7.78 20.70
CA SER A 123 2.17 -7.27 19.57
C SER A 123 1.78 -8.05 18.34
N ALA A 124 1.91 -7.37 17.20
CA ALA A 124 1.66 -7.97 15.89
C ALA A 124 2.65 -9.07 15.62
N GLN A 125 3.75 -9.03 16.36
CA GLN A 125 4.73 -10.09 16.35
C GLN A 125 4.07 -11.41 16.75
N GLN A 126 3.02 -11.31 17.57
CA GLN A 126 2.20 -12.45 17.94
C GLN A 126 0.94 -12.49 17.09
N LEU A 127 0.24 -11.35 17.14
CA LEU A 127 -1.11 -11.20 16.60
C LEU A 127 -1.17 -11.45 15.11
N SER A 128 -0.46 -10.60 14.38
CA SER A 128 -0.42 -10.62 12.92
C SER A 128 -0.13 -12.01 12.45
N MET A 129 0.83 -12.55 13.16
CA MET A 129 1.30 -13.90 12.99
C MET A 129 0.19 -14.88 13.18
N ALA A 130 -0.37 -14.87 14.38
CA ALA A 130 -1.52 -15.66 14.74
C ALA A 130 -2.58 -15.64 13.66
N LYS A 131 -2.88 -14.46 13.15
CA LYS A 131 -3.88 -14.35 12.10
C LYS A 131 -3.49 -15.26 10.96
N GLN A 132 -2.26 -15.13 10.53
CA GLN A 132 -1.71 -15.94 9.45
C GLN A 132 -1.62 -17.39 9.84
N GLN A 133 -1.20 -17.60 11.10
CA GLN A 133 -1.07 -18.94 11.68
C GLN A 133 -2.37 -19.64 11.62
N LEU A 134 -3.39 -18.87 11.78
CA LEU A 134 -4.72 -19.37 11.81
C LEU A 134 -5.30 -19.36 10.41
N GLY A 135 -4.82 -18.44 9.60
CA GLY A 135 -5.31 -18.34 8.25
C GLY A 135 -5.21 -16.95 7.68
N LEU A 136 -5.72 -16.07 8.47
CA LEU A 136 -5.93 -14.70 8.15
C LEU A 136 -4.68 -13.88 7.88
N SER A 137 -4.95 -12.61 7.80
CA SER A 137 -4.00 -11.55 7.64
C SER A 137 -4.07 -10.68 8.88
N PRO A 138 -2.97 -9.97 9.19
CA PRO A 138 -2.94 -9.07 10.33
C PRO A 138 -3.86 -7.89 10.12
N GLN A 139 -4.52 -7.92 8.97
CA GLN A 139 -5.35 -6.86 8.48
C GLN A 139 -6.79 -7.32 8.32
N ASP A 140 -6.94 -8.62 8.17
CA ASP A 140 -8.21 -9.20 7.77
C ASP A 140 -9.15 -9.13 8.93
N SER A 141 -8.53 -9.05 10.10
CA SER A 141 -9.20 -9.10 11.36
C SER A 141 -9.62 -10.51 11.67
N LEU A 142 -9.98 -10.76 12.89
CA LEU A 142 -10.34 -12.10 13.29
C LEU A 142 -11.57 -12.53 12.55
N GLY A 143 -12.46 -11.56 12.43
CA GLY A 143 -13.72 -11.72 11.74
C GLY A 143 -14.66 -12.74 12.35
N THR A 144 -14.16 -13.54 13.28
CA THR A 144 -14.92 -14.64 13.83
C THR A 144 -14.46 -14.91 15.24
N ARG A 145 -15.37 -14.91 16.20
CA ARG A 145 -15.02 -15.08 17.61
C ARG A 145 -13.99 -16.17 17.79
N SER A 146 -14.19 -17.31 17.19
CA SER A 146 -13.32 -18.45 17.40
C SER A 146 -11.96 -18.24 16.73
N LYS A 147 -11.97 -17.42 15.67
CA LYS A 147 -10.76 -17.05 14.96
C LYS A 147 -9.98 -16.07 15.80
N ALA A 148 -10.77 -15.34 16.58
CA ALA A 148 -10.31 -14.35 17.53
C ALA A 148 -9.76 -15.02 18.75
N ILE A 149 -10.54 -15.94 19.21
CA ILE A 149 -10.24 -16.72 20.37
C ILE A 149 -9.06 -17.60 20.10
N GLY A 150 -9.04 -18.14 18.91
CA GLY A 150 -7.89 -18.86 18.43
C GLY A 150 -6.64 -18.02 18.56
N ILE A 151 -6.69 -16.84 17.96
CA ILE A 151 -5.55 -15.95 17.96
C ILE A 151 -5.22 -15.42 19.32
N ALA A 152 -6.22 -14.95 20.03
CA ALA A 152 -6.00 -14.36 21.35
C ALA A 152 -5.28 -15.34 22.26
N ARG A 153 -5.66 -16.59 22.20
CA ARG A 153 -5.05 -17.61 23.05
C ARG A 153 -3.73 -18.07 22.44
N ASN A 154 -3.62 -17.88 21.14
CA ASN A 154 -2.42 -18.21 20.38
C ASN A 154 -1.46 -17.06 20.54
N VAL A 155 -2.02 -15.99 21.10
CA VAL A 155 -1.33 -14.74 21.23
C VAL A 155 -0.96 -14.48 22.69
N GLY A 156 -1.77 -15.00 23.61
CA GLY A 156 -1.51 -14.78 25.01
C GLY A 156 -2.39 -13.71 25.60
N ALA A 157 -3.61 -13.64 25.14
CA ALA A 157 -4.50 -12.55 25.47
C ALA A 157 -5.65 -12.98 26.38
N HIS A 158 -6.25 -11.99 27.06
CA HIS A 158 -7.38 -12.21 27.96
C HIS A 158 -8.67 -11.84 27.25
N TYR A 159 -8.54 -10.91 26.31
CA TYR A 159 -9.69 -10.36 25.62
C TYR A 159 -9.43 -10.27 24.13
N VAL A 160 -10.36 -9.66 23.44
CA VAL A 160 -10.18 -9.22 22.07
C VAL A 160 -10.77 -7.84 21.92
N LEU A 161 -10.13 -6.98 21.18
CA LEU A 161 -10.77 -5.78 20.76
C LEU A 161 -11.04 -5.85 19.28
N TYR A 162 -12.26 -6.16 18.96
CA TYR A 162 -12.73 -6.25 17.60
C TYR A 162 -13.01 -4.88 17.10
N SER A 163 -12.25 -4.45 16.16
CA SER A 163 -12.42 -3.13 15.63
C SER A 163 -12.57 -3.16 14.13
N SER A 164 -13.11 -2.08 13.64
CA SER A 164 -13.39 -1.94 12.25
C SER A 164 -13.64 -0.52 11.91
N ALA A 165 -13.79 -0.30 10.65
CA ALA A 165 -14.06 1.00 10.16
C ALA A 165 -15.14 0.90 9.13
N SER A 166 -16.10 1.77 9.20
CA SER A 166 -17.16 1.76 8.24
C SER A 166 -17.59 3.18 7.95
N GLY A 167 -18.61 3.34 7.16
CA GLY A 167 -19.15 4.66 6.96
C GLY A 167 -18.60 5.29 5.73
N ASN A 168 -17.45 5.88 5.90
CA ASN A 168 -16.72 6.47 4.82
C ASN A 168 -15.27 6.25 5.09
N VAL A 169 -14.60 5.70 4.12
CA VAL A 169 -13.23 5.26 4.30
C VAL A 169 -12.29 6.41 4.60
N ASN A 170 -12.49 7.56 3.95
CA ASN A 170 -11.59 8.69 4.14
C ASN A 170 -11.62 9.14 5.58
N ALA A 171 -12.77 8.93 6.16
CA ALA A 171 -13.02 9.26 7.54
C ALA A 171 -14.15 8.36 8.04
N PRO A 172 -13.76 7.21 8.55
CA PRO A 172 -14.67 6.12 8.89
C PRO A 172 -15.19 6.15 10.30
N THR A 173 -16.22 5.40 10.49
CA THR A 173 -16.68 5.08 11.80
C THR A 173 -15.85 3.93 12.28
N LEU A 174 -15.13 4.12 13.34
CA LEU A 174 -14.37 3.04 13.86
C LEU A 174 -15.26 2.24 14.74
N GLN A 175 -15.77 1.20 14.19
CA GLN A 175 -16.69 0.37 14.89
C GLN A 175 -15.92 -0.68 15.65
N MET A 176 -15.94 -0.53 16.95
CA MET A 176 -15.15 -1.37 17.83
C MET A 176 -16.02 -2.26 18.70
N GLN A 177 -15.42 -3.27 19.30
CA GLN A 177 -16.16 -4.35 19.91
C GLN A 177 -15.23 -5.23 20.72
N LEU A 178 -15.46 -5.31 22.00
CA LEU A 178 -14.54 -6.00 22.89
C LEU A 178 -15.10 -7.37 23.19
N MET A 179 -14.56 -8.36 22.51
CA MET A 179 -14.96 -9.74 22.73
C MET A 179 -14.07 -10.34 23.78
N LEU A 180 -14.68 -10.81 24.84
CA LEU A 180 -13.98 -11.66 25.75
C LEU A 180 -13.50 -12.88 24.95
N VAL A 181 -12.23 -13.21 25.00
CA VAL A 181 -11.78 -14.41 24.26
C VAL A 181 -12.07 -15.68 25.06
N GLN A 182 -11.96 -15.56 26.37
CA GLN A 182 -12.14 -16.67 27.28
C GLN A 182 -13.57 -17.22 27.21
N THR A 183 -14.47 -16.46 26.61
CA THR A 183 -15.85 -16.90 26.42
C THR A 183 -16.27 -16.70 24.99
N GLY A 184 -15.79 -15.61 24.43
CA GLY A 184 -16.13 -15.26 23.07
C GLY A 184 -17.35 -14.38 22.98
N GLU A 185 -17.69 -13.77 24.10
CA GLU A 185 -18.85 -12.90 24.17
C GLU A 185 -18.43 -11.45 24.03
N ILE A 186 -19.35 -10.61 23.60
CA ILE A 186 -19.06 -9.20 23.45
C ILE A 186 -19.40 -8.48 24.72
N ILE A 187 -18.39 -7.93 25.35
CA ILE A 187 -18.53 -7.33 26.65
C ILE A 187 -18.55 -5.80 26.54
N TRP A 188 -17.87 -5.31 25.52
CA TRP A 188 -17.93 -3.89 25.17
C TRP A 188 -18.05 -3.75 23.67
N SER A 189 -18.64 -2.67 23.24
CA SER A 189 -18.49 -2.27 21.84
C SER A 189 -18.65 -0.77 21.63
N GLY A 190 -18.23 -0.30 20.46
CA GLY A 190 -18.30 1.10 20.18
C GLY A 190 -18.20 1.36 18.70
N LYS A 191 -18.18 2.61 18.39
CA LYS A 191 -17.79 3.12 17.12
C LYS A 191 -17.30 4.52 17.36
N GLY A 192 -16.43 4.93 16.53
CA GLY A 192 -16.00 6.28 16.59
C GLY A 192 -15.43 6.73 15.30
N ALA A 193 -15.93 7.84 14.81
CA ALA A 193 -15.52 8.31 13.52
C ALA A 193 -14.10 8.84 13.57
N VAL A 194 -13.23 8.16 12.84
CA VAL A 194 -11.84 8.50 12.82
C VAL A 194 -11.58 9.46 11.70
N SER A 195 -10.50 10.14 11.87
CA SER A 195 -10.12 11.21 11.02
C SER A 195 -9.09 10.75 10.06
N GLN A 196 -8.76 11.55 9.12
CA GLN A 196 -7.63 11.30 8.30
C GLN A 196 -6.47 12.18 8.76
N GLN A 197 -5.34 11.55 8.99
CA GLN A 197 -4.14 12.26 9.38
C GLN A 197 -3.46 12.88 8.17
N GLY A 1 58.31 58.96 16.21
CA GLY A 1 57.05 58.66 16.93
C GLY A 1 56.66 57.21 16.82
N SER A 2 55.62 56.81 17.56
CA SER A 2 55.17 55.44 17.60
C SER A 2 54.49 55.05 16.28
N HIS A 3 53.68 55.95 15.73
CA HIS A 3 52.92 55.67 14.52
C HIS A 3 52.05 54.44 14.72
N MET A 4 51.01 54.57 15.53
CA MET A 4 50.10 53.47 15.81
C MET A 4 48.66 53.93 15.60
N VAL A 5 48.38 54.40 14.39
CA VAL A 5 47.05 54.86 14.04
C VAL A 5 46.58 54.27 12.71
N GLY A 6 47.52 53.71 11.95
CA GLY A 6 47.20 53.14 10.66
C GLY A 6 48.24 53.49 9.61
N GLN A 7 49.49 53.15 9.92
CA GLN A 7 50.60 53.47 9.05
C GLN A 7 50.82 52.35 8.04
N ARG A 8 50.66 52.73 6.77
CA ARG A 8 50.82 51.84 5.62
C ARG A 8 49.93 50.62 5.72
N GLU A 9 48.62 50.82 5.67
CA GLU A 9 47.67 49.72 5.76
C GLU A 9 47.90 48.70 4.63
N PRO A 10 48.02 47.41 4.99
CA PRO A 10 48.20 46.33 4.01
C PRO A 10 46.98 46.18 3.11
N ALA A 11 45.81 46.44 3.69
CA ALA A 11 44.55 46.32 2.98
C ALA A 11 43.56 47.36 3.48
N PRO A 12 42.88 48.06 2.56
CA PRO A 12 41.90 49.09 2.91
C PRO A 12 40.57 48.49 3.37
N VAL A 13 39.76 49.32 3.99
CA VAL A 13 38.44 48.90 4.43
C VAL A 13 37.37 49.28 3.40
N GLU A 14 36.26 48.54 3.46
CA GLU A 14 35.09 48.78 2.61
C GLU A 14 35.43 48.65 1.11
N GLU A 15 35.15 47.49 0.54
CA GLU A 15 35.27 47.32 -0.89
C GLU A 15 34.01 47.83 -1.57
N VAL A 16 34.03 49.11 -1.90
CA VAL A 16 32.89 49.76 -2.50
C VAL A 16 32.68 49.27 -3.94
N LYS A 17 31.63 48.48 -4.13
CA LYS A 17 31.27 47.99 -5.45
C LYS A 17 29.82 48.34 -5.73
N PRO A 18 29.55 49.56 -6.22
CA PRO A 18 28.21 50.03 -6.48
C PRO A 18 27.67 49.57 -7.82
N ALA A 19 26.37 49.72 -8.01
CA ALA A 19 25.73 49.35 -9.28
C ALA A 19 25.85 50.49 -10.28
N PRO A 20 26.65 50.31 -11.34
CA PRO A 20 26.86 51.33 -12.37
C PRO A 20 25.66 51.45 -13.31
N GLU A 21 24.52 51.81 -12.74
CA GLU A 21 23.30 51.98 -13.50
C GLU A 21 22.68 53.34 -13.19
N GLN A 22 21.61 53.69 -13.89
CA GLN A 22 20.93 54.94 -13.62
C GLN A 22 19.52 54.66 -13.11
N PRO A 23 19.17 55.13 -11.91
CA PRO A 23 17.83 54.97 -11.34
C PRO A 23 16.75 55.66 -12.17
N ALA A 24 15.52 55.39 -11.72
CA ALA A 24 14.30 55.98 -12.26
C ALA A 24 14.18 55.79 -13.75
N GLU A 25 14.13 54.54 -14.15
CA GLU A 25 14.06 54.17 -15.56
C GLU A 25 12.63 54.30 -16.06
N PRO A 26 12.33 55.36 -16.84
CA PRO A 26 10.96 55.64 -17.30
C PRO A 26 10.59 54.83 -18.53
N GLN A 27 11.41 53.82 -18.83
CA GLN A 27 11.16 52.92 -19.94
C GLN A 27 11.49 51.50 -19.51
N GLN A 28 10.79 50.53 -20.08
CA GLN A 28 11.03 49.13 -19.76
C GLN A 28 12.35 48.67 -20.37
N PRO A 29 13.33 48.30 -19.53
CA PRO A 29 14.63 47.81 -19.99
C PRO A 29 14.48 46.56 -20.85
N VAL A 30 13.62 45.66 -20.37
CA VAL A 30 13.27 44.46 -21.12
C VAL A 30 11.75 44.37 -21.28
N PRO A 31 11.26 44.64 -22.50
CA PRO A 31 9.81 44.59 -22.78
C PRO A 31 9.32 43.18 -23.05
N THR A 32 9.87 42.22 -22.32
CA THR A 32 9.50 40.84 -22.47
C THR A 32 8.29 40.52 -21.60
N VAL A 33 7.71 39.38 -21.87
CA VAL A 33 6.56 38.90 -21.13
C VAL A 33 6.95 37.68 -20.30
N PRO A 34 6.42 37.57 -19.07
CA PRO A 34 6.68 36.42 -18.20
C PRO A 34 6.32 35.11 -18.88
N SER A 35 6.99 34.06 -18.45
CA SER A 35 6.87 32.77 -19.09
C SER A 35 5.50 32.14 -18.86
N VAL A 36 4.88 31.72 -19.96
CA VAL A 36 3.58 31.10 -19.92
C VAL A 36 3.58 29.76 -20.65
N PRO A 37 4.04 28.70 -19.98
CA PRO A 37 4.07 27.35 -20.55
C PRO A 37 2.66 26.83 -20.85
N THR A 38 1.70 27.42 -20.17
CA THR A 38 0.30 27.06 -20.33
C THR A 38 -0.57 28.02 -19.55
N ILE A 39 -1.78 28.23 -20.04
CA ILE A 39 -2.73 29.10 -19.37
C ILE A 39 -3.70 28.25 -18.55
N PRO A 40 -3.54 28.24 -17.21
CA PRO A 40 -4.36 27.42 -16.32
C PRO A 40 -5.77 27.97 -16.16
N GLN A 41 -6.49 28.05 -17.27
CA GLN A 41 -7.88 28.49 -17.24
C GLN A 41 -8.74 27.54 -18.06
N GLN A 42 -10.05 27.78 -18.02
CA GLN A 42 -11.05 27.04 -18.77
C GLN A 42 -11.21 25.62 -18.22
N PRO A 43 -12.45 25.19 -17.96
CA PRO A 43 -12.71 23.82 -17.52
C PRO A 43 -12.31 22.80 -18.58
N GLY A 44 -11.85 21.64 -18.13
CA GLY A 44 -11.47 20.60 -19.06
C GLY A 44 -11.07 19.33 -18.35
N PRO A 45 -10.50 18.37 -19.08
CA PRO A 45 -10.00 17.13 -18.50
C PRO A 45 -8.72 17.35 -17.71
N ILE A 46 -8.74 16.92 -16.47
CA ILE A 46 -7.59 17.05 -15.59
C ILE A 46 -6.46 16.15 -16.06
N GLU A 47 -6.77 14.87 -16.20
CA GLU A 47 -5.83 13.86 -16.67
C GLU A 47 -4.52 13.92 -15.88
N HIS A 48 -4.55 13.39 -14.66
CA HIS A 48 -3.39 13.39 -13.81
C HIS A 48 -2.51 12.17 -14.09
N GLU A 49 -1.37 12.14 -13.44
CA GLU A 49 -0.48 10.99 -13.49
C GLU A 49 -0.12 10.57 -12.08
N ASP A 50 0.41 9.37 -11.91
CA ASP A 50 0.82 8.91 -10.59
C ASP A 50 2.31 9.03 -10.41
N GLN A 51 2.88 9.84 -11.29
CA GLN A 51 4.33 10.09 -11.35
C GLN A 51 5.10 8.78 -11.56
N THR A 52 5.40 8.09 -10.47
CA THR A 52 6.07 6.80 -10.53
C THR A 52 5.06 5.69 -10.67
N ALA A 53 5.52 4.56 -11.17
CA ALA A 53 4.65 3.44 -11.47
C ALA A 53 4.73 2.35 -10.40
N PRO A 54 3.81 2.37 -9.42
CA PRO A 54 3.75 1.38 -8.36
C PRO A 54 2.75 0.26 -8.65
N PRO A 55 3.16 -1.00 -8.50
CA PRO A 55 2.26 -2.14 -8.66
C PRO A 55 1.11 -2.10 -7.66
N ALA A 56 1.41 -1.61 -6.47
CA ALA A 56 0.42 -1.44 -5.43
C ALA A 56 0.74 -0.17 -4.65
N PRO A 57 -0.21 0.77 -4.58
CA PRO A 57 0.00 2.06 -3.94
C PRO A 57 0.11 1.96 -2.43
N HIS A 58 0.26 3.11 -1.83
CA HIS A 58 0.46 3.21 -0.40
C HIS A 58 -0.73 3.92 0.22
N ILE A 59 -1.13 3.47 1.39
CA ILE A 59 -2.32 3.98 2.02
C ILE A 59 -2.06 5.26 2.81
N ARG A 60 -3.15 5.89 3.16
CA ARG A 60 -3.20 7.12 3.92
C ARG A 60 -2.81 6.88 5.36
N HIS A 61 -3.40 7.71 6.18
CA HIS A 61 -3.19 7.70 7.60
C HIS A 61 -4.35 8.37 8.22
N TYR A 62 -4.84 7.80 9.27
CA TYR A 62 -6.00 8.33 9.91
C TYR A 62 -5.72 8.64 11.34
N ASP A 63 -6.46 9.57 11.90
CA ASP A 63 -6.34 9.83 13.30
C ASP A 63 -7.23 8.86 14.04
N TRP A 64 -6.81 7.63 13.94
CA TRP A 64 -7.41 6.50 14.62
C TRP A 64 -7.49 6.69 16.12
N ASN A 65 -6.40 7.20 16.64
CA ASN A 65 -6.27 7.54 18.06
C ASN A 65 -7.42 8.42 18.54
N GLY A 66 -7.94 9.21 17.63
CA GLY A 66 -9.03 10.11 17.94
C GLY A 66 -10.34 9.37 18.09
N ALA A 67 -10.32 8.17 17.57
CA ALA A 67 -11.47 7.30 17.55
C ALA A 67 -11.42 6.29 18.67
N MET A 68 -10.29 5.62 18.73
CA MET A 68 -10.04 4.56 19.70
C MET A 68 -10.01 5.08 21.12
N GLN A 69 -9.14 6.05 21.37
CA GLN A 69 -8.91 6.62 22.70
C GLN A 69 -10.18 6.82 23.53
N PRO A 70 -11.19 7.54 23.00
CA PRO A 70 -12.43 7.78 23.72
C PRO A 70 -13.15 6.49 23.99
N MET A 71 -13.00 5.55 23.07
CA MET A 71 -13.67 4.26 23.13
C MET A 71 -12.97 3.32 24.07
N VAL A 72 -11.66 3.28 23.90
CA VAL A 72 -10.78 2.49 24.76
C VAL A 72 -11.01 2.89 26.19
N SER A 73 -11.16 4.18 26.35
CA SER A 73 -11.48 4.76 27.63
C SER A 73 -12.83 4.21 28.16
N LYS A 74 -13.78 3.99 27.24
CA LYS A 74 -15.11 3.44 27.58
C LYS A 74 -15.01 1.94 27.78
N MET A 75 -14.15 1.33 26.99
CA MET A 75 -14.02 -0.09 26.94
C MET A 75 -13.56 -0.65 28.28
N LEU A 76 -12.80 0.12 29.04
CA LEU A 76 -12.33 -0.31 30.33
C LEU A 76 -13.38 -0.08 31.40
N GLY A 77 -14.44 0.60 31.02
CA GLY A 77 -15.55 0.82 31.91
C GLY A 77 -16.73 -0.02 31.47
N ALA A 78 -16.43 -0.96 30.58
CA ALA A 78 -17.44 -1.83 30.03
C ALA A 78 -17.72 -2.97 30.98
N ASP A 79 -18.85 -3.59 30.78
CA ASP A 79 -19.21 -4.74 31.57
C ASP A 79 -18.65 -5.98 30.97
N GLY A 80 -17.64 -6.48 31.59
CA GLY A 80 -17.02 -7.66 31.10
C GLY A 80 -15.53 -7.54 31.11
N VAL A 81 -15.08 -6.29 31.06
CA VAL A 81 -13.66 -6.01 30.94
C VAL A 81 -13.03 -5.73 32.30
N THR A 82 -11.74 -5.96 32.36
CA THR A 82 -11.00 -5.82 33.57
C THR A 82 -9.71 -5.03 33.34
N ALA A 83 -9.45 -4.14 34.25
CA ALA A 83 -8.16 -3.47 34.35
C ALA A 83 -7.04 -4.49 34.56
N GLY A 84 -5.99 -4.39 33.77
CA GLY A 84 -4.84 -5.24 33.97
C GLY A 84 -4.91 -6.53 33.20
N SER A 85 -5.84 -6.62 32.26
CA SER A 85 -5.97 -7.82 31.45
C SER A 85 -5.27 -7.62 30.12
N VAL A 86 -4.72 -8.69 29.56
CA VAL A 86 -4.14 -8.61 28.24
C VAL A 86 -5.25 -8.61 27.22
N LEU A 87 -5.24 -7.60 26.39
CA LEU A 87 -6.30 -7.36 25.46
C LEU A 87 -5.80 -7.62 24.06
N LEU A 88 -6.30 -8.69 23.47
CA LEU A 88 -5.95 -9.00 22.10
C LEU A 88 -6.63 -8.00 21.23
N VAL A 89 -5.91 -6.95 20.94
CA VAL A 89 -6.40 -5.94 20.07
C VAL A 89 -6.36 -6.49 18.66
N ASP A 90 -7.54 -6.68 18.11
CA ASP A 90 -7.68 -7.28 16.82
C ASP A 90 -7.33 -6.27 15.78
N SER A 91 -7.25 -6.71 14.56
CA SER A 91 -7.17 -5.77 13.50
C SER A 91 -8.42 -4.95 13.50
N VAL A 92 -8.30 -3.83 12.91
CA VAL A 92 -9.40 -3.06 12.55
C VAL A 92 -9.84 -3.53 11.19
N ASN A 93 -11.11 -3.62 11.01
CA ASN A 93 -11.66 -3.92 9.73
C ASN A 93 -11.76 -2.68 8.88
N ASN A 94 -11.91 -2.91 7.61
CA ASN A 94 -12.10 -1.86 6.67
C ASN A 94 -13.38 -2.17 5.89
N ARG A 95 -14.48 -1.74 6.48
CA ARG A 95 -15.81 -2.08 6.01
C ARG A 95 -16.44 -0.84 5.41
N THR A 96 -15.65 0.21 5.51
CA THR A 96 -16.04 1.55 5.09
C THR A 96 -16.57 1.65 3.67
N ASN A 97 -16.70 2.88 3.25
CA ASN A 97 -17.06 3.22 1.88
C ASN A 97 -15.89 2.90 0.94
N GLY A 98 -14.73 2.62 1.50
CA GLY A 98 -13.55 2.39 0.68
C GLY A 98 -12.55 1.45 1.31
N SER A 99 -11.27 1.72 1.07
CA SER A 99 -10.17 0.91 1.57
C SER A 99 -9.23 1.72 2.44
N LEU A 100 -8.91 1.21 3.62
CA LEU A 100 -8.06 1.89 4.56
C LEU A 100 -7.07 0.93 5.17
N ASN A 101 -6.01 1.51 5.65
CA ASN A 101 -4.99 0.80 6.37
C ASN A 101 -5.50 0.54 7.75
N ALA A 102 -6.30 -0.46 7.85
CA ALA A 102 -6.85 -0.83 9.12
C ALA A 102 -5.78 -1.40 10.00
N ALA A 103 -4.66 -1.75 9.40
CA ALA A 103 -3.56 -2.31 10.15
C ALA A 103 -2.80 -1.17 10.81
N GLU A 104 -2.84 -0.04 10.15
CA GLU A 104 -2.41 1.21 10.70
C GLU A 104 -3.26 1.55 11.89
N ALA A 105 -4.53 1.26 11.72
CA ALA A 105 -5.51 1.50 12.71
C ALA A 105 -5.27 0.57 13.86
N THR A 106 -5.03 -0.66 13.49
CA THR A 106 -4.79 -1.69 14.45
C THR A 106 -3.52 -1.41 15.24
N GLU A 107 -2.54 -0.79 14.61
CA GLU A 107 -1.37 -0.35 15.36
C GLU A 107 -1.82 0.73 16.33
N THR A 108 -2.63 1.65 15.81
CA THR A 108 -3.16 2.75 16.59
C THR A 108 -4.04 2.23 17.72
N LEU A 109 -4.67 1.11 17.48
CA LEU A 109 -5.40 0.41 18.50
C LEU A 109 -4.52 0.19 19.68
N ARG A 110 -3.53 -0.66 19.50
CA ARG A 110 -2.50 -0.91 20.50
C ARG A 110 -2.09 0.39 21.19
N ASN A 111 -2.06 1.43 20.41
CA ASN A 111 -1.58 2.74 20.84
C ASN A 111 -2.57 3.44 21.74
N ALA A 112 -3.81 3.43 21.32
CA ALA A 112 -4.86 4.06 22.07
C ALA A 112 -5.17 3.22 23.28
N LEU A 113 -5.04 1.92 23.07
CA LEU A 113 -5.14 0.92 24.11
C LEU A 113 -4.02 1.15 25.13
N ALA A 114 -2.87 1.59 24.61
CA ALA A 114 -1.68 1.82 25.41
C ALA A 114 -1.82 3.05 26.25
N ASN A 115 -2.38 4.09 25.64
CA ASN A 115 -2.57 5.33 26.32
C ASN A 115 -3.66 5.21 27.36
N ASN A 116 -4.36 4.10 27.37
CA ASN A 116 -5.30 3.85 28.44
C ASN A 116 -4.51 3.39 29.67
N GLY A 117 -3.63 2.42 29.45
CA GLY A 117 -2.76 1.97 30.52
C GLY A 117 -3.35 0.86 31.36
N LYS A 118 -4.62 0.54 31.16
CA LYS A 118 -5.26 -0.51 31.93
C LYS A 118 -5.04 -1.87 31.29
N PHE A 119 -4.97 -1.93 29.96
CA PHE A 119 -4.78 -3.20 29.29
C PHE A 119 -3.33 -3.55 29.12
N THR A 120 -3.16 -4.76 28.67
CA THR A 120 -1.90 -5.22 28.21
C THR A 120 -2.03 -5.56 26.76
N LEU A 121 -1.26 -4.87 25.96
CA LEU A 121 -1.44 -4.99 24.55
C LEU A 121 -0.62 -6.11 23.99
N VAL A 122 -1.20 -6.81 23.05
CA VAL A 122 -0.47 -7.77 22.28
C VAL A 122 0.11 -7.05 21.07
N SER A 123 1.26 -7.49 20.63
CA SER A 123 1.90 -6.89 19.48
C SER A 123 1.69 -7.76 18.25
N ALA A 124 1.96 -7.12 17.12
CA ALA A 124 1.69 -7.62 15.78
C ALA A 124 2.48 -8.86 15.49
N GLN A 125 3.67 -8.85 16.04
CA GLN A 125 4.58 -9.99 16.02
C GLN A 125 3.87 -11.24 16.49
N GLN A 126 2.91 -11.03 17.36
CA GLN A 126 2.02 -12.11 17.77
C GLN A 126 0.72 -12.06 16.98
N LEU A 127 0.08 -10.89 17.02
CA LEU A 127 -1.29 -10.70 16.52
C LEU A 127 -1.39 -10.78 15.01
N SER A 128 -0.75 -9.84 14.33
CA SER A 128 -0.75 -9.75 12.86
C SER A 128 -0.42 -11.11 12.30
N MET A 129 0.48 -11.71 13.02
CA MET A 129 0.98 -13.04 12.78
C MET A 129 -0.10 -14.06 12.97
N ALA A 130 -0.63 -14.13 14.20
CA ALA A 130 -1.73 -14.99 14.56
C ALA A 130 -2.81 -15.00 13.52
N LYS A 131 -3.17 -13.83 13.01
CA LYS A 131 -4.20 -13.77 11.99
C LYS A 131 -3.80 -14.68 10.87
N GLN A 132 -2.60 -14.48 10.39
CA GLN A 132 -2.04 -15.25 9.28
C GLN A 132 -1.85 -16.70 9.68
N GLN A 133 -1.36 -16.89 10.92
CA GLN A 133 -1.11 -18.21 11.48
C GLN A 133 -2.37 -19.01 11.45
N LEU A 134 -3.44 -18.30 11.63
CA LEU A 134 -4.73 -18.93 11.69
C LEU A 134 -5.35 -18.93 10.30
N GLY A 135 -5.02 -17.91 9.52
CA GLY A 135 -5.58 -17.80 8.20
C GLY A 135 -5.53 -16.41 7.63
N LEU A 136 -6.04 -15.54 8.44
CA LEU A 136 -6.31 -14.17 8.10
C LEU A 136 -5.10 -13.31 7.85
N SER A 137 -5.42 -12.04 7.83
CA SER A 137 -4.49 -10.97 7.69
C SER A 137 -4.54 -10.14 8.94
N PRO A 138 -3.45 -9.45 9.23
CA PRO A 138 -3.38 -8.48 10.32
C PRO A 138 -4.35 -7.31 10.11
N GLN A 139 -5.07 -7.36 9.00
CA GLN A 139 -5.99 -6.31 8.59
C GLN A 139 -7.41 -6.83 8.50
N ASP A 140 -7.49 -8.11 8.20
CA ASP A 140 -8.73 -8.79 7.90
C ASP A 140 -9.59 -8.81 9.11
N SER A 141 -8.89 -8.73 10.25
CA SER A 141 -9.50 -8.86 11.54
C SER A 141 -9.81 -10.30 11.80
N LEU A 142 -10.21 -10.60 12.99
CA LEU A 142 -10.47 -11.98 13.36
C LEU A 142 -11.64 -12.47 12.56
N GLY A 143 -12.59 -11.56 12.40
CA GLY A 143 -13.80 -11.81 11.66
C GLY A 143 -14.71 -12.86 12.25
N THR A 144 -14.22 -13.61 13.22
CA THR A 144 -14.97 -14.72 13.77
C THR A 144 -14.52 -14.97 15.20
N ARG A 145 -15.45 -14.97 16.15
CA ARG A 145 -15.12 -15.13 17.56
C ARG A 145 -14.05 -16.18 17.79
N SER A 146 -14.22 -17.33 17.18
CA SER A 146 -13.32 -18.44 17.42
C SER A 146 -11.96 -18.19 16.76
N LYS A 147 -11.98 -17.38 15.70
CA LYS A 147 -10.77 -16.99 14.98
C LYS A 147 -10.03 -15.99 15.83
N ALA A 148 -10.83 -15.29 16.61
CA ALA A 148 -10.41 -14.29 17.55
C ALA A 148 -9.84 -14.94 18.77
N ILE A 149 -10.59 -15.89 19.22
CA ILE A 149 -10.26 -16.68 20.37
C ILE A 149 -9.05 -17.52 20.08
N GLY A 150 -9.02 -18.06 18.89
CA GLY A 150 -7.86 -18.74 18.40
C GLY A 150 -6.64 -17.87 18.51
N ILE A 151 -6.74 -16.69 17.92
CA ILE A 151 -5.64 -15.74 17.90
C ILE A 151 -5.29 -15.23 19.26
N ALA A 152 -6.28 -14.82 20.02
CA ALA A 152 -6.04 -14.28 21.35
C ALA A 152 -5.28 -15.27 22.21
N ARG A 153 -5.62 -16.53 22.11
CA ARG A 153 -4.95 -17.56 22.89
C ARG A 153 -3.65 -17.97 22.22
N ASN A 154 -3.58 -17.69 20.93
CA ASN A 154 -2.39 -17.93 20.12
C ASN A 154 -1.46 -16.76 20.32
N VAL A 155 -2.02 -15.75 20.96
CA VAL A 155 -1.37 -14.48 21.13
C VAL A 155 -0.98 -14.27 22.60
N GLY A 156 -1.74 -14.85 23.51
CA GLY A 156 -1.47 -14.66 24.92
C GLY A 156 -2.36 -13.64 25.56
N ALA A 157 -3.60 -13.60 25.12
CA ALA A 157 -4.51 -12.54 25.50
C ALA A 157 -5.64 -13.00 26.42
N HIS A 158 -6.25 -12.03 27.11
CA HIS A 158 -7.39 -12.26 28.00
C HIS A 158 -8.66 -11.87 27.30
N TYR A 159 -8.53 -10.95 26.36
CA TYR A 159 -9.67 -10.37 25.67
C TYR A 159 -9.43 -10.29 24.18
N VAL A 160 -10.38 -9.67 23.49
CA VAL A 160 -10.22 -9.24 22.12
C VAL A 160 -10.78 -7.84 21.96
N LEU A 161 -10.12 -7.01 21.20
CA LEU A 161 -10.75 -5.81 20.76
C LEU A 161 -11.01 -5.90 19.28
N TYR A 162 -12.24 -6.20 18.96
CA TYR A 162 -12.70 -6.30 17.60
C TYR A 162 -12.98 -4.93 17.08
N SER A 163 -12.21 -4.49 16.16
CA SER A 163 -12.40 -3.18 15.63
C SER A 163 -12.59 -3.21 14.13
N SER A 164 -13.09 -2.11 13.64
CA SER A 164 -13.41 -1.94 12.25
C SER A 164 -13.62 -0.51 11.92
N ALA A 165 -13.78 -0.29 10.67
CA ALA A 165 -14.04 1.02 10.18
C ALA A 165 -15.10 0.93 9.13
N SER A 166 -16.07 1.80 9.21
CA SER A 166 -17.15 1.77 8.26
C SER A 166 -17.57 3.18 7.95
N GLY A 167 -18.61 3.33 7.16
CA GLY A 167 -19.14 4.64 6.94
C GLY A 167 -18.58 5.26 5.70
N ASN A 168 -17.43 5.84 5.89
CA ASN A 168 -16.69 6.43 4.81
C ASN A 168 -15.24 6.22 5.08
N VAL A 169 -14.56 5.70 4.09
CA VAL A 169 -13.18 5.30 4.26
C VAL A 169 -12.27 6.47 4.57
N ASN A 170 -12.49 7.61 3.93
CA ASN A 170 -11.64 8.77 4.12
C ASN A 170 -11.67 9.20 5.56
N ALA A 171 -12.81 8.97 6.14
CA ALA A 171 -13.06 9.29 7.53
C ALA A 171 -14.17 8.38 8.03
N PRO A 172 -13.76 7.22 8.53
CA PRO A 172 -14.65 6.14 8.87
C PRO A 172 -15.15 6.16 10.28
N THR A 173 -16.17 5.39 10.47
CA THR A 173 -16.61 5.08 11.78
C THR A 173 -15.81 3.92 12.28
N LEU A 174 -15.07 4.11 13.32
CA LEU A 174 -14.32 3.04 13.86
C LEU A 174 -15.21 2.24 14.75
N GLN A 175 -15.70 1.19 14.22
CA GLN A 175 -16.62 0.36 14.92
C GLN A 175 -15.86 -0.69 15.69
N MET A 176 -15.88 -0.54 16.98
CA MET A 176 -15.09 -1.38 17.86
C MET A 176 -15.98 -2.26 18.72
N GLN A 177 -15.39 -3.28 19.30
CA GLN A 177 -16.14 -4.35 19.92
C GLN A 177 -15.23 -5.27 20.70
N LEU A 178 -15.45 -5.37 21.98
CA LEU A 178 -14.56 -6.08 22.86
C LEU A 178 -15.14 -7.45 23.15
N MET A 179 -14.61 -8.44 22.49
CA MET A 179 -15.02 -9.81 22.72
C MET A 179 -14.14 -10.42 23.78
N LEU A 180 -14.74 -10.89 24.83
CA LEU A 180 -14.05 -11.73 25.76
C LEU A 180 -13.54 -12.94 24.98
N VAL A 181 -12.28 -13.27 25.05
CA VAL A 181 -11.80 -14.46 24.32
C VAL A 181 -12.05 -15.72 25.15
N GLN A 182 -11.95 -15.58 26.45
CA GLN A 182 -12.14 -16.68 27.39
C GLN A 182 -13.56 -17.24 27.31
N THR A 183 -14.47 -16.49 26.69
CA THR A 183 -15.85 -16.94 26.53
C THR A 183 -16.29 -16.78 25.09
N GLY A 184 -15.82 -15.70 24.50
CA GLY A 184 -16.16 -15.37 23.15
C GLY A 184 -17.44 -14.58 23.07
N GLU A 185 -17.67 -13.76 24.09
CA GLU A 185 -18.84 -12.91 24.14
C GLU A 185 -18.45 -11.46 23.98
N ILE A 186 -19.37 -10.63 23.50
CA ILE A 186 -19.09 -9.22 23.38
C ILE A 186 -19.45 -8.53 24.67
N ILE A 187 -18.45 -7.93 25.28
CA ILE A 187 -18.59 -7.33 26.58
C ILE A 187 -18.61 -5.82 26.49
N TRP A 188 -17.86 -5.31 25.51
CA TRP A 188 -17.88 -3.89 25.19
C TRP A 188 -17.99 -3.73 23.70
N SER A 189 -18.58 -2.65 23.27
CA SER A 189 -18.45 -2.24 21.89
C SER A 189 -18.62 -0.75 21.69
N GLY A 190 -18.13 -0.26 20.56
CA GLY A 190 -18.18 1.14 20.28
C GLY A 190 -18.10 1.38 18.81
N LYS A 191 -18.08 2.63 18.46
CA LYS A 191 -17.74 3.09 17.16
C LYS A 191 -17.30 4.50 17.33
N GLY A 192 -16.44 4.91 16.48
CA GLY A 192 -15.98 6.26 16.56
C GLY A 192 -15.42 6.73 15.27
N ALA A 193 -15.91 7.83 14.80
CA ALA A 193 -15.51 8.33 13.50
C ALA A 193 -14.09 8.86 13.53
N VAL A 194 -13.22 8.19 12.81
CA VAL A 194 -11.84 8.51 12.78
C VAL A 194 -11.56 9.47 11.66
N SER A 195 -10.48 10.13 11.84
CA SER A 195 -10.07 11.20 10.99
C SER A 195 -9.07 10.71 10.00
N GLN A 196 -8.73 11.53 9.06
CA GLN A 196 -7.60 11.25 8.23
C GLN A 196 -6.45 12.13 8.68
N GLN A 197 -5.33 11.51 8.92
CA GLN A 197 -4.12 12.21 9.33
C GLN A 197 -3.50 12.93 8.14
N GLY A 1 64.62 33.30 -105.92
CA GLY A 1 63.45 33.38 -106.83
C GLY A 1 63.18 32.05 -107.51
N SER A 2 61.91 31.72 -107.67
CA SER A 2 61.55 30.45 -108.27
C SER A 2 61.37 30.60 -109.78
N HIS A 3 61.44 31.87 -110.23
CA HIS A 3 61.32 32.23 -111.65
C HIS A 3 59.89 32.11 -112.15
N MET A 4 59.41 33.14 -112.83
CA MET A 4 58.05 33.18 -113.36
C MET A 4 57.04 32.76 -112.30
N VAL A 5 57.18 33.35 -111.13
CA VAL A 5 56.26 33.13 -110.03
C VAL A 5 55.50 34.43 -109.77
N GLY A 6 55.96 35.48 -110.44
CA GLY A 6 55.29 36.75 -110.38
C GLY A 6 55.68 37.63 -111.56
N GLN A 7 56.93 38.04 -111.55
CA GLN A 7 57.52 38.85 -112.62
C GLN A 7 56.86 40.22 -112.73
N ARG A 8 57.63 41.23 -112.34
CA ARG A 8 57.18 42.62 -112.32
C ARG A 8 55.95 42.79 -111.46
N GLU A 9 56.07 42.37 -110.23
CA GLU A 9 54.99 42.48 -109.26
C GLU A 9 55.46 43.34 -108.09
N PRO A 10 54.82 44.50 -107.88
CA PRO A 10 55.18 45.45 -106.82
C PRO A 10 55.20 44.81 -105.45
N ALA A 11 54.22 43.97 -105.18
CA ALA A 11 54.18 43.21 -103.95
C ALA A 11 53.88 41.75 -104.26
N PRO A 12 54.92 40.92 -104.41
CA PRO A 12 54.76 39.51 -104.76
C PRO A 12 53.91 38.75 -103.75
N VAL A 13 53.03 37.90 -104.25
CA VAL A 13 52.12 37.15 -103.41
C VAL A 13 52.86 36.21 -102.47
N GLU A 14 52.19 35.86 -101.37
CA GLU A 14 52.75 35.01 -100.32
C GLU A 14 53.87 35.74 -99.59
N GLU A 15 53.50 36.45 -98.54
CA GLU A 15 54.46 37.17 -97.73
C GLU A 15 55.34 36.20 -96.92
N VAL A 16 56.56 36.03 -97.36
CA VAL A 16 57.48 35.11 -96.69
C VAL A 16 58.26 35.83 -95.58
N LYS A 17 57.96 35.46 -94.35
CA LYS A 17 58.67 36.00 -93.20
C LYS A 17 59.18 34.87 -92.32
N PRO A 18 60.35 35.06 -91.70
CA PRO A 18 60.93 34.07 -90.79
C PRO A 18 60.09 33.90 -89.53
N ALA A 19 59.59 32.69 -89.33
CA ALA A 19 58.74 32.38 -88.18
C ALA A 19 59.55 31.66 -87.10
N PRO A 20 59.83 32.36 -85.99
CA PRO A 20 60.58 31.78 -84.87
C PRO A 20 59.69 30.92 -83.97
N GLU A 21 58.84 31.58 -83.18
CA GLU A 21 57.96 30.89 -82.25
C GLU A 21 56.92 31.87 -81.72
N GLN A 22 56.10 32.37 -82.63
CA GLN A 22 55.08 33.37 -82.31
C GLN A 22 54.02 32.82 -81.35
N PRO A 23 53.43 31.62 -81.60
CA PRO A 23 52.44 31.03 -80.71
C PRO A 23 53.02 30.66 -79.35
N ALA A 24 52.20 30.79 -78.31
CA ALA A 24 52.63 30.47 -76.96
C ALA A 24 51.48 29.89 -76.16
N GLU A 25 51.58 28.61 -75.81
CA GLU A 25 50.56 27.97 -75.01
C GLU A 25 51.16 27.36 -73.75
N PRO A 26 51.07 28.07 -72.61
CA PRO A 26 51.51 27.56 -71.33
C PRO A 26 50.47 26.64 -70.70
N GLN A 27 50.50 25.36 -71.07
CA GLN A 27 49.51 24.41 -70.59
C GLN A 27 49.63 24.22 -69.07
N GLN A 28 48.48 24.08 -68.43
CA GLN A 28 48.43 23.89 -66.99
C GLN A 28 47.25 22.99 -66.63
N PRO A 29 47.46 21.67 -66.71
CA PRO A 29 46.41 20.68 -66.38
C PRO A 29 45.98 20.77 -64.92
N VAL A 30 44.67 20.80 -64.71
CA VAL A 30 44.11 20.92 -63.36
C VAL A 30 43.18 19.75 -63.06
N PRO A 31 43.33 19.15 -61.86
CA PRO A 31 42.53 18.00 -61.45
C PRO A 31 41.08 18.37 -61.20
N THR A 32 40.18 17.42 -61.45
CA THR A 32 38.75 17.65 -61.28
C THR A 32 38.37 17.53 -59.82
N VAL A 33 37.16 17.96 -59.53
CA VAL A 33 36.63 17.93 -58.18
C VAL A 33 35.39 17.04 -58.08
N PRO A 34 35.54 15.87 -57.45
CA PRO A 34 34.44 14.92 -57.21
C PRO A 34 33.26 15.54 -56.49
N SER A 35 32.12 14.90 -56.61
CA SER A 35 30.89 15.40 -56.04
C SER A 35 30.80 15.09 -54.55
N VAL A 36 30.26 16.03 -53.80
CA VAL A 36 30.11 15.88 -52.36
C VAL A 36 29.11 14.77 -52.03
N PRO A 37 29.55 13.74 -51.27
CA PRO A 37 28.69 12.64 -50.83
C PRO A 37 27.54 13.13 -49.95
N THR A 38 26.49 12.33 -49.85
CA THR A 38 25.35 12.68 -49.03
C THR A 38 25.64 12.47 -47.55
N ILE A 39 25.53 13.55 -46.79
CA ILE A 39 25.80 13.52 -45.37
C ILE A 39 24.57 13.04 -44.63
N PRO A 40 24.73 12.04 -43.74
CA PRO A 40 23.61 11.43 -43.01
C PRO A 40 22.96 12.38 -42.01
N GLN A 41 22.00 11.86 -41.25
CA GLN A 41 21.21 12.66 -40.33
C GLN A 41 21.44 12.23 -38.88
N GLN A 42 22.39 12.94 -38.24
CA GLN A 42 22.87 12.61 -36.90
C GLN A 42 21.83 12.89 -35.81
N PRO A 43 21.06 13.99 -35.88
CA PRO A 43 19.94 14.21 -34.96
C PRO A 43 18.71 13.41 -35.39
N GLY A 44 17.89 13.00 -34.44
CA GLY A 44 16.71 12.24 -34.79
C GLY A 44 15.72 12.11 -33.64
N PRO A 45 14.53 11.58 -33.91
CA PRO A 45 13.48 11.39 -32.92
C PRO A 45 13.86 10.34 -31.88
N ILE A 46 13.61 10.67 -30.61
CA ILE A 46 13.90 9.79 -29.49
C ILE A 46 12.88 8.65 -29.44
N GLU A 47 11.60 9.03 -29.32
CA GLU A 47 10.48 8.10 -29.44
C GLU A 47 10.57 6.93 -28.47
N HIS A 48 10.17 7.17 -27.23
CA HIS A 48 10.04 6.10 -26.26
C HIS A 48 9.03 6.46 -25.18
N GLU A 49 8.60 5.47 -24.45
CA GLU A 49 7.58 5.64 -23.41
C GLU A 49 8.06 5.02 -22.10
N ASP A 50 7.30 5.28 -21.05
CA ASP A 50 7.57 4.64 -19.76
C ASP A 50 6.86 3.30 -19.74
N GLN A 51 7.42 2.36 -20.48
CA GLN A 51 6.80 1.06 -20.71
C GLN A 51 6.36 0.38 -19.40
N THR A 52 7.29 0.18 -18.49
CA THR A 52 7.01 -0.55 -17.27
C THR A 52 7.24 0.29 -16.03
N ALA A 53 6.30 0.22 -15.12
CA ALA A 53 6.33 1.02 -13.92
C ALA A 53 5.73 0.26 -12.74
N PRO A 54 6.58 -0.32 -11.88
CA PRO A 54 6.14 -1.07 -10.70
C PRO A 54 5.39 -0.18 -9.71
N PRO A 55 4.13 -0.52 -9.41
CA PRO A 55 3.30 0.27 -8.51
C PRO A 55 3.60 0.01 -7.03
N ALA A 56 2.86 -0.92 -6.41
CA ALA A 56 3.00 -1.23 -4.99
C ALA A 56 2.95 0.05 -4.13
N PRO A 57 1.82 0.78 -4.16
CA PRO A 57 1.66 2.02 -3.40
C PRO A 57 1.51 1.79 -1.91
N HIS A 58 1.29 2.88 -1.22
CA HIS A 58 1.20 2.87 0.22
C HIS A 58 -0.08 3.54 0.67
N ILE A 59 -0.61 3.09 1.79
CA ILE A 59 -1.88 3.59 2.29
C ILE A 59 -1.70 4.77 3.22
N ARG A 60 -2.81 5.40 3.50
CA ARG A 60 -2.93 6.53 4.38
C ARG A 60 -2.73 6.14 5.84
N HIS A 61 -3.25 7.01 6.65
CA HIS A 61 -3.28 6.89 8.08
C HIS A 61 -4.38 7.76 8.54
N TYR A 62 -4.98 7.40 9.62
CA TYR A 62 -6.10 8.12 10.10
C TYR A 62 -5.85 8.52 11.52
N ASP A 63 -6.58 9.51 11.97
CA ASP A 63 -6.56 9.81 13.38
C ASP A 63 -7.46 8.82 14.09
N TRP A 64 -6.97 7.61 14.05
CA TRP A 64 -7.55 6.48 14.74
C TRP A 64 -7.60 6.69 16.24
N ASN A 65 -6.49 7.19 16.74
CA ASN A 65 -6.33 7.56 18.13
C ASN A 65 -7.49 8.45 18.62
N GLY A 66 -8.03 9.22 17.71
CA GLY A 66 -9.12 10.12 18.01
C GLY A 66 -10.41 9.37 18.18
N ALA A 67 -10.40 8.16 17.67
CA ALA A 67 -11.55 7.30 17.64
C ALA A 67 -11.47 6.26 18.75
N MET A 68 -10.34 5.59 18.78
CA MET A 68 -10.06 4.53 19.74
C MET A 68 -10.01 5.05 21.17
N GLN A 69 -9.13 5.99 21.42
CA GLN A 69 -8.90 6.55 22.75
C GLN A 69 -10.15 6.77 23.59
N PRO A 70 -11.16 7.50 23.07
CA PRO A 70 -12.39 7.76 23.80
C PRO A 70 -13.14 6.48 24.06
N MET A 71 -12.98 5.54 23.13
CA MET A 71 -13.67 4.26 23.18
C MET A 71 -12.98 3.30 24.10
N VAL A 72 -11.66 3.23 23.94
CA VAL A 72 -10.79 2.44 24.79
C VAL A 72 -11.02 2.82 26.22
N SER A 73 -11.17 4.11 26.38
CA SER A 73 -11.51 4.67 27.67
C SER A 73 -12.86 4.11 28.17
N LYS A 74 -13.80 3.89 27.25
CA LYS A 74 -15.12 3.33 27.58
C LYS A 74 -15.05 1.82 27.73
N MET A 75 -14.18 1.21 26.94
CA MET A 75 -14.10 -0.22 26.83
C MET A 75 -13.68 -0.86 28.12
N LEU A 76 -12.91 -0.15 28.91
CA LEU A 76 -12.43 -0.66 30.16
C LEU A 76 -13.37 -0.31 31.31
N GLY A 77 -14.36 0.50 30.98
CA GLY A 77 -15.44 0.78 31.89
C GLY A 77 -16.66 0.02 31.46
N ALA A 78 -16.43 -0.96 30.59
CA ALA A 78 -17.47 -1.80 30.06
C ALA A 78 -17.76 -2.94 31.01
N ASP A 79 -18.86 -3.58 30.78
CA ASP A 79 -19.24 -4.73 31.56
C ASP A 79 -18.66 -5.98 30.93
N GLY A 80 -17.67 -6.51 31.59
CA GLY A 80 -17.02 -7.69 31.09
C GLY A 80 -15.53 -7.52 31.07
N VAL A 81 -15.09 -6.27 31.04
CA VAL A 81 -13.68 -5.97 30.94
C VAL A 81 -13.08 -5.64 32.29
N THR A 82 -11.82 -5.89 32.38
CA THR A 82 -11.06 -5.65 33.58
C THR A 82 -9.75 -4.97 33.22
N ALA A 83 -9.38 -4.00 34.02
CA ALA A 83 -8.06 -3.42 33.96
C ALA A 83 -7.01 -4.45 34.35
N GLY A 84 -5.91 -4.48 33.61
CA GLY A 84 -4.84 -5.39 33.91
C GLY A 84 -4.84 -6.61 33.01
N SER A 85 -5.80 -6.68 32.10
CA SER A 85 -5.88 -7.80 31.20
C SER A 85 -5.00 -7.60 29.99
N VAL A 86 -4.56 -8.68 29.40
CA VAL A 86 -3.97 -8.61 28.09
C VAL A 86 -5.07 -8.59 27.04
N LEU A 87 -5.13 -7.51 26.33
CA LEU A 87 -6.19 -7.27 25.40
C LEU A 87 -5.68 -7.50 23.99
N LEU A 88 -6.16 -8.59 23.40
CA LEU A 88 -5.83 -8.91 22.04
C LEU A 88 -6.54 -7.94 21.15
N VAL A 89 -5.84 -6.88 20.78
CA VAL A 89 -6.40 -5.90 19.90
C VAL A 89 -6.45 -6.51 18.51
N ASP A 90 -7.66 -6.64 18.02
CA ASP A 90 -7.90 -7.21 16.71
C ASP A 90 -7.57 -6.19 15.69
N SER A 91 -7.26 -6.66 14.51
CA SER A 91 -7.11 -5.78 13.41
C SER A 91 -8.40 -5.06 13.23
N VAL A 92 -8.30 -3.81 13.01
CA VAL A 92 -9.41 -3.04 12.61
C VAL A 92 -9.85 -3.53 11.27
N ASN A 93 -11.13 -3.60 11.09
CA ASN A 93 -11.68 -3.95 9.82
C ASN A 93 -11.79 -2.72 8.96
N ASN A 94 -11.95 -2.97 7.71
CA ASN A 94 -12.18 -1.93 6.74
C ASN A 94 -13.46 -2.24 5.98
N ARG A 95 -14.54 -1.81 6.58
CA ARG A 95 -15.89 -2.13 6.13
C ARG A 95 -16.51 -0.89 5.52
N THR A 96 -15.72 0.16 5.59
CA THR A 96 -16.09 1.48 5.13
C THR A 96 -16.62 1.55 3.71
N ASN A 97 -16.76 2.78 3.27
CA ASN A 97 -17.13 3.09 1.89
C ASN A 97 -15.95 2.81 0.95
N GLY A 98 -14.81 2.43 1.52
CA GLY A 98 -13.64 2.19 0.69
C GLY A 98 -12.63 1.28 1.35
N SER A 99 -11.35 1.57 1.10
CA SER A 99 -10.25 0.76 1.60
C SER A 99 -9.29 1.57 2.45
N LEU A 100 -8.99 1.06 3.64
CA LEU A 100 -8.10 1.73 4.56
C LEU A 100 -7.12 0.76 5.15
N ASN A 101 -6.03 1.32 5.59
CA ASN A 101 -5.01 0.56 6.29
C ASN A 101 -5.46 0.39 7.71
N ALA A 102 -6.31 -0.56 7.89
CA ALA A 102 -6.83 -0.87 9.18
C ALA A 102 -5.74 -1.42 10.06
N ALA A 103 -4.64 -1.79 9.45
CA ALA A 103 -3.54 -2.37 10.19
C ALA A 103 -2.77 -1.25 10.86
N GLU A 104 -2.76 -0.12 10.18
CA GLU A 104 -2.23 1.12 10.70
C GLU A 104 -3.10 1.57 11.86
N ALA A 105 -4.36 1.24 11.72
CA ALA A 105 -5.35 1.52 12.70
C ALA A 105 -5.18 0.61 13.87
N THR A 106 -4.97 -0.64 13.54
CA THR A 106 -4.77 -1.67 14.51
C THR A 106 -3.52 -1.42 15.32
N GLU A 107 -2.52 -0.81 14.71
CA GLU A 107 -1.36 -0.39 15.47
C GLU A 107 -1.81 0.71 16.43
N THR A 108 -2.62 1.64 15.89
CA THR A 108 -3.15 2.74 16.66
C THR A 108 -4.06 2.23 17.78
N LEU A 109 -4.69 1.10 17.53
CA LEU A 109 -5.42 0.40 18.56
C LEU A 109 -4.54 0.19 19.73
N ARG A 110 -3.57 -0.67 19.54
CA ARG A 110 -2.54 -0.92 20.54
C ARG A 110 -2.10 0.36 21.21
N ASN A 111 -2.02 1.40 20.41
CA ASN A 111 -1.54 2.71 20.84
C ASN A 111 -2.52 3.40 21.76
N ALA A 112 -3.78 3.39 21.35
CA ALA A 112 -4.82 4.03 22.12
C ALA A 112 -5.10 3.19 23.35
N LEU A 113 -4.96 1.89 23.14
CA LEU A 113 -5.02 0.89 24.18
C LEU A 113 -3.88 1.11 25.19
N ALA A 114 -2.74 1.56 24.65
CA ALA A 114 -1.53 1.78 25.43
C ALA A 114 -1.62 3.01 26.27
N ASN A 115 -2.17 4.05 25.67
CA ASN A 115 -2.32 5.32 26.32
C ASN A 115 -3.25 5.20 27.52
N ASN A 116 -4.18 4.25 27.43
CA ASN A 116 -5.19 4.08 28.47
C ASN A 116 -4.61 3.25 29.60
N GLY A 117 -3.60 2.47 29.28
CA GLY A 117 -2.68 1.95 30.26
C GLY A 117 -3.24 0.89 31.17
N LYS A 118 -4.48 0.48 30.93
CA LYS A 118 -5.08 -0.54 31.75
C LYS A 118 -4.84 -1.92 31.18
N PHE A 119 -4.80 -2.03 29.87
CA PHE A 119 -4.61 -3.31 29.22
C PHE A 119 -3.17 -3.63 29.01
N THR A 120 -2.98 -4.82 28.51
CA THR A 120 -1.72 -5.25 28.02
C THR A 120 -1.86 -5.58 26.58
N LEU A 121 -1.10 -4.91 25.76
CA LEU A 121 -1.31 -5.01 24.37
C LEU A 121 -0.46 -6.11 23.78
N VAL A 122 -1.03 -6.80 22.84
CA VAL A 122 -0.28 -7.72 22.04
C VAL A 122 0.21 -6.98 20.80
N SER A 123 1.35 -7.37 20.25
CA SER A 123 1.83 -6.70 19.07
C SER A 123 1.55 -7.54 17.84
N ALA A 124 1.99 -7.08 16.68
CA ALA A 124 1.84 -7.84 15.46
C ALA A 124 2.67 -9.09 15.56
N GLN A 125 3.74 -8.94 16.32
CA GLN A 125 4.67 -10.01 16.67
C GLN A 125 3.92 -11.28 17.05
N GLN A 126 2.84 -11.12 17.80
CA GLN A 126 1.98 -12.24 18.12
C GLN A 126 0.79 -12.25 17.18
N LEU A 127 0.13 -11.10 17.15
CA LEU A 127 -1.20 -10.92 16.56
C LEU A 127 -1.23 -11.19 15.07
N SER A 128 -0.54 -10.34 14.33
CA SER A 128 -0.48 -10.41 12.87
C SER A 128 -0.13 -11.80 12.45
N MET A 129 0.87 -12.27 13.16
CA MET A 129 1.38 -13.60 13.06
C MET A 129 0.29 -14.61 13.24
N ALA A 130 -0.30 -14.60 14.44
CA ALA A 130 -1.43 -15.44 14.78
C ALA A 130 -2.46 -15.46 13.68
N LYS A 131 -2.79 -14.30 13.14
CA LYS A 131 -3.77 -14.24 12.07
C LYS A 131 -3.32 -15.15 10.96
N GLN A 132 -2.09 -14.98 10.54
CA GLN A 132 -1.50 -15.76 9.48
C GLN A 132 -1.37 -17.22 9.89
N GLN A 133 -0.98 -17.41 11.16
CA GLN A 133 -0.84 -18.73 11.76
C GLN A 133 -2.13 -19.47 11.69
N LEU A 134 -3.18 -18.71 11.82
CA LEU A 134 -4.49 -19.23 11.84
C LEU A 134 -5.05 -19.28 10.43
N GLY A 135 -4.58 -18.37 9.61
CA GLY A 135 -5.04 -18.31 8.24
C GLY A 135 -5.02 -16.93 7.67
N LEU A 136 -5.51 -16.05 8.49
CA LEU A 136 -5.80 -14.69 8.15
C LEU A 136 -4.59 -13.83 7.85
N SER A 137 -4.95 -12.58 7.74
CA SER A 137 -4.06 -11.48 7.53
C SER A 137 -4.14 -10.59 8.74
N PRO A 138 -3.07 -9.86 9.06
CA PRO A 138 -3.05 -8.94 10.19
C PRO A 138 -4.03 -7.78 10.00
N GLN A 139 -4.72 -7.78 8.87
CA GLN A 139 -5.64 -6.72 8.48
C GLN A 139 -7.05 -7.26 8.34
N ASP A 140 -7.08 -8.56 8.03
CA ASP A 140 -8.30 -9.29 7.71
C ASP A 140 -9.25 -9.19 8.85
N SER A 141 -8.62 -8.99 10.00
CA SER A 141 -9.30 -9.01 11.26
C SER A 141 -9.65 -10.43 11.61
N LEU A 142 -10.06 -10.65 12.81
CA LEU A 142 -10.37 -12.01 13.23
C LEU A 142 -11.54 -12.48 12.44
N GLY A 143 -12.47 -11.56 12.27
CA GLY A 143 -13.67 -11.80 11.50
C GLY A 143 -14.59 -12.85 12.08
N THR A 144 -14.13 -13.56 13.10
CA THR A 144 -14.89 -14.64 13.67
C THR A 144 -14.44 -14.85 15.10
N ARG A 145 -15.36 -14.82 16.06
CA ARG A 145 -15.02 -14.94 17.46
C ARG A 145 -13.98 -16.03 17.70
N SER A 146 -14.16 -17.17 17.09
CA SER A 146 -13.30 -18.31 17.33
C SER A 146 -11.93 -18.13 16.67
N LYS A 147 -11.92 -17.32 15.61
CA LYS A 147 -10.70 -16.95 14.91
C LYS A 147 -9.93 -15.97 15.77
N ALA A 148 -10.74 -15.24 16.53
CA ALA A 148 -10.29 -14.25 17.46
C ALA A 148 -9.75 -14.90 18.69
N ILE A 149 -10.54 -15.82 19.15
CA ILE A 149 -10.24 -16.61 20.29
C ILE A 149 -9.05 -17.48 20.00
N GLY A 150 -9.03 -18.02 18.81
CA GLY A 150 -7.88 -18.74 18.33
C GLY A 150 -6.64 -17.90 18.46
N ILE A 151 -6.69 -16.71 17.88
CA ILE A 151 -5.55 -15.82 17.89
C ILE A 151 -5.22 -15.32 19.27
N ALA A 152 -6.22 -14.86 20.00
CA ALA A 152 -6.02 -14.32 21.33
C ALA A 152 -5.30 -15.34 22.23
N ARG A 153 -5.69 -16.59 22.11
CA ARG A 153 -5.10 -17.63 22.93
C ARG A 153 -3.78 -18.09 22.34
N ASN A 154 -3.63 -17.84 21.05
CA ASN A 154 -2.41 -18.14 20.31
C ASN A 154 -1.46 -16.98 20.52
N VAL A 155 -2.04 -15.93 21.07
CA VAL A 155 -1.37 -14.68 21.26
C VAL A 155 -1.01 -14.47 22.73
N GLY A 156 -1.82 -15.04 23.62
CA GLY A 156 -1.57 -14.88 25.04
C GLY A 156 -2.44 -13.83 25.65
N ALA A 157 -3.65 -13.71 25.15
CA ALA A 157 -4.51 -12.61 25.51
C ALA A 157 -5.68 -13.04 26.42
N HIS A 158 -6.27 -12.05 27.08
CA HIS A 158 -7.41 -12.25 27.96
C HIS A 158 -8.69 -11.85 27.25
N TYR A 159 -8.54 -10.93 26.31
CA TYR A 159 -9.67 -10.36 25.61
C TYR A 159 -9.41 -10.26 24.12
N VAL A 160 -10.34 -9.63 23.42
CA VAL A 160 -10.16 -9.19 22.06
C VAL A 160 -10.76 -7.80 21.91
N LEU A 161 -10.09 -6.94 21.20
CA LEU A 161 -10.74 -5.74 20.78
C LEU A 161 -11.02 -5.80 19.31
N TYR A 162 -12.25 -6.11 18.98
CA TYR A 162 -12.71 -6.19 17.63
C TYR A 162 -12.99 -4.81 17.13
N SER A 163 -12.23 -4.38 16.21
CA SER A 163 -12.40 -3.05 15.69
C SER A 163 -12.60 -3.09 14.19
N SER A 164 -13.15 -2.01 13.70
CA SER A 164 -13.46 -1.89 12.33
C SER A 164 -13.69 -0.46 11.96
N ALA A 165 -13.84 -0.26 10.71
CA ALA A 165 -14.09 1.02 10.20
C ALA A 165 -15.18 0.94 9.18
N SER A 166 -16.12 1.83 9.24
CA SER A 166 -17.19 1.81 8.29
C SER A 166 -17.58 3.23 7.95
N GLY A 167 -18.60 3.39 7.16
CA GLY A 167 -19.11 4.71 6.91
C GLY A 167 -18.54 5.29 5.67
N ASN A 168 -17.38 5.86 5.84
CA ASN A 168 -16.61 6.37 4.74
C ASN A 168 -15.17 6.12 5.02
N VAL A 169 -14.50 5.58 4.05
CA VAL A 169 -13.14 5.11 4.23
C VAL A 169 -12.17 6.24 4.52
N ASN A 170 -12.32 7.38 3.84
CA ASN A 170 -11.38 8.49 4.04
C ASN A 170 -11.45 8.94 5.47
N ALA A 171 -12.63 8.79 6.02
CA ALA A 171 -12.91 9.18 7.39
C ALA A 171 -14.06 8.34 7.90
N PRO A 172 -13.71 7.18 8.45
CA PRO A 172 -14.64 6.14 8.82
C PRO A 172 -15.15 6.22 10.23
N THR A 173 -16.18 5.45 10.45
CA THR A 173 -16.63 5.17 11.77
C THR A 173 -15.82 4.01 12.28
N LEU A 174 -15.11 4.21 13.35
CA LEU A 174 -14.37 3.13 13.90
C LEU A 174 -15.27 2.34 14.78
N GLN A 175 -15.78 1.29 14.26
CA GLN A 175 -16.70 0.47 14.95
C GLN A 175 -15.94 -0.59 15.72
N MET A 176 -15.94 -0.43 17.02
CA MET A 176 -15.15 -1.28 17.89
C MET A 176 -16.02 -2.17 18.76
N GLN A 177 -15.41 -3.20 19.34
CA GLN A 177 -16.17 -4.27 19.94
C GLN A 177 -15.23 -5.19 20.72
N LEU A 178 -15.44 -5.29 22.00
CA LEU A 178 -14.53 -6.00 22.87
C LEU A 178 -15.10 -7.37 23.15
N MET A 179 -14.57 -8.36 22.47
CA MET A 179 -14.98 -9.73 22.69
C MET A 179 -14.10 -10.34 23.75
N LEU A 180 -14.71 -10.80 24.80
CA LEU A 180 -14.01 -11.65 25.73
C LEU A 180 -13.53 -12.86 24.93
N VAL A 181 -12.25 -13.21 25.01
CA VAL A 181 -11.80 -14.39 24.27
C VAL A 181 -12.07 -15.67 25.08
N GLN A 182 -11.95 -15.54 26.39
CA GLN A 182 -12.15 -16.66 27.30
C GLN A 182 -13.58 -17.21 27.20
N THR A 183 -14.47 -16.45 26.59
CA THR A 183 -15.85 -16.88 26.40
C THR A 183 -16.27 -16.70 24.97
N GLY A 184 -15.78 -15.62 24.40
CA GLY A 184 -16.11 -15.27 23.04
C GLY A 184 -17.36 -14.45 22.96
N GLU A 185 -17.62 -13.71 24.02
CA GLU A 185 -18.80 -12.86 24.08
C GLU A 185 -18.42 -11.40 23.94
N ILE A 186 -19.35 -10.59 23.49
CA ILE A 186 -19.07 -9.16 23.37
C ILE A 186 -19.43 -8.47 24.66
N ILE A 187 -18.42 -7.93 25.29
CA ILE A 187 -18.56 -7.33 26.61
C ILE A 187 -18.59 -5.81 26.50
N TRP A 188 -17.87 -5.30 25.51
CA TRP A 188 -17.89 -3.87 25.20
C TRP A 188 -18.01 -3.70 23.71
N SER A 189 -18.59 -2.61 23.29
CA SER A 189 -18.47 -2.19 21.91
C SER A 189 -18.63 -0.69 21.73
N GLY A 190 -18.18 -0.18 20.58
CA GLY A 190 -18.25 1.21 20.31
C GLY A 190 -18.18 1.46 18.83
N LYS A 191 -18.11 2.71 18.50
CA LYS A 191 -17.75 3.18 17.20
C LYS A 191 -17.29 4.59 17.40
N GLY A 192 -16.46 5.02 16.51
CA GLY A 192 -16.04 6.37 16.56
C GLY A 192 -15.47 6.84 15.27
N ALA A 193 -15.97 7.94 14.79
CA ALA A 193 -15.60 8.42 13.48
C ALA A 193 -14.18 8.98 13.48
N VAL A 194 -13.32 8.29 12.78
CA VAL A 194 -11.93 8.61 12.74
C VAL A 194 -11.64 9.53 11.58
N SER A 195 -10.53 10.18 11.74
CA SER A 195 -10.08 11.20 10.86
C SER A 195 -9.03 10.63 9.98
N GLN A 196 -8.58 11.39 9.02
CA GLN A 196 -7.45 10.97 8.25
C GLN A 196 -6.21 11.71 8.70
N GLN A 197 -5.13 10.98 8.89
CA GLN A 197 -3.87 11.58 9.27
C GLN A 197 -3.05 11.95 8.04
N GLY A 1 18.56 62.78 -121.38
CA GLY A 1 19.40 61.69 -120.83
C GLY A 1 19.23 61.52 -119.34
N SER A 2 18.03 61.17 -118.92
CA SER A 2 17.73 60.96 -117.52
C SER A 2 17.74 59.47 -117.19
N HIS A 3 17.53 59.13 -115.92
CA HIS A 3 17.47 57.73 -115.52
C HIS A 3 16.01 57.30 -115.36
N MET A 4 15.26 57.41 -116.44
CA MET A 4 13.86 57.05 -116.43
C MET A 4 13.62 55.94 -117.45
N VAL A 5 14.46 54.92 -117.39
CA VAL A 5 14.39 53.80 -118.32
C VAL A 5 14.06 52.49 -117.60
N GLY A 6 14.27 52.49 -116.29
CA GLY A 6 13.99 51.31 -115.49
C GLY A 6 13.16 51.63 -114.28
N GLN A 7 12.43 52.74 -114.37
CA GLN A 7 11.58 53.20 -113.29
C GLN A 7 10.50 52.17 -112.96
N ARG A 8 9.89 51.58 -113.98
CA ARG A 8 8.82 50.59 -113.81
C ARG A 8 7.58 51.19 -113.15
N GLU A 9 6.50 51.24 -113.94
CA GLU A 9 5.21 51.78 -113.50
C GLU A 9 5.25 53.30 -113.40
N PRO A 10 4.39 53.99 -114.18
CA PRO A 10 4.21 55.44 -114.05
C PRO A 10 3.72 55.80 -112.65
N ALA A 11 2.90 54.91 -112.10
CA ALA A 11 2.42 55.03 -110.74
C ALA A 11 2.43 53.67 -110.07
N PRO A 12 3.52 53.31 -109.39
CA PRO A 12 3.66 52.01 -108.71
C PRO A 12 2.52 51.74 -107.75
N VAL A 13 1.98 50.53 -107.82
CA VAL A 13 0.87 50.13 -106.98
C VAL A 13 1.16 48.79 -106.30
N GLU A 14 0.60 48.63 -105.12
CA GLU A 14 0.85 47.45 -104.31
C GLU A 14 -0.28 46.43 -104.51
N GLU A 15 -0.58 46.14 -105.77
CA GLU A 15 -1.63 45.21 -106.10
C GLU A 15 -1.13 43.78 -106.02
N VAL A 16 -1.14 43.25 -104.81
CA VAL A 16 -0.72 41.87 -104.58
C VAL A 16 -1.75 40.91 -105.15
N LYS A 17 -1.28 39.91 -105.87
CA LYS A 17 -2.17 38.95 -106.50
C LYS A 17 -2.54 37.86 -105.50
N PRO A 18 -3.83 37.50 -105.43
CA PRO A 18 -4.32 36.50 -104.46
C PRO A 18 -3.65 35.15 -104.61
N ALA A 19 -3.15 34.62 -103.50
CA ALA A 19 -2.55 33.29 -103.48
C ALA A 19 -3.36 32.37 -102.58
N PRO A 20 -4.22 31.53 -103.17
CA PRO A 20 -5.10 30.64 -102.41
C PRO A 20 -4.36 29.47 -101.77
N GLU A 21 -3.45 29.76 -100.87
CA GLU A 21 -2.74 28.71 -100.15
C GLU A 21 -3.61 28.20 -99.01
N GLN A 22 -3.93 29.08 -98.07
CA GLN A 22 -4.82 28.76 -96.95
C GLN A 22 -4.48 27.41 -96.32
N PRO A 23 -3.38 27.35 -95.58
CA PRO A 23 -2.91 26.13 -94.91
C PRO A 23 -3.91 25.58 -93.91
N ALA A 24 -3.99 24.26 -93.85
CA ALA A 24 -4.87 23.59 -92.91
C ALA A 24 -4.07 22.58 -92.11
N GLU A 25 -3.08 23.13 -91.43
CA GLU A 25 -2.09 22.35 -90.71
C GLU A 25 -2.22 22.60 -89.21
N PRO A 26 -2.95 21.73 -88.49
CA PRO A 26 -3.17 21.90 -87.05
C PRO A 26 -1.90 21.66 -86.25
N GLN A 27 -1.30 22.72 -85.75
CA GLN A 27 -0.07 22.62 -84.98
C GLN A 27 -0.37 22.60 -83.49
N GLN A 28 -1.63 22.79 -83.13
CA GLN A 28 -2.05 22.78 -81.74
C GLN A 28 -2.76 21.47 -81.38
N PRO A 29 -2.03 20.49 -80.81
CA PRO A 29 -2.60 19.23 -80.34
C PRO A 29 -3.23 19.39 -78.96
N VAL A 30 -4.42 18.83 -78.78
CA VAL A 30 -5.13 18.94 -77.51
C VAL A 30 -5.35 17.56 -76.89
N PRO A 31 -4.38 17.07 -76.11
CA PRO A 31 -4.48 15.79 -75.42
C PRO A 31 -5.07 15.94 -74.01
N THR A 32 -5.31 14.83 -73.35
CA THR A 32 -5.81 14.86 -71.98
C THR A 32 -4.71 14.46 -70.99
N VAL A 33 -4.80 15.01 -69.79
CA VAL A 33 -3.84 14.72 -68.74
C VAL A 33 -4.40 13.67 -67.78
N PRO A 34 -3.86 12.44 -67.83
CA PRO A 34 -4.27 11.36 -66.92
C PRO A 34 -4.05 11.72 -65.47
N SER A 35 -4.80 11.08 -64.60
CA SER A 35 -4.75 11.34 -63.18
C SER A 35 -5.35 10.18 -62.40
N VAL A 36 -4.59 9.68 -61.44
CA VAL A 36 -5.03 8.59 -60.60
C VAL A 36 -5.01 9.01 -59.12
N PRO A 37 -6.16 8.94 -58.44
CA PRO A 37 -6.25 9.27 -57.02
C PRO A 37 -5.30 8.46 -56.18
N THR A 38 -4.80 9.07 -55.12
CA THR A 38 -3.83 8.42 -54.27
C THR A 38 -4.10 8.75 -52.81
N ILE A 39 -4.61 7.76 -52.09
CA ILE A 39 -4.93 7.93 -50.69
C ILE A 39 -3.80 7.42 -49.81
N PRO A 40 -3.16 8.32 -49.06
CA PRO A 40 -2.04 7.96 -48.19
C PRO A 40 -2.50 7.16 -46.99
N GLN A 41 -1.95 5.96 -46.84
CA GLN A 41 -2.31 5.09 -45.73
C GLN A 41 -1.06 4.47 -45.13
N GLN A 42 -1.24 3.63 -44.13
CA GLN A 42 -0.14 2.92 -43.51
C GLN A 42 -0.31 1.42 -43.72
N PRO A 43 0.19 0.90 -44.85
CA PRO A 43 0.04 -0.52 -45.19
C PRO A 43 0.72 -1.41 -44.17
N GLY A 44 -0.07 -2.29 -43.55
CA GLY A 44 0.42 -3.11 -42.48
C GLY A 44 -0.62 -3.25 -41.40
N PRO A 45 -0.47 -4.25 -40.54
CA PRO A 45 -1.41 -4.50 -39.45
C PRO A 45 -1.32 -3.45 -38.35
N ILE A 46 -2.45 -2.84 -38.04
CA ILE A 46 -2.52 -1.84 -36.98
C ILE A 46 -2.41 -2.52 -35.63
N GLU A 47 -3.30 -3.48 -35.41
CA GLU A 47 -3.33 -4.28 -34.19
C GLU A 47 -3.52 -3.39 -32.96
N HIS A 48 -4.76 -3.08 -32.63
CA HIS A 48 -5.06 -2.28 -31.46
C HIS A 48 -5.17 -3.14 -30.22
N GLU A 49 -4.97 -2.52 -29.07
CA GLU A 49 -5.02 -3.22 -27.80
C GLU A 49 -4.85 -2.20 -26.66
N ASP A 50 -5.73 -2.29 -25.71
CA ASP A 50 -5.74 -1.37 -24.59
C ASP A 50 -5.22 -2.05 -23.33
N GLN A 51 -3.90 -2.22 -23.30
CA GLN A 51 -3.22 -2.83 -22.18
C GLN A 51 -3.63 -2.17 -20.86
N THR A 52 -3.95 -2.97 -19.86
CA THR A 52 -4.43 -2.47 -18.59
C THR A 52 -3.35 -1.77 -17.80
N ALA A 53 -3.78 -0.95 -16.86
CA ALA A 53 -2.89 -0.18 -16.01
C ALA A 53 -3.28 -0.36 -14.55
N PRO A 54 -2.80 -1.43 -13.91
CA PRO A 54 -3.13 -1.73 -12.52
C PRO A 54 -2.22 -1.01 -11.53
N PRO A 55 -2.74 0.03 -10.86
CA PRO A 55 -1.95 0.78 -9.88
C PRO A 55 -2.06 0.19 -8.49
N ALA A 56 -0.92 0.12 -7.79
CA ALA A 56 -0.90 -0.37 -6.43
C ALA A 56 -0.22 0.64 -5.50
N PRO A 57 -0.95 1.69 -5.10
CA PRO A 57 -0.44 2.75 -4.24
C PRO A 57 -0.29 2.31 -2.79
N HIS A 58 0.11 3.28 -2.00
CA HIS A 58 0.34 3.09 -0.59
C HIS A 58 -0.73 3.82 0.19
N ILE A 59 -1.22 3.19 1.24
CA ILE A 59 -2.41 3.67 1.93
C ILE A 59 -2.11 4.87 2.81
N ARG A 60 -3.19 5.52 3.20
CA ARG A 60 -3.18 6.71 4.01
C ARG A 60 -2.91 6.39 5.46
N HIS A 61 -3.34 7.33 6.25
CA HIS A 61 -3.18 7.33 7.68
C HIS A 61 -4.31 8.12 8.25
N TYR A 62 -4.82 7.65 9.34
CA TYR A 62 -5.97 8.25 9.94
C TYR A 62 -5.72 8.59 11.37
N ASP A 63 -6.45 9.54 11.89
CA ASP A 63 -6.38 9.79 13.31
C ASP A 63 -7.28 8.81 14.02
N TRP A 64 -6.82 7.59 13.93
CA TRP A 64 -7.40 6.45 14.62
C TRP A 64 -7.38 6.63 16.12
N ASN A 65 -6.27 7.13 16.57
CA ASN A 65 -6.01 7.36 17.99
C ASN A 65 -7.12 8.19 18.62
N GLY A 66 -7.70 9.07 17.83
CA GLY A 66 -8.74 9.95 18.33
C GLY A 66 -10.07 9.24 18.42
N ALA A 67 -10.13 8.12 17.74
CA ALA A 67 -11.32 7.32 17.64
C ALA A 67 -11.32 6.24 18.70
N MET A 68 -10.20 5.56 18.77
CA MET A 68 -9.98 4.48 19.70
C MET A 68 -9.97 4.97 21.14
N GLN A 69 -9.10 5.92 21.41
CA GLN A 69 -8.89 6.48 22.76
C GLN A 69 -10.16 6.67 23.58
N PRO A 70 -11.17 7.41 23.06
CA PRO A 70 -12.38 7.68 23.82
C PRO A 70 -13.15 6.40 24.06
N MET A 71 -13.00 5.47 23.14
CA MET A 71 -13.71 4.22 23.18
C MET A 71 -13.01 3.21 24.06
N VAL A 72 -11.68 3.21 23.96
CA VAL A 72 -10.82 2.45 24.85
C VAL A 72 -11.09 2.88 26.26
N SER A 73 -11.28 4.18 26.37
CA SER A 73 -11.67 4.80 27.62
C SER A 73 -13.04 4.26 28.10
N LYS A 74 -13.93 3.93 27.15
CA LYS A 74 -15.26 3.38 27.46
C LYS A 74 -15.17 1.88 27.66
N MET A 75 -14.26 1.26 26.93
CA MET A 75 -14.15 -0.17 26.86
C MET A 75 -13.72 -0.75 28.17
N LEU A 76 -12.97 0.00 28.92
CA LEU A 76 -12.48 -0.47 30.20
C LEU A 76 -13.43 -0.08 31.31
N GLY A 77 -14.43 0.66 30.91
CA GLY A 77 -15.54 0.98 31.78
C GLY A 77 -16.73 0.17 31.34
N ALA A 78 -16.46 -0.86 30.56
CA ALA A 78 -17.48 -1.73 30.04
C ALA A 78 -17.76 -2.85 31.01
N ASP A 79 -18.89 -3.48 30.83
CA ASP A 79 -19.24 -4.63 31.62
C ASP A 79 -18.71 -5.86 30.98
N GLY A 80 -17.70 -6.41 31.58
CA GLY A 80 -17.13 -7.59 31.05
C GLY A 80 -15.63 -7.49 31.07
N VAL A 81 -15.16 -6.26 31.07
CA VAL A 81 -13.74 -5.99 30.99
C VAL A 81 -13.18 -5.62 32.36
N THR A 82 -11.92 -5.90 32.53
CA THR A 82 -11.22 -5.57 33.73
C THR A 82 -9.85 -4.98 33.42
N ALA A 83 -9.50 -3.97 34.18
CA ALA A 83 -8.14 -3.44 34.20
C ALA A 83 -7.15 -4.55 34.54
N GLY A 84 -6.04 -4.59 33.81
CA GLY A 84 -5.01 -5.54 34.09
C GLY A 84 -5.04 -6.74 33.17
N SER A 85 -5.93 -6.72 32.20
CA SER A 85 -6.00 -7.81 31.25
C SER A 85 -5.11 -7.56 30.06
N VAL A 86 -4.60 -8.62 29.51
CA VAL A 86 -3.99 -8.55 28.21
C VAL A 86 -5.09 -8.56 27.16
N LEU A 87 -5.12 -7.52 26.38
CA LEU A 87 -6.21 -7.30 25.46
C LEU A 87 -5.72 -7.52 24.05
N LEU A 88 -6.21 -8.59 23.44
CA LEU A 88 -5.88 -8.90 22.08
C LEU A 88 -6.57 -7.90 21.18
N VAL A 89 -5.86 -6.84 20.86
CA VAL A 89 -6.39 -5.87 19.96
C VAL A 89 -6.36 -6.48 18.57
N ASP A 90 -7.55 -6.67 18.02
CA ASP A 90 -7.68 -7.29 16.73
C ASP A 90 -7.33 -6.29 15.68
N SER A 91 -7.21 -6.74 14.46
CA SER A 91 -7.15 -5.82 13.38
C SER A 91 -8.42 -5.03 13.36
N VAL A 92 -8.30 -3.85 12.86
CA VAL A 92 -9.42 -3.09 12.53
C VAL A 92 -9.88 -3.56 11.17
N ASN A 93 -11.16 -3.63 11.02
CA ASN A 93 -11.72 -3.94 9.74
C ASN A 93 -11.83 -2.70 8.91
N ASN A 94 -11.99 -2.93 7.64
CA ASN A 94 -12.21 -1.89 6.69
C ASN A 94 -13.48 -2.19 5.93
N ARG A 95 -14.58 -1.76 6.53
CA ARG A 95 -15.92 -2.07 6.06
C ARG A 95 -16.53 -0.82 5.47
N THR A 96 -15.74 0.21 5.54
CA THR A 96 -16.11 1.55 5.11
C THR A 96 -16.63 1.65 3.69
N ASN A 97 -16.81 2.89 3.29
CA ASN A 97 -17.17 3.24 1.94
C ASN A 97 -16.03 2.93 0.97
N GLY A 98 -14.84 2.69 1.52
CA GLY A 98 -13.68 2.46 0.70
C GLY A 98 -12.69 1.50 1.32
N SER A 99 -11.41 1.74 1.06
CA SER A 99 -10.34 0.88 1.55
C SER A 99 -9.37 1.68 2.42
N LEU A 100 -9.08 1.16 3.59
CA LEU A 100 -8.20 1.81 4.53
C LEU A 100 -7.22 0.83 5.11
N ASN A 101 -6.14 1.38 5.59
CA ASN A 101 -5.12 0.62 6.28
C ASN A 101 -5.57 0.45 7.70
N ALA A 102 -6.41 -0.51 7.87
CA ALA A 102 -6.93 -0.82 9.17
C ALA A 102 -5.85 -1.42 10.02
N ALA A 103 -4.77 -1.83 9.40
CA ALA A 103 -3.66 -2.40 10.13
C ALA A 103 -2.86 -1.29 10.77
N GLU A 104 -2.89 -0.15 10.12
CA GLU A 104 -2.37 1.08 10.65
C GLU A 104 -3.22 1.53 11.80
N ALA A 105 -4.48 1.19 11.67
CA ALA A 105 -5.45 1.47 12.68
C ALA A 105 -5.23 0.54 13.84
N THR A 106 -5.01 -0.70 13.49
CA THR A 106 -4.82 -1.74 14.45
C THR A 106 -3.56 -1.50 15.27
N GLU A 107 -2.54 -0.93 14.66
CA GLU A 107 -1.38 -0.58 15.44
C GLU A 107 -1.79 0.55 16.37
N THR A 108 -2.54 1.51 15.82
CA THR A 108 -3.07 2.64 16.57
C THR A 108 -3.99 2.17 17.70
N LEU A 109 -4.63 1.04 17.46
CA LEU A 109 -5.39 0.37 18.50
C LEU A 109 -4.52 0.16 19.70
N ARG A 110 -3.55 -0.71 19.53
CA ARG A 110 -2.53 -0.96 20.52
C ARG A 110 -2.07 0.34 21.20
N ASN A 111 -1.99 1.38 20.39
CA ASN A 111 -1.55 2.70 20.83
C ASN A 111 -2.56 3.36 21.75
N ALA A 112 -3.80 3.32 21.36
CA ALA A 112 -4.83 3.98 22.11
C ALA A 112 -5.13 3.15 23.34
N LEU A 113 -5.06 1.85 23.14
CA LEU A 113 -5.14 0.87 24.19
C LEU A 113 -4.03 1.11 25.22
N ALA A 114 -2.88 1.54 24.70
CA ALA A 114 -1.67 1.76 25.49
C ALA A 114 -1.83 2.95 26.40
N ASN A 115 -2.42 4.00 25.86
CA ASN A 115 -2.56 5.25 26.57
C ASN A 115 -3.45 5.10 27.78
N ASN A 116 -4.36 4.14 27.72
CA ASN A 116 -5.31 3.94 28.80
C ASN A 116 -4.73 3.04 29.88
N GLY A 117 -3.67 2.32 29.51
CA GLY A 117 -2.77 1.69 30.47
C GLY A 117 -3.36 0.56 31.29
N LYS A 118 -4.68 0.39 31.24
CA LYS A 118 -5.34 -0.66 32.00
C LYS A 118 -5.08 -2.02 31.39
N PHE A 119 -4.96 -2.08 30.08
CA PHE A 119 -4.72 -3.34 29.41
C PHE A 119 -3.27 -3.65 29.25
N THR A 120 -3.06 -4.81 28.69
CA THR A 120 -1.78 -5.21 28.23
C THR A 120 -1.90 -5.53 26.77
N LEU A 121 -1.16 -4.82 25.97
CA LEU A 121 -1.36 -4.92 24.57
C LEU A 121 -0.54 -6.01 23.95
N VAL A 122 -1.13 -6.69 23.03
CA VAL A 122 -0.41 -7.58 22.17
C VAL A 122 0.04 -6.78 20.95
N SER A 123 1.15 -7.14 20.34
CA SER A 123 1.62 -6.41 19.18
C SER A 123 1.31 -7.18 17.91
N ALA A 124 1.50 -6.56 16.76
CA ALA A 124 1.33 -7.23 15.49
C ALA A 124 2.22 -8.47 15.42
N GLN A 125 3.39 -8.33 16.04
CA GLN A 125 4.38 -9.40 16.16
C GLN A 125 3.72 -10.70 16.62
N GLN A 126 2.69 -10.56 17.43
CA GLN A 126 1.87 -11.70 17.82
C GLN A 126 0.61 -11.76 16.98
N LEU A 127 -0.10 -10.63 16.99
CA LEU A 127 -1.44 -10.52 16.46
C LEU A 127 -1.50 -10.70 14.96
N SER A 128 -0.87 -9.77 14.24
CA SER A 128 -0.84 -9.75 12.78
C SER A 128 -0.45 -11.12 12.28
N MET A 129 0.47 -11.65 13.04
CA MET A 129 1.03 -12.96 12.86
C MET A 129 -0.03 -14.01 13.08
N ALA A 130 -0.56 -14.05 14.29
CA ALA A 130 -1.64 -14.96 14.65
C ALA A 130 -2.73 -15.01 13.60
N LYS A 131 -3.11 -13.85 13.07
CA LYS A 131 -4.09 -13.84 12.01
C LYS A 131 -3.65 -14.80 10.93
N GLN A 132 -2.45 -14.60 10.45
CA GLN A 132 -1.87 -15.40 9.39
C GLN A 132 -1.65 -16.83 9.84
N GLN A 133 -1.17 -16.96 11.09
CA GLN A 133 -0.89 -18.25 11.71
C GLN A 133 -2.12 -19.09 11.69
N LEU A 134 -3.22 -18.41 11.82
CA LEU A 134 -4.49 -19.05 11.88
C LEU A 134 -5.09 -19.11 10.48
N GLY A 135 -4.76 -18.11 9.68
CA GLY A 135 -5.30 -18.04 8.35
C GLY A 135 -5.28 -16.67 7.76
N LEU A 136 -5.84 -15.79 8.54
CA LEU A 136 -6.12 -14.44 8.18
C LEU A 136 -4.93 -13.57 7.87
N SER A 137 -5.27 -12.33 7.73
CA SER A 137 -4.39 -11.23 7.49
C SER A 137 -4.47 -10.31 8.68
N PRO A 138 -3.40 -9.57 8.97
CA PRO A 138 -3.39 -8.56 10.02
C PRO A 138 -4.34 -7.41 9.67
N GLN A 139 -5.00 -7.58 8.53
CA GLN A 139 -5.88 -6.59 7.93
C GLN A 139 -7.30 -7.08 7.91
N ASP A 140 -7.42 -8.38 8.05
CA ASP A 140 -8.69 -9.06 7.84
C ASP A 140 -9.54 -8.92 9.06
N SER A 141 -8.83 -8.80 10.20
CA SER A 141 -9.44 -8.91 11.50
C SER A 141 -9.69 -10.36 11.80
N LEU A 142 -10.15 -10.64 12.97
CA LEU A 142 -10.40 -12.03 13.34
C LEU A 142 -11.59 -12.51 12.56
N GLY A 143 -12.54 -11.61 12.42
CA GLY A 143 -13.76 -11.86 11.69
C GLY A 143 -14.66 -12.92 12.30
N THR A 144 -14.17 -13.68 13.26
CA THR A 144 -14.91 -14.77 13.85
C THR A 144 -14.46 -15.00 15.27
N ARG A 145 -15.38 -14.99 16.21
CA ARG A 145 -15.02 -15.14 17.63
C ARG A 145 -13.96 -16.17 17.85
N SER A 146 -14.12 -17.33 17.26
CA SER A 146 -13.22 -18.44 17.48
C SER A 146 -11.87 -18.20 16.80
N LYS A 147 -11.90 -17.41 15.73
CA LYS A 147 -10.70 -17.01 15.01
C LYS A 147 -9.95 -16.00 15.84
N ALA A 148 -10.75 -15.30 16.62
CA ALA A 148 -10.32 -14.29 17.56
C ALA A 148 -9.75 -14.93 18.78
N ILE A 149 -10.49 -15.89 19.24
CA ILE A 149 -10.16 -16.65 20.40
C ILE A 149 -8.94 -17.49 20.14
N GLY A 150 -8.90 -18.08 18.96
CA GLY A 150 -7.72 -18.76 18.51
C GLY A 150 -6.51 -17.87 18.60
N ILE A 151 -6.63 -16.70 17.99
CA ILE A 151 -5.55 -15.74 17.96
C ILE A 151 -5.22 -15.19 19.31
N ALA A 152 -6.21 -14.78 20.06
CA ALA A 152 -5.99 -14.22 21.38
C ALA A 152 -5.22 -15.19 22.26
N ARG A 153 -5.54 -16.46 22.15
CA ARG A 153 -4.87 -17.47 22.95
C ARG A 153 -3.54 -17.86 22.32
N ASN A 154 -3.45 -17.62 21.01
CA ASN A 154 -2.23 -17.85 20.25
C ASN A 154 -1.33 -16.65 20.46
N VAL A 155 -1.96 -15.63 21.01
CA VAL A 155 -1.33 -14.35 21.20
C VAL A 155 -0.96 -14.12 22.66
N GLY A 156 -1.71 -14.76 23.56
CA GLY A 156 -1.45 -14.60 24.97
C GLY A 156 -2.35 -13.58 25.62
N ALA A 157 -3.58 -13.53 25.16
CA ALA A 157 -4.49 -12.47 25.53
C ALA A 157 -5.64 -12.94 26.43
N HIS A 158 -6.20 -11.99 27.19
CA HIS A 158 -7.34 -12.22 28.06
C HIS A 158 -8.62 -11.83 27.35
N TYR A 159 -8.49 -10.90 26.41
CA TYR A 159 -9.63 -10.32 25.72
C TYR A 159 -9.36 -10.20 24.23
N VAL A 160 -10.34 -9.67 23.52
CA VAL A 160 -10.17 -9.23 22.15
C VAL A 160 -10.75 -7.84 22.00
N LEU A 161 -10.09 -6.99 21.24
CA LEU A 161 -10.73 -5.81 20.78
C LEU A 161 -10.96 -5.91 19.29
N TYR A 162 -12.18 -6.24 18.96
CA TYR A 162 -12.63 -6.31 17.59
C TYR A 162 -12.89 -4.93 17.10
N SER A 163 -12.16 -4.51 16.15
CA SER A 163 -12.36 -3.19 15.63
C SER A 163 -12.57 -3.21 14.14
N SER A 164 -13.09 -2.11 13.65
CA SER A 164 -13.44 -1.95 12.28
C SER A 164 -13.64 -0.51 11.94
N ALA A 165 -13.92 -0.30 10.71
CA ALA A 165 -14.19 1.00 10.23
C ALA A 165 -15.29 0.92 9.21
N SER A 166 -16.17 1.88 9.22
CA SER A 166 -17.20 1.92 8.22
C SER A 166 -17.59 3.33 7.93
N GLY A 167 -18.63 3.47 7.20
CA GLY A 167 -19.18 4.76 6.95
C GLY A 167 -18.60 5.40 5.73
N ASN A 168 -17.43 5.94 5.91
CA ASN A 168 -16.68 6.54 4.84
C ASN A 168 -15.23 6.29 5.11
N VAL A 169 -14.58 5.76 4.13
CA VAL A 169 -13.21 5.31 4.27
C VAL A 169 -12.24 6.43 4.62
N ASN A 170 -12.36 7.58 3.96
CA ASN A 170 -11.42 8.68 4.22
C ASN A 170 -11.53 9.11 5.66
N ALA A 171 -12.71 8.94 6.20
CA ALA A 171 -12.99 9.28 7.57
C ALA A 171 -14.13 8.41 8.05
N PRO A 172 -13.76 7.24 8.55
CA PRO A 172 -14.67 6.16 8.89
C PRO A 172 -15.17 6.19 10.29
N THR A 173 -16.20 5.45 10.49
CA THR A 173 -16.65 5.12 11.80
C THR A 173 -15.83 3.97 12.29
N LEU A 174 -15.08 4.17 13.33
CA LEU A 174 -14.32 3.11 13.86
C LEU A 174 -15.17 2.31 14.76
N GLN A 175 -15.64 1.24 14.24
CA GLN A 175 -16.53 0.39 14.97
C GLN A 175 -15.71 -0.63 15.74
N MET A 176 -15.69 -0.44 17.04
CA MET A 176 -14.91 -1.29 17.92
C MET A 176 -15.83 -2.18 18.74
N GLN A 177 -15.27 -3.23 19.31
CA GLN A 177 -16.05 -4.30 19.89
C GLN A 177 -15.16 -5.21 20.70
N LEU A 178 -15.43 -5.33 21.96
CA LEU A 178 -14.56 -6.04 22.87
C LEU A 178 -15.14 -7.42 23.13
N MET A 179 -14.57 -8.41 22.48
CA MET A 179 -14.98 -9.78 22.70
C MET A 179 -14.11 -10.38 23.77
N LEU A 180 -14.73 -10.86 24.80
CA LEU A 180 -14.03 -11.70 25.73
C LEU A 180 -13.52 -12.91 24.95
N VAL A 181 -12.25 -13.24 25.02
CA VAL A 181 -11.76 -14.42 24.29
C VAL A 181 -12.04 -15.69 25.08
N GLN A 182 -11.98 -15.58 26.39
CA GLN A 182 -12.17 -16.70 27.29
C GLN A 182 -13.59 -17.26 27.19
N THR A 183 -14.50 -16.50 26.58
CA THR A 183 -15.86 -16.96 26.37
C THR A 183 -16.26 -16.75 24.92
N GLY A 184 -15.79 -15.66 24.37
CA GLY A 184 -16.08 -15.31 23.01
C GLY A 184 -17.33 -14.46 22.89
N GLU A 185 -17.66 -13.78 23.96
CA GLU A 185 -18.84 -12.92 23.97
C GLU A 185 -18.43 -11.45 23.86
N ILE A 186 -19.34 -10.63 23.36
CA ILE A 186 -19.07 -9.21 23.26
C ILE A 186 -19.47 -8.53 24.55
N ILE A 187 -18.49 -7.93 25.19
CA ILE A 187 -18.66 -7.35 26.50
C ILE A 187 -18.66 -5.83 26.43
N TRP A 188 -17.93 -5.31 25.45
CA TRP A 188 -17.95 -3.90 25.12
C TRP A 188 -18.03 -3.73 23.63
N SER A 189 -18.61 -2.65 23.20
CA SER A 189 -18.43 -2.22 21.82
C SER A 189 -18.61 -0.72 21.64
N GLY A 190 -18.10 -0.22 20.53
CA GLY A 190 -18.19 1.17 20.23
C GLY A 190 -18.08 1.41 18.76
N LYS A 191 -18.13 2.66 18.40
CA LYS A 191 -17.79 3.12 17.09
C LYS A 191 -17.42 4.56 17.24
N GLY A 192 -16.54 4.98 16.41
CA GLY A 192 -16.08 6.33 16.49
C GLY A 192 -15.46 6.80 15.21
N ALA A 193 -15.92 7.90 14.73
CA ALA A 193 -15.49 8.38 13.43
C ALA A 193 -14.07 8.91 13.47
N VAL A 194 -13.19 8.21 12.79
CA VAL A 194 -11.80 8.53 12.77
C VAL A 194 -11.51 9.50 11.67
N SER A 195 -10.41 10.15 11.84
CA SER A 195 -10.00 11.23 11.01
C SER A 195 -9.01 10.72 10.01
N GLN A 196 -8.65 11.55 9.09
CA GLN A 196 -7.55 11.24 8.23
C GLN A 196 -6.32 12.02 8.65
N GLN A 197 -5.23 11.31 8.83
CA GLN A 197 -3.98 11.95 9.21
C GLN A 197 -3.25 12.48 7.98
N GLY A 1 1.20 47.07 -71.72
CA GLY A 1 1.50 47.50 -70.34
C GLY A 1 0.49 48.49 -69.82
N SER A 2 -0.15 48.14 -68.70
CA SER A 2 -1.14 48.99 -68.02
C SER A 2 -2.09 49.67 -69.01
N HIS A 3 -1.86 50.95 -69.24
CA HIS A 3 -2.66 51.75 -70.16
C HIS A 3 -1.79 52.81 -70.79
N MET A 4 -1.95 53.04 -72.09
CA MET A 4 -1.20 54.08 -72.75
C MET A 4 -1.68 55.45 -72.27
N VAL A 5 -0.71 56.36 -72.14
CA VAL A 5 -0.89 57.74 -71.65
C VAL A 5 -1.67 57.80 -70.32
N GLY A 6 -1.81 56.66 -69.66
CA GLY A 6 -2.55 56.60 -68.41
C GLY A 6 -1.68 56.97 -67.23
N GLN A 7 -0.49 56.40 -67.19
CA GLN A 7 0.47 56.72 -66.12
C GLN A 7 1.08 58.08 -66.38
N ARG A 8 1.22 58.41 -67.67
CA ARG A 8 1.74 59.70 -68.14
C ARG A 8 2.79 60.29 -67.22
N GLU A 9 3.95 59.66 -67.19
CA GLU A 9 5.03 60.10 -66.33
C GLU A 9 5.62 61.41 -66.85
N PRO A 10 6.29 62.21 -66.00
CA PRO A 10 6.94 63.44 -66.43
C PRO A 10 7.80 63.22 -67.68
N ALA A 11 8.56 62.14 -67.65
CA ALA A 11 9.34 61.72 -68.80
C ALA A 11 9.06 60.24 -69.09
N PRO A 12 8.21 59.96 -70.10
CA PRO A 12 7.86 58.58 -70.47
C PRO A 12 9.09 57.76 -70.83
N VAL A 13 9.10 56.51 -70.41
CA VAL A 13 10.25 55.63 -70.59
C VAL A 13 10.51 55.34 -72.06
N GLU A 14 11.76 55.03 -72.36
CA GLU A 14 12.16 54.65 -73.70
C GLU A 14 12.44 53.16 -73.73
N GLU A 15 13.53 52.76 -74.38
CA GLU A 15 13.91 51.37 -74.48
C GLU A 15 14.55 50.90 -73.18
N VAL A 16 13.72 50.41 -72.28
CA VAL A 16 14.18 49.93 -71.00
C VAL A 16 15.00 48.64 -71.17
N LYS A 17 16.20 48.65 -70.60
CA LYS A 17 17.13 47.53 -70.74
C LYS A 17 16.54 46.24 -70.19
N PRO A 18 16.66 45.14 -70.93
CA PRO A 18 16.27 43.81 -70.47
C PRO A 18 17.07 43.40 -69.24
N ALA A 19 16.37 42.74 -68.31
CA ALA A 19 16.93 42.33 -67.04
C ALA A 19 18.12 41.36 -67.17
N PRO A 20 18.11 40.39 -68.12
CA PRO A 20 19.23 39.46 -68.30
C PRO A 20 20.49 40.10 -68.91
N GLU A 21 20.89 41.23 -68.36
CA GLU A 21 22.12 41.88 -68.78
C GLU A 21 23.30 41.24 -68.04
N GLN A 22 23.87 40.21 -68.66
CA GLN A 22 24.95 39.44 -68.03
C GLN A 22 25.82 38.78 -69.09
N PRO A 23 26.76 39.53 -69.67
CA PRO A 23 27.72 39.00 -70.65
C PRO A 23 28.58 37.88 -70.08
N ALA A 24 28.68 36.81 -70.83
CA ALA A 24 29.36 35.61 -70.37
C ALA A 24 30.73 35.50 -71.00
N GLU A 25 31.64 36.32 -70.51
CA GLU A 25 33.00 36.34 -70.99
C GLU A 25 34.02 36.36 -69.83
N PRO A 26 33.89 37.26 -68.83
CA PRO A 26 34.81 37.25 -67.70
C PRO A 26 34.45 36.17 -66.68
N GLN A 27 35.24 36.05 -65.64
CA GLN A 27 35.00 35.07 -64.60
C GLN A 27 34.62 35.79 -63.31
N GLN A 28 33.70 35.22 -62.55
CA GLN A 28 33.26 35.84 -61.28
C GLN A 28 34.40 35.85 -60.26
N PRO A 29 34.97 37.02 -59.98
CA PRO A 29 36.12 37.15 -59.09
C PRO A 29 35.70 37.20 -57.62
N VAL A 30 35.07 36.13 -57.16
CA VAL A 30 34.63 36.04 -55.78
C VAL A 30 35.26 34.83 -55.09
N PRO A 31 35.52 34.93 -53.79
CA PRO A 31 36.07 33.82 -52.99
C PRO A 31 35.00 32.76 -52.72
N THR A 32 35.43 31.52 -52.60
CA THR A 32 34.51 30.42 -52.30
C THR A 32 34.05 30.49 -50.86
N VAL A 33 32.82 30.09 -50.61
CA VAL A 33 32.24 30.18 -49.28
C VAL A 33 32.43 28.88 -48.50
N PRO A 34 33.12 28.95 -47.36
CA PRO A 34 33.27 27.81 -46.44
C PRO A 34 31.93 27.30 -45.96
N SER A 35 31.90 26.06 -45.54
CA SER A 35 30.67 25.40 -45.13
C SER A 35 30.96 24.27 -44.15
N VAL A 36 30.39 24.38 -42.97
CA VAL A 36 30.57 23.38 -41.92
C VAL A 36 29.30 22.54 -41.80
N PRO A 37 29.31 21.32 -42.36
CA PRO A 37 28.12 20.46 -42.37
C PRO A 37 27.68 20.06 -40.97
N THR A 38 26.41 19.72 -40.85
CA THR A 38 25.86 19.31 -39.57
C THR A 38 26.09 17.82 -39.34
N ILE A 39 26.72 17.52 -38.21
CA ILE A 39 26.98 16.15 -37.82
C ILE A 39 25.86 15.69 -36.89
N PRO A 40 25.34 14.46 -37.09
CA PRO A 40 24.31 13.89 -36.22
C PRO A 40 24.77 13.82 -34.77
N GLN A 41 24.49 14.87 -34.02
CA GLN A 41 24.91 14.96 -32.63
C GLN A 41 23.77 14.51 -31.71
N GLN A 42 22.55 14.92 -32.05
CA GLN A 42 21.38 14.59 -31.25
C GLN A 42 21.54 15.11 -29.82
N PRO A 43 21.29 16.43 -29.63
CA PRO A 43 21.39 17.07 -28.31
C PRO A 43 20.54 16.35 -27.27
N GLY A 44 21.18 15.93 -26.20
CA GLY A 44 20.53 15.10 -25.20
C GLY A 44 20.31 13.69 -25.70
N PRO A 45 20.40 12.70 -24.82
CA PRO A 45 20.27 11.30 -25.16
C PRO A 45 18.86 10.95 -25.63
N ILE A 46 18.75 10.30 -26.77
CA ILE A 46 17.48 9.81 -27.26
C ILE A 46 17.00 8.67 -26.38
N GLU A 47 17.91 7.75 -26.15
CA GLU A 47 17.67 6.63 -25.25
C GLU A 47 17.63 7.15 -23.82
N HIS A 48 16.49 7.75 -23.48
CA HIS A 48 16.31 8.38 -22.19
C HIS A 48 16.19 7.36 -21.06
N GLU A 49 16.09 7.87 -19.85
CA GLU A 49 16.07 7.06 -18.64
C GLU A 49 14.90 6.06 -18.62
N ASP A 50 14.83 5.29 -17.55
CA ASP A 50 13.72 4.38 -17.33
C ASP A 50 12.90 4.83 -16.14
N GLN A 51 12.02 5.81 -16.34
CA GLN A 51 11.21 6.34 -15.27
C GLN A 51 10.46 5.23 -14.54
N THR A 52 9.60 4.53 -15.29
CA THR A 52 8.83 3.39 -14.82
C THR A 52 7.89 3.73 -13.66
N ALA A 53 6.88 2.90 -13.49
CA ALA A 53 5.88 3.09 -12.46
C ALA A 53 5.65 1.79 -11.69
N PRO A 54 6.37 1.61 -10.56
CA PRO A 54 6.24 0.40 -9.74
C PRO A 54 4.89 0.33 -9.01
N PRO A 55 4.32 -0.87 -8.91
CA PRO A 55 3.04 -1.07 -8.23
C PRO A 55 3.20 -1.28 -6.72
N ALA A 56 2.10 -1.71 -6.10
CA ALA A 56 2.03 -1.96 -4.65
C ALA A 56 2.33 -0.70 -3.85
N PRO A 57 1.40 0.27 -3.87
CA PRO A 57 1.53 1.53 -3.14
C PRO A 57 1.34 1.35 -1.64
N HIS A 58 1.39 2.47 -0.96
CA HIS A 58 1.25 2.49 0.49
C HIS A 58 0.01 3.26 0.88
N ILE A 59 -0.63 2.82 1.95
CA ILE A 59 -1.90 3.39 2.38
C ILE A 59 -1.70 4.59 3.29
N ARG A 60 -2.79 5.27 3.52
CA ARG A 60 -2.88 6.43 4.35
C ARG A 60 -2.70 6.09 5.81
N HIS A 61 -3.24 6.99 6.59
CA HIS A 61 -3.26 6.90 8.04
C HIS A 61 -4.34 7.78 8.49
N TYR A 62 -4.94 7.40 9.57
CA TYR A 62 -6.06 8.11 10.09
C TYR A 62 -5.79 8.48 11.51
N ASP A 63 -6.50 9.47 12.00
CA ASP A 63 -6.42 9.77 13.40
C ASP A 63 -7.32 8.80 14.14
N TRP A 64 -6.89 7.58 14.06
CA TRP A 64 -7.48 6.44 14.74
C TRP A 64 -7.54 6.65 16.24
N ASN A 65 -6.44 7.14 16.75
CA ASN A 65 -6.29 7.47 18.16
C ASN A 65 -7.42 8.36 18.65
N GLY A 66 -7.95 9.18 17.75
CA GLY A 66 -9.03 10.09 18.09
C GLY A 66 -10.34 9.35 18.20
N ALA A 67 -10.34 8.15 17.68
CA ALA A 67 -11.50 7.30 17.62
C ALA A 67 -11.46 6.25 18.72
N MET A 68 -10.33 5.57 18.77
CA MET A 68 -10.08 4.51 19.73
C MET A 68 -10.06 5.04 21.16
N GLN A 69 -9.18 5.97 21.44
CA GLN A 69 -8.97 6.54 22.77
C GLN A 69 -10.25 6.76 23.58
N PRO A 70 -11.24 7.49 23.04
CA PRO A 70 -12.47 7.77 23.76
C PRO A 70 -13.24 6.49 24.02
N MET A 71 -13.05 5.53 23.12
CA MET A 71 -13.72 4.25 23.17
C MET A 71 -13.04 3.29 24.11
N VAL A 72 -11.73 3.25 23.96
CA VAL A 72 -10.85 2.46 24.82
C VAL A 72 -11.10 2.85 26.24
N SER A 73 -11.28 4.14 26.39
CA SER A 73 -11.64 4.70 27.67
C SER A 73 -12.98 4.10 28.17
N LYS A 74 -13.93 3.88 27.25
CA LYS A 74 -15.21 3.25 27.57
C LYS A 74 -15.07 1.75 27.76
N MET A 75 -14.21 1.16 26.96
CA MET A 75 -14.10 -0.27 26.86
C MET A 75 -13.65 -0.88 28.16
N LEU A 76 -12.89 -0.14 28.93
CA LEU A 76 -12.38 -0.62 30.18
C LEU A 76 -13.29 -0.24 31.32
N GLY A 77 -14.27 0.56 30.97
CA GLY A 77 -15.34 0.88 31.87
C GLY A 77 -16.58 0.12 31.46
N ALA A 78 -16.34 -0.91 30.66
CA ALA A 78 -17.40 -1.74 30.13
C ALA A 78 -17.72 -2.85 31.09
N ASP A 79 -18.87 -3.43 30.91
CA ASP A 79 -19.27 -4.57 31.69
C ASP A 79 -18.74 -5.81 31.06
N GLY A 80 -17.77 -6.39 31.69
CA GLY A 80 -17.21 -7.58 31.18
C GLY A 80 -15.71 -7.51 31.13
N VAL A 81 -15.23 -6.28 31.11
CA VAL A 81 -13.80 -6.03 30.98
C VAL A 81 -13.19 -5.69 32.33
N THR A 82 -11.93 -5.99 32.45
CA THR A 82 -11.18 -5.67 33.63
C THR A 82 -9.82 -5.09 33.27
N ALA A 83 -9.42 -4.10 34.03
CA ALA A 83 -8.07 -3.59 34.01
C ALA A 83 -7.07 -4.70 34.35
N GLY A 84 -5.95 -4.73 33.66
CA GLY A 84 -4.92 -5.70 33.95
C GLY A 84 -4.97 -6.90 33.03
N SER A 85 -5.78 -6.81 31.99
CA SER A 85 -5.87 -7.89 31.04
C SER A 85 -4.97 -7.63 29.86
N VAL A 86 -4.48 -8.69 29.26
CA VAL A 86 -3.89 -8.57 27.96
C VAL A 86 -4.99 -8.52 26.92
N LEU A 87 -5.07 -7.41 26.26
CA LEU A 87 -6.15 -7.13 25.34
C LEU A 87 -5.65 -7.30 23.93
N LEU A 88 -6.09 -8.39 23.31
CA LEU A 88 -5.78 -8.69 21.93
C LEU A 88 -6.55 -7.73 21.07
N VAL A 89 -5.91 -6.65 20.65
CA VAL A 89 -6.57 -5.71 19.81
C VAL A 89 -6.74 -6.35 18.45
N ASP A 90 -7.95 -6.53 18.04
CA ASP A 90 -8.20 -7.16 16.77
C ASP A 90 -7.93 -6.16 15.71
N SER A 91 -7.43 -6.65 14.59
CA SER A 91 -7.23 -5.80 13.46
C SER A 91 -8.51 -5.07 13.22
N VAL A 92 -8.38 -3.82 13.04
CA VAL A 92 -9.47 -3.03 12.63
C VAL A 92 -9.92 -3.55 11.30
N ASN A 93 -11.19 -3.62 11.14
CA ASN A 93 -11.75 -3.98 9.88
C ASN A 93 -11.83 -2.76 9.00
N ASN A 94 -11.97 -3.02 7.74
CA ASN A 94 -12.16 -2.00 6.76
C ASN A 94 -13.43 -2.31 6.00
N ARG A 95 -14.53 -1.85 6.57
CA ARG A 95 -15.87 -2.17 6.10
C ARG A 95 -16.45 -0.94 5.46
N THR A 96 -15.67 0.11 5.54
CA THR A 96 -16.04 1.44 5.05
C THR A 96 -16.57 1.45 3.63
N ASN A 97 -16.80 2.66 3.18
CA ASN A 97 -17.19 2.89 1.80
C ASN A 97 -15.97 2.77 0.86
N GLY A 98 -14.80 2.57 1.46
CA GLY A 98 -13.57 2.41 0.69
C GLY A 98 -12.59 1.45 1.34
N SER A 99 -11.31 1.64 1.08
CA SER A 99 -10.27 0.76 1.60
C SER A 99 -9.26 1.53 2.44
N LEU A 100 -8.98 1.03 3.63
CA LEU A 100 -8.08 1.67 4.56
C LEU A 100 -7.11 0.68 5.14
N ASN A 101 -6.02 1.20 5.60
CA ASN A 101 -5.01 0.43 6.30
C ASN A 101 -5.46 0.27 7.72
N ALA A 102 -6.34 -0.65 7.90
CA ALA A 102 -6.86 -0.94 9.20
C ALA A 102 -5.79 -1.52 10.08
N ALA A 103 -4.70 -1.94 9.47
CA ALA A 103 -3.63 -2.55 10.22
C ALA A 103 -2.80 -1.46 10.86
N GLU A 104 -2.79 -0.32 10.20
CA GLU A 104 -2.22 0.89 10.72
C GLU A 104 -3.07 1.38 11.87
N ALA A 105 -4.34 1.11 11.74
CA ALA A 105 -5.32 1.45 12.72
C ALA A 105 -5.18 0.54 13.90
N THR A 106 -4.99 -0.72 13.58
CA THR A 106 -4.84 -1.74 14.56
C THR A 106 -3.58 -1.51 15.38
N GLU A 107 -2.56 -0.90 14.77
CA GLU A 107 -1.41 -0.51 15.55
C GLU A 107 -1.82 0.62 16.48
N THR A 108 -2.59 1.57 15.92
CA THR A 108 -3.11 2.70 16.67
C THR A 108 -4.03 2.23 17.78
N LEU A 109 -4.69 1.10 17.54
CA LEU A 109 -5.43 0.43 18.57
C LEU A 109 -4.56 0.23 19.76
N ARG A 110 -3.61 -0.65 19.61
CA ARG A 110 -2.60 -0.91 20.61
C ARG A 110 -2.13 0.38 21.28
N ASN A 111 -2.01 1.40 20.46
CA ASN A 111 -1.51 2.71 20.88
C ASN A 111 -2.49 3.43 21.78
N ALA A 112 -3.74 3.43 21.37
CA ALA A 112 -4.79 4.08 22.14
C ALA A 112 -5.07 3.24 23.37
N LEU A 113 -4.91 1.95 23.18
CA LEU A 113 -5.01 0.96 24.22
C LEU A 113 -3.87 1.17 25.24
N ALA A 114 -2.73 1.61 24.71
CA ALA A 114 -1.50 1.78 25.50
C ALA A 114 -1.62 2.94 26.45
N ASN A 115 -2.29 3.97 25.98
CA ASN A 115 -2.44 5.21 26.73
C ASN A 115 -3.09 4.96 28.07
N ASN A 116 -3.96 3.95 28.08
CA ASN A 116 -4.70 3.60 29.29
C ASN A 116 -3.81 2.84 30.26
N GLY A 117 -2.93 2.01 29.74
CA GLY A 117 -1.97 1.30 30.56
C GLY A 117 -2.59 0.21 31.42
N LYS A 118 -3.90 0.09 31.39
CA LYS A 118 -4.58 -0.95 32.16
C LYS A 118 -4.61 -2.26 31.40
N PHE A 119 -4.63 -2.19 30.09
CA PHE A 119 -4.52 -3.39 29.30
C PHE A 119 -3.08 -3.70 29.00
N THR A 120 -2.89 -4.89 28.49
CA THR A 120 -1.64 -5.29 27.98
C THR A 120 -1.79 -5.56 26.52
N LEU A 121 -1.03 -4.85 25.74
CA LEU A 121 -1.23 -4.91 24.34
C LEU A 121 -0.39 -5.99 23.73
N VAL A 122 -0.95 -6.70 22.80
CA VAL A 122 -0.21 -7.66 22.04
C VAL A 122 0.30 -6.96 20.78
N SER A 123 1.51 -7.28 20.34
CA SER A 123 2.03 -6.67 19.14
C SER A 123 1.76 -7.56 17.97
N ALA A 124 2.05 -6.97 16.83
CA ALA A 124 1.82 -7.51 15.51
C ALA A 124 2.70 -8.70 15.32
N GLN A 125 3.69 -8.76 16.19
CA GLN A 125 4.62 -9.85 16.27
C GLN A 125 3.88 -11.14 16.56
N GLN A 126 2.84 -11.05 17.37
CA GLN A 126 1.97 -12.17 17.62
C GLN A 126 0.71 -12.06 16.77
N LEU A 127 0.10 -10.89 16.87
CA LEU A 127 -1.24 -10.60 16.38
C LEU A 127 -1.38 -10.72 14.87
N SER A 128 -0.72 -9.84 14.16
CA SER A 128 -0.84 -9.77 12.71
C SER A 128 -0.45 -11.13 12.12
N MET A 129 0.54 -11.69 12.81
CA MET A 129 1.03 -13.04 12.59
C MET A 129 -0.06 -14.09 12.78
N ALA A 130 -0.61 -14.13 13.99
CA ALA A 130 -1.68 -15.03 14.37
C ALA A 130 -2.74 -15.14 13.31
N LYS A 131 -3.13 -14.01 12.75
CA LYS A 131 -4.11 -14.01 11.69
C LYS A 131 -3.65 -14.96 10.61
N GLN A 132 -2.45 -14.74 10.13
CA GLN A 132 -1.84 -15.57 9.09
C GLN A 132 -1.67 -17.00 9.56
N GLN A 133 -1.23 -17.11 10.83
CA GLN A 133 -0.99 -18.40 11.47
C GLN A 133 -2.24 -19.21 11.44
N LEU A 134 -3.32 -18.52 11.57
CA LEU A 134 -4.61 -19.13 11.63
C LEU A 134 -5.20 -19.23 10.24
N GLY A 135 -4.83 -18.28 9.40
CA GLY A 135 -5.37 -18.27 8.05
C GLY A 135 -5.41 -16.92 7.44
N LEU A 136 -5.91 -16.02 8.24
CA LEU A 136 -6.27 -14.69 7.87
C LEU A 136 -5.11 -13.81 7.48
N SER A 137 -5.50 -12.57 7.37
CA SER A 137 -4.65 -11.46 7.12
C SER A 137 -4.68 -10.58 8.34
N PRO A 138 -3.59 -9.89 8.63
CA PRO A 138 -3.49 -9.02 9.81
C PRO A 138 -4.45 -7.82 9.72
N GLN A 139 -5.20 -7.76 8.63
CA GLN A 139 -6.12 -6.67 8.36
C GLN A 139 -7.53 -7.18 8.28
N ASP A 140 -7.61 -8.46 7.91
CA ASP A 140 -8.87 -9.16 7.66
C ASP A 140 -9.71 -9.09 8.88
N SER A 141 -9.00 -8.91 10.00
CA SER A 141 -9.58 -8.97 11.29
C SER A 141 -9.82 -10.40 11.64
N LEU A 142 -10.19 -10.66 12.85
CA LEU A 142 -10.39 -12.02 13.28
C LEU A 142 -11.55 -12.58 12.48
N GLY A 143 -12.52 -11.70 12.30
CA GLY A 143 -13.68 -12.01 11.49
C GLY A 143 -14.62 -13.04 12.10
N THR A 144 -14.16 -13.70 13.14
CA THR A 144 -14.95 -14.75 13.77
C THR A 144 -14.50 -14.90 15.20
N ARG A 145 -15.42 -14.85 16.14
CA ARG A 145 -15.08 -14.98 17.56
C ARG A 145 -14.06 -16.06 17.79
N SER A 146 -14.27 -17.23 17.20
CA SER A 146 -13.40 -18.37 17.44
C SER A 146 -12.04 -18.18 16.77
N LYS A 147 -12.03 -17.38 15.71
CA LYS A 147 -10.81 -17.02 14.99
C LYS A 147 -10.05 -16.02 15.83
N ALA A 148 -10.84 -15.24 16.54
CA ALA A 148 -10.39 -14.24 17.46
C ALA A 148 -9.82 -14.88 18.67
N ILE A 149 -10.56 -15.83 19.12
CA ILE A 149 -10.22 -16.62 20.26
C ILE A 149 -9.02 -17.46 19.95
N GLY A 150 -9.02 -18.02 18.77
CA GLY A 150 -7.87 -18.71 18.26
C GLY A 150 -6.65 -17.83 18.33
N ILE A 151 -6.75 -16.66 17.73
CA ILE A 151 -5.65 -15.71 17.68
C ILE A 151 -5.29 -15.17 19.04
N ALA A 152 -6.27 -14.74 19.79
CA ALA A 152 -6.03 -14.19 21.11
C ALA A 152 -5.26 -15.16 21.98
N ARG A 153 -5.62 -16.43 21.91
CA ARG A 153 -4.95 -17.44 22.70
C ARG A 153 -3.63 -17.85 22.05
N ASN A 154 -3.56 -17.63 20.75
CA ASN A 154 -2.37 -17.88 19.95
C ASN A 154 -1.44 -16.71 20.15
N VAL A 155 -2.04 -15.68 20.74
CA VAL A 155 -1.38 -14.43 20.94
C VAL A 155 -0.99 -14.25 22.41
N GLY A 156 -1.77 -14.86 23.29
CA GLY A 156 -1.50 -14.75 24.72
C GLY A 156 -2.37 -13.72 25.39
N ALA A 157 -3.58 -13.60 24.91
CA ALA A 157 -4.45 -12.51 25.30
C ALA A 157 -5.58 -12.97 26.24
N HIS A 158 -6.16 -11.99 26.94
CA HIS A 158 -7.27 -12.20 27.85
C HIS A 158 -8.56 -11.82 27.18
N TYR A 159 -8.44 -10.88 26.25
CA TYR A 159 -9.60 -10.31 25.57
C TYR A 159 -9.33 -10.17 24.09
N VAL A 160 -10.32 -9.63 23.40
CA VAL A 160 -10.17 -9.16 22.03
C VAL A 160 -10.79 -7.79 21.91
N LEU A 161 -10.17 -6.91 21.18
CA LEU A 161 -10.84 -5.71 20.79
C LEU A 161 -11.12 -5.73 19.31
N TYR A 162 -12.33 -6.09 18.98
CA TYR A 162 -12.79 -6.19 17.62
C TYR A 162 -13.10 -4.80 17.12
N SER A 163 -12.33 -4.36 16.20
CA SER A 163 -12.50 -3.04 15.68
C SER A 163 -12.71 -3.07 14.19
N SER A 164 -13.19 -1.98 13.69
CA SER A 164 -13.51 -1.84 12.31
C SER A 164 -13.68 -0.42 11.92
N ALA A 165 -13.89 -0.25 10.67
CA ALA A 165 -14.11 1.05 10.13
C ALA A 165 -15.18 0.95 9.10
N SER A 166 -16.13 1.84 9.17
CA SER A 166 -17.19 1.84 8.21
C SER A 166 -17.57 3.26 7.85
N GLY A 167 -18.56 3.43 7.04
CA GLY A 167 -19.06 4.75 6.78
C GLY A 167 -18.45 5.34 5.55
N ASN A 168 -17.26 5.87 5.75
CA ASN A 168 -16.48 6.44 4.69
C ASN A 168 -15.04 6.20 5.01
N VAL A 169 -14.37 5.61 4.06
CA VAL A 169 -13.01 5.17 4.25
C VAL A 169 -12.07 6.29 4.63
N ASN A 170 -12.17 7.44 3.98
CA ASN A 170 -11.25 8.54 4.23
C ASN A 170 -11.37 8.99 5.67
N ALA A 171 -12.57 8.83 6.18
CA ALA A 171 -12.86 9.17 7.55
C ALA A 171 -14.03 8.32 8.01
N PRO A 172 -13.68 7.15 8.51
CA PRO A 172 -14.63 6.09 8.84
C PRO A 172 -15.15 6.15 10.24
N THR A 173 -16.19 5.39 10.43
CA THR A 173 -16.65 5.10 11.73
C THR A 173 -15.85 3.95 12.25
N LEU A 174 -15.13 4.17 13.31
CA LEU A 174 -14.39 3.12 13.88
C LEU A 174 -15.28 2.33 14.76
N GLN A 175 -15.75 1.26 14.25
CA GLN A 175 -16.68 0.45 14.96
C GLN A 175 -15.92 -0.61 15.75
N MET A 176 -15.93 -0.44 17.04
CA MET A 176 -15.14 -1.27 17.94
C MET A 176 -16.02 -2.16 18.80
N GLN A 177 -15.42 -3.17 19.39
CA GLN A 177 -16.18 -4.26 19.99
C GLN A 177 -15.26 -5.18 20.78
N LEU A 178 -15.46 -5.27 22.05
CA LEU A 178 -14.54 -5.98 22.92
C LEU A 178 -15.10 -7.36 23.19
N MET A 179 -14.55 -8.34 22.51
CA MET A 179 -14.94 -9.71 22.72
C MET A 179 -14.05 -10.33 23.77
N LEU A 180 -14.63 -10.81 24.82
CA LEU A 180 -13.91 -11.67 25.71
C LEU A 180 -13.43 -12.87 24.89
N VAL A 181 -12.15 -13.21 24.94
CA VAL A 181 -11.69 -14.37 24.18
C VAL A 181 -11.94 -15.66 24.97
N GLN A 182 -11.80 -15.56 26.27
CA GLN A 182 -11.96 -16.70 27.17
C GLN A 182 -13.37 -17.28 27.08
N THR A 183 -14.30 -16.51 26.52
CA THR A 183 -15.68 -16.95 26.36
C THR A 183 -16.14 -16.74 24.93
N GLY A 184 -15.68 -15.63 24.38
CA GLY A 184 -16.03 -15.26 23.03
C GLY A 184 -17.27 -14.42 22.97
N GLU A 185 -17.56 -13.73 24.06
CA GLU A 185 -18.74 -12.88 24.12
C GLU A 185 -18.36 -11.42 23.98
N ILE A 186 -19.30 -10.60 23.55
CA ILE A 186 -19.03 -9.18 23.41
C ILE A 186 -19.39 -8.46 24.69
N ILE A 187 -18.38 -7.95 25.33
CA ILE A 187 -18.53 -7.36 26.65
C ILE A 187 -18.57 -5.84 26.55
N TRP A 188 -17.85 -5.32 25.56
CA TRP A 188 -17.91 -3.90 25.24
C TRP A 188 -18.04 -3.73 23.75
N SER A 189 -18.63 -2.62 23.34
CA SER A 189 -18.51 -2.20 21.95
C SER A 189 -18.66 -0.70 21.76
N GLY A 190 -18.24 -0.21 20.59
CA GLY A 190 -18.30 1.20 20.31
C GLY A 190 -18.23 1.44 18.82
N LYS A 191 -18.22 2.69 18.48
CA LYS A 191 -17.87 3.16 17.17
C LYS A 191 -17.45 4.58 17.34
N GLY A 192 -16.62 5.01 16.46
CA GLY A 192 -16.19 6.37 16.51
C GLY A 192 -15.56 6.81 15.24
N ALA A 193 -16.03 7.89 14.71
CA ALA A 193 -15.57 8.35 13.42
C ALA A 193 -14.15 8.88 13.50
N VAL A 194 -13.27 8.23 12.76
CA VAL A 194 -11.88 8.55 12.75
C VAL A 194 -11.55 9.50 11.64
N SER A 195 -10.46 10.15 11.84
CA SER A 195 -10.00 11.21 11.00
C SER A 195 -8.99 10.66 10.05
N GLN A 196 -8.57 11.44 9.12
CA GLN A 196 -7.45 11.06 8.29
C GLN A 196 -6.21 11.78 8.74
N GLN A 197 -5.13 11.04 8.91
CA GLN A 197 -3.86 11.62 9.30
C GLN A 197 -3.11 12.14 8.08
N GLY A 1 20.67 -70.96 -1.69
CA GLY A 1 20.33 -70.71 -3.11
C GLY A 1 21.32 -69.77 -3.77
N SER A 2 20.79 -68.76 -4.45
CA SER A 2 21.61 -67.76 -5.12
C SER A 2 22.48 -68.39 -6.21
N HIS A 3 21.84 -68.85 -7.27
CA HIS A 3 22.55 -69.42 -8.41
C HIS A 3 22.12 -68.71 -9.69
N MET A 4 22.77 -67.58 -9.96
CA MET A 4 22.42 -66.77 -11.12
C MET A 4 22.87 -67.45 -12.40
N VAL A 5 21.97 -67.44 -13.40
CA VAL A 5 22.19 -67.96 -14.75
C VAL A 5 22.65 -69.43 -14.77
N GLY A 6 22.68 -70.06 -13.62
CA GLY A 6 23.14 -71.43 -13.54
C GLY A 6 24.59 -71.55 -13.13
N GLN A 7 25.25 -70.40 -13.08
CA GLN A 7 26.68 -70.32 -12.75
C GLN A 7 27.52 -71.20 -13.68
N ARG A 8 28.12 -70.55 -14.69
CA ARG A 8 28.88 -71.22 -15.75
C ARG A 8 27.95 -71.93 -16.72
N GLU A 9 28.37 -72.04 -17.96
CA GLU A 9 27.59 -72.73 -18.97
C GLU A 9 27.66 -74.24 -18.74
N PRO A 10 26.55 -74.96 -18.85
CA PRO A 10 26.54 -76.42 -18.72
C PRO A 10 27.29 -77.11 -19.86
N ALA A 11 27.77 -76.31 -20.80
CA ALA A 11 28.59 -76.80 -21.88
C ALA A 11 30.06 -76.48 -21.62
N PRO A 12 30.83 -77.45 -21.08
CA PRO A 12 32.24 -77.24 -20.79
C PRO A 12 33.09 -77.26 -22.06
N VAL A 13 33.99 -76.29 -22.17
CA VAL A 13 34.81 -76.14 -23.35
C VAL A 13 36.16 -75.57 -22.99
N GLU A 14 37.05 -75.55 -23.96
CA GLU A 14 38.35 -74.91 -23.81
C GLU A 14 38.14 -73.40 -23.61
N GLU A 15 37.76 -72.73 -24.69
CA GLU A 15 37.57 -71.30 -24.67
C GLU A 15 36.94 -70.83 -25.97
N VAL A 16 35.66 -70.54 -25.93
CA VAL A 16 34.96 -70.04 -27.09
C VAL A 16 35.04 -68.52 -27.14
N LYS A 17 35.93 -68.01 -27.97
CA LYS A 17 36.12 -66.58 -28.09
C LYS A 17 34.90 -65.88 -28.70
N PRO A 18 34.31 -66.40 -29.80
CA PRO A 18 33.07 -65.85 -30.35
C PRO A 18 31.89 -66.09 -29.40
N ALA A 19 30.84 -65.31 -29.58
CA ALA A 19 29.66 -65.42 -28.74
C ALA A 19 28.64 -66.35 -29.40
N PRO A 20 27.71 -66.94 -28.61
CA PRO A 20 26.61 -67.74 -29.16
C PRO A 20 25.86 -66.98 -30.26
N GLU A 21 25.45 -67.72 -31.28
CA GLU A 21 24.86 -67.13 -32.48
C GLU A 21 23.67 -66.22 -32.15
N GLN A 22 23.66 -65.05 -32.77
CA GLN A 22 22.64 -64.06 -32.52
C GLN A 22 22.04 -63.56 -33.84
N PRO A 23 21.13 -64.35 -34.44
CA PRO A 23 20.49 -64.01 -35.71
C PRO A 23 19.67 -62.73 -35.63
N ALA A 24 19.47 -62.08 -36.77
CA ALA A 24 18.72 -60.84 -36.83
C ALA A 24 17.23 -61.08 -36.59
N GLU A 25 16.87 -61.10 -35.31
CA GLU A 25 15.49 -61.36 -34.91
C GLU A 25 14.66 -60.07 -34.81
N PRO A 26 15.19 -58.98 -34.21
CA PRO A 26 14.49 -57.68 -34.19
C PRO A 26 14.41 -57.06 -35.58
N GLN A 27 15.16 -57.64 -36.50
CA GLN A 27 15.20 -57.20 -37.89
C GLN A 27 13.90 -57.58 -38.60
N GLN A 28 12.88 -56.77 -38.39
CA GLN A 28 11.58 -57.00 -39.00
C GLN A 28 11.09 -55.72 -39.68
N PRO A 29 11.81 -55.30 -40.74
CA PRO A 29 11.62 -54.01 -41.38
C PRO A 29 10.68 -54.07 -42.57
N VAL A 30 9.65 -54.88 -42.44
CA VAL A 30 8.65 -55.02 -43.48
C VAL A 30 7.89 -53.70 -43.63
N PRO A 31 7.82 -53.16 -44.85
CA PRO A 31 7.15 -51.88 -45.13
C PRO A 31 5.67 -51.91 -44.76
N THR A 32 5.38 -51.49 -43.54
CA THR A 32 4.02 -51.44 -43.05
C THR A 32 3.26 -50.29 -43.68
N VAL A 33 1.98 -50.51 -43.92
CA VAL A 33 1.13 -49.50 -44.51
C VAL A 33 0.85 -48.38 -43.50
N PRO A 34 1.23 -47.15 -43.83
CA PRO A 34 1.01 -45.98 -42.96
C PRO A 34 -0.44 -45.82 -42.59
N SER A 35 -0.66 -45.29 -41.41
CA SER A 35 -1.99 -45.22 -40.82
C SER A 35 -2.25 -43.83 -40.27
N VAL A 36 -3.44 -43.33 -40.53
CA VAL A 36 -3.85 -42.02 -40.04
C VAL A 36 -3.79 -41.97 -38.50
N PRO A 37 -2.99 -41.04 -37.95
CA PRO A 37 -2.89 -40.84 -36.50
C PRO A 37 -4.21 -40.43 -35.86
N THR A 38 -4.36 -40.69 -34.58
CA THR A 38 -5.58 -40.36 -33.87
C THR A 38 -5.59 -38.88 -33.53
N ILE A 39 -6.77 -38.29 -33.59
CA ILE A 39 -6.93 -36.86 -33.35
C ILE A 39 -7.15 -36.59 -31.87
N PRO A 40 -6.20 -35.89 -31.22
CA PRO A 40 -6.30 -35.57 -29.80
C PRO A 40 -7.28 -34.43 -29.54
N GLN A 41 -7.36 -34.00 -28.28
CA GLN A 41 -8.24 -32.90 -27.90
C GLN A 41 -7.42 -31.64 -27.61
N GLN A 42 -7.01 -30.99 -28.71
CA GLN A 42 -6.24 -29.76 -28.65
C GLN A 42 -6.98 -28.62 -27.94
N PRO A 43 -8.30 -28.46 -28.16
CA PRO A 43 -9.09 -27.49 -27.38
C PRO A 43 -9.05 -27.81 -25.89
N GLY A 44 -8.61 -26.85 -25.10
CA GLY A 44 -8.48 -27.06 -23.68
C GLY A 44 -9.21 -26.01 -22.88
N PRO A 45 -9.43 -26.26 -21.58
CA PRO A 45 -10.07 -25.29 -20.70
C PRO A 45 -9.27 -24.00 -20.55
N ILE A 46 -9.91 -22.92 -20.14
CA ILE A 46 -9.25 -21.63 -20.06
C ILE A 46 -8.06 -21.70 -19.11
N GLU A 47 -8.35 -22.09 -17.88
CA GLU A 47 -7.34 -22.24 -16.83
C GLU A 47 -6.63 -20.93 -16.54
N HIS A 48 -7.28 -20.09 -15.74
CA HIS A 48 -6.72 -18.81 -15.32
C HIS A 48 -7.60 -18.22 -14.23
N GLU A 49 -7.02 -17.31 -13.48
CA GLU A 49 -7.70 -16.70 -12.37
C GLU A 49 -7.58 -15.18 -12.43
N ASP A 50 -6.49 -14.66 -11.84
CA ASP A 50 -6.23 -13.22 -11.79
C ASP A 50 -7.47 -12.43 -11.40
N GLN A 51 -7.86 -12.59 -10.16
CA GLN A 51 -9.02 -11.90 -9.61
C GLN A 51 -8.71 -10.44 -9.36
N THR A 52 -7.66 -10.19 -8.59
CA THR A 52 -7.18 -8.84 -8.32
C THR A 52 -5.68 -8.75 -8.55
N ALA A 53 -5.25 -7.66 -9.15
CA ALA A 53 -3.86 -7.49 -9.49
C ALA A 53 -3.41 -6.05 -9.27
N PRO A 54 -3.14 -5.66 -8.01
CA PRO A 54 -2.66 -4.34 -7.68
C PRO A 54 -1.14 -4.22 -7.83
N PRO A 55 -0.61 -3.01 -8.05
CA PRO A 55 0.84 -2.77 -8.08
C PRO A 55 1.43 -2.60 -6.68
N ALA A 56 0.64 -3.01 -5.67
CA ALA A 56 1.01 -2.86 -4.27
C ALA A 56 1.25 -1.39 -3.89
N PRO A 57 0.18 -0.57 -3.93
CA PRO A 57 0.25 0.84 -3.53
C PRO A 57 0.39 0.99 -2.04
N HIS A 58 0.37 2.24 -1.62
CA HIS A 58 0.50 2.56 -0.21
C HIS A 58 -0.75 3.24 0.29
N ILE A 59 -1.12 2.93 1.52
CA ILE A 59 -2.33 3.47 2.10
C ILE A 59 -2.05 4.70 2.93
N ARG A 60 -3.14 5.35 3.30
CA ARG A 60 -3.14 6.50 4.15
C ARG A 60 -2.91 6.13 5.61
N HIS A 61 -3.38 7.03 6.43
CA HIS A 61 -3.34 6.92 7.87
C HIS A 61 -4.41 7.80 8.38
N TYR A 62 -4.99 7.42 9.47
CA TYR A 62 -6.09 8.14 10.00
C TYR A 62 -5.81 8.52 11.42
N ASP A 63 -6.54 9.50 11.92
CA ASP A 63 -6.46 9.80 13.32
C ASP A 63 -7.37 8.83 14.06
N TRP A 64 -6.92 7.62 14.01
CA TRP A 64 -7.50 6.49 14.70
C TRP A 64 -7.55 6.70 16.21
N ASN A 65 -6.46 7.22 16.71
CA ASN A 65 -6.32 7.59 18.11
C ASN A 65 -7.46 8.48 18.58
N GLY A 66 -8.00 9.23 17.65
CA GLY A 66 -9.09 10.13 17.95
C GLY A 66 -10.39 9.38 18.11
N ALA A 67 -10.36 8.16 17.62
CA ALA A 67 -11.52 7.30 17.60
C ALA A 67 -11.46 6.28 18.72
N MET A 68 -10.32 5.59 18.76
CA MET A 68 -10.07 4.51 19.70
C MET A 68 -10.04 4.99 21.13
N GLN A 69 -9.13 5.90 21.43
CA GLN A 69 -8.88 6.43 22.77
C GLN A 69 -10.15 6.66 23.61
N PRO A 70 -11.13 7.44 23.09
CA PRO A 70 -12.34 7.75 23.85
C PRO A 70 -13.14 6.48 24.10
N MET A 71 -13.00 5.54 23.18
CA MET A 71 -13.73 4.29 23.25
C MET A 71 -13.03 3.28 24.13
N VAL A 72 -11.70 3.25 23.98
CA VAL A 72 -10.83 2.46 24.84
C VAL A 72 -11.06 2.86 26.26
N SER A 73 -11.23 4.14 26.42
CA SER A 73 -11.58 4.72 27.71
C SER A 73 -12.93 4.18 28.22
N LYS A 74 -13.83 3.88 27.29
CA LYS A 74 -15.16 3.32 27.62
C LYS A 74 -15.09 1.82 27.78
N MET A 75 -14.21 1.21 26.99
CA MET A 75 -14.11 -0.22 26.90
C MET A 75 -13.66 -0.82 28.20
N LEU A 76 -12.92 -0.07 28.97
CA LEU A 76 -12.41 -0.55 30.22
C LEU A 76 -13.35 -0.19 31.36
N GLY A 77 -14.39 0.52 31.00
CA GLY A 77 -15.48 0.78 31.90
C GLY A 77 -16.68 -0.02 31.47
N ALA A 78 -16.41 -1.00 30.61
CA ALA A 78 -17.44 -1.85 30.06
C ALA A 78 -17.73 -2.99 30.98
N ASP A 79 -18.84 -3.64 30.74
CA ASP A 79 -19.21 -4.79 31.53
C ASP A 79 -18.68 -6.05 30.91
N GLY A 80 -17.65 -6.57 31.50
CA GLY A 80 -17.04 -7.76 31.00
C GLY A 80 -15.55 -7.62 30.99
N VAL A 81 -15.10 -6.38 30.98
CA VAL A 81 -13.68 -6.09 30.90
C VAL A 81 -13.12 -5.75 32.28
N THR A 82 -11.85 -6.00 32.41
CA THR A 82 -11.15 -5.73 33.64
C THR A 82 -9.82 -5.06 33.36
N ALA A 83 -9.53 -4.04 34.14
CA ALA A 83 -8.20 -3.46 34.21
C ALA A 83 -7.16 -4.54 34.54
N GLY A 84 -6.09 -4.59 33.79
CA GLY A 84 -5.03 -5.54 34.07
C GLY A 84 -5.07 -6.76 33.18
N SER A 85 -5.90 -6.73 32.15
CA SER A 85 -5.98 -7.85 31.24
C SER A 85 -5.05 -7.64 30.06
N VAL A 86 -4.61 -8.73 29.47
CA VAL A 86 -3.98 -8.65 28.18
C VAL A 86 -5.06 -8.61 27.10
N LEU A 87 -5.10 -7.50 26.42
CA LEU A 87 -6.15 -7.21 25.48
C LEU A 87 -5.62 -7.45 24.08
N LEU A 88 -6.12 -8.52 23.47
CA LEU A 88 -5.80 -8.85 22.10
C LEU A 88 -6.50 -7.87 21.21
N VAL A 89 -5.81 -6.82 20.82
CA VAL A 89 -6.38 -5.88 19.92
C VAL A 89 -6.42 -6.52 18.54
N ASP A 90 -7.64 -6.67 18.05
CA ASP A 90 -7.87 -7.24 16.76
C ASP A 90 -7.55 -6.20 15.73
N SER A 91 -7.27 -6.67 14.55
CA SER A 91 -7.13 -5.78 13.45
C SER A 91 -8.41 -5.04 13.30
N VAL A 92 -8.29 -3.79 13.05
CA VAL A 92 -9.38 -3.01 12.64
C VAL A 92 -9.81 -3.53 11.29
N ASN A 93 -11.09 -3.57 11.12
CA ASN A 93 -11.65 -3.94 9.86
C ASN A 93 -11.76 -2.72 8.99
N ASN A 94 -11.93 -2.99 7.74
CA ASN A 94 -12.14 -1.98 6.75
C ASN A 94 -13.42 -2.30 6.01
N ARG A 95 -14.52 -1.87 6.61
CA ARG A 95 -15.87 -2.21 6.16
C ARG A 95 -16.50 -0.97 5.57
N THR A 96 -15.70 0.08 5.61
CA THR A 96 -16.09 1.40 5.14
C THR A 96 -16.62 1.46 3.73
N ASN A 97 -16.79 2.69 3.30
CA ASN A 97 -17.17 3.00 1.93
C ASN A 97 -16.00 2.71 0.97
N GLY A 98 -14.83 2.44 1.54
CA GLY A 98 -13.66 2.22 0.72
C GLY A 98 -12.65 1.31 1.38
N SER A 99 -11.37 1.56 1.12
CA SER A 99 -10.29 0.74 1.64
C SER A 99 -9.31 1.55 2.48
N LEU A 100 -9.00 1.04 3.66
CA LEU A 100 -8.13 1.73 4.58
C LEU A 100 -7.14 0.77 5.18
N ASN A 101 -6.05 1.33 5.62
CA ASN A 101 -5.02 0.58 6.31
C ASN A 101 -5.46 0.41 7.73
N ALA A 102 -6.32 -0.55 7.90
CA ALA A 102 -6.84 -0.86 9.19
C ALA A 102 -5.76 -1.45 10.05
N ALA A 103 -4.66 -1.84 9.42
CA ALA A 103 -3.58 -2.44 10.15
C ALA A 103 -2.76 -1.35 10.81
N GLU A 104 -2.73 -0.21 10.14
CA GLU A 104 -2.18 1.00 10.66
C GLU A 104 -3.02 1.46 11.84
N ALA A 105 -4.30 1.19 11.68
CA ALA A 105 -5.29 1.51 12.67
C ALA A 105 -5.14 0.60 13.84
N THR A 106 -4.95 -0.65 13.51
CA THR A 106 -4.76 -1.68 14.49
C THR A 106 -3.50 -1.40 15.30
N GLU A 107 -2.51 -0.77 14.67
CA GLU A 107 -1.37 -0.29 15.40
C GLU A 107 -1.84 0.79 16.37
N THR A 108 -2.60 1.75 15.83
CA THR A 108 -3.14 2.83 16.62
C THR A 108 -4.02 2.29 17.75
N LEU A 109 -4.66 1.18 17.49
CA LEU A 109 -5.39 0.46 18.51
C LEU A 109 -4.52 0.26 19.71
N ARG A 110 -3.53 -0.59 19.54
CA ARG A 110 -2.54 -0.86 20.57
C ARG A 110 -2.11 0.41 21.26
N ASN A 111 -2.00 1.43 20.45
CA ASN A 111 -1.54 2.74 20.88
C ASN A 111 -2.54 3.42 21.78
N ALA A 112 -3.78 3.44 21.36
CA ALA A 112 -4.83 4.06 22.12
C ALA A 112 -5.10 3.23 23.35
N LEU A 113 -4.93 1.94 23.14
CA LEU A 113 -5.02 0.94 24.18
C LEU A 113 -3.92 1.16 25.23
N ALA A 114 -2.79 1.66 24.74
CA ALA A 114 -1.58 1.83 25.55
C ALA A 114 -1.70 3.00 26.49
N ASN A 115 -2.31 4.06 26.00
CA ASN A 115 -2.41 5.30 26.74
C ASN A 115 -3.28 5.15 27.96
N ASN A 116 -4.16 4.17 27.93
CA ASN A 116 -5.11 3.97 29.01
C ASN A 116 -4.55 3.05 30.10
N GLY A 117 -3.45 2.38 29.76
CA GLY A 117 -2.61 1.74 30.76
C GLY A 117 -3.23 0.56 31.50
N LYS A 118 -4.54 0.37 31.37
CA LYS A 118 -5.23 -0.69 32.08
C LYS A 118 -4.97 -2.04 31.44
N PHE A 119 -4.82 -2.07 30.12
CA PHE A 119 -4.61 -3.32 29.42
C PHE A 119 -3.16 -3.66 29.24
N THR A 120 -2.98 -4.82 28.65
CA THR A 120 -1.74 -5.25 28.14
C THR A 120 -1.94 -5.61 26.70
N LEU A 121 -1.30 -4.85 25.85
CA LEU A 121 -1.61 -4.94 24.46
C LEU A 121 -0.64 -5.79 23.70
N VAL A 122 -1.18 -6.73 22.97
CA VAL A 122 -0.39 -7.56 22.09
C VAL A 122 -0.02 -6.72 20.86
N SER A 123 1.08 -7.02 20.21
CA SER A 123 1.40 -6.30 19.01
C SER A 123 1.05 -7.12 17.79
N ALA A 124 1.39 -6.60 16.65
CA ALA A 124 1.23 -7.32 15.41
C ALA A 124 2.16 -8.51 15.43
N GLN A 125 3.22 -8.32 16.22
CA GLN A 125 4.24 -9.33 16.43
C GLN A 125 3.61 -10.66 16.77
N GLN A 126 2.57 -10.62 17.58
CA GLN A 126 1.81 -11.82 17.87
C GLN A 126 0.57 -11.88 16.99
N LEU A 127 -0.15 -10.75 16.99
CA LEU A 127 -1.51 -10.65 16.45
C LEU A 127 -1.57 -10.84 14.94
N SER A 128 -0.92 -9.93 14.24
CA SER A 128 -0.88 -9.94 12.77
C SER A 128 -0.48 -11.30 12.29
N MET A 129 0.46 -11.80 13.08
CA MET A 129 1.04 -13.10 12.91
C MET A 129 0.01 -14.17 13.10
N ALA A 130 -0.54 -14.24 14.31
CA ALA A 130 -1.63 -15.13 14.64
C ALA A 130 -2.67 -15.15 13.57
N LYS A 131 -3.03 -13.99 13.05
CA LYS A 131 -3.96 -13.93 11.95
C LYS A 131 -3.54 -14.87 10.86
N GLN A 132 -2.36 -14.63 10.35
CA GLN A 132 -1.77 -15.45 9.31
C GLN A 132 -1.62 -16.90 9.76
N GLN A 133 -1.15 -17.06 11.01
CA GLN A 133 -0.92 -18.37 11.60
C GLN A 133 -2.16 -19.17 11.56
N LEU A 134 -3.24 -18.48 11.72
CA LEU A 134 -4.54 -19.08 11.77
C LEU A 134 -5.12 -19.14 10.37
N GLY A 135 -4.75 -18.16 9.56
CA GLY A 135 -5.27 -18.11 8.22
C GLY A 135 -5.24 -16.74 7.62
N LEU A 136 -5.78 -15.85 8.38
CA LEU A 136 -6.09 -14.51 7.99
C LEU A 136 -4.92 -13.64 7.62
N SER A 137 -5.30 -12.40 7.43
CA SER A 137 -4.41 -11.30 7.27
C SER A 137 -4.53 -10.41 8.48
N PRO A 138 -3.45 -9.72 8.85
CA PRO A 138 -3.43 -8.83 10.01
C PRO A 138 -4.38 -7.64 9.86
N GLN A 139 -5.08 -7.60 8.74
CA GLN A 139 -6.01 -6.52 8.43
C GLN A 139 -7.41 -7.05 8.30
N ASP A 140 -7.45 -8.33 8.01
CA ASP A 140 -8.69 -9.05 7.71
C ASP A 140 -9.57 -9.04 8.90
N SER A 141 -8.90 -8.84 10.05
CA SER A 141 -9.53 -8.93 11.33
C SER A 141 -9.81 -10.36 11.65
N LEU A 142 -10.18 -10.62 12.86
CA LEU A 142 -10.41 -11.99 13.27
C LEU A 142 -11.58 -12.54 12.46
N GLY A 143 -12.54 -11.66 12.29
CA GLY A 143 -13.71 -11.95 11.49
C GLY A 143 -14.62 -13.02 12.07
N THR A 144 -14.20 -13.65 13.16
CA THR A 144 -14.96 -14.72 13.77
C THR A 144 -14.51 -14.89 15.20
N ARG A 145 -15.42 -14.87 16.15
CA ARG A 145 -15.08 -15.04 17.56
C ARG A 145 -14.03 -16.12 17.74
N SER A 146 -14.24 -17.26 17.14
CA SER A 146 -13.36 -18.39 17.33
C SER A 146 -12.01 -18.18 16.66
N LYS A 147 -12.00 -17.34 15.63
CA LYS A 147 -10.78 -16.95 14.93
C LYS A 147 -10.03 -15.97 15.79
N ALA A 148 -10.82 -15.23 16.55
CA ALA A 148 -10.37 -14.24 17.49
C ALA A 148 -9.82 -14.90 18.71
N ILE A 149 -10.59 -15.85 19.16
CA ILE A 149 -10.29 -16.65 20.30
C ILE A 149 -9.09 -17.51 20.00
N GLY A 150 -9.08 -18.06 18.81
CA GLY A 150 -7.93 -18.76 18.32
C GLY A 150 -6.68 -17.90 18.43
N ILE A 151 -6.77 -16.71 17.85
CA ILE A 151 -5.65 -15.80 17.83
C ILE A 151 -5.30 -15.28 19.20
N ALA A 152 -6.29 -14.85 19.95
CA ALA A 152 -6.06 -14.31 21.28
C ALA A 152 -5.31 -15.30 22.16
N ARG A 153 -5.68 -16.56 22.05
CA ARG A 153 -5.04 -17.60 22.85
C ARG A 153 -3.73 -18.02 22.22
N ASN A 154 -3.63 -17.77 20.92
CA ASN A 154 -2.42 -18.02 20.14
C ASN A 154 -1.49 -16.85 20.35
N VAL A 155 -2.07 -15.84 20.96
CA VAL A 155 -1.42 -14.58 21.16
C VAL A 155 -1.05 -14.39 22.63
N GLY A 156 -1.83 -14.98 23.51
CA GLY A 156 -1.58 -14.84 24.93
C GLY A 156 -2.45 -13.80 25.57
N ALA A 157 -3.67 -13.70 25.11
CA ALA A 157 -4.54 -12.60 25.47
C ALA A 157 -5.70 -13.03 26.36
N HIS A 158 -6.26 -12.05 27.07
CA HIS A 158 -7.40 -12.26 27.96
C HIS A 158 -8.66 -11.86 27.24
N TYR A 159 -8.52 -10.94 26.29
CA TYR A 159 -9.66 -10.37 25.59
C TYR A 159 -9.40 -10.26 24.11
N VAL A 160 -10.34 -9.64 23.43
CA VAL A 160 -10.17 -9.19 22.07
C VAL A 160 -10.76 -7.79 21.93
N LEU A 161 -10.08 -6.93 21.22
CA LEU A 161 -10.73 -5.72 20.79
C LEU A 161 -10.98 -5.80 19.30
N TYR A 162 -12.21 -6.12 18.98
CA TYR A 162 -12.66 -6.22 17.62
C TYR A 162 -12.93 -4.83 17.11
N SER A 163 -12.15 -4.40 16.20
CA SER A 163 -12.31 -3.05 15.71
C SER A 163 -12.51 -3.08 14.22
N SER A 164 -13.07 -2.00 13.72
CA SER A 164 -13.41 -1.87 12.36
C SER A 164 -13.66 -0.46 12.00
N ALA A 165 -13.77 -0.24 10.75
CA ALA A 165 -14.07 1.04 10.24
C ALA A 165 -15.15 0.91 9.20
N SER A 166 -16.11 1.79 9.26
CA SER A 166 -17.18 1.75 8.30
C SER A 166 -17.60 3.16 7.96
N GLY A 167 -18.61 3.29 7.15
CA GLY A 167 -19.14 4.60 6.90
C GLY A 167 -18.56 5.17 5.64
N ASN A 168 -17.42 5.79 5.82
CA ASN A 168 -16.67 6.35 4.73
C ASN A 168 -15.23 6.16 5.05
N VAL A 169 -14.55 5.58 4.09
CA VAL A 169 -13.18 5.12 4.26
C VAL A 169 -12.22 6.23 4.61
N ASN A 170 -12.23 7.33 3.87
CA ASN A 170 -11.29 8.43 4.12
C ASN A 170 -11.45 8.96 5.52
N ALA A 171 -12.64 8.81 6.04
CA ALA A 171 -12.95 9.21 7.40
C ALA A 171 -14.10 8.36 7.89
N PRO A 172 -13.75 7.20 8.45
CA PRO A 172 -14.67 6.14 8.82
C PRO A 172 -15.20 6.22 10.22
N THR A 173 -16.20 5.43 10.45
CA THR A 173 -16.65 5.14 11.76
C THR A 173 -15.84 4.00 12.29
N LEU A 174 -15.12 4.23 13.34
CA LEU A 174 -14.38 3.16 13.90
C LEU A 174 -15.24 2.37 14.82
N GLN A 175 -15.73 1.32 14.30
CA GLN A 175 -16.61 0.47 15.02
C GLN A 175 -15.78 -0.54 15.79
N MET A 176 -15.73 -0.36 17.08
CA MET A 176 -14.92 -1.21 17.95
C MET A 176 -15.82 -2.11 18.78
N GLN A 177 -15.26 -3.15 19.35
CA GLN A 177 -16.04 -4.23 19.94
C GLN A 177 -15.15 -5.15 20.73
N LEU A 178 -15.38 -5.26 22.00
CA LEU A 178 -14.50 -5.98 22.89
C LEU A 178 -15.09 -7.34 23.15
N MET A 179 -14.54 -8.34 22.48
CA MET A 179 -14.96 -9.70 22.70
C MET A 179 -14.09 -10.33 23.75
N LEU A 180 -14.71 -10.82 24.79
CA LEU A 180 -14.01 -11.67 25.71
C LEU A 180 -13.53 -12.88 24.90
N VAL A 181 -12.26 -13.22 24.96
CA VAL A 181 -11.80 -14.40 24.21
C VAL A 181 -12.09 -15.67 25.00
N GLN A 182 -11.96 -15.58 26.32
CA GLN A 182 -12.15 -16.69 27.22
C GLN A 182 -13.57 -17.24 27.14
N THR A 183 -14.48 -16.46 26.54
CA THR A 183 -15.84 -16.90 26.37
C THR A 183 -16.28 -16.68 24.93
N GLY A 184 -15.81 -15.60 24.37
CA GLY A 184 -16.13 -15.24 23.02
C GLY A 184 -17.37 -14.38 22.93
N GLU A 185 -17.65 -13.67 23.99
CA GLU A 185 -18.81 -12.80 24.05
C GLU A 185 -18.43 -11.34 23.90
N ILE A 186 -19.35 -10.52 23.45
CA ILE A 186 -19.07 -9.11 23.31
C ILE A 186 -19.45 -8.38 24.59
N ILE A 187 -18.43 -7.91 25.26
CA ILE A 187 -18.57 -7.32 26.56
C ILE A 187 -18.61 -5.80 26.44
N TRP A 188 -17.88 -5.29 25.46
CA TRP A 188 -17.91 -3.87 25.14
C TRP A 188 -17.99 -3.70 23.66
N SER A 189 -18.58 -2.61 23.24
CA SER A 189 -18.42 -2.17 21.86
C SER A 189 -18.59 -0.68 21.70
N GLY A 190 -18.13 -0.17 20.57
CA GLY A 190 -18.21 1.22 20.27
C GLY A 190 -18.12 1.47 18.81
N LYS A 191 -18.16 2.72 18.46
CA LYS A 191 -17.83 3.19 17.15
C LYS A 191 -17.43 4.63 17.30
N GLY A 192 -16.55 5.04 16.47
CA GLY A 192 -16.10 6.39 16.53
C GLY A 192 -15.52 6.85 15.25
N ALA A 193 -16.01 7.95 14.76
CA ALA A 193 -15.60 8.42 13.45
C ALA A 193 -14.19 8.97 13.49
N VAL A 194 -13.32 8.31 12.76
CA VAL A 194 -11.93 8.63 12.72
C VAL A 194 -11.63 9.57 11.58
N SER A 195 -10.52 10.22 11.74
CA SER A 195 -10.07 11.25 10.88
C SER A 195 -9.03 10.69 9.96
N GLN A 196 -8.61 11.44 9.01
CA GLN A 196 -7.49 11.03 8.22
C GLN A 196 -6.24 11.77 8.68
N GLN A 197 -5.16 11.04 8.85
CA GLN A 197 -3.90 11.62 9.23
C GLN A 197 -3.17 12.12 7.98
N GLY A 1 86.62 -0.11 -37.95
CA GLY A 1 85.53 0.10 -38.92
C GLY A 1 85.65 -0.81 -40.12
N SER A 2 85.90 -0.24 -41.28
CA SER A 2 86.08 -1.02 -42.50
C SER A 2 87.56 -1.03 -42.88
N HIS A 3 88.01 0.06 -43.51
CA HIS A 3 89.41 0.24 -43.92
C HIS A 3 89.98 -1.03 -44.59
N MET A 4 89.56 -1.26 -45.81
CA MET A 4 90.13 -2.33 -46.61
C MET A 4 91.52 -1.90 -47.07
N VAL A 5 92.32 -2.85 -47.54
CA VAL A 5 93.66 -2.54 -48.01
C VAL A 5 93.62 -1.90 -49.41
N GLY A 6 92.87 -0.81 -49.50
CA GLY A 6 92.72 -0.08 -50.72
C GLY A 6 92.62 1.40 -50.47
N GLN A 7 93.75 1.99 -50.10
CA GLN A 7 93.80 3.40 -49.77
C GLN A 7 94.04 4.25 -51.02
N ARG A 8 94.20 5.55 -50.82
CA ARG A 8 94.36 6.51 -51.91
C ARG A 8 93.11 6.48 -52.79
N GLU A 9 91.99 6.85 -52.20
CA GLU A 9 90.73 6.84 -52.90
C GLU A 9 90.16 8.26 -52.97
N PRO A 10 90.30 8.92 -54.12
CA PRO A 10 89.74 10.24 -54.32
C PRO A 10 88.28 10.19 -54.79
N ALA A 11 87.37 10.34 -53.85
CA ALA A 11 85.95 10.35 -54.17
C ALA A 11 85.56 11.68 -54.81
N PRO A 12 85.06 11.67 -56.05
CA PRO A 12 84.62 12.88 -56.73
C PRO A 12 83.46 13.54 -56.00
N VAL A 13 83.63 14.83 -55.72
CA VAL A 13 82.71 15.66 -54.92
C VAL A 13 82.33 15.04 -53.58
N GLU A 14 81.84 15.88 -52.69
CA GLU A 14 81.35 15.47 -51.39
C GLU A 14 80.54 16.61 -50.76
N GLU A 15 79.31 16.76 -51.21
CA GLU A 15 78.47 17.86 -50.76
C GLU A 15 76.99 17.51 -50.85
N VAL A 16 76.22 18.04 -49.92
CA VAL A 16 74.77 17.85 -49.93
C VAL A 16 74.13 18.76 -50.97
N LYS A 17 73.16 18.22 -51.69
CA LYS A 17 72.44 18.97 -52.72
C LYS A 17 71.34 19.80 -52.06
N PRO A 18 71.28 21.11 -52.38
CA PRO A 18 70.28 22.03 -51.81
C PRO A 18 68.89 21.81 -52.39
N ALA A 19 67.99 22.74 -52.05
CA ALA A 19 66.58 22.67 -52.44
C ALA A 19 65.93 21.41 -51.86
N PRO A 20 65.68 21.40 -50.54
CA PRO A 20 65.10 20.24 -49.85
C PRO A 20 63.75 19.85 -50.43
N GLU A 21 63.65 18.65 -50.96
CA GLU A 21 62.41 18.18 -51.55
C GLU A 21 61.36 17.98 -50.46
N GLN A 22 61.72 17.17 -49.46
CA GLN A 22 60.85 16.91 -48.31
C GLN A 22 59.60 16.10 -48.70
N PRO A 23 59.43 14.91 -48.12
CA PRO A 23 58.23 14.08 -48.34
C PRO A 23 56.94 14.82 -47.99
N ALA A 24 55.83 14.30 -48.49
CA ALA A 24 54.52 14.89 -48.24
C ALA A 24 54.11 14.71 -46.78
N GLU A 25 54.54 15.64 -45.96
CA GLU A 25 54.21 15.64 -44.54
C GLU A 25 53.09 16.63 -44.21
N PRO A 26 53.23 17.93 -44.59
CA PRO A 26 52.17 18.91 -44.33
C PRO A 26 51.08 18.88 -45.39
N GLN A 27 50.37 20.00 -45.51
CA GLN A 27 49.30 20.17 -46.49
C GLN A 27 48.13 19.24 -46.18
N GLN A 28 48.07 18.09 -46.85
CA GLN A 28 47.00 17.09 -46.66
C GLN A 28 45.59 17.65 -46.86
N PRO A 29 44.78 17.00 -47.71
CA PRO A 29 43.43 17.47 -48.00
C PRO A 29 42.53 17.49 -46.76
N VAL A 30 41.80 18.58 -46.58
CA VAL A 30 40.88 18.74 -45.46
C VAL A 30 39.50 19.17 -45.95
N PRO A 31 38.46 18.41 -45.64
CA PRO A 31 37.10 18.78 -46.02
C PRO A 31 36.56 19.94 -45.18
N THR A 32 35.79 20.81 -45.78
CA THR A 32 35.25 21.96 -45.08
C THR A 32 34.07 21.57 -44.19
N VAL A 33 33.85 22.38 -43.15
CA VAL A 33 32.72 22.25 -42.21
C VAL A 33 32.37 20.79 -41.87
N PRO A 34 33.08 20.21 -40.88
CA PRO A 34 32.81 18.87 -40.37
C PRO A 34 31.36 18.70 -39.91
N SER A 35 30.95 17.45 -39.83
CA SER A 35 29.58 17.10 -39.50
C SER A 35 29.29 17.40 -38.03
N VAL A 36 28.17 18.08 -37.80
CA VAL A 36 27.73 18.43 -36.45
C VAL A 36 27.45 17.17 -35.63
N PRO A 37 27.44 17.29 -34.28
CA PRO A 37 27.17 16.16 -33.38
C PRO A 37 25.98 15.32 -33.80
N THR A 38 26.05 14.03 -33.52
CA THR A 38 25.02 13.09 -33.95
C THR A 38 23.70 13.33 -33.23
N ILE A 39 22.64 13.43 -34.02
CA ILE A 39 21.31 13.69 -33.49
C ILE A 39 20.46 12.43 -33.59
N PRO A 40 19.83 12.00 -32.47
CA PRO A 40 18.97 10.82 -32.46
C PRO A 40 17.62 11.06 -33.14
N GLN A 41 16.76 10.05 -33.17
CA GLN A 41 15.46 10.20 -33.80
C GLN A 41 14.33 10.01 -32.80
N GLN A 42 14.65 10.10 -31.52
CA GLN A 42 13.66 10.01 -30.46
C GLN A 42 14.20 10.63 -29.18
N PRO A 43 13.32 11.17 -28.32
CA PRO A 43 13.73 11.71 -27.02
C PRO A 43 14.12 10.59 -26.06
N GLY A 44 15.35 10.62 -25.59
CA GLY A 44 15.86 9.57 -24.71
C GLY A 44 15.80 8.19 -25.34
N PRO A 45 15.93 7.15 -24.52
CA PRO A 45 15.87 5.77 -24.97
C PRO A 45 14.45 5.24 -25.09
N ILE A 46 14.31 4.07 -25.70
CA ILE A 46 12.99 3.48 -25.88
C ILE A 46 12.36 3.14 -24.53
N GLU A 47 12.95 2.15 -23.87
CA GLU A 47 12.44 1.59 -22.63
C GLU A 47 11.05 0.97 -22.82
N HIS A 48 10.94 -0.32 -22.56
CA HIS A 48 9.68 -1.03 -22.66
C HIS A 48 8.66 -0.48 -21.66
N GLU A 49 7.42 -0.89 -21.85
CA GLU A 49 6.34 -0.47 -20.95
C GLU A 49 6.03 -1.58 -19.96
N ASP A 50 5.91 -1.20 -18.70
CA ASP A 50 5.67 -2.17 -17.64
C ASP A 50 4.25 -2.03 -17.11
N GLN A 51 3.31 -2.59 -17.88
CA GLN A 51 1.90 -2.56 -17.52
C GLN A 51 1.67 -3.25 -16.18
N THR A 52 2.55 -4.18 -15.85
CA THR A 52 2.50 -4.84 -14.56
C THR A 52 3.23 -4.01 -13.52
N ALA A 53 2.67 -3.97 -12.33
CA ALA A 53 3.23 -3.13 -11.28
C ALA A 53 3.39 -3.89 -9.97
N PRO A 54 4.46 -4.70 -9.85
CA PRO A 54 4.78 -5.40 -8.60
C PRO A 54 4.94 -4.47 -7.39
N PRO A 55 5.57 -3.26 -7.53
CA PRO A 55 5.56 -2.27 -6.46
C PRO A 55 4.15 -1.85 -6.06
N ALA A 56 3.71 -2.29 -4.89
CA ALA A 56 2.40 -1.93 -4.39
C ALA A 56 2.50 -0.69 -3.52
N PRO A 57 1.63 0.31 -3.77
CA PRO A 57 1.65 1.57 -3.05
C PRO A 57 1.21 1.45 -1.60
N HIS A 58 1.16 2.58 -0.95
CA HIS A 58 0.87 2.63 0.48
C HIS A 58 -0.36 3.47 0.75
N ILE A 59 -1.07 3.05 1.79
CA ILE A 59 -2.31 3.68 2.19
C ILE A 59 -2.07 4.87 3.09
N ARG A 60 -3.13 5.58 3.34
CA ARG A 60 -3.17 6.72 4.21
C ARG A 60 -2.99 6.32 5.65
N HIS A 61 -3.45 7.20 6.47
CA HIS A 61 -3.44 7.05 7.91
C HIS A 61 -4.50 7.91 8.45
N TYR A 62 -5.04 7.51 9.56
CA TYR A 62 -6.17 8.18 10.10
C TYR A 62 -5.90 8.59 11.50
N ASP A 63 -6.68 9.52 11.99
CA ASP A 63 -6.63 9.84 13.39
C ASP A 63 -7.48 8.82 14.12
N TRP A 64 -6.96 7.62 14.08
CA TRP A 64 -7.49 6.48 14.78
C TRP A 64 -7.52 6.69 16.28
N ASN A 65 -6.43 7.23 16.76
CA ASN A 65 -6.28 7.62 18.17
C ASN A 65 -7.42 8.50 18.62
N GLY A 66 -8.01 9.20 17.68
CA GLY A 66 -9.10 10.09 17.94
C GLY A 66 -10.40 9.33 18.10
N ALA A 67 -10.36 8.11 17.61
CA ALA A 67 -11.50 7.23 17.58
C ALA A 67 -11.43 6.21 18.71
N MET A 68 -10.30 5.52 18.73
CA MET A 68 -10.04 4.47 19.69
C MET A 68 -10.00 4.99 21.11
N GLN A 69 -9.10 5.91 21.38
CA GLN A 69 -8.87 6.48 22.71
C GLN A 69 -10.14 6.72 23.53
N PRO A 70 -11.13 7.45 23.00
CA PRO A 70 -12.34 7.75 23.74
C PRO A 70 -13.14 6.48 24.00
N MET A 71 -13.00 5.53 23.09
CA MET A 71 -13.72 4.27 23.16
C MET A 71 -13.01 3.27 24.05
N VAL A 72 -11.69 3.24 23.90
CA VAL A 72 -10.82 2.44 24.73
C VAL A 72 -11.04 2.84 26.17
N SER A 73 -11.24 4.13 26.31
CA SER A 73 -11.58 4.71 27.58
C SER A 73 -12.95 4.18 28.08
N LYS A 74 -13.86 3.90 27.15
CA LYS A 74 -15.19 3.35 27.47
C LYS A 74 -15.12 1.85 27.64
N MET A 75 -14.23 1.23 26.89
CA MET A 75 -14.13 -0.20 26.81
C MET A 75 -13.69 -0.79 28.12
N LEU A 76 -12.98 -0.01 28.89
CA LEU A 76 -12.49 -0.45 30.17
C LEU A 76 -13.45 -0.07 31.27
N GLY A 77 -14.43 0.70 30.88
CA GLY A 77 -15.54 1.01 31.74
C GLY A 77 -16.73 0.19 31.32
N ALA A 78 -16.44 -0.86 30.55
CA ALA A 78 -17.44 -1.74 30.02
C ALA A 78 -17.71 -2.85 31.00
N ASP A 79 -18.80 -3.52 30.78
CA ASP A 79 -19.17 -4.65 31.59
C ASP A 79 -18.59 -5.90 31.01
N GLY A 80 -17.59 -6.39 31.64
CA GLY A 80 -16.97 -7.58 31.18
C GLY A 80 -15.48 -7.45 31.19
N VAL A 81 -15.03 -6.20 31.13
CA VAL A 81 -13.61 -5.91 31.02
C VAL A 81 -12.99 -5.54 32.35
N THR A 82 -11.71 -5.80 32.45
CA THR A 82 -10.94 -5.51 33.63
C THR A 82 -9.63 -4.84 33.26
N ALA A 83 -9.26 -3.84 34.04
CA ALA A 83 -7.93 -3.28 34.02
C ALA A 83 -6.90 -4.34 34.38
N GLY A 84 -5.85 -4.44 33.57
CA GLY A 84 -4.78 -5.37 33.87
C GLY A 84 -4.78 -6.56 32.94
N SER A 85 -5.76 -6.65 32.05
CA SER A 85 -5.85 -7.77 31.14
C SER A 85 -4.97 -7.56 29.94
N VAL A 86 -4.51 -8.65 29.36
CA VAL A 86 -3.93 -8.59 28.04
C VAL A 86 -5.03 -8.56 27.01
N LEU A 87 -5.07 -7.49 26.28
CA LEU A 87 -6.14 -7.24 25.36
C LEU A 87 -5.65 -7.46 23.94
N LEU A 88 -6.14 -8.55 23.36
CA LEU A 88 -5.83 -8.89 21.99
C LEU A 88 -6.53 -7.92 21.09
N VAL A 89 -5.81 -6.88 20.67
CA VAL A 89 -6.38 -5.94 19.77
C VAL A 89 -6.50 -6.63 18.43
N ASP A 90 -7.71 -6.72 17.95
CA ASP A 90 -7.97 -7.30 16.66
C ASP A 90 -7.62 -6.28 15.65
N SER A 91 -7.31 -6.74 14.46
CA SER A 91 -7.13 -5.83 13.38
C SER A 91 -8.41 -5.09 13.20
N VAL A 92 -8.27 -3.83 13.00
CA VAL A 92 -9.35 -3.04 12.57
C VAL A 92 -9.78 -3.53 11.23
N ASN A 93 -11.05 -3.59 11.05
CA ASN A 93 -11.59 -3.91 9.77
C ASN A 93 -11.71 -2.68 8.91
N ASN A 94 -11.85 -2.92 7.65
CA ASN A 94 -12.08 -1.88 6.71
C ASN A 94 -13.36 -2.19 5.94
N ARG A 95 -14.45 -1.77 6.54
CA ARG A 95 -15.79 -2.10 6.07
C ARG A 95 -16.41 -0.86 5.49
N THR A 96 -15.62 0.18 5.54
CA THR A 96 -16.02 1.50 5.05
C THR A 96 -16.54 1.48 3.64
N ASN A 97 -16.84 2.67 3.18
CA ASN A 97 -17.23 2.87 1.80
C ASN A 97 -16.01 2.76 0.88
N GLY A 98 -14.82 2.69 1.49
CA GLY A 98 -13.60 2.57 0.71
C GLY A 98 -12.60 1.61 1.35
N SER A 99 -11.31 1.85 1.10
CA SER A 99 -10.25 0.97 1.59
C SER A 99 -9.25 1.71 2.46
N LEU A 100 -8.95 1.15 3.62
CA LEU A 100 -8.06 1.78 4.56
C LEU A 100 -7.08 0.79 5.14
N ASN A 101 -5.99 1.33 5.60
CA ASN A 101 -4.97 0.57 6.28
C ASN A 101 -5.40 0.38 7.69
N ALA A 102 -6.26 -0.56 7.87
CA ALA A 102 -6.78 -0.86 9.16
C ALA A 102 -5.69 -1.45 10.02
N ALA A 103 -4.58 -1.82 9.40
CA ALA A 103 -3.50 -2.43 10.12
C ALA A 103 -2.70 -1.34 10.81
N GLU A 104 -2.67 -0.20 10.15
CA GLU A 104 -2.11 1.01 10.70
C GLU A 104 -2.96 1.44 11.88
N ALA A 105 -4.24 1.17 11.72
CA ALA A 105 -5.24 1.47 12.69
C ALA A 105 -5.09 0.55 13.86
N THR A 106 -4.90 -0.70 13.52
CA THR A 106 -4.71 -1.74 14.49
C THR A 106 -3.43 -1.49 15.29
N GLU A 107 -2.47 -0.83 14.66
CA GLU A 107 -1.32 -0.35 15.37
C GLU A 107 -1.78 0.73 16.34
N THR A 108 -2.52 1.71 15.81
CA THR A 108 -3.07 2.78 16.62
C THR A 108 -3.93 2.23 17.75
N LEU A 109 -4.60 1.13 17.49
CA LEU A 109 -5.32 0.41 18.52
C LEU A 109 -4.44 0.22 19.71
N ARG A 110 -3.45 -0.63 19.54
CA ARG A 110 -2.47 -0.91 20.57
C ARG A 110 -2.03 0.37 21.25
N ASN A 111 -1.92 1.40 20.45
CA ASN A 111 -1.43 2.69 20.86
C ASN A 111 -2.42 3.40 21.76
N ALA A 112 -3.67 3.41 21.36
CA ALA A 112 -4.71 4.04 22.12
C ALA A 112 -5.00 3.19 23.34
N LEU A 113 -4.88 1.89 23.13
CA LEU A 113 -4.96 0.90 24.17
C LEU A 113 -3.84 1.11 25.20
N ALA A 114 -2.69 1.57 24.68
CA ALA A 114 -1.48 1.77 25.47
C ALA A 114 -1.59 3.00 26.33
N ASN A 115 -2.12 4.05 25.73
CA ASN A 115 -2.29 5.32 26.39
C ASN A 115 -3.23 5.19 27.57
N ASN A 116 -4.02 4.13 27.56
CA ASN A 116 -4.99 3.91 28.62
C ASN A 116 -4.47 2.96 29.67
N GLY A 117 -3.45 2.19 29.29
CA GLY A 117 -2.62 1.46 30.25
C GLY A 117 -3.36 0.51 31.17
N LYS A 118 -4.62 0.21 30.84
CA LYS A 118 -5.40 -0.75 31.62
C LYS A 118 -5.37 -2.10 30.96
N PHE A 119 -4.71 -2.18 29.82
CA PHE A 119 -4.49 -3.44 29.16
C PHE A 119 -3.04 -3.73 28.93
N THR A 120 -2.82 -4.92 28.44
CA THR A 120 -1.56 -5.34 27.96
C THR A 120 -1.70 -5.65 26.51
N LEU A 121 -0.94 -4.97 25.69
CA LEU A 121 -1.18 -5.04 24.30
C LEU A 121 -0.35 -6.12 23.64
N VAL A 122 -0.97 -6.80 22.73
CA VAL A 122 -0.27 -7.71 21.88
C VAL A 122 0.13 -6.97 20.61
N SER A 123 1.25 -7.31 20.01
CA SER A 123 1.65 -6.65 18.79
C SER A 123 1.34 -7.53 17.60
N ALA A 124 1.78 -7.10 16.44
CA ALA A 124 1.66 -7.88 15.24
C ALA A 124 2.55 -9.10 15.40
N GLN A 125 3.55 -8.91 16.24
CA GLN A 125 4.54 -9.93 16.56
C GLN A 125 3.85 -11.22 16.97
N GLN A 126 2.77 -11.10 17.72
CA GLN A 126 1.95 -12.25 18.06
C GLN A 126 0.75 -12.31 17.13
N LEU A 127 0.05 -11.16 17.11
CA LEU A 127 -1.28 -11.02 16.51
C LEU A 127 -1.29 -11.33 15.02
N SER A 128 -0.59 -10.49 14.27
CA SER A 128 -0.50 -10.58 12.82
C SER A 128 -0.16 -11.99 12.43
N MET A 129 0.85 -12.45 13.16
CA MET A 129 1.35 -13.79 13.09
C MET A 129 0.23 -14.77 13.26
N ALA A 130 -0.37 -14.74 14.44
CA ALA A 130 -1.52 -15.55 14.78
C ALA A 130 -2.56 -15.56 13.68
N LYS A 131 -2.87 -14.39 13.13
CA LYS A 131 -3.84 -14.31 12.05
C LYS A 131 -3.41 -15.24 10.95
N GLN A 132 -2.18 -15.10 10.54
CA GLN A 132 -1.61 -15.90 9.48
C GLN A 132 -1.50 -17.35 9.89
N GLN A 133 -1.13 -17.54 11.16
CA GLN A 133 -1.01 -18.87 11.76
C GLN A 133 -2.32 -19.59 11.69
N LEU A 134 -3.34 -18.81 11.80
CA LEU A 134 -4.67 -19.32 11.82
C LEU A 134 -5.23 -19.34 10.41
N GLY A 135 -4.71 -18.44 9.58
CA GLY A 135 -5.17 -18.36 8.21
C GLY A 135 -5.10 -16.98 7.65
N LEU A 136 -5.62 -16.10 8.43
CA LEU A 136 -5.87 -14.73 8.10
C LEU A 136 -4.65 -13.89 7.81
N SER A 137 -4.97 -12.62 7.69
CA SER A 137 -4.06 -11.55 7.50
C SER A 137 -4.16 -10.64 8.71
N PRO A 138 -3.09 -9.91 9.03
CA PRO A 138 -3.07 -9.02 10.18
C PRO A 138 -4.05 -7.84 10.03
N GLN A 139 -4.74 -7.81 8.90
CA GLN A 139 -5.67 -6.74 8.58
C GLN A 139 -7.07 -7.28 8.41
N ASP A 140 -7.09 -8.56 8.03
CA ASP A 140 -8.32 -9.28 7.69
C ASP A 140 -9.28 -9.22 8.82
N SER A 141 -8.68 -9.03 10.00
CA SER A 141 -9.38 -9.06 11.23
C SER A 141 -9.73 -10.48 11.57
N LEU A 142 -10.19 -10.72 12.75
CA LEU A 142 -10.49 -12.07 13.15
C LEU A 142 -11.68 -12.56 12.37
N GLY A 143 -12.62 -11.64 12.22
CA GLY A 143 -13.84 -11.88 11.49
C GLY A 143 -14.76 -12.89 12.14
N THR A 144 -14.25 -13.61 13.14
CA THR A 144 -15.01 -14.68 13.77
C THR A 144 -14.54 -14.84 15.20
N ARG A 145 -15.45 -14.86 16.16
CA ARG A 145 -15.08 -15.01 17.56
C ARG A 145 -14.03 -16.07 17.74
N SER A 146 -14.25 -17.23 17.18
CA SER A 146 -13.37 -18.36 17.37
C SER A 146 -12.01 -18.13 16.68
N LYS A 147 -12.05 -17.33 15.63
CA LYS A 147 -10.84 -16.95 14.89
C LYS A 147 -10.05 -15.97 15.72
N ALA A 148 -10.82 -15.26 16.53
CA ALA A 148 -10.35 -14.27 17.45
C ALA A 148 -9.80 -14.92 18.68
N ILE A 149 -10.58 -15.84 19.16
CA ILE A 149 -10.28 -16.62 20.31
C ILE A 149 -9.09 -17.50 20.04
N GLY A 150 -9.08 -18.06 18.85
CA GLY A 150 -7.93 -18.80 18.40
C GLY A 150 -6.68 -17.96 18.49
N ILE A 151 -6.74 -16.77 17.92
CA ILE A 151 -5.61 -15.87 17.91
C ILE A 151 -5.29 -15.35 19.28
N ALA A 152 -6.27 -14.88 19.99
CA ALA A 152 -6.06 -14.33 21.33
C ALA A 152 -5.36 -15.32 22.23
N ARG A 153 -5.75 -16.58 22.14
CA ARG A 153 -5.15 -17.61 22.99
C ARG A 153 -3.82 -18.05 22.42
N ASN A 154 -3.68 -17.86 21.11
CA ASN A 154 -2.45 -18.15 20.39
C ASN A 154 -1.50 -17.00 20.61
N VAL A 155 -2.09 -15.94 21.09
CA VAL A 155 -1.41 -14.68 21.27
C VAL A 155 -1.06 -14.46 22.74
N GLY A 156 -1.87 -15.03 23.62
CA GLY A 156 -1.62 -14.87 25.04
C GLY A 156 -2.48 -13.79 25.64
N ALA A 157 -3.69 -13.69 25.14
CA ALA A 157 -4.55 -12.58 25.48
C ALA A 157 -5.72 -12.99 26.38
N HIS A 158 -6.27 -12.01 27.08
CA HIS A 158 -7.40 -12.19 27.97
C HIS A 158 -8.67 -11.81 27.26
N TYR A 159 -8.54 -10.89 26.32
CA TYR A 159 -9.68 -10.32 25.61
C TYR A 159 -9.41 -10.23 24.12
N VAL A 160 -10.36 -9.63 23.42
CA VAL A 160 -10.17 -9.19 22.05
C VAL A 160 -10.75 -7.80 21.91
N LEU A 161 -10.10 -6.95 21.17
CA LEU A 161 -10.73 -5.74 20.75
C LEU A 161 -11.01 -5.81 19.26
N TYR A 162 -12.24 -6.10 18.95
CA TYR A 162 -12.72 -6.17 17.59
C TYR A 162 -12.95 -4.77 17.10
N SER A 163 -12.17 -4.38 16.16
CA SER A 163 -12.25 -3.06 15.63
C SER A 163 -12.55 -3.10 14.15
N SER A 164 -13.08 -2.01 13.67
CA SER A 164 -13.39 -1.88 12.29
C SER A 164 -13.63 -0.46 11.92
N ALA A 165 -13.79 -0.26 10.67
CA ALA A 165 -14.05 1.02 10.16
C ALA A 165 -15.15 0.93 9.14
N SER A 166 -16.07 1.84 9.18
CA SER A 166 -17.11 1.85 8.18
C SER A 166 -17.52 3.25 7.88
N GLY A 167 -18.56 3.38 7.13
CA GLY A 167 -19.12 4.66 6.86
C GLY A 167 -18.53 5.29 5.63
N ASN A 168 -17.34 5.81 5.81
CA ASN A 168 -16.58 6.39 4.75
C ASN A 168 -15.14 6.17 5.06
N VAL A 169 -14.43 5.70 4.08
CA VAL A 169 -13.06 5.29 4.26
C VAL A 169 -12.13 6.43 4.64
N ASN A 170 -12.28 7.60 4.02
CA ASN A 170 -11.39 8.72 4.30
C ASN A 170 -11.57 9.14 5.75
N ALA A 171 -12.76 8.91 6.23
CA ALA A 171 -13.12 9.25 7.58
C ALA A 171 -14.24 8.34 8.02
N PRO A 172 -13.84 7.20 8.56
CA PRO A 172 -14.72 6.10 8.89
C PRO A 172 -15.24 6.13 10.30
N THR A 173 -16.23 5.33 10.50
CA THR A 173 -16.67 4.99 11.81
C THR A 173 -15.84 3.86 12.31
N LEU A 174 -15.12 4.06 13.37
CA LEU A 174 -14.37 3.00 13.93
C LEU A 174 -15.26 2.19 14.80
N GLN A 175 -15.76 1.16 14.25
CA GLN A 175 -16.68 0.31 14.93
C GLN A 175 -15.89 -0.71 15.72
N MET A 176 -15.93 -0.54 17.01
CA MET A 176 -15.14 -1.35 17.93
C MET A 176 -16.02 -2.26 18.76
N GLN A 177 -15.40 -3.25 19.36
CA GLN A 177 -16.14 -4.33 19.97
C GLN A 177 -15.20 -5.21 20.77
N LEU A 178 -15.43 -5.31 22.03
CA LEU A 178 -14.52 -6.01 22.91
C LEU A 178 -15.08 -7.38 23.20
N MET A 179 -14.57 -8.36 22.48
CA MET A 179 -14.97 -9.73 22.71
C MET A 179 -14.10 -10.33 23.76
N LEU A 180 -14.69 -10.74 24.85
CA LEU A 180 -14.01 -11.52 25.82
C LEU A 180 -13.59 -12.83 25.14
N VAL A 181 -12.31 -13.09 25.00
CA VAL A 181 -11.88 -14.29 24.26
C VAL A 181 -12.17 -15.56 25.06
N GLN A 182 -12.02 -15.46 26.37
CA GLN A 182 -12.20 -16.58 27.29
C GLN A 182 -13.63 -17.16 27.19
N THR A 183 -14.54 -16.41 26.59
CA THR A 183 -15.91 -16.85 26.41
C THR A 183 -16.32 -16.70 24.97
N GLY A 184 -15.84 -15.63 24.39
CA GLY A 184 -16.16 -15.28 23.05
C GLY A 184 -17.40 -14.44 22.96
N GLU A 185 -17.71 -13.77 24.05
CA GLU A 185 -18.87 -12.91 24.11
C GLU A 185 -18.46 -11.45 24.02
N ILE A 186 -19.35 -10.62 23.55
CA ILE A 186 -19.06 -9.21 23.42
C ILE A 186 -19.41 -8.51 24.72
N ILE A 187 -18.38 -7.96 25.33
CA ILE A 187 -18.51 -7.38 26.65
C ILE A 187 -18.53 -5.86 26.56
N TRP A 188 -17.83 -5.34 25.56
CA TRP A 188 -17.90 -3.93 25.22
C TRP A 188 -18.04 -3.78 23.73
N SER A 189 -18.62 -2.70 23.30
CA SER A 189 -18.47 -2.30 21.91
C SER A 189 -18.64 -0.80 21.71
N GLY A 190 -18.21 -0.32 20.56
CA GLY A 190 -18.28 1.07 20.26
C GLY A 190 -18.19 1.30 18.79
N LYS A 191 -18.20 2.54 18.44
CA LYS A 191 -17.86 2.99 17.12
C LYS A 191 -17.47 4.43 17.29
N GLY A 192 -16.57 4.85 16.47
CA GLY A 192 -16.12 6.20 16.57
C GLY A 192 -15.57 6.70 15.29
N ALA A 193 -16.08 7.80 14.83
CA ALA A 193 -15.71 8.31 13.54
C ALA A 193 -14.32 8.90 13.56
N VAL A 194 -13.42 8.20 12.88
CA VAL A 194 -12.04 8.57 12.84
C VAL A 194 -11.77 9.50 11.70
N SER A 195 -10.70 10.20 11.87
CA SER A 195 -10.26 11.22 10.98
C SER A 195 -9.23 10.66 10.07
N GLN A 196 -8.82 11.40 9.09
CA GLN A 196 -7.69 10.96 8.31
C GLN A 196 -6.46 11.78 8.62
N GLN A 197 -5.37 11.09 8.85
CA GLN A 197 -4.10 11.71 9.19
C GLN A 197 -3.36 12.16 7.93
N GLY A 1 -19.12 -53.22 -119.26
CA GLY A 1 -18.09 -52.17 -119.20
C GLY A 1 -18.65 -50.80 -119.51
N SER A 2 -17.90 -49.98 -120.24
CA SER A 2 -18.33 -48.67 -120.66
C SER A 2 -18.64 -47.78 -119.45
N HIS A 3 -17.63 -47.55 -118.61
CA HIS A 3 -17.72 -46.69 -117.44
C HIS A 3 -18.54 -47.33 -116.31
N MET A 4 -17.97 -47.33 -115.10
CA MET A 4 -18.63 -47.91 -113.94
C MET A 4 -19.94 -47.19 -113.63
N VAL A 5 -20.90 -47.93 -113.08
CA VAL A 5 -22.25 -47.44 -112.81
C VAL A 5 -23.02 -47.10 -114.11
N GLY A 6 -22.33 -47.20 -115.24
CA GLY A 6 -22.96 -47.06 -116.54
C GLY A 6 -23.54 -45.68 -116.78
N GLN A 7 -22.91 -44.67 -116.19
CA GLN A 7 -23.33 -43.27 -116.38
C GLN A 7 -24.68 -43.04 -115.70
N ARG A 8 -25.19 -41.81 -115.79
CA ARG A 8 -26.41 -41.41 -115.11
C ARG A 8 -26.19 -41.48 -113.62
N GLU A 9 -25.19 -40.75 -113.18
CA GLU A 9 -24.75 -40.76 -111.80
C GLU A 9 -24.95 -39.39 -111.16
N PRO A 10 -25.44 -39.34 -109.91
CA PRO A 10 -25.68 -38.09 -109.22
C PRO A 10 -24.41 -37.48 -108.64
N ALA A 11 -24.54 -36.27 -108.13
CA ALA A 11 -23.44 -35.58 -107.48
C ALA A 11 -23.77 -35.37 -106.01
N PRO A 12 -22.78 -35.00 -105.16
CA PRO A 12 -23.03 -34.69 -103.75
C PRO A 12 -24.18 -33.70 -103.56
N VAL A 13 -24.99 -33.91 -102.54
CA VAL A 13 -26.15 -33.07 -102.30
C VAL A 13 -25.75 -31.64 -101.93
N GLU A 14 -26.59 -30.71 -102.32
CA GLU A 14 -26.36 -29.30 -102.04
C GLU A 14 -27.24 -28.84 -100.89
N GLU A 15 -28.24 -29.65 -100.58
CA GLU A 15 -29.15 -29.38 -99.48
C GLU A 15 -28.53 -29.79 -98.14
N VAL A 16 -27.90 -28.84 -97.49
CA VAL A 16 -27.29 -29.06 -96.20
C VAL A 16 -28.37 -29.08 -95.12
N LYS A 17 -28.59 -30.26 -94.54
CA LYS A 17 -29.57 -30.41 -93.48
C LYS A 17 -28.99 -29.87 -92.17
N PRO A 18 -29.57 -28.76 -91.67
CA PRO A 18 -29.01 -28.03 -90.52
C PRO A 18 -29.33 -28.69 -89.18
N ALA A 19 -29.39 -30.01 -89.19
CA ALA A 19 -29.67 -30.81 -88.01
C ALA A 19 -30.98 -30.39 -87.33
N PRO A 20 -32.12 -30.94 -87.79
CA PRO A 20 -33.43 -30.66 -87.19
C PRO A 20 -33.63 -31.42 -85.88
N GLU A 21 -32.61 -31.37 -85.03
CA GLU A 21 -32.64 -32.08 -83.76
C GLU A 21 -33.10 -31.16 -82.64
N GLN A 22 -33.74 -31.74 -81.64
CA GLN A 22 -34.22 -30.99 -80.49
C GLN A 22 -33.07 -30.73 -79.51
N PRO A 23 -32.96 -29.47 -79.02
CA PRO A 23 -31.87 -29.05 -78.12
C PRO A 23 -31.77 -29.89 -76.86
N ALA A 24 -30.53 -30.11 -76.41
CA ALA A 24 -30.27 -30.86 -75.20
C ALA A 24 -29.05 -30.28 -74.48
N GLU A 25 -29.17 -30.14 -73.16
CA GLU A 25 -28.08 -29.64 -72.31
C GLU A 25 -27.67 -28.23 -72.70
N PRO A 26 -28.31 -27.22 -72.09
CA PRO A 26 -28.01 -25.81 -72.38
C PRO A 26 -26.74 -25.33 -71.67
N GLN A 27 -26.23 -26.19 -70.78
CA GLN A 27 -24.96 -25.97 -70.09
C GLN A 27 -24.98 -24.72 -69.20
N GLN A 28 -26.04 -24.56 -68.43
CA GLN A 28 -26.14 -23.42 -67.52
C GLN A 28 -25.71 -23.80 -66.11
N PRO A 29 -24.50 -23.38 -65.69
CA PRO A 29 -24.01 -23.60 -64.34
C PRO A 29 -24.55 -22.54 -63.39
N VAL A 30 -25.78 -22.74 -62.93
CA VAL A 30 -26.44 -21.80 -62.05
C VAL A 30 -25.64 -21.56 -60.77
N PRO A 31 -25.46 -20.28 -60.37
CA PRO A 31 -24.79 -19.93 -59.12
C PRO A 31 -25.64 -20.27 -57.90
N THR A 32 -25.40 -21.44 -57.34
CA THR A 32 -26.18 -21.91 -56.20
C THR A 32 -25.60 -21.42 -54.88
N VAL A 33 -26.46 -21.41 -53.86
CA VAL A 33 -26.11 -21.06 -52.48
C VAL A 33 -25.20 -19.83 -52.35
N PRO A 34 -25.82 -18.64 -52.19
CA PRO A 34 -25.10 -17.37 -51.99
C PRO A 34 -24.18 -17.39 -50.78
N SER A 35 -23.30 -16.41 -50.73
CA SER A 35 -22.37 -16.26 -49.62
C SER A 35 -22.98 -15.35 -48.57
N VAL A 36 -22.55 -15.52 -47.34
CA VAL A 36 -23.06 -14.71 -46.24
C VAL A 36 -22.34 -13.36 -46.17
N PRO A 37 -23.09 -12.26 -46.37
CA PRO A 37 -22.57 -10.90 -46.21
C PRO A 37 -22.45 -10.50 -44.75
N THR A 38 -23.30 -11.12 -43.93
CA THR A 38 -23.37 -10.83 -42.51
C THR A 38 -22.10 -11.28 -41.78
N ILE A 39 -21.65 -10.45 -40.86
CA ILE A 39 -20.45 -10.71 -40.09
C ILE A 39 -20.79 -11.33 -38.75
N PRO A 40 -20.53 -12.65 -38.59
CA PRO A 40 -20.82 -13.37 -37.34
C PRO A 40 -19.86 -12.99 -36.22
N GLN A 41 -18.60 -13.42 -36.33
CA GLN A 41 -17.55 -13.13 -35.35
C GLN A 41 -18.03 -13.35 -33.90
N GLN A 42 -18.11 -14.61 -33.52
CA GLN A 42 -18.56 -14.98 -32.18
C GLN A 42 -17.61 -14.47 -31.11
N PRO A 43 -18.13 -14.01 -29.97
CA PRO A 43 -17.31 -13.62 -28.83
C PRO A 43 -16.77 -14.83 -28.08
N GLY A 44 -15.71 -14.64 -27.34
CA GLY A 44 -15.14 -15.73 -26.57
C GLY A 44 -15.63 -15.75 -25.15
N PRO A 45 -15.30 -16.80 -24.39
CA PRO A 45 -15.70 -16.94 -22.99
C PRO A 45 -14.97 -15.96 -22.09
N ILE A 46 -15.52 -15.70 -20.91
CA ILE A 46 -14.95 -14.74 -19.99
C ILE A 46 -13.51 -15.11 -19.64
N GLU A 47 -13.36 -16.28 -19.04
CA GLU A 47 -12.07 -16.79 -18.60
C GLU A 47 -11.34 -15.78 -17.73
N HIS A 48 -11.67 -15.76 -16.45
CA HIS A 48 -11.02 -14.87 -15.52
C HIS A 48 -9.71 -15.48 -15.01
N GLU A 49 -8.98 -14.70 -14.25
CA GLU A 49 -7.74 -15.17 -13.67
C GLU A 49 -7.81 -15.06 -12.15
N ASP A 50 -7.28 -16.07 -11.48
CA ASP A 50 -7.33 -16.10 -10.02
C ASP A 50 -5.94 -15.94 -9.45
N GLN A 51 -5.43 -14.74 -9.59
CA GLN A 51 -4.14 -14.35 -9.04
C GLN A 51 -4.29 -13.01 -8.34
N THR A 52 -4.89 -13.03 -7.16
CA THR A 52 -5.18 -11.81 -6.42
C THR A 52 -3.90 -11.07 -6.05
N ALA A 53 -4.01 -9.76 -5.95
CA ALA A 53 -2.85 -8.91 -5.76
C ALA A 53 -3.06 -7.92 -4.63
N PRO A 54 -2.33 -8.12 -3.53
CA PRO A 54 -2.29 -7.16 -2.41
C PRO A 54 -1.72 -5.83 -2.87
N PRO A 55 -2.28 -4.70 -2.36
CA PRO A 55 -1.91 -3.36 -2.81
C PRO A 55 -0.40 -3.13 -2.82
N ALA A 56 0.16 -2.88 -4.00
CA ALA A 56 1.58 -2.57 -4.12
C ALA A 56 1.90 -1.23 -3.42
N PRO A 57 1.14 -0.14 -3.71
CA PRO A 57 1.35 1.15 -3.07
C PRO A 57 1.00 1.12 -1.60
N HIS A 58 1.14 2.27 -0.99
CA HIS A 58 0.96 2.38 0.44
C HIS A 58 -0.24 3.24 0.78
N ILE A 59 -0.93 2.85 1.82
CA ILE A 59 -2.16 3.50 2.22
C ILE A 59 -1.90 4.68 3.14
N ARG A 60 -2.97 5.41 3.36
CA ARG A 60 -3.02 6.56 4.24
C ARG A 60 -2.82 6.18 5.69
N HIS A 61 -3.29 7.07 6.51
CA HIS A 61 -3.26 6.95 7.93
C HIS A 61 -4.33 7.83 8.45
N TYR A 62 -4.89 7.44 9.55
CA TYR A 62 -6.00 8.15 10.08
C TYR A 62 -5.72 8.54 11.50
N ASP A 63 -6.49 9.49 12.00
CA ASP A 63 -6.43 9.79 13.40
C ASP A 63 -7.34 8.81 14.13
N TRP A 64 -6.88 7.59 14.06
CA TRP A 64 -7.46 6.46 14.74
C TRP A 64 -7.52 6.64 16.25
N ASN A 65 -6.43 7.14 16.76
CA ASN A 65 -6.28 7.51 18.16
C ASN A 65 -7.43 8.41 18.61
N GLY A 66 -7.97 9.15 17.68
CA GLY A 66 -9.05 10.06 17.96
C GLY A 66 -10.36 9.32 18.11
N ALA A 67 -10.34 8.11 17.62
CA ALA A 67 -11.50 7.25 17.58
C ALA A 67 -11.45 6.22 18.70
N MET A 68 -10.34 5.50 18.72
CA MET A 68 -10.10 4.44 19.67
C MET A 68 -10.07 4.95 21.10
N GLN A 69 -9.16 5.86 21.37
CA GLN A 69 -8.94 6.43 22.70
C GLN A 69 -10.19 6.65 23.53
N PRO A 70 -11.18 7.40 23.02
CA PRO A 70 -12.39 7.70 23.77
C PRO A 70 -13.18 6.44 24.03
N MET A 71 -13.06 5.49 23.10
CA MET A 71 -13.78 4.24 23.17
C MET A 71 -13.07 3.23 24.06
N VAL A 72 -11.75 3.21 23.90
CA VAL A 72 -10.87 2.43 24.76
C VAL A 72 -11.10 2.85 26.18
N SER A 73 -11.28 4.14 26.33
CA SER A 73 -11.62 4.72 27.60
C SER A 73 -12.96 4.18 28.12
N LYS A 74 -13.89 3.91 27.20
CA LYS A 74 -15.20 3.34 27.54
C LYS A 74 -15.10 1.84 27.72
N MET A 75 -14.23 1.23 26.94
CA MET A 75 -14.12 -0.21 26.86
C MET A 75 -13.69 -0.81 28.17
N LEU A 76 -12.95 -0.06 28.94
CA LEU A 76 -12.45 -0.55 30.20
C LEU A 76 -13.39 -0.18 31.34
N GLY A 77 -14.39 0.58 30.97
CA GLY A 77 -15.49 0.86 31.87
C GLY A 77 -16.69 0.07 31.44
N ALA A 78 -16.42 -0.92 30.61
CA ALA A 78 -17.45 -1.78 30.07
C ALA A 78 -17.73 -2.91 31.02
N ASP A 79 -18.82 -3.56 30.79
CA ASP A 79 -19.19 -4.70 31.61
C ASP A 79 -18.68 -5.97 31.01
N GLY A 80 -17.65 -6.49 31.59
CA GLY A 80 -17.03 -7.68 31.10
C GLY A 80 -15.54 -7.55 31.09
N VAL A 81 -15.08 -6.30 31.05
CA VAL A 81 -13.66 -6.02 30.94
C VAL A 81 -13.05 -5.70 32.29
N THR A 82 -11.77 -5.93 32.37
CA THR A 82 -11.03 -5.72 33.58
C THR A 82 -9.73 -4.98 33.30
N ALA A 83 -9.44 -4.01 34.13
CA ALA A 83 -8.13 -3.41 34.21
C ALA A 83 -7.10 -4.47 34.59
N GLY A 84 -6.02 -4.56 33.85
CA GLY A 84 -4.96 -5.48 34.16
C GLY A 84 -5.01 -6.74 33.33
N SER A 85 -5.91 -6.78 32.36
CA SER A 85 -6.01 -7.93 31.49
C SER A 85 -5.27 -7.69 30.19
N VAL A 86 -4.69 -8.74 29.62
CA VAL A 86 -4.10 -8.63 28.31
C VAL A 86 -5.20 -8.62 27.26
N LEU A 87 -5.12 -7.69 26.36
CA LEU A 87 -6.19 -7.42 25.43
C LEU A 87 -5.68 -7.65 24.02
N LEU A 88 -6.18 -8.71 23.41
CA LEU A 88 -5.86 -9.00 22.03
C LEU A 88 -6.56 -7.99 21.18
N VAL A 89 -5.85 -6.93 20.87
CA VAL A 89 -6.37 -5.93 19.99
C VAL A 89 -6.36 -6.51 18.60
N ASP A 90 -7.55 -6.67 18.05
CA ASP A 90 -7.71 -7.27 16.76
C ASP A 90 -7.37 -6.27 15.70
N SER A 91 -7.29 -6.71 14.49
CA SER A 91 -7.20 -5.79 13.41
C SER A 91 -8.46 -4.96 13.38
N VAL A 92 -8.31 -3.81 12.87
CA VAL A 92 -9.41 -3.01 12.49
C VAL A 92 -9.86 -3.50 11.15
N ASN A 93 -11.13 -3.57 10.99
CA ASN A 93 -11.69 -3.88 9.71
C ASN A 93 -11.79 -2.64 8.86
N ASN A 94 -11.94 -2.87 7.60
CA ASN A 94 -12.16 -1.84 6.64
C ASN A 94 -13.44 -2.15 5.89
N ARG A 95 -14.54 -1.71 6.46
CA ARG A 95 -15.87 -2.02 5.98
C ARG A 95 -16.48 -0.77 5.39
N THR A 96 -15.69 0.27 5.47
CA THR A 96 -16.06 1.61 5.04
C THR A 96 -16.58 1.70 3.62
N ASN A 97 -16.75 2.95 3.21
CA ASN A 97 -17.12 3.30 1.86
C ASN A 97 -15.96 3.02 0.90
N GLY A 98 -14.80 2.70 1.45
CA GLY A 98 -13.63 2.48 0.63
C GLY A 98 -12.61 1.55 1.27
N SER A 99 -11.34 1.82 1.03
CA SER A 99 -10.25 1.00 1.53
C SER A 99 -9.27 1.77 2.41
N LEU A 100 -9.00 1.23 3.58
CA LEU A 100 -8.11 1.86 4.52
C LEU A 100 -7.15 0.87 5.11
N ASN A 101 -6.05 1.39 5.57
CA ASN A 101 -5.03 0.62 6.24
C ASN A 101 -5.48 0.43 7.66
N ALA A 102 -6.36 -0.49 7.82
CA ALA A 102 -6.87 -0.81 9.12
C ALA A 102 -5.79 -1.42 9.97
N ALA A 103 -4.71 -1.83 9.34
CA ALA A 103 -3.64 -2.48 10.06
C ALA A 103 -2.79 -1.41 10.73
N GLU A 104 -2.75 -0.26 10.07
CA GLU A 104 -2.18 0.93 10.62
C GLU A 104 -3.01 1.38 11.80
N ALA A 105 -4.29 1.16 11.65
CA ALA A 105 -5.27 1.49 12.64
C ALA A 105 -5.14 0.56 13.80
N THR A 106 -4.97 -0.68 13.46
CA THR A 106 -4.79 -1.72 14.42
C THR A 106 -3.53 -1.47 15.23
N GLU A 107 -2.53 -0.86 14.61
CA GLU A 107 -1.38 -0.43 15.34
C GLU A 107 -1.79 0.67 16.31
N THR A 108 -2.56 1.63 15.80
CA THR A 108 -3.08 2.72 16.60
C THR A 108 -3.95 2.20 17.73
N LEU A 109 -4.61 1.09 17.48
CA LEU A 109 -5.36 0.39 18.49
C LEU A 109 -4.51 0.16 19.70
N ARG A 110 -3.50 -0.69 19.53
CA ARG A 110 -2.51 -0.97 20.55
C ARG A 110 -2.10 0.32 21.25
N ASN A 111 -2.03 1.36 20.46
CA ASN A 111 -1.56 2.66 20.89
C ASN A 111 -2.56 3.36 21.77
N ALA A 112 -3.80 3.35 21.36
CA ALA A 112 -4.86 3.98 22.10
C ALA A 112 -5.16 3.15 23.32
N LEU A 113 -5.01 1.85 23.14
CA LEU A 113 -5.10 0.88 24.19
C LEU A 113 -3.98 1.10 25.21
N ALA A 114 -2.83 1.54 24.69
CA ALA A 114 -1.62 1.74 25.48
C ALA A 114 -1.74 2.97 26.35
N ASN A 115 -2.32 3.99 25.78
CA ASN A 115 -2.47 5.27 26.45
C ASN A 115 -3.33 5.11 27.69
N ASN A 116 -4.18 4.10 27.69
CA ASN A 116 -5.11 3.91 28.80
C ASN A 116 -4.52 2.97 29.84
N GLY A 117 -3.54 2.19 29.42
CA GLY A 117 -2.63 1.51 30.34
C GLY A 117 -3.26 0.49 31.26
N LYS A 118 -4.57 0.29 31.14
CA LYS A 118 -5.26 -0.71 31.94
C LYS A 118 -5.02 -2.09 31.36
N PHE A 119 -4.92 -2.16 30.05
CA PHE A 119 -4.72 -3.44 29.40
C PHE A 119 -3.27 -3.78 29.24
N THR A 120 -3.08 -4.95 28.70
CA THR A 120 -1.81 -5.34 28.22
C THR A 120 -1.93 -5.68 26.77
N LEU A 121 -1.20 -4.96 25.96
CA LEU A 121 -1.39 -5.07 24.57
C LEU A 121 -0.56 -6.17 23.99
N VAL A 122 -1.10 -6.82 23.00
CA VAL A 122 -0.34 -7.74 22.20
C VAL A 122 0.25 -7.01 21.00
N SER A 123 1.37 -7.50 20.51
CA SER A 123 1.99 -6.95 19.33
C SER A 123 1.69 -7.80 18.13
N ALA A 124 1.91 -7.18 16.98
CA ALA A 124 1.64 -7.73 15.67
C ALA A 124 2.54 -8.90 15.38
N GLN A 125 3.65 -8.90 16.09
CA GLN A 125 4.58 -10.02 16.12
C GLN A 125 3.84 -11.28 16.52
N GLN A 126 2.83 -11.09 17.35
CA GLN A 126 1.91 -12.15 17.71
C GLN A 126 0.65 -12.09 16.87
N LEU A 127 0.02 -10.92 16.88
CA LEU A 127 -1.34 -10.72 16.39
C LEU A 127 -1.47 -10.85 14.87
N SER A 128 -0.82 -9.94 14.16
CA SER A 128 -0.83 -9.93 12.70
C SER A 128 -0.49 -11.29 12.19
N MET A 129 0.43 -11.85 12.93
CA MET A 129 0.94 -13.18 12.74
C MET A 129 -0.13 -14.21 12.96
N ALA A 130 -0.65 -14.26 14.18
CA ALA A 130 -1.76 -15.11 14.55
C ALA A 130 -2.84 -15.10 13.49
N LYS A 131 -3.14 -13.92 12.98
CA LYS A 131 -4.06 -13.81 11.88
C LYS A 131 -3.69 -14.79 10.80
N GLN A 132 -2.54 -14.56 10.23
CA GLN A 132 -1.99 -15.41 9.19
C GLN A 132 -1.89 -16.86 9.65
N GLN A 133 -1.39 -17.03 10.89
CA GLN A 133 -1.18 -18.35 11.49
C GLN A 133 -2.45 -19.13 11.47
N LEU A 134 -3.51 -18.41 11.67
CA LEU A 134 -4.80 -19.01 11.75
C LEU A 134 -5.43 -19.03 10.37
N GLY A 135 -5.08 -18.04 9.57
CA GLY A 135 -5.64 -17.97 8.24
C GLY A 135 -5.59 -16.60 7.64
N LEU A 136 -6.03 -15.69 8.46
CA LEU A 136 -6.31 -14.34 8.08
C LEU A 136 -5.13 -13.51 7.67
N SER A 137 -5.49 -12.27 7.47
CA SER A 137 -4.58 -11.19 7.28
C SER A 137 -4.64 -10.30 8.50
N PRO A 138 -3.53 -9.65 8.86
CA PRO A 138 -3.46 -8.76 10.03
C PRO A 138 -4.42 -7.58 9.92
N GLN A 139 -5.16 -7.52 8.82
CA GLN A 139 -6.07 -6.43 8.52
C GLN A 139 -7.48 -6.95 8.43
N ASP A 140 -7.55 -8.23 8.12
CA ASP A 140 -8.80 -8.92 7.86
C ASP A 140 -9.64 -8.94 9.10
N SER A 141 -8.95 -8.78 10.23
CA SER A 141 -9.53 -8.92 11.52
C SER A 141 -9.78 -10.36 11.82
N LEU A 142 -10.20 -10.65 13.02
CA LEU A 142 -10.39 -12.01 13.41
C LEU A 142 -11.51 -12.59 12.59
N GLY A 143 -12.49 -11.74 12.38
CA GLY A 143 -13.63 -12.08 11.55
C GLY A 143 -14.55 -13.12 12.16
N THR A 144 -14.12 -13.77 13.21
CA THR A 144 -14.90 -14.82 13.85
C THR A 144 -14.46 -14.98 15.28
N ARG A 145 -15.38 -14.98 16.22
CA ARG A 145 -15.05 -15.12 17.63
C ARG A 145 -14.01 -16.18 17.85
N SER A 146 -14.19 -17.34 17.28
CA SER A 146 -13.31 -18.46 17.52
C SER A 146 -11.95 -18.24 16.84
N LYS A 147 -11.96 -17.43 15.77
CA LYS A 147 -10.75 -17.03 15.07
C LYS A 147 -10.01 -16.02 15.90
N ALA A 148 -10.82 -15.28 16.64
CA ALA A 148 -10.38 -14.27 17.56
C ALA A 148 -9.81 -14.89 18.79
N ILE A 149 -10.56 -15.85 19.25
CA ILE A 149 -10.22 -16.61 20.39
C ILE A 149 -9.01 -17.46 20.10
N GLY A 150 -9.02 -18.02 18.93
CA GLY A 150 -7.85 -18.71 18.43
C GLY A 150 -6.63 -17.84 18.51
N ILE A 151 -6.74 -16.66 17.94
CA ILE A 151 -5.65 -15.72 17.89
C ILE A 151 -5.28 -15.19 19.25
N ALA A 152 -6.26 -14.76 20.00
CA ALA A 152 -6.02 -14.21 21.33
C ALA A 152 -5.27 -15.20 22.20
N ARG A 153 -5.62 -16.46 22.10
CA ARG A 153 -4.96 -17.50 22.90
C ARG A 153 -3.66 -17.93 22.24
N ASN A 154 -3.59 -17.67 20.94
CA ASN A 154 -2.40 -17.93 20.14
C ASN A 154 -1.46 -16.77 20.33
N VAL A 155 -2.03 -15.74 20.94
CA VAL A 155 -1.36 -14.48 21.13
C VAL A 155 -0.98 -14.28 22.59
N GLY A 156 -1.76 -14.85 23.50
CA GLY A 156 -1.48 -14.70 24.92
C GLY A 156 -2.37 -13.66 25.57
N ALA A 157 -3.60 -13.59 25.13
CA ALA A 157 -4.49 -12.51 25.52
C ALA A 157 -5.64 -12.98 26.41
N HIS A 158 -6.20 -12.02 27.16
CA HIS A 158 -7.35 -12.25 28.03
C HIS A 158 -8.62 -11.83 27.32
N TYR A 159 -8.47 -10.90 26.38
CA TYR A 159 -9.60 -10.30 25.69
C TYR A 159 -9.35 -10.20 24.20
N VAL A 160 -10.32 -9.64 23.50
CA VAL A 160 -10.16 -9.20 22.14
C VAL A 160 -10.73 -7.81 21.98
N LEU A 161 -10.09 -6.98 21.21
CA LEU A 161 -10.73 -5.78 20.75
C LEU A 161 -10.98 -5.88 19.27
N TYR A 162 -12.22 -6.17 18.96
CA TYR A 162 -12.69 -6.27 17.60
C TYR A 162 -12.94 -4.89 17.07
N SER A 163 -12.15 -4.51 16.13
CA SER A 163 -12.24 -3.18 15.57
C SER A 163 -12.56 -3.22 14.09
N SER A 164 -13.09 -2.12 13.64
CA SER A 164 -13.45 -1.94 12.26
C SER A 164 -13.67 -0.51 11.94
N ALA A 165 -13.83 -0.26 10.69
CA ALA A 165 -14.07 1.04 10.21
C ALA A 165 -15.11 0.97 9.13
N SER A 166 -16.08 1.85 9.17
CA SER A 166 -17.12 1.83 8.19
C SER A 166 -17.55 3.26 7.88
N GLY A 167 -18.59 3.42 7.11
CA GLY A 167 -19.12 4.74 6.91
C GLY A 167 -18.55 5.37 5.69
N ASN A 168 -17.38 5.92 5.86
CA ASN A 168 -16.63 6.51 4.79
C ASN A 168 -15.18 6.28 5.06
N VAL A 169 -14.51 5.76 4.07
CA VAL A 169 -13.15 5.29 4.24
C VAL A 169 -12.18 6.42 4.57
N ASN A 170 -12.30 7.56 3.91
CA ASN A 170 -11.39 8.67 4.15
C ASN A 170 -11.48 9.12 5.58
N ALA A 171 -12.65 8.94 6.12
CA ALA A 171 -12.95 9.28 7.49
C ALA A 171 -14.09 8.40 7.98
N PRO A 172 -13.73 7.25 8.51
CA PRO A 172 -14.64 6.17 8.85
C PRO A 172 -15.17 6.19 10.25
N THR A 173 -16.19 5.42 10.44
CA THR A 173 -16.66 5.09 11.74
C THR A 173 -15.85 3.95 12.25
N LEU A 174 -15.12 4.15 13.30
CA LEU A 174 -14.38 3.08 13.86
C LEU A 174 -15.24 2.29 14.76
N GLN A 175 -15.74 1.24 14.24
CA GLN A 175 -16.61 0.39 14.95
C GLN A 175 -15.80 -0.62 15.74
N MET A 176 -15.79 -0.44 17.03
CA MET A 176 -15.00 -1.27 17.94
C MET A 176 -15.91 -2.20 18.73
N GLN A 177 -15.33 -3.24 19.32
CA GLN A 177 -16.11 -4.31 19.91
C GLN A 177 -15.20 -5.22 20.72
N LEU A 178 -15.46 -5.33 21.99
CA LEU A 178 -14.58 -6.04 22.88
C LEU A 178 -15.15 -7.41 23.16
N MET A 179 -14.59 -8.40 22.50
CA MET A 179 -14.99 -9.76 22.73
C MET A 179 -14.11 -10.37 23.78
N LEU A 180 -14.70 -10.82 24.84
CA LEU A 180 -14.01 -11.67 25.76
C LEU A 180 -13.49 -12.88 24.98
N VAL A 181 -12.23 -13.21 25.07
CA VAL A 181 -11.75 -14.39 24.35
C VAL A 181 -12.00 -15.66 25.17
N GLN A 182 -11.89 -15.52 26.48
CA GLN A 182 -12.09 -16.62 27.41
C GLN A 182 -13.50 -17.20 27.31
N THR A 183 -14.41 -16.45 26.69
CA THR A 183 -15.77 -16.89 26.52
C THR A 183 -16.21 -16.72 25.08
N GLY A 184 -15.74 -15.63 24.50
CA GLY A 184 -16.09 -15.30 23.14
C GLY A 184 -17.32 -14.44 23.05
N GLU A 185 -17.61 -13.72 24.11
CA GLU A 185 -18.78 -12.87 24.17
C GLU A 185 -18.40 -11.41 24.00
N ILE A 186 -19.34 -10.59 23.58
CA ILE A 186 -19.08 -9.18 23.43
C ILE A 186 -19.46 -8.46 24.70
N ILE A 187 -18.47 -7.92 25.36
CA ILE A 187 -18.66 -7.30 26.65
C ILE A 187 -18.67 -5.78 26.52
N TRP A 188 -17.94 -5.29 25.53
CA TRP A 188 -17.95 -3.87 25.18
C TRP A 188 -18.04 -3.72 23.69
N SER A 189 -18.61 -2.63 23.25
CA SER A 189 -18.45 -2.22 21.87
C SER A 189 -18.60 -0.73 21.67
N GLY A 190 -18.15 -0.24 20.52
CA GLY A 190 -18.23 1.15 20.21
C GLY A 190 -18.16 1.37 18.74
N LYS A 191 -18.21 2.63 18.39
CA LYS A 191 -17.87 3.11 17.07
C LYS A 191 -17.51 4.54 17.22
N GLY A 192 -16.63 4.96 16.40
CA GLY A 192 -16.18 6.32 16.49
C GLY A 192 -15.56 6.79 15.22
N ALA A 193 -16.04 7.89 14.73
CA ALA A 193 -15.60 8.38 13.44
C ALA A 193 -14.19 8.92 13.51
N VAL A 194 -13.30 8.23 12.81
CA VAL A 194 -11.91 8.57 12.80
C VAL A 194 -11.62 9.52 11.68
N SER A 195 -10.52 10.17 11.88
CA SER A 195 -10.06 11.21 11.02
C SER A 195 -9.00 10.67 10.14
N GLN A 196 -8.56 11.43 9.18
CA GLN A 196 -7.43 11.00 8.40
C GLN A 196 -6.19 11.74 8.87
N GLN A 197 -5.09 11.00 9.01
CA GLN A 197 -3.83 11.60 9.39
C GLN A 197 -2.95 11.87 8.17
N GLY A 1 38.97 98.12 -89.26
CA GLY A 1 37.54 97.73 -89.31
C GLY A 1 37.18 97.04 -90.60
N SER A 2 36.89 97.84 -91.63
CA SER A 2 36.54 97.35 -92.95
C SER A 2 35.35 96.39 -92.90
N HIS A 3 34.22 96.95 -92.46
CA HIS A 3 32.98 96.21 -92.27
C HIS A 3 33.20 95.03 -91.33
N MET A 4 33.57 95.31 -90.10
CA MET A 4 33.89 94.27 -89.14
C MET A 4 32.71 93.31 -88.95
N VAL A 5 33.04 92.02 -88.79
CA VAL A 5 32.07 90.94 -88.57
C VAL A 5 31.05 90.81 -89.71
N GLY A 6 31.18 91.65 -90.73
CA GLY A 6 30.24 91.63 -91.82
C GLY A 6 29.05 92.54 -91.55
N GLN A 7 29.24 93.48 -90.62
CA GLN A 7 28.19 94.43 -90.24
C GLN A 7 26.99 93.73 -89.61
N ARG A 8 25.88 94.46 -89.49
CA ARG A 8 24.65 93.91 -88.94
C ARG A 8 24.85 93.41 -87.52
N GLU A 9 25.13 94.35 -86.62
CA GLU A 9 25.29 94.03 -85.21
C GLU A 9 23.99 93.49 -84.62
N PRO A 10 22.82 94.06 -84.93
CA PRO A 10 21.55 93.42 -84.62
C PRO A 10 21.30 92.21 -85.51
N ALA A 11 21.13 91.04 -84.90
CA ALA A 11 20.88 89.83 -85.68
C ALA A 11 20.09 88.79 -84.88
N PRO A 12 20.58 88.30 -83.73
CA PRO A 12 19.85 87.32 -82.94
C PRO A 12 18.67 87.95 -82.18
N VAL A 13 17.63 87.18 -81.95
CA VAL A 13 16.52 87.63 -81.15
C VAL A 13 16.86 87.55 -79.67
N GLU A 14 16.21 88.37 -78.88
CA GLU A 14 16.42 88.36 -77.45
C GLU A 14 15.56 87.26 -76.82
N GLU A 15 15.99 86.03 -77.03
CA GLU A 15 15.24 84.86 -76.58
C GLU A 15 15.07 84.87 -75.06
N VAL A 16 13.89 84.47 -74.61
CA VAL A 16 13.60 84.42 -73.18
C VAL A 16 14.30 83.23 -72.54
N LYS A 17 14.65 83.40 -71.26
CA LYS A 17 15.21 82.32 -70.44
C LYS A 17 14.21 81.17 -70.35
N PRO A 18 14.46 80.08 -71.11
CA PRO A 18 13.49 79.00 -71.28
C PRO A 18 13.55 77.95 -70.18
N ALA A 19 12.39 77.54 -69.73
CA ALA A 19 12.27 76.47 -68.75
C ALA A 19 11.19 75.49 -69.17
N PRO A 20 11.52 74.18 -69.23
CA PRO A 20 10.56 73.16 -69.61
C PRO A 20 9.48 72.95 -68.56
N GLU A 21 8.26 72.75 -68.99
CA GLU A 21 7.14 72.51 -68.09
C GLU A 21 7.06 71.02 -67.74
N GLN A 22 5.92 70.61 -67.19
CA GLN A 22 5.58 69.20 -67.01
C GLN A 22 6.70 68.41 -66.35
N PRO A 23 6.92 68.60 -65.04
CA PRO A 23 7.86 67.79 -64.26
C PRO A 23 7.39 66.36 -64.15
N ALA A 24 8.31 65.47 -63.79
CA ALA A 24 7.98 64.07 -63.59
C ALA A 24 7.09 63.90 -62.37
N GLU A 25 5.78 64.06 -62.58
CA GLU A 25 4.80 64.06 -61.51
C GLU A 25 3.86 62.86 -61.64
N PRO A 26 4.23 61.70 -61.05
CA PRO A 26 3.42 60.51 -61.09
C PRO A 26 2.46 60.42 -59.89
N GLN A 27 1.79 59.29 -59.76
CA GLN A 27 0.93 59.04 -58.62
C GLN A 27 1.18 57.65 -58.06
N GLN A 28 2.37 57.13 -58.35
CA GLN A 28 2.74 55.80 -57.91
C GLN A 28 4.27 55.70 -57.83
N PRO A 29 4.81 55.39 -56.64
CA PRO A 29 6.24 55.12 -56.47
C PRO A 29 6.60 53.74 -57.04
N VAL A 30 7.54 53.06 -56.41
CA VAL A 30 7.92 51.71 -56.80
C VAL A 30 6.74 50.76 -56.60
N PRO A 31 6.17 50.25 -57.71
CA PRO A 31 4.99 49.39 -57.66
C PRO A 31 5.34 47.94 -57.37
N THR A 32 5.71 47.66 -56.13
CA THR A 32 6.10 46.32 -55.74
C THR A 32 5.44 45.93 -54.41
N VAL A 33 5.23 44.64 -54.23
CA VAL A 33 4.68 44.12 -52.99
C VAL A 33 5.71 43.24 -52.29
N PRO A 34 6.61 43.85 -51.49
CA PRO A 34 7.66 43.13 -50.78
C PRO A 34 7.13 42.10 -49.81
N SER A 35 8.00 41.19 -49.42
CA SER A 35 7.66 40.15 -48.47
C SER A 35 8.05 40.57 -47.06
N VAL A 36 7.33 40.05 -46.09
CA VAL A 36 7.64 40.27 -44.69
C VAL A 36 8.84 39.42 -44.28
N PRO A 37 9.96 40.06 -43.90
CA PRO A 37 11.17 39.34 -43.52
C PRO A 37 11.06 38.67 -42.14
N THR A 38 10.33 39.31 -41.24
CA THR A 38 10.16 38.75 -39.91
C THR A 38 9.18 37.58 -39.93
N ILE A 39 9.50 36.56 -39.15
CA ILE A 39 8.66 35.37 -39.05
C ILE A 39 7.93 35.38 -37.71
N PRO A 40 6.60 35.16 -37.72
CA PRO A 40 5.81 35.11 -36.50
C PRO A 40 6.00 33.80 -35.75
N GLN A 41 7.21 33.58 -35.26
CA GLN A 41 7.54 32.35 -34.57
C GLN A 41 6.80 32.25 -33.23
N GLN A 42 6.83 33.35 -32.48
CA GLN A 42 6.21 33.41 -31.17
C GLN A 42 6.85 32.39 -30.22
N PRO A 43 7.97 32.78 -29.58
CA PRO A 43 8.70 31.91 -28.65
C PRO A 43 7.91 31.71 -27.35
N GLY A 44 7.83 30.47 -26.92
CA GLY A 44 7.11 30.16 -25.70
C GLY A 44 7.79 29.06 -24.90
N PRO A 45 7.29 28.77 -23.69
CA PRO A 45 7.88 27.75 -22.81
C PRO A 45 7.72 26.34 -23.36
N ILE A 46 8.77 25.55 -23.30
CA ILE A 46 8.73 24.18 -23.76
C ILE A 46 8.30 23.25 -22.63
N GLU A 47 9.20 23.08 -21.67
CA GLU A 47 8.94 22.27 -20.47
C GLU A 47 8.49 20.85 -20.81
N HIS A 48 9.44 19.96 -20.99
CA HIS A 48 9.10 18.55 -21.17
C HIS A 48 9.18 17.83 -19.84
N GLU A 49 8.77 16.59 -19.84
CA GLU A 49 8.86 15.75 -18.67
C GLU A 49 9.31 14.34 -19.02
N ASP A 50 9.49 13.49 -18.03
CA ASP A 50 9.80 12.09 -18.29
C ASP A 50 8.79 11.17 -17.64
N GLN A 51 7.57 11.68 -17.58
CA GLN A 51 6.43 10.98 -17.00
C GLN A 51 6.62 10.76 -15.51
N THR A 52 5.74 9.98 -14.91
CA THR A 52 5.86 9.60 -13.51
C THR A 52 5.56 8.13 -13.35
N ALA A 53 6.13 7.53 -12.33
CA ALA A 53 6.00 6.10 -12.11
C ALA A 53 5.18 5.81 -10.85
N PRO A 54 3.86 5.69 -10.98
CA PRO A 54 2.95 5.36 -9.90
C PRO A 54 2.49 3.90 -9.95
N PRO A 55 3.24 2.98 -9.30
CA PRO A 55 2.86 1.58 -9.23
C PRO A 55 1.91 1.32 -8.07
N ALA A 56 1.89 0.08 -7.56
CA ALA A 56 1.05 -0.25 -6.41
C ALA A 56 1.32 0.71 -5.26
N PRO A 57 0.32 1.53 -4.92
CA PRO A 57 0.47 2.59 -3.94
C PRO A 57 0.48 2.09 -2.50
N HIS A 58 0.55 3.04 -1.61
CA HIS A 58 0.55 2.77 -0.18
C HIS A 58 -0.62 3.50 0.45
N ILE A 59 -1.18 2.90 1.48
CA ILE A 59 -2.38 3.42 2.08
C ILE A 59 -2.07 4.55 3.04
N ARG A 60 -3.13 5.25 3.39
CA ARG A 60 -3.12 6.39 4.25
C ARG A 60 -2.91 6.02 5.70
N HIS A 61 -3.38 6.92 6.51
CA HIS A 61 -3.36 6.84 7.96
C HIS A 61 -4.41 7.73 8.44
N TYR A 62 -5.02 7.37 9.53
CA TYR A 62 -6.10 8.11 10.05
C TYR A 62 -5.82 8.49 11.47
N ASP A 63 -6.54 9.48 11.96
CA ASP A 63 -6.46 9.78 13.36
C ASP A 63 -7.36 8.80 14.09
N TRP A 64 -6.89 7.59 14.05
CA TRP A 64 -7.47 6.46 14.73
C TRP A 64 -7.50 6.65 16.23
N ASN A 65 -6.39 7.13 16.73
CA ASN A 65 -6.22 7.48 18.13
C ASN A 65 -7.34 8.40 18.61
N GLY A 66 -7.86 9.17 17.69
CA GLY A 66 -8.94 10.10 17.98
C GLY A 66 -10.26 9.38 18.13
N ALA A 67 -10.26 8.17 17.63
CA ALA A 67 -11.43 7.33 17.57
C ALA A 67 -11.40 6.29 18.68
N MET A 68 -10.30 5.57 18.74
CA MET A 68 -10.08 4.50 19.67
C MET A 68 -10.09 4.98 21.12
N GLN A 69 -9.17 5.89 21.40
CA GLN A 69 -8.93 6.47 22.72
C GLN A 69 -10.18 6.76 23.54
N PRO A 70 -11.15 7.50 23.00
CA PRO A 70 -12.36 7.83 23.75
C PRO A 70 -13.19 6.59 24.02
N MET A 71 -13.02 5.61 23.14
CA MET A 71 -13.76 4.37 23.21
C MET A 71 -13.08 3.35 24.10
N VAL A 72 -11.76 3.26 23.92
CA VAL A 72 -10.89 2.46 24.77
C VAL A 72 -11.11 2.86 26.20
N SER A 73 -11.26 4.14 26.35
CA SER A 73 -11.61 4.72 27.63
C SER A 73 -12.93 4.12 28.16
N LYS A 74 -13.92 3.91 27.26
CA LYS A 74 -15.18 3.30 27.65
C LYS A 74 -15.07 1.81 27.82
N MET A 75 -14.19 1.22 27.04
CA MET A 75 -14.11 -0.22 26.94
C MET A 75 -13.69 -0.85 28.24
N LEU A 76 -12.96 -0.11 29.04
CA LEU A 76 -12.49 -0.63 30.30
C LEU A 76 -13.43 -0.28 31.42
N GLY A 77 -14.42 0.50 31.07
CA GLY A 77 -15.51 0.79 31.96
C GLY A 77 -16.72 0.00 31.52
N ALA A 78 -16.45 -0.98 30.67
CA ALA A 78 -17.47 -1.83 30.11
C ALA A 78 -17.77 -2.97 31.06
N ASP A 79 -18.87 -3.62 30.80
CA ASP A 79 -19.26 -4.77 31.59
C ASP A 79 -18.73 -6.03 30.98
N GLY A 80 -17.68 -6.54 31.59
CA GLY A 80 -17.06 -7.73 31.09
C GLY A 80 -15.57 -7.58 31.09
N VAL A 81 -15.13 -6.34 31.09
CA VAL A 81 -13.72 -6.03 31.02
C VAL A 81 -13.17 -5.66 32.38
N THR A 82 -11.91 -5.93 32.55
CA THR A 82 -11.22 -5.60 33.76
C THR A 82 -9.86 -4.98 33.46
N ALA A 83 -9.51 -4.00 34.23
CA ALA A 83 -8.17 -3.44 34.27
C ALA A 83 -7.14 -4.53 34.57
N GLY A 84 -6.11 -4.62 33.76
CA GLY A 84 -5.02 -5.53 34.02
C GLY A 84 -5.05 -6.75 33.13
N SER A 85 -5.84 -6.70 32.07
CA SER A 85 -5.92 -7.82 31.15
C SER A 85 -5.02 -7.59 29.96
N VAL A 86 -4.55 -8.66 29.36
CA VAL A 86 -3.94 -8.57 28.06
C VAL A 86 -5.02 -8.54 27.00
N LEU A 87 -5.09 -7.44 26.32
CA LEU A 87 -6.17 -7.19 25.39
C LEU A 87 -5.66 -7.40 23.98
N LEU A 88 -6.13 -8.49 23.39
CA LEU A 88 -5.82 -8.82 22.02
C LEU A 88 -6.53 -7.85 21.12
N VAL A 89 -5.84 -6.81 20.70
CA VAL A 89 -6.43 -5.89 19.80
C VAL A 89 -6.54 -6.58 18.46
N ASP A 90 -7.74 -6.68 17.98
CA ASP A 90 -8.00 -7.26 16.70
C ASP A 90 -7.64 -6.24 15.67
N SER A 91 -7.35 -6.71 14.48
CA SER A 91 -7.17 -5.81 13.40
C SER A 91 -8.44 -5.06 13.24
N VAL A 92 -8.30 -3.82 13.00
CA VAL A 92 -9.39 -3.03 12.60
C VAL A 92 -9.83 -3.53 11.26
N ASN A 93 -11.11 -3.61 11.09
CA ASN A 93 -11.67 -3.97 9.83
C ASN A 93 -11.78 -2.75 8.95
N ASN A 94 -11.91 -3.00 7.70
CA ASN A 94 -12.11 -1.97 6.73
C ASN A 94 -13.38 -2.29 5.95
N ARG A 95 -14.48 -1.85 6.54
CA ARG A 95 -15.82 -2.18 6.08
C ARG A 95 -16.43 -0.95 5.47
N THR A 96 -15.65 0.11 5.54
CA THR A 96 -16.03 1.44 5.10
C THR A 96 -16.56 1.52 3.67
N ASN A 97 -16.75 2.75 3.28
CA ASN A 97 -17.13 3.09 1.95
C ASN A 97 -15.97 2.87 0.97
N GLY A 98 -14.81 2.52 1.50
CA GLY A 98 -13.63 2.31 0.67
C GLY A 98 -12.61 1.39 1.31
N SER A 99 -11.33 1.69 1.08
CA SER A 99 -10.25 0.87 1.59
C SER A 99 -9.29 1.66 2.47
N LEU A 100 -8.99 1.12 3.64
CA LEU A 100 -8.13 1.79 4.58
C LEU A 100 -7.13 0.83 5.17
N ASN A 101 -6.06 1.40 5.64
CA ASN A 101 -5.02 0.66 6.32
C ASN A 101 -5.46 0.45 7.73
N ALA A 102 -6.31 -0.52 7.89
CA ALA A 102 -6.81 -0.85 9.18
C ALA A 102 -5.73 -1.44 10.04
N ALA A 103 -4.62 -1.80 9.41
CA ALA A 103 -3.53 -2.40 10.13
C ALA A 103 -2.75 -1.31 10.81
N GLU A 104 -2.71 -0.17 10.17
CA GLU A 104 -2.17 1.04 10.73
C GLU A 104 -3.03 1.47 11.89
N ALA A 105 -4.31 1.18 11.72
CA ALA A 105 -5.31 1.47 12.70
C ALA A 105 -5.17 0.55 13.86
N THR A 106 -4.95 -0.69 13.53
CA THR A 106 -4.78 -1.73 14.50
C THR A 106 -3.52 -1.48 15.32
N GLU A 107 -2.51 -0.88 14.70
CA GLU A 107 -1.36 -0.47 15.46
C GLU A 107 -1.77 0.65 16.40
N THR A 108 -2.58 1.56 15.87
CA THR A 108 -3.11 2.68 16.63
C THR A 108 -4.01 2.19 17.75
N LEU A 109 -4.66 1.07 17.51
CA LEU A 109 -5.41 0.39 18.54
C LEU A 109 -4.54 0.19 19.73
N ARG A 110 -3.57 -0.67 19.57
CA ARG A 110 -2.56 -0.93 20.59
C ARG A 110 -2.11 0.36 21.25
N ASN A 111 -1.99 1.38 20.43
CA ASN A 111 -1.50 2.69 20.84
C ASN A 111 -2.48 3.41 21.75
N ALA A 112 -3.73 3.38 21.35
CA ALA A 112 -4.78 4.01 22.10
C ALA A 112 -5.07 3.19 23.34
N LEU A 113 -4.90 1.89 23.15
CA LEU A 113 -5.00 0.91 24.20
C LEU A 113 -3.88 1.10 25.23
N ALA A 114 -2.74 1.57 24.71
CA ALA A 114 -1.50 1.71 25.50
C ALA A 114 -1.59 2.88 26.43
N ASN A 115 -2.17 3.96 25.93
CA ASN A 115 -2.29 5.20 26.67
C ASN A 115 -3.08 4.99 27.94
N ASN A 116 -3.97 4.00 27.89
CA ASN A 116 -4.89 3.73 28.98
C ASN A 116 -4.20 2.91 30.07
N GLY A 117 -3.33 2.01 29.67
CA GLY A 117 -2.54 1.25 30.63
C GLY A 117 -3.34 0.22 31.43
N LYS A 118 -4.63 0.12 31.19
CA LYS A 118 -5.45 -0.88 31.87
C LYS A 118 -5.42 -2.21 31.14
N PHE A 119 -4.83 -2.23 29.96
CA PHE A 119 -4.59 -3.47 29.27
C PHE A 119 -3.13 -3.73 29.04
N THR A 120 -2.88 -4.89 28.51
CA THR A 120 -1.62 -5.27 28.00
C THR A 120 -1.77 -5.57 26.54
N LEU A 121 -1.02 -4.90 25.73
CA LEU A 121 -1.25 -4.97 24.34
C LEU A 121 -0.41 -6.04 23.69
N VAL A 122 -1.02 -6.76 22.79
CA VAL A 122 -0.30 -7.67 21.94
C VAL A 122 0.06 -6.90 20.67
N SER A 123 1.20 -7.19 20.07
CA SER A 123 1.57 -6.49 18.88
C SER A 123 1.28 -7.34 17.66
N ALA A 124 1.69 -6.87 16.51
CA ALA A 124 1.56 -7.62 15.29
C ALA A 124 2.48 -8.83 15.40
N GLN A 125 3.49 -8.65 16.24
CA GLN A 125 4.49 -9.65 16.52
C GLN A 125 3.83 -10.97 16.88
N GLN A 126 2.76 -10.90 17.66
CA GLN A 126 1.95 -12.07 17.96
C GLN A 126 0.74 -12.12 17.04
N LEU A 127 0.04 -10.99 17.04
CA LEU A 127 -1.29 -10.85 16.45
C LEU A 127 -1.32 -11.13 14.96
N SER A 128 -0.61 -10.28 14.24
CA SER A 128 -0.53 -10.34 12.77
C SER A 128 -0.19 -11.72 12.35
N MET A 129 0.79 -12.22 13.07
CA MET A 129 1.29 -13.57 12.96
C MET A 129 0.18 -14.55 13.15
N ALA A 130 -0.42 -14.51 14.33
CA ALA A 130 -1.58 -15.32 14.68
C ALA A 130 -2.61 -15.35 13.59
N LYS A 131 -2.94 -14.19 13.03
CA LYS A 131 -3.93 -14.15 11.97
C LYS A 131 -3.49 -15.10 10.88
N GLN A 132 -2.25 -14.93 10.46
CA GLN A 132 -1.64 -15.73 9.41
C GLN A 132 -1.52 -17.19 9.84
N GLN A 133 -1.14 -17.36 11.11
CA GLN A 133 -0.98 -18.69 11.72
C GLN A 133 -2.27 -19.42 11.64
N LEU A 134 -3.31 -18.66 11.75
CA LEU A 134 -4.64 -19.19 11.75
C LEU A 134 -5.17 -19.21 10.32
N GLY A 135 -4.65 -18.31 9.51
CA GLY A 135 -5.09 -18.24 8.13
C GLY A 135 -4.99 -16.86 7.56
N LEU A 136 -5.57 -15.99 8.32
CA LEU A 136 -5.83 -14.62 7.99
C LEU A 136 -4.61 -13.75 7.76
N SER A 137 -4.94 -12.49 7.64
CA SER A 137 -4.02 -11.40 7.47
C SER A 137 -4.14 -10.49 8.67
N PRO A 138 -3.07 -9.76 9.00
CA PRO A 138 -3.06 -8.86 10.14
C PRO A 138 -4.06 -7.71 9.99
N GLN A 139 -4.76 -7.68 8.86
CA GLN A 139 -5.71 -6.62 8.54
C GLN A 139 -7.10 -7.21 8.39
N ASP A 140 -7.11 -8.47 7.99
CA ASP A 140 -8.33 -9.19 7.65
C ASP A 140 -9.22 -9.24 8.84
N SER A 141 -8.57 -9.10 9.99
CA SER A 141 -9.20 -9.14 11.25
C SER A 141 -9.58 -10.55 11.60
N LEU A 142 -9.97 -10.77 12.82
CA LEU A 142 -10.30 -12.11 13.27
C LEU A 142 -11.50 -12.59 12.49
N GLY A 143 -12.41 -11.65 12.30
CA GLY A 143 -13.60 -11.87 11.53
C GLY A 143 -14.56 -12.90 12.13
N THR A 144 -14.10 -13.63 13.13
CA THR A 144 -14.89 -14.70 13.72
C THR A 144 -14.46 -14.88 15.15
N ARG A 145 -15.39 -14.83 16.09
CA ARG A 145 -15.08 -14.97 17.50
C ARG A 145 -14.06 -16.07 17.74
N SER A 146 -14.25 -17.21 17.12
CA SER A 146 -13.41 -18.36 17.37
C SER A 146 -12.03 -18.19 16.74
N LYS A 147 -11.98 -17.37 15.68
CA LYS A 147 -10.74 -17.01 15.01
C LYS A 147 -9.99 -16.03 15.87
N ALA A 148 -10.80 -15.25 16.57
CA ALA A 148 -10.38 -14.26 17.51
C ALA A 148 -9.83 -14.91 18.73
N ILE A 149 -10.60 -15.86 19.17
CA ILE A 149 -10.28 -16.64 20.30
C ILE A 149 -9.08 -17.50 20.01
N GLY A 150 -9.07 -18.03 18.81
CA GLY A 150 -7.91 -18.72 18.32
C GLY A 150 -6.68 -17.87 18.44
N ILE A 151 -6.74 -16.70 17.85
CA ILE A 151 -5.62 -15.77 17.84
C ILE A 151 -5.28 -15.27 19.21
N ALA A 152 -6.26 -14.82 19.94
CA ALA A 152 -6.04 -14.28 21.28
C ALA A 152 -5.31 -15.28 22.16
N ARG A 153 -5.69 -16.54 22.05
CA ARG A 153 -5.09 -17.59 22.86
C ARG A 153 -3.77 -18.04 22.24
N ASN A 154 -3.66 -17.78 20.95
CA ASN A 154 -2.46 -18.08 20.19
C ASN A 154 -1.51 -16.92 20.38
N VAL A 155 -2.07 -15.88 20.96
CA VAL A 155 -1.38 -14.63 21.15
C VAL A 155 -1.02 -14.43 22.63
N GLY A 156 -1.82 -15.01 23.51
CA GLY A 156 -1.57 -14.87 24.93
C GLY A 156 -2.42 -13.80 25.56
N ALA A 157 -3.63 -13.66 25.07
CA ALA A 157 -4.48 -12.55 25.44
C ALA A 157 -5.63 -12.98 26.36
N HIS A 158 -6.22 -11.99 27.03
CA HIS A 158 -7.35 -12.21 27.93
C HIS A 158 -8.63 -11.84 27.22
N TYR A 159 -8.52 -10.92 26.28
CA TYR A 159 -9.66 -10.37 25.58
C TYR A 159 -9.40 -10.26 24.08
N VAL A 160 -10.35 -9.63 23.41
CA VAL A 160 -10.17 -9.18 22.05
C VAL A 160 -10.78 -7.80 21.92
N LEU A 161 -10.12 -6.92 21.20
CA LEU A 161 -10.78 -5.71 20.78
C LEU A 161 -11.05 -5.78 19.30
N TYR A 162 -12.28 -6.11 18.98
CA TYR A 162 -12.73 -6.19 17.62
C TYR A 162 -13.00 -4.81 17.11
N SER A 163 -12.22 -4.38 16.19
CA SER A 163 -12.36 -3.04 15.69
C SER A 163 -12.53 -3.06 14.19
N SER A 164 -13.06 -1.99 13.69
CA SER A 164 -13.40 -1.85 12.32
C SER A 164 -13.62 -0.44 11.96
N ALA A 165 -13.78 -0.24 10.71
CA ALA A 165 -14.06 1.04 10.18
C ALA A 165 -15.13 0.91 9.15
N SER A 166 -16.10 1.77 9.20
CA SER A 166 -17.16 1.73 8.24
C SER A 166 -17.59 3.13 7.90
N GLY A 167 -18.60 3.27 7.09
CA GLY A 167 -19.16 4.57 6.86
C GLY A 167 -18.57 5.22 5.65
N ASN A 168 -17.44 5.80 5.85
CA ASN A 168 -16.69 6.47 4.81
C ASN A 168 -15.24 6.21 5.06
N VAL A 169 -14.59 5.67 4.09
CA VAL A 169 -13.23 5.20 4.24
C VAL A 169 -12.25 6.32 4.57
N ASN A 170 -12.34 7.45 3.88
CA ASN A 170 -11.39 8.55 4.12
C ASN A 170 -11.51 9.03 5.55
N ALA A 171 -12.69 8.86 6.09
CA ALA A 171 -12.98 9.21 7.46
C ALA A 171 -14.13 8.36 7.96
N PRO A 172 -13.77 7.20 8.49
CA PRO A 172 -14.69 6.12 8.84
C PRO A 172 -15.21 6.15 10.24
N THR A 173 -16.22 5.38 10.44
CA THR A 173 -16.68 5.07 11.75
C THR A 173 -15.85 3.93 12.27
N LEU A 174 -15.14 4.16 13.32
CA LEU A 174 -14.37 3.11 13.88
C LEU A 174 -15.22 2.32 14.79
N GLN A 175 -15.69 1.25 14.28
CA GLN A 175 -16.57 0.40 15.01
C GLN A 175 -15.75 -0.61 15.80
N MET A 176 -15.73 -0.41 17.08
CA MET A 176 -14.95 -1.25 17.98
C MET A 176 -15.87 -2.15 18.79
N GLN A 177 -15.31 -3.19 19.37
CA GLN A 177 -16.11 -4.25 19.96
C GLN A 177 -15.21 -5.19 20.76
N LEU A 178 -15.43 -5.27 22.03
CA LEU A 178 -14.54 -5.97 22.91
C LEU A 178 -15.11 -7.34 23.20
N MET A 179 -14.56 -8.33 22.52
CA MET A 179 -14.95 -9.71 22.74
C MET A 179 -14.07 -10.32 23.79
N LEU A 180 -14.68 -10.82 24.84
CA LEU A 180 -13.97 -11.67 25.74
C LEU A 180 -13.49 -12.88 24.94
N VAL A 181 -12.22 -13.22 24.98
CA VAL A 181 -11.77 -14.39 24.24
C VAL A 181 -12.04 -15.68 25.02
N GLN A 182 -11.92 -15.57 26.34
CA GLN A 182 -12.11 -16.70 27.23
C GLN A 182 -13.54 -17.25 27.17
N THR A 183 -14.44 -16.48 26.57
CA THR A 183 -15.82 -16.91 26.39
C THR A 183 -16.25 -16.70 24.95
N GLY A 184 -15.77 -15.62 24.39
CA GLY A 184 -16.10 -15.26 23.04
C GLY A 184 -17.34 -14.42 22.96
N GLU A 185 -17.61 -13.69 24.02
CA GLU A 185 -18.79 -12.85 24.07
C GLU A 185 -18.40 -11.38 23.95
N ILE A 186 -19.31 -10.57 23.50
CA ILE A 186 -19.04 -9.15 23.40
C ILE A 186 -19.41 -8.48 24.70
N ILE A 187 -18.43 -7.86 25.31
CA ILE A 187 -18.57 -7.28 26.62
C ILE A 187 -18.59 -5.76 26.53
N TRP A 188 -17.89 -5.25 25.53
CA TRP A 188 -17.92 -3.83 25.20
C TRP A 188 -18.01 -3.67 23.71
N SER A 189 -18.59 -2.57 23.29
CA SER A 189 -18.42 -2.15 21.91
C SER A 189 -18.57 -0.65 21.73
N GLY A 190 -18.12 -0.17 20.58
CA GLY A 190 -18.19 1.22 20.27
C GLY A 190 -18.08 1.44 18.79
N LYS A 191 -18.15 2.68 18.42
CA LYS A 191 -17.83 3.14 17.10
C LYS A 191 -17.46 4.58 17.23
N GLY A 192 -16.59 4.99 16.40
CA GLY A 192 -16.14 6.35 16.46
C GLY A 192 -15.56 6.81 15.18
N ALA A 193 -16.04 7.92 14.70
CA ALA A 193 -15.64 8.40 13.39
C ALA A 193 -14.24 8.98 13.41
N VAL A 194 -13.34 8.26 12.76
CA VAL A 194 -11.95 8.61 12.73
C VAL A 194 -11.65 9.55 11.61
N SER A 195 -10.55 10.21 11.80
CA SER A 195 -10.08 11.24 10.95
C SER A 195 -9.04 10.68 10.03
N GLN A 196 -8.59 11.44 9.08
CA GLN A 196 -7.48 11.00 8.27
C GLN A 196 -6.22 11.72 8.68
N GLN A 197 -5.15 10.97 8.83
CA GLN A 197 -3.86 11.54 9.16
C GLN A 197 -3.11 11.92 7.89
N GLY A 1 7.44 -56.20 -54.61
CA GLY A 1 8.59 -56.83 -55.28
C GLY A 1 9.68 -55.83 -55.61
N SER A 2 10.72 -55.80 -54.78
CA SER A 2 11.83 -54.88 -54.98
C SER A 2 13.16 -55.54 -54.65
N HIS A 3 14.25 -54.99 -55.15
CA HIS A 3 15.58 -55.48 -54.83
C HIS A 3 16.08 -54.80 -53.56
N MET A 4 16.12 -55.54 -52.46
CA MET A 4 16.56 -54.97 -51.20
C MET A 4 18.03 -55.30 -50.97
N VAL A 5 18.91 -54.53 -51.65
CA VAL A 5 20.38 -54.65 -51.62
C VAL A 5 20.92 -56.04 -52.01
N GLY A 6 20.23 -57.10 -51.64
CA GLY A 6 20.70 -58.44 -51.90
C GLY A 6 19.94 -59.45 -51.08
N GLN A 7 19.06 -60.18 -51.74
CA GLN A 7 18.21 -61.15 -51.06
C GLN A 7 18.47 -62.57 -51.59
N ARG A 8 17.81 -62.93 -52.69
CA ARG A 8 17.93 -64.27 -53.25
C ARG A 8 17.79 -65.33 -52.16
N GLU A 9 16.59 -65.43 -51.63
CA GLU A 9 16.31 -66.34 -50.52
C GLU A 9 14.83 -66.72 -50.53
N PRO A 10 14.40 -67.70 -49.71
CA PRO A 10 12.98 -68.04 -49.59
C PRO A 10 12.14 -66.82 -49.18
N ALA A 11 12.69 -66.06 -48.22
CA ALA A 11 12.04 -64.85 -47.71
C ALA A 11 10.72 -65.18 -47.04
N PRO A 12 10.74 -65.39 -45.71
CA PRO A 12 9.54 -65.70 -44.94
C PRO A 12 8.50 -64.59 -45.02
N VAL A 13 7.24 -64.97 -45.05
CA VAL A 13 6.13 -64.02 -45.07
C VAL A 13 6.08 -63.23 -43.78
N GLU A 14 5.47 -62.06 -43.85
CA GLU A 14 5.39 -61.18 -42.70
C GLU A 14 4.39 -61.71 -41.68
N GLU A 15 4.88 -62.55 -40.79
CA GLU A 15 4.09 -63.08 -39.69
C GLU A 15 4.04 -62.05 -38.57
N VAL A 16 3.24 -62.31 -37.57
CA VAL A 16 3.12 -61.41 -36.40
C VAL A 16 4.48 -60.80 -36.03
N LYS A 17 4.50 -59.48 -35.91
CA LYS A 17 5.73 -58.76 -35.59
C LYS A 17 5.85 -58.55 -34.10
N PRO A 18 7.08 -58.43 -33.59
CA PRO A 18 7.34 -58.24 -32.15
C PRO A 18 6.83 -56.88 -31.65
N ALA A 19 5.54 -56.82 -31.37
CA ALA A 19 4.93 -55.63 -30.79
C ALA A 19 4.05 -56.01 -29.61
N PRO A 20 4.65 -56.31 -28.45
CA PRO A 20 3.91 -56.68 -27.25
C PRO A 20 3.21 -55.48 -26.62
N GLU A 21 1.90 -55.56 -26.50
CA GLU A 21 1.14 -54.50 -25.88
C GLU A 21 0.63 -54.93 -24.51
N GLN A 22 1.11 -54.25 -23.48
CA GLN A 22 0.69 -54.54 -22.12
C GLN A 22 -0.05 -53.33 -21.55
N PRO A 23 -1.23 -53.56 -20.95
CA PRO A 23 -2.04 -52.50 -20.36
C PRO A 23 -1.29 -51.72 -19.28
N ALA A 24 -1.53 -50.42 -19.26
CA ALA A 24 -0.95 -49.54 -18.26
C ALA A 24 -2.04 -48.65 -17.72
N GLU A 25 -2.97 -49.27 -17.05
CA GLU A 25 -4.14 -48.60 -16.53
C GLU A 25 -3.80 -47.88 -15.23
N PRO A 26 -4.50 -46.77 -14.92
CA PRO A 26 -4.25 -46.00 -13.70
C PRO A 26 -4.69 -46.72 -12.42
N GLN A 27 -5.20 -47.94 -12.58
CA GLN A 27 -5.60 -48.79 -11.47
C GLN A 27 -6.61 -48.09 -10.57
N GLN A 28 -6.84 -48.65 -9.38
CA GLN A 28 -7.74 -48.03 -8.43
C GLN A 28 -6.98 -47.13 -7.43
N PRO A 29 -6.07 -47.68 -6.57
CA PRO A 29 -5.53 -46.93 -5.45
C PRO A 29 -4.78 -45.67 -5.88
N VAL A 30 -3.78 -45.84 -6.73
CA VAL A 30 -3.02 -44.73 -7.28
C VAL A 30 -2.78 -44.95 -8.77
N PRO A 31 -2.67 -43.87 -9.56
CA PRO A 31 -2.42 -43.99 -11.00
C PRO A 31 -1.03 -44.53 -11.31
N THR A 32 -0.06 -44.08 -10.54
CA THR A 32 1.32 -44.53 -10.68
C THR A 32 1.99 -44.58 -9.31
N VAL A 33 2.83 -45.58 -9.12
CA VAL A 33 3.55 -45.73 -7.85
C VAL A 33 5.01 -45.25 -7.97
N PRO A 34 5.78 -45.72 -8.99
CA PRO A 34 7.18 -45.31 -9.17
C PRO A 34 7.35 -43.82 -9.41
N SER A 35 8.58 -43.37 -9.26
CA SER A 35 8.94 -41.98 -9.50
C SER A 35 9.32 -41.80 -10.96
N VAL A 36 8.90 -40.68 -11.54
CA VAL A 36 9.21 -40.39 -12.93
C VAL A 36 10.70 -40.12 -13.13
N PRO A 37 11.26 -40.49 -14.29
CA PRO A 37 12.68 -40.32 -14.57
C PRO A 37 13.18 -38.90 -14.30
N THR A 38 12.54 -37.93 -14.91
CA THR A 38 12.94 -36.54 -14.75
C THR A 38 11.85 -35.73 -14.04
N ILE A 39 12.24 -35.11 -12.94
CA ILE A 39 11.33 -34.30 -12.16
C ILE A 39 11.71 -32.83 -12.30
N PRO A 40 10.90 -32.06 -13.05
CA PRO A 40 11.16 -30.63 -13.29
C PRO A 40 11.34 -29.84 -12.00
N GLN A 41 10.40 -30.04 -11.06
CA GLN A 41 10.46 -29.41 -9.74
C GLN A 41 10.27 -27.89 -9.82
N GLN A 42 9.27 -27.40 -9.10
CA GLN A 42 9.04 -25.96 -9.02
C GLN A 42 9.23 -25.47 -7.58
N PRO A 43 10.46 -25.09 -7.22
CA PRO A 43 10.76 -24.58 -5.88
C PRO A 43 10.29 -23.13 -5.72
N GLY A 44 9.43 -22.90 -4.75
CA GLY A 44 8.90 -21.56 -4.50
C GLY A 44 8.13 -21.01 -5.69
N PRO A 45 7.65 -19.77 -5.61
CA PRO A 45 6.95 -19.11 -6.70
C PRO A 45 7.88 -18.79 -7.87
N ILE A 46 7.43 -19.11 -9.07
CA ILE A 46 8.19 -18.84 -10.27
C ILE A 46 8.10 -17.36 -10.62
N GLU A 47 6.87 -16.87 -10.66
CA GLU A 47 6.60 -15.49 -11.04
C GLU A 47 7.17 -14.50 -10.01
N HIS A 48 8.44 -14.18 -10.17
CA HIS A 48 9.11 -13.24 -9.29
C HIS A 48 8.94 -11.81 -9.77
N GLU A 49 9.46 -10.90 -8.99
CA GLU A 49 9.45 -9.48 -9.32
C GLU A 49 10.77 -8.85 -8.89
N ASP A 50 11.01 -7.60 -9.28
CA ASP A 50 12.28 -6.94 -8.98
C ASP A 50 12.13 -5.95 -7.83
N GLN A 51 11.18 -6.25 -6.96
CA GLN A 51 10.88 -5.43 -5.79
C GLN A 51 9.74 -6.09 -5.04
N THR A 52 9.61 -5.82 -3.75
CA THR A 52 8.53 -6.39 -2.98
C THR A 52 7.25 -5.60 -3.17
N ALA A 53 6.26 -6.30 -3.69
CA ALA A 53 4.93 -5.76 -3.93
C ALA A 53 4.94 -4.42 -4.68
N PRO A 54 5.50 -4.39 -5.91
CA PRO A 54 5.56 -3.17 -6.71
C PRO A 54 4.20 -2.54 -7.04
N PRO A 55 3.17 -3.30 -7.50
CA PRO A 55 1.87 -2.71 -7.80
C PRO A 55 1.13 -2.26 -6.54
N ALA A 56 1.55 -2.75 -5.39
CA ALA A 56 0.89 -2.41 -4.14
C ALA A 56 1.45 -1.13 -3.54
N PRO A 57 0.65 -0.05 -3.52
CA PRO A 57 1.02 1.22 -2.92
C PRO A 57 0.88 1.18 -1.41
N HIS A 58 1.14 2.32 -0.81
CA HIS A 58 1.01 2.46 0.63
C HIS A 58 -0.14 3.39 0.95
N ILE A 59 -0.91 2.99 1.94
CA ILE A 59 -2.16 3.66 2.29
C ILE A 59 -1.90 4.94 3.07
N ARG A 60 -2.97 5.67 3.26
CA ARG A 60 -3.02 6.90 4.02
C ARG A 60 -2.62 6.70 5.46
N HIS A 61 -3.21 7.53 6.27
CA HIS A 61 -3.04 7.52 7.69
C HIS A 61 -4.20 8.23 8.28
N TYR A 62 -4.71 7.69 9.33
CA TYR A 62 -5.86 8.24 9.96
C TYR A 62 -5.58 8.58 11.38
N ASP A 63 -6.35 9.51 11.94
CA ASP A 63 -6.23 9.76 13.35
C ASP A 63 -7.16 8.80 14.07
N TRP A 64 -6.76 7.57 13.96
CA TRP A 64 -7.39 6.44 14.64
C TRP A 64 -7.48 6.64 16.14
N ASN A 65 -6.40 7.12 16.68
CA ASN A 65 -6.27 7.44 18.10
C ASN A 65 -7.42 8.32 18.58
N GLY A 66 -7.94 9.13 17.69
CA GLY A 66 -9.03 10.02 18.02
C GLY A 66 -10.33 9.30 18.15
N ALA A 67 -10.33 8.09 17.61
CA ALA A 67 -11.49 7.25 17.56
C ALA A 67 -11.45 6.22 18.67
N MET A 68 -10.31 5.56 18.76
CA MET A 68 -10.08 4.51 19.73
C MET A 68 -10.06 5.05 21.15
N GLN A 69 -9.18 6.00 21.41
CA GLN A 69 -8.99 6.58 22.73
C GLN A 69 -10.27 6.79 23.54
N PRO A 70 -11.26 7.52 22.98
CA PRO A 70 -12.51 7.79 23.70
C PRO A 70 -13.24 6.50 23.96
N MET A 71 -13.07 5.55 23.06
CA MET A 71 -13.73 4.26 23.13
C MET A 71 -13.05 3.32 24.08
N VAL A 72 -11.73 3.28 23.94
CA VAL A 72 -10.87 2.48 24.79
C VAL A 72 -11.11 2.87 26.23
N SER A 73 -11.26 4.17 26.38
CA SER A 73 -11.62 4.75 27.65
C SER A 73 -12.97 4.20 28.16
N LYS A 74 -13.89 3.91 27.23
CA LYS A 74 -15.21 3.37 27.55
C LYS A 74 -15.15 1.86 27.71
N MET A 75 -14.28 1.24 26.93
CA MET A 75 -14.19 -0.19 26.86
C MET A 75 -13.75 -0.79 28.17
N LEU A 76 -13.03 -0.01 28.94
CA LEU A 76 -12.53 -0.46 30.21
C LEU A 76 -13.47 -0.09 31.33
N GLY A 77 -14.47 0.67 30.95
CA GLY A 77 -15.58 0.96 31.83
C GLY A 77 -16.76 0.13 31.41
N ALA A 78 -16.47 -0.88 30.60
CA ALA A 78 -17.47 -1.76 30.07
C ALA A 78 -17.75 -2.88 31.04
N ASP A 79 -18.82 -3.57 30.82
CA ASP A 79 -19.17 -4.69 31.64
C ASP A 79 -18.64 -5.96 31.03
N GLY A 80 -17.60 -6.47 31.64
CA GLY A 80 -16.97 -7.66 31.16
C GLY A 80 -15.48 -7.51 31.14
N VAL A 81 -15.04 -6.27 31.11
CA VAL A 81 -13.62 -5.99 30.99
C VAL A 81 -12.99 -5.66 32.32
N THR A 82 -11.70 -5.90 32.41
CA THR A 82 -10.96 -5.66 33.60
C THR A 82 -9.64 -4.95 33.28
N ALA A 83 -9.33 -3.94 34.07
CA ALA A 83 -8.02 -3.31 34.08
C ALA A 83 -6.94 -4.32 34.46
N GLY A 84 -5.97 -4.52 33.59
CA GLY A 84 -4.87 -5.40 33.87
C GLY A 84 -4.87 -6.62 32.98
N SER A 85 -5.79 -6.67 32.03
CA SER A 85 -5.85 -7.80 31.12
C SER A 85 -4.96 -7.57 29.93
N VAL A 86 -4.48 -8.64 29.34
CA VAL A 86 -3.89 -8.54 28.03
C VAL A 86 -5.00 -8.50 26.99
N LEU A 87 -5.02 -7.44 26.24
CA LEU A 87 -6.10 -7.19 25.32
C LEU A 87 -5.60 -7.37 23.91
N LEU A 88 -6.05 -8.45 23.30
CA LEU A 88 -5.76 -8.74 21.91
C LEU A 88 -6.57 -7.79 21.07
N VAL A 89 -5.96 -6.71 20.65
CA VAL A 89 -6.63 -5.80 19.80
C VAL A 89 -6.77 -6.50 18.46
N ASP A 90 -7.95 -6.61 17.97
CA ASP A 90 -8.15 -7.25 16.71
C ASP A 90 -7.77 -6.27 15.65
N SER A 91 -7.44 -6.78 14.49
CA SER A 91 -7.27 -5.92 13.39
C SER A 91 -8.54 -5.17 13.21
N VAL A 92 -8.41 -3.92 13.00
CA VAL A 92 -9.50 -3.14 12.60
C VAL A 92 -9.95 -3.61 11.25
N ASN A 93 -11.23 -3.66 11.08
CA ASN A 93 -11.78 -3.99 9.80
C ASN A 93 -11.85 -2.75 8.95
N ASN A 94 -12.00 -2.98 7.69
CA ASN A 94 -12.19 -1.92 6.73
C ASN A 94 -13.46 -2.22 5.96
N ARG A 95 -14.56 -1.80 6.55
CA ARG A 95 -15.90 -2.11 6.06
C ARG A 95 -16.48 -0.86 5.45
N THR A 96 -15.70 0.19 5.56
CA THR A 96 -16.06 1.51 5.08
C THR A 96 -16.56 1.55 3.66
N ASN A 97 -16.78 2.76 3.22
CA ASN A 97 -17.16 3.01 1.84
C ASN A 97 -15.95 2.80 0.90
N GLY A 98 -14.78 2.61 1.49
CA GLY A 98 -13.57 2.42 0.70
C GLY A 98 -12.58 1.48 1.37
N SER A 99 -11.28 1.71 1.12
CA SER A 99 -10.22 0.87 1.64
C SER A 99 -9.24 1.64 2.51
N LEU A 100 -8.96 1.12 3.69
CA LEU A 100 -8.09 1.78 4.64
C LEU A 100 -7.11 0.81 5.25
N ASN A 101 -6.04 1.38 5.72
CA ASN A 101 -5.03 0.63 6.44
C ASN A 101 -5.53 0.38 7.83
N ALA A 102 -6.35 -0.60 7.93
CA ALA A 102 -6.91 -0.97 9.20
C ALA A 102 -5.82 -1.56 10.07
N ALA A 103 -4.72 -1.93 9.46
CA ALA A 103 -3.62 -2.51 10.20
C ALA A 103 -2.85 -1.38 10.86
N GLU A 104 -2.89 -0.24 10.21
CA GLU A 104 -2.44 1.01 10.77
C GLU A 104 -3.28 1.36 11.95
N ALA A 105 -4.56 1.09 11.78
CA ALA A 105 -5.54 1.36 12.77
C ALA A 105 -5.32 0.45 13.92
N THR A 106 -5.09 -0.79 13.58
CA THR A 106 -4.87 -1.82 14.55
C THR A 106 -3.60 -1.55 15.34
N GLU A 107 -2.61 -0.92 14.69
CA GLU A 107 -1.43 -0.49 15.41
C GLU A 107 -1.85 0.62 16.37
N THR A 108 -2.66 1.53 15.85
CA THR A 108 -3.17 2.65 16.63
C THR A 108 -4.06 2.16 17.75
N LEU A 109 -4.75 1.06 17.52
CA LEU A 109 -5.50 0.39 18.54
C LEU A 109 -4.64 0.20 19.75
N ARG A 110 -3.67 -0.67 19.59
CA ARG A 110 -2.67 -0.92 20.61
C ARG A 110 -2.21 0.36 21.26
N ASN A 111 -2.06 1.38 20.43
CA ASN A 111 -1.55 2.67 20.84
C ASN A 111 -2.51 3.41 21.74
N ALA A 112 -3.77 3.40 21.35
CA ALA A 112 -4.80 4.06 22.11
C ALA A 112 -5.09 3.22 23.34
N LEU A 113 -5.02 1.92 23.13
CA LEU A 113 -5.10 0.94 24.18
C LEU A 113 -3.99 1.15 25.21
N ALA A 114 -2.84 1.59 24.70
CA ALA A 114 -1.63 1.80 25.50
C ALA A 114 -1.79 3.02 26.37
N ASN A 115 -2.41 4.03 25.79
CA ASN A 115 -2.58 5.31 26.45
C ASN A 115 -3.47 5.17 27.67
N ASN A 116 -4.31 4.14 27.65
CA ASN A 116 -5.25 3.93 28.74
C ASN A 116 -4.64 3.07 29.83
N GLY A 117 -3.66 2.25 29.44
CA GLY A 117 -2.83 1.54 30.40
C GLY A 117 -3.61 0.65 31.34
N LYS A 118 -4.74 0.14 30.89
CA LYS A 118 -5.51 -0.82 31.65
C LYS A 118 -5.47 -2.16 30.97
N PHE A 119 -4.79 -2.23 29.85
CA PHE A 119 -4.54 -3.48 29.17
C PHE A 119 -3.08 -3.73 28.93
N THR A 120 -2.84 -4.92 28.44
CA THR A 120 -1.57 -5.30 27.95
C THR A 120 -1.72 -5.60 26.49
N LEU A 121 -0.99 -4.89 25.69
CA LEU A 121 -1.23 -4.96 24.29
C LEU A 121 -0.40 -6.05 23.66
N VAL A 122 -0.95 -6.66 22.66
CA VAL A 122 -0.21 -7.57 21.83
C VAL A 122 0.19 -6.83 20.55
N SER A 123 1.38 -7.05 20.03
CA SER A 123 1.78 -6.36 18.83
C SER A 123 1.53 -7.21 17.61
N ALA A 124 1.86 -6.69 16.44
CA ALA A 124 1.68 -7.43 15.19
C ALA A 124 2.51 -8.69 15.24
N GLN A 125 3.60 -8.57 15.97
CA GLN A 125 4.55 -9.64 16.23
C GLN A 125 3.83 -10.94 16.61
N GLN A 126 2.80 -10.83 17.41
CA GLN A 126 1.95 -11.99 17.70
C GLN A 126 0.71 -11.97 16.84
N LEU A 127 0.10 -10.79 16.83
CA LEU A 127 -1.25 -10.54 16.31
C LEU A 127 -1.37 -10.77 14.82
N SER A 128 -0.70 -9.93 14.06
CA SER A 128 -0.74 -9.98 12.59
C SER A 128 -0.39 -11.38 12.14
N MET A 129 0.62 -11.86 12.83
CA MET A 129 1.13 -13.20 12.72
C MET A 129 0.03 -14.21 12.95
N ALA A 130 -0.52 -14.21 14.16
CA ALA A 130 -1.64 -15.05 14.53
C ALA A 130 -2.70 -15.08 13.46
N LYS A 131 -3.01 -13.92 12.92
CA LYS A 131 -3.93 -13.85 11.82
C LYS A 131 -3.54 -14.85 10.76
N GLN A 132 -2.38 -14.62 10.19
CA GLN A 132 -1.80 -15.50 9.19
C GLN A 132 -1.69 -16.93 9.69
N GLN A 133 -1.21 -17.07 10.93
CA GLN A 133 -0.99 -18.37 11.56
C GLN A 133 -2.25 -19.16 11.54
N LEU A 134 -3.32 -18.45 11.72
CA LEU A 134 -4.61 -19.07 11.81
C LEU A 134 -5.23 -19.14 10.43
N GLY A 135 -4.85 -18.19 9.58
CA GLY A 135 -5.39 -18.19 8.24
C GLY A 135 -5.44 -16.84 7.61
N LEU A 136 -5.78 -15.90 8.43
CA LEU A 136 -6.15 -14.59 8.04
C LEU A 136 -5.01 -13.72 7.58
N SER A 137 -5.42 -12.49 7.37
CA SER A 137 -4.57 -11.38 7.17
C SER A 137 -4.65 -10.49 8.39
N PRO A 138 -3.56 -9.82 8.75
CA PRO A 138 -3.52 -8.94 9.92
C PRO A 138 -4.47 -7.75 9.79
N GLN A 139 -5.19 -7.72 8.67
CA GLN A 139 -6.12 -6.64 8.36
C GLN A 139 -7.53 -7.18 8.28
N ASP A 140 -7.57 -8.49 8.03
CA ASP A 140 -8.80 -9.21 7.76
C ASP A 140 -9.70 -9.11 8.94
N SER A 141 -9.04 -8.88 10.09
CA SER A 141 -9.66 -8.94 11.37
C SER A 141 -9.89 -10.37 11.72
N LEU A 142 -10.35 -10.64 12.89
CA LEU A 142 -10.58 -12.00 13.28
C LEU A 142 -11.74 -12.53 12.47
N GLY A 143 -12.72 -11.65 12.33
CA GLY A 143 -13.91 -11.95 11.56
C GLY A 143 -14.81 -13.00 12.18
N THR A 144 -14.31 -13.70 13.19
CA THR A 144 -15.03 -14.80 13.79
C THR A 144 -14.56 -14.97 15.21
N ARG A 145 -15.46 -14.94 16.18
CA ARG A 145 -15.10 -15.07 17.58
C ARG A 145 -14.01 -16.12 17.80
N SER A 146 -14.18 -17.27 17.22
CA SER A 146 -13.27 -18.38 17.42
C SER A 146 -11.93 -18.13 16.73
N LYS A 147 -11.97 -17.36 15.64
CA LYS A 147 -10.78 -16.97 14.90
C LYS A 147 -10.03 -15.96 15.73
N ALA A 148 -10.82 -15.27 16.54
CA ALA A 148 -10.38 -14.26 17.46
C ALA A 148 -9.79 -14.90 18.68
N ILE A 149 -10.54 -15.83 19.17
CA ILE A 149 -10.20 -16.60 20.32
C ILE A 149 -8.97 -17.43 20.05
N GLY A 150 -8.96 -18.01 18.87
CA GLY A 150 -7.78 -18.68 18.39
C GLY A 150 -6.58 -17.78 18.47
N ILE A 151 -6.68 -16.63 17.84
CA ILE A 151 -5.59 -15.68 17.78
C ILE A 151 -5.23 -15.13 19.14
N ALA A 152 -6.22 -14.72 19.89
CA ALA A 152 -5.99 -14.15 21.21
C ALA A 152 -5.21 -15.13 22.08
N ARG A 153 -5.57 -16.39 22.02
CA ARG A 153 -4.91 -17.41 22.82
C ARG A 153 -3.59 -17.84 22.17
N ASN A 154 -3.52 -17.61 20.86
CA ASN A 154 -2.33 -17.87 20.07
C ASN A 154 -1.40 -16.70 20.27
N VAL A 155 -1.98 -15.66 20.83
CA VAL A 155 -1.33 -14.40 21.03
C VAL A 155 -0.95 -14.22 22.50
N GLY A 156 -1.73 -14.82 23.40
CA GLY A 156 -1.46 -14.69 24.81
C GLY A 156 -2.35 -13.66 25.47
N ALA A 157 -3.57 -13.54 24.99
CA ALA A 157 -4.44 -12.46 25.37
C ALA A 157 -5.59 -12.91 26.26
N HIS A 158 -6.17 -11.94 26.98
CA HIS A 158 -7.28 -12.17 27.88
C HIS A 158 -8.57 -11.79 27.19
N TYR A 159 -8.46 -10.86 26.27
CA TYR A 159 -9.61 -10.30 25.57
C TYR A 159 -9.34 -10.18 24.08
N VAL A 160 -10.32 -9.63 23.40
CA VAL A 160 -10.17 -9.17 22.03
C VAL A 160 -10.78 -7.80 21.91
N LEU A 161 -10.18 -6.93 21.16
CA LEU A 161 -10.85 -5.74 20.76
C LEU A 161 -11.16 -5.79 19.28
N TYR A 162 -12.38 -6.13 18.99
CA TYR A 162 -12.87 -6.23 17.63
C TYR A 162 -13.16 -4.86 17.12
N SER A 163 -12.39 -4.43 16.19
CA SER A 163 -12.55 -3.10 15.67
C SER A 163 -12.71 -3.13 14.18
N SER A 164 -13.22 -2.04 13.67
CA SER A 164 -13.53 -1.90 12.30
C SER A 164 -13.70 -0.48 11.93
N ALA A 165 -13.93 -0.28 10.68
CA ALA A 165 -14.13 1.02 10.16
C ALA A 165 -15.21 0.95 9.12
N SER A 166 -16.14 1.86 9.19
CA SER A 166 -17.19 1.87 8.22
C SER A 166 -17.56 3.30 7.87
N GLY A 167 -18.56 3.47 7.06
CA GLY A 167 -19.06 4.80 6.82
C GLY A 167 -18.44 5.42 5.61
N ASN A 168 -17.25 5.94 5.83
CA ASN A 168 -16.45 6.55 4.81
C ASN A 168 -15.05 6.18 5.10
N VAL A 169 -14.40 5.65 4.11
CA VAL A 169 -13.05 5.18 4.26
C VAL A 169 -12.09 6.31 4.61
N ASN A 170 -12.24 7.47 3.98
CA ASN A 170 -11.31 8.58 4.21
C ASN A 170 -11.42 9.06 5.63
N ALA A 171 -12.60 8.89 6.18
CA ALA A 171 -12.87 9.23 7.55
C ALA A 171 -14.02 8.37 8.04
N PRO A 172 -13.66 7.20 8.54
CA PRO A 172 -14.58 6.13 8.88
C PRO A 172 -15.12 6.17 10.27
N THR A 173 -16.14 5.41 10.46
CA THR A 173 -16.61 5.10 11.76
C THR A 173 -15.82 3.94 12.27
N LEU A 174 -15.10 4.13 13.33
CA LEU A 174 -14.36 3.05 13.87
C LEU A 174 -15.25 2.26 14.76
N GLN A 175 -15.73 1.20 14.25
CA GLN A 175 -16.68 0.40 14.95
C GLN A 175 -15.95 -0.67 15.75
N MET A 176 -15.98 -0.50 17.04
CA MET A 176 -15.19 -1.34 17.93
C MET A 176 -16.08 -2.22 18.79
N GLN A 177 -15.48 -3.23 19.40
CA GLN A 177 -16.24 -4.31 20.00
C GLN A 177 -15.30 -5.21 20.79
N LEU A 178 -15.49 -5.29 22.07
CA LEU A 178 -14.56 -5.97 22.95
C LEU A 178 -15.10 -7.36 23.24
N MET A 179 -14.56 -8.34 22.55
CA MET A 179 -14.94 -9.71 22.78
C MET A 179 -14.04 -10.32 23.81
N LEU A 180 -14.63 -10.82 24.86
CA LEU A 180 -13.92 -11.68 25.75
C LEU A 180 -13.44 -12.87 24.93
N VAL A 181 -12.16 -13.19 24.96
CA VAL A 181 -11.70 -14.36 24.20
C VAL A 181 -11.97 -15.66 24.96
N GLN A 182 -11.83 -15.57 26.27
CA GLN A 182 -12.00 -16.71 27.16
C GLN A 182 -13.42 -17.29 27.06
N THR A 183 -14.35 -16.52 26.50
CA THR A 183 -15.71 -17.00 26.31
C THR A 183 -16.14 -16.75 24.88
N GLY A 184 -15.69 -15.64 24.35
CA GLY A 184 -16.04 -15.24 23.02
C GLY A 184 -17.28 -14.40 22.97
N GLU A 185 -17.57 -13.74 24.08
CA GLU A 185 -18.75 -12.89 24.17
C GLU A 185 -18.37 -11.43 24.01
N ILE A 186 -19.31 -10.62 23.61
CA ILE A 186 -19.05 -9.20 23.46
C ILE A 186 -19.42 -8.48 24.75
N ILE A 187 -18.42 -7.93 25.38
CA ILE A 187 -18.56 -7.33 26.68
C ILE A 187 -18.62 -5.81 26.55
N TRP A 188 -17.91 -5.30 25.56
CA TRP A 188 -17.97 -3.88 25.21
C TRP A 188 -18.09 -3.71 23.72
N SER A 189 -18.67 -2.62 23.30
CA SER A 189 -18.56 -2.21 21.91
C SER A 189 -18.71 -0.71 21.72
N GLY A 190 -18.27 -0.23 20.56
CA GLY A 190 -18.33 1.17 20.26
C GLY A 190 -18.24 1.40 18.79
N LYS A 191 -18.19 2.66 18.44
CA LYS A 191 -17.82 3.12 17.14
C LYS A 191 -17.39 4.53 17.33
N GLY A 192 -16.52 4.95 16.50
CA GLY A 192 -16.05 6.30 16.56
C GLY A 192 -15.42 6.74 15.29
N ALA A 193 -15.86 7.85 14.78
CA ALA A 193 -15.41 8.30 13.50
C ALA A 193 -13.98 8.81 13.57
N VAL A 194 -13.11 8.14 12.82
CA VAL A 194 -11.72 8.45 12.81
C VAL A 194 -11.44 9.41 11.68
N SER A 195 -10.34 10.07 11.86
CA SER A 195 -9.93 11.13 11.01
C SER A 195 -8.96 10.62 10.01
N GLN A 196 -8.62 11.43 9.05
CA GLN A 196 -7.49 11.13 8.22
C GLN A 196 -6.32 12.00 8.65
N GLN A 197 -5.20 11.37 8.90
CA GLN A 197 -4.00 12.09 9.29
C GLN A 197 -3.33 12.72 8.08
N GLY A 1 77.13 45.41 10.05
CA GLY A 1 78.16 44.36 9.86
C GLY A 1 77.61 42.97 10.07
N SER A 2 77.51 42.21 9.00
CA SER A 2 77.00 40.84 9.05
C SER A 2 77.70 40.00 8.00
N HIS A 3 77.86 38.71 8.27
CA HIS A 3 78.49 37.81 7.31
C HIS A 3 77.48 37.31 6.30
N MET A 4 78.01 36.88 5.15
CA MET A 4 77.22 36.28 4.05
C MET A 4 76.00 37.10 3.68
N VAL A 5 76.14 38.40 3.79
CA VAL A 5 75.11 39.33 3.38
C VAL A 5 75.58 40.12 2.16
N GLY A 6 76.89 40.31 2.10
CA GLY A 6 77.52 40.92 0.94
C GLY A 6 78.83 40.22 0.64
N GLN A 7 79.93 40.82 1.09
CA GLN A 7 81.27 40.25 0.96
C GLN A 7 81.59 39.82 -0.48
N ARG A 8 82.32 40.69 -1.17
CA ARG A 8 82.66 40.52 -2.58
C ARG A 8 81.44 40.70 -3.47
N GLU A 9 80.68 41.70 -3.10
CA GLU A 9 79.48 42.10 -3.83
C GLU A 9 78.77 43.23 -3.05
N PRO A 10 78.25 44.24 -3.76
CA PRO A 10 77.52 45.34 -3.13
C PRO A 10 76.24 44.86 -2.44
N ALA A 11 76.15 45.13 -1.15
CA ALA A 11 74.99 44.73 -0.37
C ALA A 11 74.09 45.94 -0.10
N PRO A 12 72.95 46.04 -0.81
CA PRO A 12 72.05 47.18 -0.69
C PRO A 12 71.30 47.24 0.63
N VAL A 13 70.45 48.25 0.73
CA VAL A 13 69.60 48.45 1.91
C VAL A 13 68.79 47.20 2.27
N GLU A 14 68.29 47.19 3.49
CA GLU A 14 67.51 46.07 4.00
C GLU A 14 66.02 46.25 3.66
N GLU A 15 65.76 46.49 2.39
CA GLU A 15 64.39 46.68 1.92
C GLU A 15 63.97 45.52 1.05
N VAL A 16 62.68 45.20 1.13
CA VAL A 16 62.09 44.14 0.32
C VAL A 16 62.21 44.47 -1.16
N LYS A 17 62.72 43.53 -1.93
CA LYS A 17 62.92 43.73 -3.36
C LYS A 17 61.58 43.72 -4.08
N PRO A 18 61.34 44.73 -4.94
CA PRO A 18 60.18 44.73 -5.83
C PRO A 18 60.17 43.50 -6.72
N ALA A 19 58.98 42.96 -6.97
CA ALA A 19 58.84 41.74 -7.77
C ALA A 19 59.52 40.56 -7.08
N PRO A 20 58.79 39.88 -6.18
CA PRO A 20 59.31 38.74 -5.42
C PRO A 20 59.38 37.46 -6.25
N GLU A 21 59.56 37.62 -7.58
CA GLU A 21 59.56 36.51 -8.53
C GLU A 21 58.15 35.96 -8.74
N GLN A 22 57.43 35.76 -7.64
CA GLN A 22 56.04 35.38 -7.70
C GLN A 22 55.24 36.11 -6.63
N PRO A 23 54.13 36.77 -7.01
CA PRO A 23 53.26 37.49 -6.06
C PRO A 23 52.67 36.58 -4.98
N ALA A 24 52.46 37.15 -3.80
CA ALA A 24 51.84 36.43 -2.71
C ALA A 24 50.90 37.33 -1.93
N GLU A 25 49.72 37.53 -2.48
CA GLU A 25 48.71 38.37 -1.86
C GLU A 25 47.34 37.70 -1.90
N PRO A 26 46.58 37.73 -0.81
CA PRO A 26 45.25 37.12 -0.75
C PRO A 26 44.39 37.49 -1.96
N GLN A 27 44.14 38.79 -2.10
CA GLN A 27 43.30 39.33 -3.17
C GLN A 27 41.84 38.94 -2.96
N GLN A 28 40.98 39.67 -3.68
CA GLN A 28 39.52 39.55 -3.60
C GLN A 28 39.02 39.99 -2.23
N PRO A 29 39.12 41.29 -1.90
CA PRO A 29 38.70 41.79 -0.60
C PRO A 29 37.21 41.57 -0.34
N VAL A 30 36.95 41.01 0.85
CA VAL A 30 35.61 40.70 1.33
C VAL A 30 34.85 39.84 0.30
N PRO A 31 35.26 38.56 0.13
CA PRO A 31 34.66 37.67 -0.87
C PRO A 31 33.23 37.27 -0.51
N THR A 32 32.81 37.59 0.70
CA THR A 32 31.47 37.27 1.15
C THR A 32 30.57 38.50 1.13
N VAL A 33 29.30 38.27 0.84
CA VAL A 33 28.33 39.35 0.79
C VAL A 33 26.90 38.80 0.85
N PRO A 34 26.31 38.76 2.06
CA PRO A 34 24.93 38.32 2.25
C PRO A 34 23.94 39.14 1.42
N SER A 35 22.82 38.54 1.12
CA SER A 35 21.83 39.15 0.27
C SER A 35 20.45 38.57 0.52
N VAL A 36 19.47 39.46 0.69
CA VAL A 36 18.09 39.07 0.97
C VAL A 36 18.00 38.32 2.31
N PRO A 37 17.92 39.06 3.42
CA PRO A 37 17.83 38.47 4.77
C PRO A 37 16.53 37.70 4.98
N THR A 38 15.49 38.11 4.28
CA THR A 38 14.21 37.42 4.32
C THR A 38 14.27 36.18 3.46
N ILE A 39 13.39 35.24 3.72
CA ILE A 39 13.36 33.98 2.99
C ILE A 39 12.40 34.10 1.79
N PRO A 40 12.94 34.17 0.57
CA PRO A 40 12.12 34.27 -0.64
C PRO A 40 11.51 32.93 -1.02
N GLN A 41 11.96 31.88 -0.36
CA GLN A 41 11.43 30.54 -0.59
C GLN A 41 10.19 30.33 0.25
N GLN A 42 9.03 30.59 -0.33
CA GLN A 42 7.77 30.50 0.40
C GLN A 42 7.30 29.04 0.46
N PRO A 43 6.83 28.59 1.62
CA PRO A 43 6.32 27.23 1.79
C PRO A 43 4.96 27.05 1.13
N GLY A 44 4.56 25.80 0.95
CA GLY A 44 3.27 25.51 0.39
C GLY A 44 2.35 24.87 1.41
N PRO A 45 1.11 24.55 1.03
CA PRO A 45 0.17 23.86 1.92
C PRO A 45 0.62 22.43 2.20
N ILE A 46 0.58 22.06 3.47
CA ILE A 46 0.94 20.72 3.90
C ILE A 46 0.04 19.69 3.27
N GLU A 47 -1.24 20.01 3.24
CA GLU A 47 -2.26 19.15 2.63
C GLU A 47 -1.85 18.73 1.22
N HIS A 48 -1.41 17.50 1.09
CA HIS A 48 -1.06 16.94 -0.21
C HIS A 48 -1.85 15.68 -0.47
N GLU A 49 -1.70 15.13 -1.66
CA GLU A 49 -2.38 13.90 -2.02
C GLU A 49 -1.39 12.85 -2.53
N ASP A 50 -1.85 11.61 -2.63
CA ASP A 50 -1.04 10.54 -3.16
C ASP A 50 -1.41 10.27 -4.62
N GLN A 51 -0.98 11.17 -5.49
CA GLN A 51 -1.29 11.08 -6.91
C GLN A 51 -0.64 9.87 -7.55
N THR A 52 -1.15 9.50 -8.73
CA THR A 52 -0.75 8.32 -9.51
C THR A 52 -1.10 7.03 -8.80
N ALA A 53 -1.16 5.97 -9.57
CA ALA A 53 -1.51 4.66 -9.05
C ALA A 53 -0.41 3.64 -9.34
N PRO A 54 0.60 3.55 -8.43
CA PRO A 54 1.70 2.60 -8.58
C PRO A 54 1.24 1.16 -8.33
N PRO A 55 1.97 0.16 -8.84
CA PRO A 55 1.59 -1.26 -8.69
C PRO A 55 1.32 -1.65 -7.24
N ALA A 56 2.25 -1.32 -6.36
CA ALA A 56 2.11 -1.60 -4.94
C ALA A 56 2.12 -0.30 -4.14
N PRO A 57 0.99 0.42 -4.09
CA PRO A 57 0.89 1.71 -3.42
C PRO A 57 0.86 1.60 -1.91
N HIS A 58 0.70 2.74 -1.29
CA HIS A 58 0.61 2.81 0.16
C HIS A 58 -0.65 3.56 0.55
N ILE A 59 -1.19 3.18 1.69
CA ILE A 59 -2.41 3.79 2.18
C ILE A 59 -2.12 5.01 3.02
N ARG A 60 -3.18 5.74 3.28
CA ARG A 60 -3.17 6.92 4.10
C ARG A 60 -2.94 6.60 5.55
N HIS A 61 -3.33 7.55 6.33
CA HIS A 61 -3.17 7.53 7.75
C HIS A 61 -4.32 8.24 8.34
N TYR A 62 -4.81 7.74 9.43
CA TYR A 62 -5.99 8.29 10.02
C TYR A 62 -5.75 8.63 11.46
N ASP A 63 -6.54 9.56 11.97
CA ASP A 63 -6.50 9.85 13.37
C ASP A 63 -7.38 8.84 14.09
N TRP A 64 -6.88 7.63 14.04
CA TRP A 64 -7.44 6.49 14.72
C TRP A 64 -7.48 6.68 16.22
N ASN A 65 -6.39 7.19 16.72
CA ASN A 65 -6.23 7.55 18.12
C ASN A 65 -7.36 8.45 18.60
N GLY A 66 -7.89 9.21 17.68
CA GLY A 66 -8.98 10.13 17.96
C GLY A 66 -10.29 9.39 18.10
N ALA A 67 -10.27 8.17 17.61
CA ALA A 67 -11.43 7.33 17.57
C ALA A 67 -11.40 6.31 18.70
N MET A 68 -10.27 5.63 18.76
CA MET A 68 -10.03 4.57 19.72
C MET A 68 -9.99 5.08 21.15
N GLN A 69 -9.12 6.03 21.40
CA GLN A 69 -8.88 6.59 22.74
C GLN A 69 -10.15 6.80 23.57
N PRO A 70 -11.14 7.54 23.04
CA PRO A 70 -12.38 7.80 23.78
C PRO A 70 -13.13 6.51 24.03
N MET A 71 -12.97 5.57 23.11
CA MET A 71 -13.66 4.29 23.15
C MET A 71 -12.96 3.32 24.07
N VAL A 72 -11.64 3.29 23.94
CA VAL A 72 -10.78 2.50 24.79
C VAL A 72 -11.02 2.90 26.21
N SER A 73 -11.19 4.20 26.36
CA SER A 73 -11.55 4.79 27.62
C SER A 73 -12.91 4.24 28.13
N LYS A 74 -13.81 3.91 27.21
CA LYS A 74 -15.12 3.35 27.55
C LYS A 74 -15.05 1.84 27.71
N MET A 75 -14.17 1.23 26.93
CA MET A 75 -14.10 -0.21 26.83
C MET A 75 -13.69 -0.84 28.12
N LEU A 76 -12.95 -0.12 28.92
CA LEU A 76 -12.47 -0.63 30.17
C LEU A 76 -13.41 -0.28 31.31
N GLY A 77 -14.40 0.50 30.97
CA GLY A 77 -15.49 0.78 31.88
C GLY A 77 -16.71 0.01 31.43
N ALA A 78 -16.46 -0.96 30.57
CA ALA A 78 -17.51 -1.81 30.02
C ALA A 78 -17.85 -2.93 30.95
N ASP A 79 -18.96 -3.57 30.65
CA ASP A 79 -19.38 -4.74 31.38
C ASP A 79 -18.70 -5.96 30.83
N GLY A 80 -17.74 -6.47 31.56
CA GLY A 80 -17.07 -7.66 31.15
C GLY A 80 -15.59 -7.47 31.17
N VAL A 81 -15.18 -6.22 31.12
CA VAL A 81 -13.77 -5.89 31.06
C VAL A 81 -13.25 -5.48 32.41
N THR A 82 -12.00 -5.76 32.62
CA THR A 82 -11.30 -5.36 33.80
C THR A 82 -9.93 -4.83 33.44
N ALA A 83 -9.52 -3.80 34.14
CA ALA A 83 -8.16 -3.28 34.04
C ALA A 83 -7.15 -4.34 34.46
N GLY A 84 -6.08 -4.47 33.70
CA GLY A 84 -5.04 -5.41 34.03
C GLY A 84 -5.09 -6.66 33.18
N SER A 85 -5.92 -6.64 32.15
CA SER A 85 -6.01 -7.77 31.25
C SER A 85 -5.12 -7.57 30.04
N VAL A 86 -4.67 -8.67 29.48
CA VAL A 86 -4.08 -8.61 28.17
C VAL A 86 -5.18 -8.59 27.12
N LEU A 87 -5.19 -7.54 26.34
CA LEU A 87 -6.26 -7.29 25.42
C LEU A 87 -5.74 -7.55 24.00
N LEU A 88 -6.27 -8.62 23.41
CA LEU A 88 -5.90 -9.00 22.06
C LEU A 88 -6.49 -8.00 21.12
N VAL A 89 -5.65 -7.09 20.71
CA VAL A 89 -6.04 -6.06 19.80
C VAL A 89 -6.21 -6.67 18.43
N ASP A 90 -7.44 -6.78 18.00
CA ASP A 90 -7.75 -7.33 16.70
C ASP A 90 -7.47 -6.29 15.67
N SER A 91 -7.19 -6.74 14.46
CA SER A 91 -7.07 -5.84 13.36
C SER A 91 -8.37 -5.11 13.22
N VAL A 92 -8.27 -3.86 12.98
CA VAL A 92 -9.39 -3.10 12.59
C VAL A 92 -9.83 -3.58 11.24
N ASN A 93 -11.10 -3.63 11.06
CA ASN A 93 -11.65 -3.96 9.78
C ASN A 93 -11.77 -2.72 8.94
N ASN A 94 -11.91 -2.94 7.68
CA ASN A 94 -12.11 -1.89 6.72
C ASN A 94 -13.37 -2.18 5.93
N ARG A 95 -14.48 -1.77 6.51
CA ARG A 95 -15.81 -2.11 6.03
C ARG A 95 -16.44 -0.87 5.44
N THR A 96 -15.66 0.19 5.54
CA THR A 96 -16.04 1.52 5.10
C THR A 96 -16.57 1.60 3.68
N ASN A 97 -16.75 2.85 3.27
CA ASN A 97 -17.12 3.19 1.91
C ASN A 97 -15.99 2.85 0.94
N GLY A 98 -14.81 2.59 1.49
CA GLY A 98 -13.65 2.33 0.67
C GLY A 98 -12.68 1.37 1.32
N SER A 99 -11.39 1.58 1.06
CA SER A 99 -10.33 0.75 1.61
C SER A 99 -9.34 1.58 2.42
N LEU A 100 -9.07 1.14 3.64
CA LEU A 100 -8.20 1.85 4.54
C LEU A 100 -7.22 0.90 5.14
N ASN A 101 -6.14 1.47 5.62
CA ASN A 101 -5.14 0.72 6.32
C ASN A 101 -5.58 0.53 7.74
N ALA A 102 -6.39 -0.45 7.90
CA ALA A 102 -6.91 -0.80 9.19
C ALA A 102 -5.81 -1.37 10.04
N ALA A 103 -4.70 -1.73 9.41
CA ALA A 103 -3.59 -2.28 10.14
C ALA A 103 -2.82 -1.15 10.79
N GLU A 104 -2.88 0.01 10.14
CA GLU A 104 -2.39 1.25 10.68
C GLU A 104 -3.24 1.62 11.87
N ALA A 105 -4.50 1.29 11.73
CA ALA A 105 -5.49 1.51 12.73
C ALA A 105 -5.25 0.59 13.88
N THR A 106 -5.02 -0.65 13.53
CA THR A 106 -4.80 -1.68 14.48
C THR A 106 -3.53 -1.42 15.28
N GLU A 107 -2.54 -0.82 14.64
CA GLU A 107 -1.36 -0.42 15.36
C GLU A 107 -1.76 0.70 16.32
N THR A 108 -2.59 1.61 15.80
CA THR A 108 -3.09 2.72 16.59
C THR A 108 -3.99 2.23 17.71
N LEU A 109 -4.67 1.14 17.46
CA LEU A 109 -5.43 0.46 18.49
C LEU A 109 -4.56 0.22 19.68
N ARG A 110 -3.61 -0.67 19.50
CA ARG A 110 -2.60 -0.96 20.50
C ARG A 110 -2.10 0.32 21.18
N ASN A 111 -2.00 1.36 20.38
CA ASN A 111 -1.49 2.64 20.82
C ASN A 111 -2.46 3.36 21.72
N ALA A 112 -3.71 3.37 21.33
CA ALA A 112 -4.74 4.02 22.09
C ALA A 112 -5.04 3.18 23.32
N LEU A 113 -4.91 1.89 23.11
CA LEU A 113 -5.00 0.89 24.15
C LEU A 113 -3.85 1.08 25.15
N ALA A 114 -2.70 1.52 24.61
CA ALA A 114 -1.48 1.70 25.38
C ALA A 114 -1.53 2.94 26.24
N ASN A 115 -2.03 3.99 25.63
CA ASN A 115 -2.16 5.28 26.28
C ASN A 115 -2.95 5.13 27.57
N ASN A 116 -3.95 4.27 27.48
CA ASN A 116 -4.86 4.00 28.59
C ASN A 116 -4.11 3.26 29.67
N GLY A 117 -3.37 2.22 29.29
CA GLY A 117 -2.47 1.55 30.19
C GLY A 117 -3.14 0.49 31.04
N LYS A 118 -4.46 0.42 31.00
CA LYS A 118 -5.16 -0.57 31.79
C LYS A 118 -4.97 -1.96 31.22
N PHE A 119 -4.88 -2.06 29.91
CA PHE A 119 -4.68 -3.34 29.27
C PHE A 119 -3.23 -3.66 29.08
N THR A 120 -3.05 -4.84 28.56
CA THR A 120 -1.78 -5.28 28.07
C THR A 120 -1.93 -5.62 26.63
N LEU A 121 -1.22 -4.89 25.81
CA LEU A 121 -1.43 -5.02 24.41
C LEU A 121 -0.55 -6.11 23.85
N VAL A 122 -1.13 -6.95 23.06
CA VAL A 122 -0.38 -7.98 22.41
C VAL A 122 0.37 -7.40 21.23
N SER A 123 1.45 -8.03 20.86
CA SER A 123 2.24 -7.60 19.76
C SER A 123 1.93 -8.42 18.52
N ALA A 124 2.30 -7.84 17.39
CA ALA A 124 2.01 -8.35 16.06
C ALA A 124 2.80 -9.60 15.80
N GLN A 125 3.94 -9.65 16.46
CA GLN A 125 4.82 -10.81 16.49
C GLN A 125 4.05 -12.02 16.97
N GLN A 126 3.05 -11.76 17.77
CA GLN A 126 2.11 -12.78 18.19
C GLN A 126 0.86 -12.73 17.32
N LEU A 127 0.24 -11.56 17.31
CA LEU A 127 -1.09 -11.32 16.75
C LEU A 127 -1.15 -11.52 15.25
N SER A 128 -0.48 -10.64 14.54
CA SER A 128 -0.49 -10.62 13.09
C SER A 128 -0.14 -11.99 12.57
N MET A 129 0.83 -12.53 13.28
CA MET A 129 1.30 -13.89 13.12
C MET A 129 0.18 -14.87 13.29
N ALA A 130 -0.38 -14.87 14.50
CA ALA A 130 -1.53 -15.68 14.85
C ALA A 130 -2.57 -15.68 13.76
N LYS A 131 -2.87 -14.50 13.23
CA LYS A 131 -3.84 -14.40 12.16
C LYS A 131 -3.43 -15.35 11.05
N GLN A 132 -2.22 -15.21 10.61
CA GLN A 132 -1.66 -16.04 9.55
C GLN A 132 -1.59 -17.50 9.98
N GLN A 133 -1.20 -17.69 11.24
CA GLN A 133 -1.09 -19.01 11.86
C GLN A 133 -2.40 -19.70 11.80
N LEU A 134 -3.43 -18.91 11.94
CA LEU A 134 -4.75 -19.42 12.00
C LEU A 134 -5.34 -19.46 10.61
N GLY A 135 -4.88 -18.55 9.77
CA GLY A 135 -5.38 -18.50 8.41
C GLY A 135 -5.32 -17.12 7.81
N LEU A 136 -5.71 -16.20 8.63
CA LEU A 136 -5.95 -14.84 8.28
C LEU A 136 -4.73 -14.03 7.91
N SER A 137 -5.04 -12.77 7.78
CA SER A 137 -4.12 -11.72 7.54
C SER A 137 -4.16 -10.81 8.75
N PRO A 138 -3.08 -10.09 9.03
CA PRO A 138 -3.02 -9.19 10.16
C PRO A 138 -3.93 -7.99 9.96
N GLN A 139 -4.62 -8.02 8.83
CA GLN A 139 -5.48 -6.96 8.36
C GLN A 139 -6.90 -7.44 8.25
N ASP A 140 -7.04 -8.75 8.10
CA ASP A 140 -8.30 -9.37 7.75
C ASP A 140 -9.24 -9.24 8.89
N SER A 141 -8.62 -9.03 10.04
CA SER A 141 -9.28 -9.06 11.30
C SER A 141 -9.66 -10.47 11.64
N LEU A 142 -10.04 -10.71 12.86
CA LEU A 142 -10.36 -12.06 13.27
C LEU A 142 -11.58 -12.51 12.50
N GLY A 143 -12.49 -11.55 12.38
CA GLY A 143 -13.73 -11.74 11.65
C GLY A 143 -14.67 -12.77 12.26
N THR A 144 -14.18 -13.54 13.22
CA THR A 144 -14.92 -14.65 13.77
C THR A 144 -14.48 -14.89 15.18
N ARG A 145 -15.39 -14.85 16.14
CA ARG A 145 -15.03 -14.99 17.55
C ARG A 145 -14.00 -16.07 17.76
N SER A 146 -14.20 -17.21 17.15
CA SER A 146 -13.34 -18.36 17.38
C SER A 146 -11.98 -18.18 16.73
N LYS A 147 -11.95 -17.37 15.66
CA LYS A 147 -10.73 -17.01 14.97
C LYS A 147 -9.95 -16.05 15.83
N ALA A 148 -10.74 -15.29 16.58
CA ALA A 148 -10.27 -14.32 17.53
C ALA A 148 -9.75 -14.99 18.75
N ILE A 149 -10.55 -15.90 19.21
CA ILE A 149 -10.27 -16.67 20.37
C ILE A 149 -9.08 -17.57 20.14
N GLY A 150 -9.05 -18.13 18.96
CA GLY A 150 -7.88 -18.86 18.52
C GLY A 150 -6.64 -18.02 18.63
N ILE A 151 -6.69 -16.84 18.02
CA ILE A 151 -5.55 -15.95 18.01
C ILE A 151 -5.21 -15.43 19.37
N ALA A 152 -6.21 -14.95 20.07
CA ALA A 152 -6.02 -14.39 21.40
C ALA A 152 -5.31 -15.38 22.31
N ARG A 153 -5.73 -16.62 22.26
CA ARG A 153 -5.17 -17.64 23.10
C ARG A 153 -3.84 -18.13 22.53
N ASN A 154 -3.68 -17.93 21.23
CA ASN A 154 -2.43 -18.24 20.54
C ASN A 154 -1.48 -17.09 20.76
N VAL A 155 -2.06 -16.02 21.24
CA VAL A 155 -1.38 -14.77 21.41
C VAL A 155 -1.04 -14.52 22.88
N GLY A 156 -1.86 -15.07 23.76
CA GLY A 156 -1.64 -14.87 25.18
C GLY A 156 -2.52 -13.80 25.75
N ALA A 157 -3.74 -13.73 25.24
CA ALA A 157 -4.62 -12.62 25.55
C ALA A 157 -5.80 -13.03 26.42
N HIS A 158 -6.36 -12.05 27.12
CA HIS A 158 -7.50 -12.25 28.01
C HIS A 158 -8.77 -11.83 27.30
N TYR A 159 -8.62 -10.90 26.37
CA TYR A 159 -9.74 -10.33 25.66
C TYR A 159 -9.45 -10.23 24.18
N VAL A 160 -10.37 -9.60 23.47
CA VAL A 160 -10.16 -9.18 22.11
C VAL A 160 -10.72 -7.78 21.94
N LEU A 161 -10.04 -6.94 21.22
CA LEU A 161 -10.67 -5.73 20.78
C LEU A 161 -10.93 -5.83 19.29
N TYR A 162 -12.16 -6.15 18.98
CA TYR A 162 -12.63 -6.21 17.63
C TYR A 162 -12.93 -4.82 17.16
N SER A 163 -12.22 -4.39 16.18
CA SER A 163 -12.43 -3.06 15.67
C SER A 163 -12.60 -3.10 14.18
N SER A 164 -13.14 -2.03 13.67
CA SER A 164 -13.44 -1.89 12.29
C SER A 164 -13.64 -0.47 11.93
N ALA A 165 -13.83 -0.27 10.68
CA ALA A 165 -14.07 1.02 10.16
C ALA A 165 -15.17 0.92 9.14
N SER A 166 -16.11 1.82 9.21
CA SER A 166 -17.18 1.81 8.25
C SER A 166 -17.57 3.23 7.92
N GLY A 167 -18.59 3.39 7.13
CA GLY A 167 -19.11 4.70 6.89
C GLY A 167 -18.54 5.31 5.64
N ASN A 168 -17.38 5.88 5.83
CA ASN A 168 -16.62 6.45 4.75
C ASN A 168 -15.18 6.22 5.03
N VAL A 169 -14.51 5.67 4.05
CA VAL A 169 -13.15 5.24 4.22
C VAL A 169 -12.21 6.41 4.52
N ASN A 170 -12.38 7.54 3.83
CA ASN A 170 -11.50 8.67 4.04
C ASN A 170 -11.55 9.11 5.48
N ALA A 171 -12.71 8.92 6.07
CA ALA A 171 -12.96 9.26 7.45
C ALA A 171 -14.10 8.39 7.96
N PRO A 172 -13.73 7.25 8.49
CA PRO A 172 -14.64 6.16 8.83
C PRO A 172 -15.17 6.22 10.24
N THR A 173 -16.17 5.43 10.45
CA THR A 173 -16.62 5.12 11.76
C THR A 173 -15.79 3.98 12.27
N LEU A 174 -15.08 4.16 13.33
CA LEU A 174 -14.34 3.10 13.88
C LEU A 174 -15.23 2.30 14.76
N GLN A 175 -15.72 1.24 14.23
CA GLN A 175 -16.65 0.41 14.92
C GLN A 175 -15.89 -0.64 15.70
N MET A 176 -15.92 -0.48 16.99
CA MET A 176 -15.13 -1.32 17.89
C MET A 176 -16.01 -2.21 18.74
N GLN A 177 -15.40 -3.24 19.33
CA GLN A 177 -16.13 -4.32 19.93
C GLN A 177 -15.19 -5.21 20.71
N LEU A 178 -15.42 -5.31 21.99
CA LEU A 178 -14.52 -6.01 22.88
C LEU A 178 -15.09 -7.38 23.17
N MET A 179 -14.57 -8.37 22.48
CA MET A 179 -14.96 -9.73 22.71
C MET A 179 -14.09 -10.34 23.77
N LEU A 180 -14.68 -10.83 24.82
CA LEU A 180 -13.97 -11.67 25.72
C LEU A 180 -13.49 -12.87 24.92
N VAL A 181 -12.22 -13.20 24.96
CA VAL A 181 -11.75 -14.38 24.21
C VAL A 181 -12.01 -15.67 24.99
N GLN A 182 -11.87 -15.57 26.30
CA GLN A 182 -12.03 -16.71 27.18
C GLN A 182 -13.45 -17.29 27.11
N THR A 183 -14.37 -16.51 26.55
CA THR A 183 -15.74 -16.97 26.38
C THR A 183 -16.20 -16.74 24.95
N GLY A 184 -15.75 -15.63 24.40
CA GLY A 184 -16.09 -15.28 23.05
C GLY A 184 -17.33 -14.44 22.98
N GLU A 185 -17.62 -13.74 24.06
CA GLU A 185 -18.80 -12.90 24.13
C GLU A 185 -18.40 -11.44 23.99
N ILE A 186 -19.33 -10.62 23.54
CA ILE A 186 -19.06 -9.21 23.41
C ILE A 186 -19.40 -8.51 24.72
N ILE A 187 -18.38 -7.94 25.33
CA ILE A 187 -18.50 -7.35 26.63
C ILE A 187 -18.51 -5.83 26.53
N TRP A 188 -17.83 -5.33 25.52
CA TRP A 188 -17.88 -3.91 25.19
C TRP A 188 -18.01 -3.75 23.69
N SER A 189 -18.61 -2.66 23.28
CA SER A 189 -18.46 -2.26 21.89
C SER A 189 -18.63 -0.76 21.70
N GLY A 190 -18.18 -0.27 20.55
CA GLY A 190 -18.25 1.13 20.26
C GLY A 190 -18.19 1.37 18.80
N LYS A 191 -18.14 2.62 18.46
CA LYS A 191 -17.79 3.10 17.16
C LYS A 191 -17.36 4.51 17.36
N GLY A 192 -16.51 4.95 16.52
CA GLY A 192 -16.06 6.30 16.59
C GLY A 192 -15.48 6.76 15.31
N ALA A 193 -15.97 7.87 14.83
CA ALA A 193 -15.56 8.35 13.54
C ALA A 193 -14.14 8.89 13.57
N VAL A 194 -13.27 8.22 12.85
CA VAL A 194 -11.88 8.55 12.80
C VAL A 194 -11.62 9.50 11.67
N SER A 195 -10.53 10.17 11.84
CA SER A 195 -10.12 11.22 10.98
C SER A 195 -9.06 10.70 10.06
N GLN A 196 -8.68 11.49 9.11
CA GLN A 196 -7.52 11.19 8.33
C GLN A 196 -6.35 12.03 8.82
N GLN A 197 -5.25 11.38 9.06
CA GLN A 197 -4.03 12.06 9.48
C GLN A 197 -3.35 12.71 8.29
N GLY A 1 -11.52 91.90 -122.66
CA GLY A 1 -10.26 91.60 -121.92
C GLY A 1 -9.60 90.34 -122.45
N SER A 2 -8.80 89.70 -121.62
CA SER A 2 -8.12 88.48 -122.03
C SER A 2 -8.04 87.47 -120.87
N HIS A 3 -9.01 87.53 -119.97
CA HIS A 3 -9.05 86.61 -118.84
C HIS A 3 -9.43 85.22 -119.31
N MET A 4 -8.50 84.28 -119.13
CA MET A 4 -8.61 82.94 -119.69
C MET A 4 -8.90 83.00 -121.19
N VAL A 5 -8.18 83.89 -121.84
CA VAL A 5 -8.32 84.09 -123.28
C VAL A 5 -6.96 84.07 -123.94
N GLY A 6 -6.01 84.79 -123.34
CA GLY A 6 -4.68 84.84 -123.88
C GLY A 6 -3.62 84.64 -122.82
N GLN A 7 -2.86 85.69 -122.54
CA GLN A 7 -1.78 85.61 -121.57
C GLN A 7 -2.02 86.56 -120.40
N ARG A 8 -0.99 86.75 -119.58
CA ARG A 8 -1.06 87.58 -118.37
C ARG A 8 -2.21 87.15 -117.47
N GLU A 9 -2.11 85.92 -116.99
CA GLU A 9 -3.05 85.38 -115.99
C GLU A 9 -2.75 83.90 -115.72
N PRO A 10 -2.66 83.03 -116.76
CA PRO A 10 -2.32 81.61 -116.57
C PRO A 10 -1.05 81.41 -115.75
N ALA A 11 -1.22 80.98 -114.51
CA ALA A 11 -0.08 80.75 -113.61
C ALA A 11 -0.53 79.96 -112.40
N PRO A 12 -0.74 78.64 -112.55
CA PRO A 12 -1.25 77.80 -111.47
C PRO A 12 -0.31 77.77 -110.27
N VAL A 13 -0.89 77.79 -109.08
CA VAL A 13 -0.09 77.76 -107.87
C VAL A 13 0.45 76.37 -107.59
N GLU A 14 1.47 76.31 -106.77
CA GLU A 14 2.04 75.05 -106.32
C GLU A 14 2.28 75.10 -104.82
N GLU A 15 1.86 74.06 -104.13
CA GLU A 15 2.04 74.00 -102.68
C GLU A 15 2.54 72.63 -102.26
N VAL A 16 3.85 72.51 -102.16
CA VAL A 16 4.47 71.31 -101.64
C VAL A 16 4.18 71.20 -100.14
N LYS A 17 3.35 70.24 -99.78
CA LYS A 17 2.95 70.05 -98.40
C LYS A 17 3.52 68.74 -97.86
N PRO A 18 4.62 68.79 -97.10
CA PRO A 18 5.23 67.59 -96.55
C PRO A 18 4.25 66.79 -95.70
N ALA A 19 3.57 67.50 -94.79
CA ALA A 19 2.61 66.93 -93.86
C ALA A 19 3.22 65.80 -93.04
N PRO A 20 4.20 66.12 -92.18
CA PRO A 20 4.88 65.11 -91.36
C PRO A 20 4.02 64.66 -90.19
N GLU A 21 4.29 63.45 -89.71
CA GLU A 21 3.54 62.87 -88.61
C GLU A 21 4.19 61.57 -88.16
N GLN A 22 4.26 61.37 -86.86
CA GLN A 22 4.74 60.13 -86.30
C GLN A 22 3.85 59.74 -85.12
N PRO A 23 3.30 58.52 -85.13
CA PRO A 23 2.43 58.02 -84.06
C PRO A 23 3.04 58.21 -82.68
N ALA A 24 2.21 58.66 -81.76
CA ALA A 24 2.63 58.92 -80.40
C ALA A 24 1.87 58.04 -79.42
N GLU A 25 2.50 56.95 -79.03
CA GLU A 25 1.88 56.00 -78.12
C GLU A 25 2.58 56.01 -76.77
N PRO A 26 1.83 55.94 -75.66
CA PRO A 26 2.42 55.89 -74.33
C PRO A 26 3.20 54.60 -74.10
N GLN A 27 4.43 54.73 -73.65
CA GLN A 27 5.27 53.57 -73.37
C GLN A 27 5.57 53.50 -71.87
N GLN A 28 4.54 53.22 -71.09
CA GLN A 28 4.68 53.12 -69.65
C GLN A 28 4.26 51.73 -69.19
N PRO A 29 5.18 50.75 -69.24
CA PRO A 29 4.88 49.38 -68.84
C PRO A 29 4.90 49.22 -67.32
N VAL A 30 4.21 48.19 -66.83
CA VAL A 30 4.17 47.89 -65.41
C VAL A 30 3.78 46.43 -65.18
N PRO A 31 4.73 45.52 -65.39
CA PRO A 31 4.53 44.09 -65.20
C PRO A 31 4.80 43.69 -63.75
N THR A 32 3.73 43.48 -63.00
CA THR A 32 3.85 43.19 -61.58
C THR A 32 4.06 41.70 -61.34
N VAL A 33 4.91 41.38 -60.37
CA VAL A 33 5.21 40.00 -60.02
C VAL A 33 5.05 39.78 -58.52
N PRO A 34 3.82 39.55 -58.06
CA PRO A 34 3.50 39.32 -56.65
C PRO A 34 4.14 38.05 -56.11
N SER A 35 4.33 38.02 -54.80
CA SER A 35 4.91 36.88 -54.12
C SER A 35 4.51 36.88 -52.67
N VAL A 36 3.85 35.81 -52.25
CA VAL A 36 3.35 35.70 -50.88
C VAL A 36 4.09 34.60 -50.13
N PRO A 37 5.02 34.97 -49.24
CA PRO A 37 5.73 34.01 -48.39
C PRO A 37 4.78 33.23 -47.51
N THR A 38 5.16 32.01 -47.17
CA THR A 38 4.32 31.15 -46.36
C THR A 38 5.18 30.27 -45.46
N ILE A 39 4.92 30.35 -44.16
CA ILE A 39 5.72 29.65 -43.18
C ILE A 39 5.06 28.32 -42.80
N PRO A 40 5.73 27.19 -43.13
CA PRO A 40 5.24 25.86 -42.77
C PRO A 40 5.17 25.66 -41.26
N GLN A 41 4.17 24.93 -40.80
CA GLN A 41 4.01 24.66 -39.38
C GLN A 41 3.47 23.25 -39.18
N GLN A 42 3.97 22.57 -38.15
CA GLN A 42 3.60 21.20 -37.90
C GLN A 42 3.23 20.98 -36.44
N PRO A 43 1.94 21.19 -36.09
CA PRO A 43 1.45 21.00 -34.74
C PRO A 43 1.31 19.52 -34.40
N GLY A 44 1.76 19.14 -33.22
CA GLY A 44 1.64 17.77 -32.77
C GLY A 44 1.35 17.67 -31.29
N PRO A 45 0.76 16.56 -30.87
CA PRO A 45 0.42 16.32 -29.47
C PRO A 45 1.62 15.88 -28.64
N ILE A 46 1.83 16.54 -27.51
CA ILE A 46 2.87 16.14 -26.58
C ILE A 46 2.33 15.05 -25.67
N GLU A 47 1.43 15.47 -24.78
CA GLU A 47 0.72 14.58 -23.86
C GLU A 47 1.66 13.82 -22.92
N HIS A 48 1.74 14.28 -21.69
CA HIS A 48 2.41 13.53 -20.64
C HIS A 48 1.44 13.22 -19.52
N GLU A 49 1.89 12.43 -18.57
CA GLU A 49 1.11 12.15 -17.38
C GLU A 49 2.03 11.76 -16.23
N ASP A 50 1.44 11.39 -15.11
CA ASP A 50 2.18 10.88 -13.98
C ASP A 50 1.75 9.47 -13.65
N GLN A 51 2.37 8.51 -14.30
CA GLN A 51 2.11 7.12 -14.01
C GLN A 51 3.00 6.63 -12.87
N THR A 52 2.72 5.43 -12.38
CA THR A 52 3.55 4.80 -11.38
C THR A 52 4.17 3.54 -11.94
N ALA A 53 5.45 3.41 -11.70
CA ALA A 53 6.22 2.29 -12.24
C ALA A 53 6.13 1.04 -11.38
N PRO A 54 6.42 1.11 -10.06
CA PRO A 54 6.27 -0.05 -9.19
C PRO A 54 4.87 -0.17 -8.59
N PRO A 55 4.25 -1.34 -8.67
CA PRO A 55 2.94 -1.57 -8.04
C PRO A 55 3.04 -1.68 -6.52
N ALA A 56 1.91 -2.03 -5.91
CA ALA A 56 1.80 -2.21 -4.46
C ALA A 56 2.11 -0.91 -3.70
N PRO A 57 1.23 0.10 -3.83
CA PRO A 57 1.40 1.38 -3.13
C PRO A 57 1.15 1.25 -1.65
N HIS A 58 1.22 2.39 -0.98
CA HIS A 58 1.06 2.43 0.46
C HIS A 58 -0.18 3.22 0.82
N ILE A 59 -0.82 2.81 1.90
CA ILE A 59 -2.06 3.42 2.34
C ILE A 59 -1.80 4.59 3.26
N ARG A 60 -2.88 5.30 3.52
CA ARG A 60 -2.93 6.45 4.38
C ARG A 60 -2.73 6.09 5.84
N HIS A 61 -3.25 6.99 6.63
CA HIS A 61 -3.24 6.91 8.07
C HIS A 61 -4.33 7.79 8.54
N TYR A 62 -4.94 7.39 9.60
CA TYR A 62 -6.06 8.10 10.11
C TYR A 62 -5.80 8.47 11.53
N ASP A 63 -6.52 9.47 12.03
CA ASP A 63 -6.45 9.76 13.43
C ASP A 63 -7.35 8.78 14.15
N TRP A 64 -6.90 7.55 14.08
CA TRP A 64 -7.47 6.42 14.77
C TRP A 64 -7.51 6.61 16.26
N ASN A 65 -6.39 7.09 16.75
CA ASN A 65 -6.24 7.46 18.16
C ASN A 65 -7.36 8.38 18.63
N GLY A 66 -7.88 9.15 17.70
CA GLY A 66 -8.95 10.08 18.00
C GLY A 66 -10.27 9.36 18.12
N ALA A 67 -10.27 8.15 17.63
CA ALA A 67 -11.44 7.30 17.57
C ALA A 67 -11.42 6.27 18.69
N MET A 68 -10.31 5.55 18.73
CA MET A 68 -10.10 4.47 19.68
C MET A 68 -10.08 4.98 21.11
N GLN A 69 -9.17 5.90 21.39
CA GLN A 69 -8.95 6.45 22.72
C GLN A 69 -10.21 6.68 23.55
N PRO A 70 -11.19 7.44 23.03
CA PRO A 70 -12.41 7.74 23.78
C PRO A 70 -13.19 6.48 24.04
N MET A 71 -13.06 5.53 23.13
CA MET A 71 -13.77 4.28 23.19
C MET A 71 -13.06 3.28 24.07
N VAL A 72 -11.74 3.25 23.95
CA VAL A 72 -10.87 2.48 24.81
C VAL A 72 -11.11 2.91 26.22
N SER A 73 -11.30 4.20 26.34
CA SER A 73 -11.66 4.82 27.60
C SER A 73 -13.00 4.27 28.13
N LYS A 74 -13.92 3.97 27.20
CA LYS A 74 -15.23 3.37 27.55
C LYS A 74 -15.07 1.89 27.74
N MET A 75 -14.26 1.29 26.90
CA MET A 75 -14.05 -0.12 26.88
C MET A 75 -13.81 -0.65 28.27
N LEU A 76 -12.84 -0.05 28.93
CA LEU A 76 -12.31 -0.54 30.18
C LEU A 76 -13.19 -0.16 31.36
N GLY A 77 -14.32 0.41 31.01
CA GLY A 77 -15.38 0.65 31.95
C GLY A 77 -16.64 -0.05 31.51
N ALA A 78 -16.46 -1.02 30.60
CA ALA A 78 -17.55 -1.84 30.11
C ALA A 78 -17.82 -2.97 31.08
N ASP A 79 -18.95 -3.59 30.91
CA ASP A 79 -19.29 -4.77 31.69
C ASP A 79 -18.74 -5.99 31.03
N GLY A 80 -17.72 -6.54 31.62
CA GLY A 80 -17.09 -7.70 31.05
C GLY A 80 -15.61 -7.55 31.07
N VAL A 81 -15.17 -6.30 31.06
CA VAL A 81 -13.75 -6.01 31.02
C VAL A 81 -13.23 -5.61 32.38
N THR A 82 -11.98 -5.90 32.57
CA THR A 82 -11.28 -5.55 33.79
C THR A 82 -9.91 -4.98 33.46
N ALA A 83 -9.50 -3.99 34.22
CA ALA A 83 -8.12 -3.53 34.23
C ALA A 83 -7.17 -4.67 34.54
N GLY A 84 -6.02 -4.68 33.90
CA GLY A 84 -5.00 -5.66 34.21
C GLY A 84 -5.07 -6.88 33.33
N SER A 85 -5.86 -6.81 32.27
CA SER A 85 -5.93 -7.92 31.33
C SER A 85 -5.03 -7.67 30.15
N VAL A 86 -4.57 -8.74 29.53
CA VAL A 86 -3.97 -8.62 28.23
C VAL A 86 -5.06 -8.58 27.17
N LEU A 87 -5.08 -7.51 26.43
CA LEU A 87 -6.15 -7.25 25.51
C LEU A 87 -5.65 -7.44 24.10
N LEU A 88 -6.14 -8.51 23.48
CA LEU A 88 -5.81 -8.80 22.10
C LEU A 88 -6.53 -7.84 21.21
N VAL A 89 -5.88 -6.77 20.84
CA VAL A 89 -6.44 -5.86 19.90
C VAL A 89 -6.38 -6.53 18.54
N ASP A 90 -7.55 -6.80 17.98
CA ASP A 90 -7.60 -7.42 16.67
C ASP A 90 -7.38 -6.36 15.63
N SER A 91 -7.20 -6.76 14.41
CA SER A 91 -7.18 -5.84 13.34
C SER A 91 -8.45 -5.03 13.36
N VAL A 92 -8.30 -3.84 12.92
CA VAL A 92 -9.41 -3.05 12.57
C VAL A 92 -9.88 -3.52 11.23
N ASN A 93 -11.16 -3.57 11.08
CA ASN A 93 -11.74 -3.90 9.81
C ASN A 93 -11.85 -2.68 8.97
N ASN A 94 -11.98 -2.91 7.71
CA ASN A 94 -12.19 -1.89 6.74
C ASN A 94 -13.47 -2.22 5.99
N ARG A 95 -14.56 -1.80 6.59
CA ARG A 95 -15.90 -2.13 6.14
C ARG A 95 -16.50 -0.91 5.53
N THR A 96 -15.72 0.15 5.58
CA THR A 96 -16.11 1.45 5.08
C THR A 96 -16.62 1.43 3.66
N ASN A 97 -16.92 2.62 3.22
CA ASN A 97 -17.33 2.83 1.84
C ASN A 97 -16.10 2.70 0.90
N GLY A 98 -14.93 2.58 1.49
CA GLY A 98 -13.71 2.43 0.71
C GLY A 98 -12.72 1.47 1.34
N SER A 99 -11.42 1.70 1.08
CA SER A 99 -10.36 0.84 1.60
C SER A 99 -9.35 1.64 2.43
N LEU A 100 -9.06 1.15 3.62
CA LEU A 100 -8.17 1.82 4.55
C LEU A 100 -7.19 0.85 5.15
N ASN A 101 -6.11 1.41 5.62
CA ASN A 101 -5.08 0.66 6.30
C ASN A 101 -5.52 0.45 7.72
N ALA A 102 -6.37 -0.51 7.87
CA ALA A 102 -6.88 -0.85 9.18
C ALA A 102 -5.78 -1.42 10.02
N ALA A 103 -4.69 -1.81 9.39
CA ALA A 103 -3.60 -2.42 10.11
C ALA A 103 -2.79 -1.33 10.78
N GLU A 104 -2.76 -0.18 10.13
CA GLU A 104 -2.21 1.02 10.68
C GLU A 104 -3.05 1.45 11.85
N ALA A 105 -4.33 1.18 11.70
CA ALA A 105 -5.31 1.47 12.69
C ALA A 105 -5.17 0.54 13.85
N THR A 106 -4.96 -0.70 13.50
CA THR A 106 -4.79 -1.75 14.46
C THR A 106 -3.53 -1.53 15.28
N GLU A 107 -2.52 -0.93 14.67
CA GLU A 107 -1.36 -0.55 15.42
C GLU A 107 -1.75 0.59 16.36
N THR A 108 -2.56 1.51 15.83
CA THR A 108 -3.09 2.62 16.61
C THR A 108 -3.99 2.13 17.72
N LEU A 109 -4.66 1.03 17.47
CA LEU A 109 -5.43 0.35 18.49
C LEU A 109 -4.56 0.12 19.69
N ARG A 110 -3.61 -0.77 19.53
CA ARG A 110 -2.60 -1.05 20.54
C ARG A 110 -2.13 0.24 21.22
N ASN A 111 -2.02 1.27 20.42
CA ASN A 111 -1.53 2.57 20.86
C ASN A 111 -2.51 3.29 21.75
N ALA A 112 -3.76 3.29 21.33
CA ALA A 112 -4.80 3.96 22.08
C ALA A 112 -5.11 3.13 23.31
N LEU A 113 -4.93 1.84 23.13
CA LEU A 113 -5.05 0.86 24.18
C LEU A 113 -3.95 1.08 25.23
N ALA A 114 -2.80 1.53 24.73
CA ALA A 114 -1.59 1.73 25.53
C ALA A 114 -1.73 2.90 26.46
N ASN A 115 -2.33 3.95 25.95
CA ASN A 115 -2.44 5.20 26.65
C ASN A 115 -3.32 5.07 27.87
N ASN A 116 -4.17 4.06 27.87
CA ASN A 116 -5.12 3.87 28.97
C ASN A 116 -4.56 2.94 30.04
N GLY A 117 -3.48 2.23 29.68
CA GLY A 117 -2.62 1.58 30.66
C GLY A 117 -3.23 0.42 31.42
N LYS A 118 -4.54 0.24 31.34
CA LYS A 118 -5.21 -0.80 32.09
C LYS A 118 -4.96 -2.17 31.48
N PHE A 119 -4.82 -2.23 30.16
CA PHE A 119 -4.57 -3.49 29.50
C PHE A 119 -3.10 -3.76 29.29
N THR A 120 -2.88 -4.92 28.73
CA THR A 120 -1.62 -5.29 28.22
C THR A 120 -1.78 -5.59 26.76
N LEU A 121 -1.11 -4.82 25.95
CA LEU A 121 -1.34 -4.91 24.56
C LEU A 121 -0.45 -5.96 23.94
N VAL A 122 -1.04 -6.75 23.10
CA VAL A 122 -0.28 -7.71 22.35
C VAL A 122 0.38 -7.00 21.17
N SER A 123 1.47 -7.55 20.70
CA SER A 123 2.15 -7.02 19.56
C SER A 123 1.70 -7.75 18.31
N ALA A 124 1.94 -7.10 17.19
CA ALA A 124 1.54 -7.59 15.88
C ALA A 124 2.42 -8.73 15.46
N GLN A 125 3.60 -8.78 16.08
CA GLN A 125 4.51 -9.89 15.98
C GLN A 125 3.81 -11.17 16.43
N GLN A 126 2.82 -10.97 17.29
CA GLN A 126 1.92 -12.02 17.68
C GLN A 126 0.61 -11.95 16.89
N LEU A 127 0.02 -10.76 16.91
CA LEU A 127 -1.35 -10.53 16.46
C LEU A 127 -1.50 -10.65 14.94
N SER A 128 -0.82 -9.76 14.22
CA SER A 128 -0.85 -9.74 12.75
C SER A 128 -0.51 -11.12 12.24
N MET A 129 0.44 -11.66 12.96
CA MET A 129 0.98 -12.97 12.73
C MET A 129 -0.08 -14.01 12.94
N ALA A 130 -0.65 -14.06 14.14
CA ALA A 130 -1.74 -14.95 14.48
C ALA A 130 -2.80 -14.96 13.41
N LYS A 131 -3.11 -13.80 12.85
CA LYS A 131 -4.04 -13.75 11.76
C LYS A 131 -3.62 -14.75 10.71
N GLN A 132 -2.44 -14.53 10.20
CA GLN A 132 -1.84 -15.38 9.19
C GLN A 132 -1.69 -16.82 9.69
N GLN A 133 -1.22 -16.95 10.93
CA GLN A 133 -0.98 -18.25 11.55
C GLN A 133 -2.22 -19.08 11.52
N LEU A 134 -3.31 -18.40 11.63
CA LEU A 134 -4.59 -19.03 11.66
C LEU A 134 -5.16 -19.05 10.25
N GLY A 135 -4.81 -18.05 9.46
CA GLY A 135 -5.32 -17.97 8.12
C GLY A 135 -5.21 -16.62 7.48
N LEU A 136 -5.76 -15.69 8.20
CA LEU A 136 -6.02 -14.35 7.77
C LEU A 136 -4.82 -13.50 7.46
N SER A 137 -5.17 -12.25 7.23
CA SER A 137 -4.27 -11.16 7.09
C SER A 137 -4.41 -10.24 8.29
N PRO A 138 -3.34 -9.54 8.68
CA PRO A 138 -3.33 -8.63 9.83
C PRO A 138 -4.34 -7.50 9.69
N GLN A 139 -5.02 -7.46 8.55
CA GLN A 139 -5.97 -6.41 8.24
C GLN A 139 -7.34 -6.97 8.09
N ASP A 140 -7.38 -8.24 7.72
CA ASP A 140 -8.60 -8.92 7.33
C ASP A 140 -9.51 -8.99 8.50
N SER A 141 -8.85 -8.95 9.67
CA SER A 141 -9.49 -9.11 10.93
C SER A 141 -10.02 -10.52 11.07
N LEU A 142 -10.27 -10.86 12.32
CA LEU A 142 -10.57 -12.22 12.72
C LEU A 142 -11.94 -12.58 12.27
N GLY A 143 -12.78 -11.57 12.33
CA GLY A 143 -14.15 -11.67 11.87
C GLY A 143 -14.96 -12.79 12.48
N THR A 144 -14.39 -13.51 13.41
CA THR A 144 -15.05 -14.68 13.97
C THR A 144 -14.54 -14.90 15.37
N ARG A 145 -15.43 -14.84 16.34
CA ARG A 145 -15.04 -14.96 17.74
C ARG A 145 -13.99 -16.04 17.93
N SER A 146 -14.22 -17.19 17.35
CA SER A 146 -13.35 -18.34 17.54
C SER A 146 -11.99 -18.14 16.86
N LYS A 147 -12.00 -17.33 15.79
CA LYS A 147 -10.79 -16.97 15.07
C LYS A 147 -10.00 -16.01 15.93
N ALA A 148 -10.76 -15.25 16.68
CA ALA A 148 -10.24 -14.26 17.60
C ALA A 148 -9.76 -14.91 18.84
N ILE A 149 -10.50 -15.90 19.24
CA ILE A 149 -10.17 -16.68 20.38
C ILE A 149 -8.97 -17.53 20.10
N GLY A 150 -8.95 -18.11 18.92
CA GLY A 150 -7.78 -18.80 18.45
C GLY A 150 -6.58 -17.91 18.49
N ILE A 151 -6.69 -16.73 17.89
CA ILE A 151 -5.59 -15.79 17.85
C ILE A 151 -5.25 -15.21 19.20
N ALA A 152 -6.24 -14.81 19.98
CA ALA A 152 -5.97 -14.25 21.29
C ALA A 152 -5.21 -15.23 22.16
N ARG A 153 -5.53 -16.49 22.04
CA ARG A 153 -4.86 -17.52 22.83
C ARG A 153 -3.55 -17.94 22.14
N ASN A 154 -3.49 -17.66 20.85
CA ASN A 154 -2.30 -17.89 20.04
C ASN A 154 -1.40 -16.70 20.23
N VAL A 155 -1.97 -15.71 20.88
CA VAL A 155 -1.32 -14.45 21.07
C VAL A 155 -0.93 -14.24 22.53
N GLY A 156 -1.69 -14.84 23.44
CA GLY A 156 -1.42 -14.69 24.86
C GLY A 156 -2.32 -13.66 25.51
N ALA A 157 -3.56 -13.60 25.06
CA ALA A 157 -4.45 -12.53 25.45
C ALA A 157 -5.62 -12.98 26.33
N HIS A 158 -6.21 -12.02 27.04
CA HIS A 158 -7.33 -12.25 27.93
C HIS A 158 -8.63 -11.84 27.25
N TYR A 159 -8.50 -10.91 26.32
CA TYR A 159 -9.64 -10.35 25.63
C TYR A 159 -9.38 -10.25 24.14
N VAL A 160 -10.30 -9.62 23.45
CA VAL A 160 -10.13 -9.19 22.08
C VAL A 160 -10.71 -7.80 21.92
N LEU A 161 -10.03 -6.93 21.23
CA LEU A 161 -10.66 -5.74 20.77
C LEU A 161 -10.87 -5.83 19.28
N TYR A 162 -12.08 -6.18 18.94
CA TYR A 162 -12.52 -6.26 17.58
C TYR A 162 -12.86 -4.89 17.08
N SER A 163 -12.10 -4.39 16.18
CA SER A 163 -12.35 -3.07 15.68
C SER A 163 -12.58 -3.10 14.18
N SER A 164 -13.08 -2.00 13.69
CA SER A 164 -13.44 -1.85 12.31
C SER A 164 -13.65 -0.42 11.96
N ALA A 165 -13.89 -0.21 10.72
CA ALA A 165 -14.14 1.08 10.21
C ALA A 165 -15.19 0.99 9.16
N SER A 166 -16.15 1.87 9.18
CA SER A 166 -17.19 1.84 8.21
C SER A 166 -17.61 3.26 7.88
N GLY A 167 -18.61 3.40 7.06
CA GLY A 167 -19.13 4.71 6.81
C GLY A 167 -18.55 5.34 5.57
N ASN A 168 -17.37 5.86 5.76
CA ASN A 168 -16.61 6.50 4.70
C ASN A 168 -15.17 6.27 5.00
N VAL A 169 -14.50 5.69 4.06
CA VAL A 169 -13.13 5.25 4.24
C VAL A 169 -12.19 6.37 4.61
N ASN A 170 -12.26 7.50 3.91
CA ASN A 170 -11.32 8.60 4.16
C ASN A 170 -11.44 9.07 5.60
N ALA A 171 -12.63 8.91 6.12
CA ALA A 171 -12.94 9.27 7.49
C ALA A 171 -14.10 8.41 7.96
N PRO A 172 -13.76 7.25 8.49
CA PRO A 172 -14.69 6.19 8.83
C PRO A 172 -15.22 6.24 10.23
N THR A 173 -16.23 5.46 10.43
CA THR A 173 -16.69 5.14 11.75
C THR A 173 -15.86 4.00 12.26
N LEU A 174 -15.14 4.23 13.31
CA LEU A 174 -14.37 3.19 13.87
C LEU A 174 -15.23 2.38 14.78
N GLN A 175 -15.68 1.29 14.26
CA GLN A 175 -16.55 0.44 14.99
C GLN A 175 -15.73 -0.57 15.77
N MET A 176 -15.68 -0.38 17.07
CA MET A 176 -14.88 -1.22 17.94
C MET A 176 -15.79 -2.15 18.75
N GLN A 177 -15.20 -3.20 19.29
CA GLN A 177 -15.97 -4.29 19.87
C GLN A 177 -15.08 -5.19 20.68
N LEU A 178 -15.35 -5.31 21.95
CA LEU A 178 -14.47 -6.01 22.86
C LEU A 178 -15.06 -7.39 23.12
N MET A 179 -14.49 -8.37 22.45
CA MET A 179 -14.90 -9.75 22.66
C MET A 179 -14.03 -10.36 23.75
N LEU A 180 -14.65 -10.77 24.81
CA LEU A 180 -13.97 -11.56 25.79
C LEU A 180 -13.52 -12.86 25.10
N VAL A 181 -12.23 -13.15 25.02
CA VAL A 181 -11.80 -14.35 24.28
C VAL A 181 -12.12 -15.63 25.08
N GLN A 182 -12.05 -15.52 26.39
CA GLN A 182 -12.27 -16.64 27.29
C GLN A 182 -13.71 -17.17 27.19
N THR A 183 -14.57 -16.41 26.54
CA THR A 183 -15.96 -16.81 26.34
C THR A 183 -16.33 -16.66 24.89
N GLY A 184 -15.80 -15.60 24.33
CA GLY A 184 -16.05 -15.29 22.95
C GLY A 184 -17.28 -14.42 22.79
N GLU A 185 -17.67 -13.78 23.87
CA GLU A 185 -18.83 -12.91 23.83
C GLU A 185 -18.41 -11.46 23.84
N ILE A 186 -19.28 -10.62 23.33
CA ILE A 186 -18.97 -9.20 23.24
C ILE A 186 -19.38 -8.51 24.53
N ILE A 187 -18.39 -7.96 25.18
CA ILE A 187 -18.56 -7.41 26.51
C ILE A 187 -18.57 -5.88 26.44
N TRP A 188 -17.86 -5.35 25.46
CA TRP A 188 -17.91 -3.93 25.14
C TRP A 188 -17.97 -3.74 23.65
N SER A 189 -18.55 -2.66 23.22
CA SER A 189 -18.36 -2.22 21.85
C SER A 189 -18.53 -0.72 21.68
N GLY A 190 -18.09 -0.22 20.54
CA GLY A 190 -18.19 1.17 20.24
C GLY A 190 -18.10 1.42 18.78
N LYS A 191 -18.17 2.67 18.42
CA LYS A 191 -17.85 3.16 17.11
C LYS A 191 -17.50 4.60 17.26
N GLY A 192 -16.61 5.03 16.44
CA GLY A 192 -16.17 6.38 16.52
C GLY A 192 -15.56 6.84 15.24
N ALA A 193 -16.04 7.95 14.75
CA ALA A 193 -15.61 8.42 13.46
C ALA A 193 -14.19 8.96 13.52
N VAL A 194 -13.32 8.31 12.77
CA VAL A 194 -11.92 8.62 12.76
C VAL A 194 -11.62 9.57 11.62
N SER A 195 -10.51 10.21 11.80
CA SER A 195 -10.05 11.23 10.94
C SER A 195 -8.98 10.68 10.05
N GLN A 196 -8.54 11.43 9.10
CA GLN A 196 -7.40 11.02 8.33
C GLN A 196 -6.17 11.76 8.82
N GLN A 197 -5.10 11.04 9.04
CA GLN A 197 -3.85 11.63 9.48
C GLN A 197 -3.07 12.19 8.29
N GLY A 1 -60.67 24.46 -102.70
CA GLY A 1 -59.26 24.52 -103.13
C GLY A 1 -58.90 23.33 -104.00
N SER A 2 -57.81 23.46 -104.75
CA SER A 2 -57.37 22.38 -105.62
C SER A 2 -56.01 21.87 -105.15
N HIS A 3 -55.93 20.58 -104.90
CA HIS A 3 -54.70 19.97 -104.43
C HIS A 3 -54.16 19.03 -105.49
N MET A 4 -53.80 19.59 -106.64
CA MET A 4 -53.37 18.78 -107.78
C MET A 4 -51.89 18.99 -108.05
N VAL A 5 -51.12 19.09 -106.99
CA VAL A 5 -49.68 19.23 -107.08
C VAL A 5 -48.99 18.18 -106.23
N GLY A 6 -49.14 18.30 -104.91
CA GLY A 6 -48.55 17.34 -104.00
C GLY A 6 -47.03 17.35 -104.07
N GLN A 7 -46.43 18.36 -103.50
CA GLN A 7 -44.97 18.47 -103.51
C GLN A 7 -44.37 17.56 -102.45
N ARG A 8 -43.26 16.91 -102.80
CA ARG A 8 -42.60 16.01 -101.89
C ARG A 8 -41.09 16.10 -102.07
N GLU A 9 -40.45 16.83 -101.18
CA GLU A 9 -39.02 17.03 -101.24
C GLU A 9 -38.30 16.02 -100.36
N PRO A 10 -37.33 15.29 -100.91
CA PRO A 10 -36.53 14.36 -100.12
C PRO A 10 -35.50 15.08 -99.25
N ALA A 11 -34.68 14.30 -98.57
CA ALA A 11 -33.64 14.86 -97.71
C ALA A 11 -32.27 14.49 -98.26
N PRO A 12 -31.41 15.49 -98.51
CA PRO A 12 -30.04 15.26 -98.99
C PRO A 12 -29.21 14.49 -97.96
N VAL A 13 -28.43 13.52 -98.47
CA VAL A 13 -27.59 12.60 -97.68
C VAL A 13 -28.32 11.88 -96.55
N GLU A 14 -28.03 10.60 -96.42
CA GLU A 14 -28.70 9.76 -95.44
C GLU A 14 -28.00 9.84 -94.08
N GLU A 15 -26.68 9.99 -94.13
CA GLU A 15 -25.84 10.13 -92.93
C GLU A 15 -26.06 8.99 -91.94
N VAL A 16 -25.21 7.98 -92.03
CA VAL A 16 -25.28 6.84 -91.14
C VAL A 16 -24.69 7.21 -89.78
N LYS A 17 -25.54 7.18 -88.76
CA LYS A 17 -25.11 7.52 -87.41
C LYS A 17 -24.19 6.45 -86.84
N PRO A 18 -23.11 6.85 -86.13
CA PRO A 18 -22.16 5.91 -85.56
C PRO A 18 -22.80 4.95 -84.57
N ALA A 19 -22.68 3.66 -84.85
CA ALA A 19 -23.20 2.64 -83.97
C ALA A 19 -22.05 1.80 -83.42
N PRO A 20 -22.06 1.49 -82.11
CA PRO A 20 -21.00 0.70 -81.49
C PRO A 20 -20.88 -0.68 -82.11
N GLU A 21 -19.77 -0.96 -82.77
CA GLU A 21 -19.54 -2.28 -83.36
C GLU A 21 -18.31 -2.93 -82.75
N GLN A 22 -17.74 -2.30 -81.74
CA GLN A 22 -16.53 -2.82 -81.11
C GLN A 22 -16.81 -3.22 -79.66
N PRO A 23 -17.32 -4.44 -79.45
CA PRO A 23 -17.60 -4.97 -78.11
C PRO A 23 -16.32 -5.30 -77.34
N ALA A 24 -16.36 -5.13 -76.03
CA ALA A 24 -15.22 -5.42 -75.18
C ALA A 24 -15.65 -6.24 -73.98
N GLU A 25 -15.78 -7.53 -74.21
CA GLU A 25 -16.23 -8.46 -73.18
C GLU A 25 -15.16 -8.64 -72.11
N PRO A 26 -15.54 -8.60 -70.83
CA PRO A 26 -14.62 -8.84 -69.73
C PRO A 26 -14.24 -10.32 -69.65
N GLN A 27 -13.10 -10.61 -69.02
CA GLN A 27 -12.67 -11.98 -68.87
C GLN A 27 -13.24 -12.58 -67.59
N GLN A 28 -13.41 -13.89 -67.59
CA GLN A 28 -13.96 -14.58 -66.44
C GLN A 28 -12.84 -15.00 -65.50
N PRO A 29 -13.03 -14.85 -64.18
CA PRO A 29 -12.05 -15.29 -63.19
C PRO A 29 -11.91 -16.80 -63.19
N VAL A 30 -10.69 -17.29 -63.12
CA VAL A 30 -10.44 -18.72 -63.13
C VAL A 30 -9.55 -19.12 -61.95
N PRO A 31 -10.17 -19.57 -60.85
CA PRO A 31 -9.45 -20.03 -59.67
C PRO A 31 -8.84 -21.41 -59.88
N THR A 32 -7.58 -21.44 -60.27
CA THR A 32 -6.87 -22.69 -60.45
C THR A 32 -6.33 -23.20 -59.12
N VAL A 33 -6.37 -24.51 -58.95
CA VAL A 33 -5.97 -25.15 -57.70
C VAL A 33 -6.89 -24.71 -56.55
N PRO A 34 -7.94 -25.51 -56.28
CA PRO A 34 -8.88 -25.25 -55.18
C PRO A 34 -8.21 -25.16 -53.82
N SER A 35 -8.92 -24.56 -52.89
CA SER A 35 -8.43 -24.37 -51.53
C SER A 35 -8.50 -25.68 -50.77
N VAL A 36 -7.41 -26.02 -50.09
CA VAL A 36 -7.33 -27.25 -49.31
C VAL A 36 -8.43 -27.29 -48.25
N PRO A 37 -8.93 -28.50 -47.92
CA PRO A 37 -10.10 -28.67 -47.04
C PRO A 37 -10.03 -27.86 -45.75
N THR A 38 -8.89 -27.91 -45.06
CA THR A 38 -8.72 -27.17 -43.82
C THR A 38 -9.01 -25.68 -44.02
N ILE A 39 -9.76 -25.11 -43.09
CA ILE A 39 -10.17 -23.73 -43.20
C ILE A 39 -9.00 -22.80 -42.85
N PRO A 40 -8.71 -21.82 -43.73
CA PRO A 40 -7.65 -20.84 -43.50
C PRO A 40 -7.99 -19.87 -42.37
N GLN A 41 -7.88 -20.36 -41.14
CA GLN A 41 -8.24 -19.58 -39.96
C GLN A 41 -7.53 -20.13 -38.74
N GLN A 42 -7.54 -21.46 -38.62
CA GLN A 42 -6.90 -22.17 -37.52
C GLN A 42 -7.45 -21.72 -36.17
N PRO A 43 -8.60 -22.25 -35.75
CA PRO A 43 -9.16 -21.95 -34.42
C PRO A 43 -8.30 -22.55 -33.32
N GLY A 44 -7.86 -21.70 -32.41
CA GLY A 44 -7.05 -22.16 -31.30
C GLY A 44 -7.35 -21.40 -30.04
N PRO A 45 -6.53 -21.55 -28.99
CA PRO A 45 -6.70 -20.81 -27.74
C PRO A 45 -6.33 -19.34 -27.91
N ILE A 46 -7.19 -18.47 -27.42
CA ILE A 46 -6.97 -17.04 -27.49
C ILE A 46 -6.00 -16.61 -26.40
N GLU A 47 -6.31 -17.02 -25.18
CA GLU A 47 -5.48 -16.74 -24.01
C GLU A 47 -5.48 -15.25 -23.69
N HIS A 48 -6.58 -14.80 -23.10
CA HIS A 48 -6.70 -13.41 -22.66
C HIS A 48 -7.45 -13.36 -21.34
N GLU A 49 -7.08 -12.39 -20.53
CA GLU A 49 -7.61 -12.25 -19.18
C GLU A 49 -7.20 -10.92 -18.59
N ASP A 50 -7.87 -10.52 -17.52
CA ASP A 50 -7.49 -9.33 -16.79
C ASP A 50 -6.44 -9.67 -15.75
N GLN A 51 -5.21 -9.83 -16.21
CA GLN A 51 -4.09 -10.18 -15.33
C GLN A 51 -3.90 -9.13 -14.26
N THR A 52 -3.67 -9.56 -13.04
CA THR A 52 -3.55 -8.66 -11.91
C THR A 52 -2.29 -7.81 -11.99
N ALA A 53 -2.42 -6.59 -11.52
CA ALA A 53 -1.32 -5.65 -11.46
C ALA A 53 -0.80 -5.63 -10.03
N PRO A 54 0.20 -4.79 -9.71
CA PRO A 54 0.65 -4.53 -8.33
C PRO A 54 -0.47 -4.65 -7.30
N PRO A 55 -0.49 -5.77 -6.55
CA PRO A 55 -1.58 -6.11 -5.65
C PRO A 55 -1.83 -5.07 -4.56
N ALA A 56 -0.82 -4.80 -3.75
CA ALA A 56 -0.98 -3.91 -2.61
C ALA A 56 -0.30 -2.56 -2.83
N PRO A 57 -1.10 -1.50 -3.00
CA PRO A 57 -0.60 -0.12 -2.96
C PRO A 57 -0.34 0.31 -1.53
N HIS A 58 0.06 1.55 -1.39
CA HIS A 58 0.35 2.06 -0.06
C HIS A 58 -0.78 2.97 0.40
N ILE A 59 -1.22 2.76 1.61
CA ILE A 59 -2.39 3.43 2.13
C ILE A 59 -2.05 4.72 2.88
N ARG A 60 -3.11 5.41 3.22
CA ARG A 60 -3.10 6.61 4.01
C ARG A 60 -2.80 6.32 5.46
N HIS A 61 -3.21 7.27 6.27
CA HIS A 61 -3.06 7.24 7.69
C HIS A 61 -4.20 8.01 8.26
N TYR A 62 -4.70 7.54 9.37
CA TYR A 62 -5.87 8.14 9.96
C TYR A 62 -5.61 8.50 11.39
N ASP A 63 -6.36 9.46 11.91
CA ASP A 63 -6.26 9.76 13.32
C ASP A 63 -7.19 8.82 14.06
N TRP A 64 -6.79 7.57 14.00
CA TRP A 64 -7.42 6.47 14.69
C TRP A 64 -7.48 6.68 16.20
N ASN A 65 -6.40 7.18 16.71
CA ASN A 65 -6.26 7.55 18.12
C ASN A 65 -7.40 8.48 18.57
N GLY A 66 -7.96 9.18 17.62
CA GLY A 66 -9.05 10.08 17.88
C GLY A 66 -10.35 9.35 18.01
N ALA A 67 -10.33 8.13 17.55
CA ALA A 67 -11.48 7.25 17.53
C ALA A 67 -11.43 6.25 18.67
N MET A 68 -10.30 5.56 18.73
CA MET A 68 -10.07 4.51 19.69
C MET A 68 -10.06 5.01 21.12
N GLN A 69 -9.16 5.94 21.40
CA GLN A 69 -8.96 6.49 22.74
C GLN A 69 -10.23 6.72 23.54
N PRO A 70 -11.20 7.47 23.00
CA PRO A 70 -12.41 7.78 23.73
C PRO A 70 -13.21 6.53 23.99
N MET A 71 -13.06 5.57 23.10
CA MET A 71 -13.75 4.30 23.19
C MET A 71 -13.05 3.32 24.11
N VAL A 72 -11.73 3.31 23.97
CA VAL A 72 -10.86 2.50 24.82
C VAL A 72 -11.10 2.88 26.25
N SER A 73 -11.26 4.17 26.42
CA SER A 73 -11.64 4.73 27.71
C SER A 73 -12.98 4.15 28.19
N LYS A 74 -13.88 3.91 27.26
CA LYS A 74 -15.21 3.36 27.56
C LYS A 74 -15.15 1.85 27.72
N MET A 75 -14.27 1.23 26.96
CA MET A 75 -14.19 -0.20 26.86
C MET A 75 -13.80 -0.84 28.16
N LEU A 76 -13.10 -0.09 28.99
CA LEU A 76 -12.65 -0.60 30.26
C LEU A 76 -13.62 -0.23 31.36
N GLY A 77 -14.58 0.58 30.99
CA GLY A 77 -15.69 0.89 31.84
C GLY A 77 -16.87 0.06 31.41
N ALA A 78 -16.55 -0.95 30.60
CA ALA A 78 -17.53 -1.85 30.06
C ALA A 78 -17.77 -2.98 31.03
N ASP A 79 -18.83 -3.69 30.80
CA ASP A 79 -19.15 -4.81 31.63
C ASP A 79 -18.62 -6.08 31.02
N GLY A 80 -17.56 -6.58 31.60
CA GLY A 80 -16.92 -7.74 31.10
C GLY A 80 -15.43 -7.59 31.09
N VAL A 81 -15.01 -6.33 31.07
CA VAL A 81 -13.59 -6.01 30.98
C VAL A 81 -13.02 -5.65 32.34
N THR A 82 -11.74 -5.88 32.47
CA THR A 82 -11.02 -5.52 33.67
C THR A 82 -9.70 -4.85 33.32
N ALA A 83 -9.34 -3.87 34.10
CA ALA A 83 -8.01 -3.28 34.08
C ALA A 83 -6.95 -4.34 34.39
N GLY A 84 -5.92 -4.42 33.57
CA GLY A 84 -4.83 -5.33 33.83
C GLY A 84 -4.84 -6.54 32.93
N SER A 85 -5.78 -6.58 32.00
CA SER A 85 -5.85 -7.71 31.08
C SER A 85 -4.96 -7.48 29.89
N VAL A 86 -4.49 -8.55 29.30
CA VAL A 86 -3.90 -8.47 28.00
C VAL A 86 -5.00 -8.46 26.95
N LEU A 87 -5.04 -7.39 26.20
CA LEU A 87 -6.12 -7.14 25.28
C LEU A 87 -5.62 -7.33 23.87
N LEU A 88 -6.07 -8.43 23.28
CA LEU A 88 -5.78 -8.74 21.90
C LEU A 88 -6.57 -7.78 21.04
N VAL A 89 -5.92 -6.72 20.59
CA VAL A 89 -6.58 -5.79 19.76
C VAL A 89 -6.78 -6.46 18.43
N ASP A 90 -8.00 -6.57 18.00
CA ASP A 90 -8.27 -7.18 16.74
C ASP A 90 -7.92 -6.20 15.69
N SER A 91 -7.53 -6.71 14.55
CA SER A 91 -7.32 -5.85 13.43
C SER A 91 -8.57 -5.12 13.19
N VAL A 92 -8.45 -3.86 13.02
CA VAL A 92 -9.52 -3.07 12.60
C VAL A 92 -9.96 -3.56 11.26
N ASN A 93 -11.23 -3.63 11.07
CA ASN A 93 -11.77 -3.96 9.79
C ASN A 93 -11.84 -2.74 8.93
N ASN A 94 -11.97 -2.97 7.67
CA ASN A 94 -12.14 -1.93 6.71
C ASN A 94 -13.41 -2.22 5.92
N ARG A 95 -14.51 -1.78 6.50
CA ARG A 95 -15.85 -2.09 6.03
C ARG A 95 -16.44 -0.85 5.42
N THR A 96 -15.66 0.20 5.52
CA THR A 96 -16.03 1.54 5.09
C THR A 96 -16.54 1.64 3.66
N ASN A 97 -16.68 2.89 3.26
CA ASN A 97 -17.04 3.24 1.89
C ASN A 97 -15.88 2.91 0.95
N GLY A 98 -14.71 2.60 1.51
CA GLY A 98 -13.54 2.36 0.69
C GLY A 98 -12.56 1.41 1.33
N SER A 99 -11.27 1.67 1.10
CA SER A 99 -10.21 0.83 1.63
C SER A 99 -9.24 1.61 2.50
N LEU A 100 -8.95 1.06 3.66
CA LEU A 100 -8.07 1.72 4.61
C LEU A 100 -7.12 0.73 5.22
N ASN A 101 -6.03 1.27 5.68
CA ASN A 101 -5.02 0.50 6.38
C ASN A 101 -5.48 0.32 7.78
N ALA A 102 -6.33 -0.64 7.94
CA ALA A 102 -6.87 -0.96 9.23
C ALA A 102 -5.80 -1.55 10.10
N ALA A 103 -4.70 -1.94 9.50
CA ALA A 103 -3.62 -2.53 10.25
C ALA A 103 -2.82 -1.41 10.90
N GLU A 104 -2.81 -0.28 10.23
CA GLU A 104 -2.30 0.95 10.77
C GLU A 104 -3.17 1.40 11.92
N ALA A 105 -4.44 1.10 11.76
CA ALA A 105 -5.44 1.39 12.73
C ALA A 105 -5.27 0.49 13.90
N THR A 106 -5.05 -0.76 13.59
CA THR A 106 -4.87 -1.78 14.58
C THR A 106 -3.59 -1.52 15.37
N GLU A 107 -2.58 -0.91 14.73
CA GLU A 107 -1.43 -0.49 15.49
C GLU A 107 -1.87 0.63 16.42
N THR A 108 -2.67 1.56 15.87
CA THR A 108 -3.17 2.68 16.63
C THR A 108 -4.06 2.21 17.76
N LEU A 109 -4.74 1.10 17.53
CA LEU A 109 -5.46 0.43 18.58
C LEU A 109 -4.56 0.25 19.75
N ARG A 110 -3.60 -0.63 19.58
CA ARG A 110 -2.57 -0.87 20.57
C ARG A 110 -2.10 0.43 21.22
N ASN A 111 -1.98 1.44 20.38
CA ASN A 111 -1.50 2.76 20.78
C ASN A 111 -2.45 3.47 21.71
N ALA A 112 -3.71 3.48 21.33
CA ALA A 112 -4.74 4.12 22.11
C ALA A 112 -4.99 3.29 23.36
N LEU A 113 -4.87 1.99 23.15
CA LEU A 113 -4.96 1.00 24.19
C LEU A 113 -3.80 1.17 25.18
N ALA A 114 -2.67 1.64 24.64
CA ALA A 114 -1.40 1.78 25.38
C ALA A 114 -1.44 2.97 26.29
N ASN A 115 -1.88 4.08 25.72
CA ASN A 115 -1.99 5.33 26.43
C ASN A 115 -2.85 5.15 27.65
N ASN A 116 -3.83 4.26 27.49
CA ASN A 116 -4.81 3.98 28.52
C ASN A 116 -4.17 3.24 29.69
N GLY A 117 -3.34 2.25 29.39
CA GLY A 117 -2.56 1.59 30.42
C GLY A 117 -3.33 0.54 31.22
N LYS A 118 -4.62 0.39 30.96
CA LYS A 118 -5.41 -0.62 31.67
C LYS A 118 -5.34 -1.97 30.97
N PHE A 119 -4.76 -2.01 29.79
CA PHE A 119 -4.53 -3.27 29.12
C PHE A 119 -3.08 -3.56 28.89
N THR A 120 -2.87 -4.75 28.39
CA THR A 120 -1.61 -5.18 27.89
C THR A 120 -1.77 -5.50 26.44
N LEU A 121 -0.98 -4.86 25.62
CA LEU A 121 -1.21 -4.94 24.22
C LEU A 121 -0.36 -6.02 23.58
N VAL A 122 -0.95 -6.70 22.63
CA VAL A 122 -0.22 -7.64 21.83
C VAL A 122 0.15 -6.95 20.52
N SER A 123 1.35 -7.18 20.00
CA SER A 123 1.72 -6.52 18.77
C SER A 123 1.43 -7.38 17.57
N ALA A 124 1.77 -6.87 16.42
CA ALA A 124 1.60 -7.59 15.18
C ALA A 124 2.45 -8.84 15.22
N GLN A 125 3.51 -8.73 16.02
CA GLN A 125 4.48 -9.77 16.23
C GLN A 125 3.81 -11.09 16.58
N GLN A 126 2.77 -11.01 17.39
CA GLN A 126 1.95 -12.16 17.68
C GLN A 126 0.69 -12.14 16.82
N LEU A 127 0.05 -10.99 16.87
CA LEU A 127 -1.30 -10.74 16.35
C LEU A 127 -1.40 -10.96 14.85
N SER A 128 -0.71 -10.12 14.12
CA SER A 128 -0.74 -10.15 12.65
C SER A 128 -0.40 -11.54 12.18
N MET A 129 0.63 -12.03 12.85
CA MET A 129 1.13 -13.37 12.70
C MET A 129 0.05 -14.39 12.92
N ALA A 130 -0.51 -14.37 14.13
CA ALA A 130 -1.62 -15.23 14.52
C ALA A 130 -2.66 -15.32 13.46
N LYS A 131 -3.04 -14.18 12.90
CA LYS A 131 -4.03 -14.16 11.85
C LYS A 131 -3.60 -15.10 10.75
N GLN A 132 -2.38 -14.92 10.30
CA GLN A 132 -1.81 -15.73 9.24
C GLN A 132 -1.62 -17.17 9.70
N GLN A 133 -1.21 -17.30 10.97
CA GLN A 133 -0.99 -18.59 11.60
C GLN A 133 -2.26 -19.38 11.59
N LEU A 134 -3.33 -18.66 11.68
CA LEU A 134 -4.63 -19.25 11.74
C LEU A 134 -5.23 -19.32 10.35
N GLY A 135 -4.85 -18.36 9.51
CA GLY A 135 -5.41 -18.30 8.18
C GLY A 135 -5.38 -16.94 7.57
N LEU A 136 -5.89 -16.04 8.36
CA LEU A 136 -6.17 -14.69 8.00
C LEU A 136 -4.97 -13.83 7.67
N SER A 137 -5.32 -12.57 7.54
CA SER A 137 -4.43 -11.48 7.34
C SER A 137 -4.53 -10.58 8.54
N PRO A 138 -3.46 -9.86 8.86
CA PRO A 138 -3.43 -8.96 10.01
C PRO A 138 -4.39 -7.78 9.86
N GLN A 139 -5.09 -7.75 8.74
CA GLN A 139 -6.02 -6.67 8.41
C GLN A 139 -7.41 -7.21 8.27
N ASP A 140 -7.45 -8.50 7.93
CA ASP A 140 -8.69 -9.20 7.60
C ASP A 140 -9.59 -9.17 8.78
N SER A 141 -8.94 -8.98 9.92
CA SER A 141 -9.58 -9.03 11.19
C SER A 141 -9.90 -10.45 11.54
N LEU A 142 -10.25 -10.69 12.76
CA LEU A 142 -10.49 -12.06 13.18
C LEU A 142 -11.67 -12.60 12.42
N GLY A 143 -12.63 -11.71 12.26
CA GLY A 143 -13.84 -11.99 11.51
C GLY A 143 -14.73 -13.05 12.14
N THR A 144 -14.25 -13.69 13.19
CA THR A 144 -14.97 -14.77 13.83
C THR A 144 -14.51 -14.89 15.26
N ARG A 145 -15.42 -14.87 16.21
CA ARG A 145 -15.06 -15.01 17.62
C ARG A 145 -14.01 -16.09 17.81
N SER A 146 -14.24 -17.23 17.24
CA SER A 146 -13.37 -18.38 17.43
C SER A 146 -12.01 -18.16 16.75
N LYS A 147 -12.02 -17.35 15.67
CA LYS A 147 -10.80 -17.00 14.97
C LYS A 147 -10.02 -16.01 15.80
N ALA A 148 -10.80 -15.26 16.55
CA ALA A 148 -10.34 -14.26 17.47
C ALA A 148 -9.77 -14.89 18.69
N ILE A 149 -10.53 -15.83 19.17
CA ILE A 149 -10.19 -16.62 20.30
C ILE A 149 -8.98 -17.46 20.01
N GLY A 150 -8.99 -18.03 18.82
CA GLY A 150 -7.82 -18.73 18.34
C GLY A 150 -6.59 -17.87 18.40
N ILE A 151 -6.68 -16.68 17.81
CA ILE A 151 -5.57 -15.76 17.79
C ILE A 151 -5.23 -15.21 19.16
N ALA A 152 -6.23 -14.77 19.90
CA ALA A 152 -5.99 -14.19 21.22
C ALA A 152 -5.24 -15.17 22.11
N ARG A 153 -5.59 -16.44 22.02
CA ARG A 153 -4.95 -17.46 22.84
C ARG A 153 -3.62 -17.89 22.23
N ASN A 154 -3.52 -17.67 20.93
CA ASN A 154 -2.29 -17.92 20.18
C ASN A 154 -1.37 -16.76 20.39
N VAL A 155 -1.98 -15.71 20.92
CA VAL A 155 -1.33 -14.45 21.10
C VAL A 155 -0.96 -14.23 22.57
N GLY A 156 -1.75 -14.82 23.45
CA GLY A 156 -1.49 -14.65 24.87
C GLY A 156 -2.37 -13.61 25.49
N ALA A 157 -3.58 -13.51 25.01
CA ALA A 157 -4.46 -12.42 25.35
C ALA A 157 -5.62 -12.86 26.25
N HIS A 158 -6.17 -11.89 26.99
CA HIS A 158 -7.29 -12.12 27.89
C HIS A 158 -8.58 -11.75 27.19
N TYR A 159 -8.46 -10.83 26.24
CA TYR A 159 -9.62 -10.29 25.54
C TYR A 159 -9.36 -10.18 24.06
N VAL A 160 -10.32 -9.58 23.37
CA VAL A 160 -10.17 -9.13 22.01
C VAL A 160 -10.80 -7.76 21.89
N LEU A 161 -10.19 -6.87 21.15
CA LEU A 161 -10.87 -5.67 20.76
C LEU A 161 -11.17 -5.70 19.28
N TYR A 162 -12.40 -6.05 18.98
CA TYR A 162 -12.87 -6.14 17.62
C TYR A 162 -13.14 -4.76 17.11
N SER A 163 -12.35 -4.35 16.19
CA SER A 163 -12.43 -3.02 15.66
C SER A 163 -12.71 -3.07 14.19
N SER A 164 -13.22 -1.99 13.68
CA SER A 164 -13.54 -1.87 12.29
C SER A 164 -13.73 -0.45 11.93
N ALA A 165 -13.86 -0.26 10.66
CA ALA A 165 -14.08 1.02 10.13
C ALA A 165 -15.16 0.94 9.11
N SER A 166 -16.11 1.81 9.19
CA SER A 166 -17.19 1.81 8.24
C SER A 166 -17.57 3.23 7.92
N GLY A 167 -18.59 3.40 7.12
CA GLY A 167 -19.10 4.72 6.90
C GLY A 167 -18.50 5.32 5.67
N ASN A 168 -17.36 5.92 5.87
CA ASN A 168 -16.59 6.48 4.80
C ASN A 168 -15.15 6.22 5.08
N VAL A 169 -14.48 5.68 4.11
CA VAL A 169 -13.13 5.22 4.28
C VAL A 169 -12.17 6.36 4.59
N ASN A 170 -12.36 7.50 3.94
CA ASN A 170 -11.46 8.63 4.13
C ASN A 170 -11.49 9.07 5.57
N ALA A 171 -12.65 8.88 6.15
CA ALA A 171 -12.90 9.21 7.54
C ALA A 171 -14.03 8.34 8.04
N PRO A 172 -13.66 7.18 8.55
CA PRO A 172 -14.57 6.10 8.89
C PRO A 172 -15.10 6.14 10.28
N THR A 173 -16.12 5.37 10.48
CA THR A 173 -16.59 5.07 11.78
C THR A 173 -15.81 3.91 12.29
N LEU A 174 -15.08 4.09 13.35
CA LEU A 174 -14.36 3.01 13.91
C LEU A 174 -15.27 2.24 14.80
N GLN A 175 -15.79 1.21 14.26
CA GLN A 175 -16.73 0.38 14.96
C GLN A 175 -15.99 -0.65 15.76
N MET A 176 -16.01 -0.47 17.05
CA MET A 176 -15.22 -1.29 17.97
C MET A 176 -16.10 -2.19 18.81
N GLN A 177 -15.51 -3.19 19.42
CA GLN A 177 -16.25 -4.28 20.01
C GLN A 177 -15.31 -5.18 20.80
N LEU A 178 -15.52 -5.28 22.08
CA LEU A 178 -14.60 -5.97 22.95
C LEU A 178 -15.14 -7.35 23.22
N MET A 179 -14.59 -8.34 22.52
CA MET A 179 -14.97 -9.71 22.75
C MET A 179 -14.07 -10.32 23.78
N LEU A 180 -14.68 -10.82 24.82
CA LEU A 180 -13.97 -11.67 25.73
C LEU A 180 -13.47 -12.87 24.92
N VAL A 181 -12.19 -13.19 24.97
CA VAL A 181 -11.72 -14.37 24.22
C VAL A 181 -11.98 -15.64 25.02
N GLN A 182 -11.87 -15.53 26.33
CA GLN A 182 -12.04 -16.65 27.24
C GLN A 182 -13.46 -17.24 27.16
N THR A 183 -14.38 -16.49 26.56
CA THR A 183 -15.74 -16.96 26.35
C THR A 183 -16.16 -16.74 24.91
N GLY A 184 -15.71 -15.63 24.38
CA GLY A 184 -16.04 -15.27 23.02
C GLY A 184 -17.28 -14.43 22.94
N GLU A 185 -17.59 -13.76 24.03
CA GLU A 185 -18.77 -12.93 24.09
C GLU A 185 -18.40 -11.46 23.97
N ILE A 186 -19.34 -10.64 23.54
CA ILE A 186 -19.08 -9.22 23.43
C ILE A 186 -19.45 -8.54 24.74
N ILE A 187 -18.47 -7.91 25.33
CA ILE A 187 -18.61 -7.33 26.65
C ILE A 187 -18.63 -5.81 26.56
N TRP A 188 -17.94 -5.29 25.55
CA TRP A 188 -17.99 -3.88 25.22
C TRP A 188 -18.12 -3.72 23.73
N SER A 189 -18.70 -2.62 23.30
CA SER A 189 -18.56 -2.21 21.92
C SER A 189 -18.71 -0.71 21.73
N GLY A 190 -18.28 -0.23 20.57
CA GLY A 190 -18.32 1.17 20.26
C GLY A 190 -18.27 1.40 18.79
N LYS A 191 -18.21 2.65 18.45
CA LYS A 191 -17.86 3.11 17.14
C LYS A 191 -17.44 4.53 17.32
N GLY A 192 -16.57 4.95 16.48
CA GLY A 192 -16.10 6.30 16.55
C GLY A 192 -15.45 6.73 15.29
N ALA A 193 -15.89 7.84 14.78
CA ALA A 193 -15.41 8.29 13.50
C ALA A 193 -13.99 8.80 13.59
N VAL A 194 -13.13 8.15 12.83
CA VAL A 194 -11.74 8.46 12.80
C VAL A 194 -11.45 9.41 11.67
N SER A 195 -10.36 10.07 11.83
CA SER A 195 -9.95 11.10 10.96
C SER A 195 -8.93 10.56 10.01
N GLN A 196 -8.57 11.34 9.03
CA GLN A 196 -7.44 11.01 8.23
C GLN A 196 -6.25 11.83 8.65
N GLN A 197 -5.14 11.17 8.86
CA GLN A 197 -3.90 11.85 9.20
C GLN A 197 -3.22 12.38 7.95
N GLY A 1 81.88 34.60 -112.43
CA GLY A 1 82.39 33.93 -111.21
C GLY A 1 81.40 32.92 -110.65
N SER A 2 81.83 31.66 -110.58
CA SER A 2 80.98 30.58 -110.11
C SER A 2 81.06 30.44 -108.60
N HIS A 3 81.97 31.19 -107.99
CA HIS A 3 82.23 31.12 -106.54
C HIS A 3 82.87 29.78 -106.18
N MET A 4 83.28 29.68 -104.92
CA MET A 4 84.02 28.53 -104.36
C MET A 4 85.06 28.01 -105.34
N VAL A 5 85.81 28.93 -105.92
CA VAL A 5 86.84 28.60 -106.88
C VAL A 5 88.17 29.26 -106.50
N GLY A 6 88.09 30.38 -105.80
CA GLY A 6 89.29 31.09 -105.41
C GLY A 6 89.24 32.56 -105.79
N GLN A 7 88.62 33.35 -104.94
CA GLN A 7 88.54 34.79 -105.15
C GLN A 7 88.57 35.51 -103.80
N ARG A 8 89.11 34.83 -102.80
CA ARG A 8 89.15 35.36 -101.44
C ARG A 8 87.76 35.74 -100.95
N GLU A 9 86.95 34.73 -100.68
CA GLU A 9 85.59 34.95 -100.20
C GLU A 9 85.61 35.55 -98.80
N PRO A 10 84.64 36.44 -98.51
CA PRO A 10 84.52 37.09 -97.20
C PRO A 10 84.31 36.08 -96.07
N ALA A 11 85.13 36.21 -95.03
CA ALA A 11 85.10 35.29 -93.90
C ALA A 11 83.75 35.27 -93.17
N PRO A 12 83.10 36.44 -92.92
CA PRO A 12 81.77 36.47 -92.29
C PRO A 12 80.73 35.74 -93.12
N VAL A 13 80.00 34.86 -92.47
CA VAL A 13 78.98 34.05 -93.14
C VAL A 13 77.71 34.06 -92.33
N GLU A 14 76.60 33.77 -92.98
CA GLU A 14 75.32 33.69 -92.30
C GLU A 14 75.01 32.24 -91.95
N GLU A 15 75.54 31.81 -90.81
CA GLU A 15 75.35 30.44 -90.36
C GLU A 15 73.96 30.27 -89.76
N VAL A 16 73.47 29.05 -89.83
CA VAL A 16 72.14 28.73 -89.31
C VAL A 16 72.15 28.78 -87.78
N LYS A 17 71.61 29.87 -87.25
CA LYS A 17 71.54 30.04 -85.81
C LYS A 17 70.26 29.44 -85.19
N PRO A 18 69.08 29.44 -85.87
CA PRO A 18 67.85 28.84 -85.30
C PRO A 18 67.99 27.33 -85.15
N ALA A 19 68.22 26.90 -83.91
CA ALA A 19 68.36 25.49 -83.61
C ALA A 19 66.99 24.86 -83.36
N PRO A 20 66.84 23.56 -83.67
CA PRO A 20 65.56 22.84 -83.52
C PRO A 20 64.95 23.04 -82.15
N GLU A 21 65.70 22.68 -81.11
CA GLU A 21 65.25 22.79 -79.71
C GLU A 21 64.09 21.84 -79.41
N GLN A 22 63.87 21.59 -78.14
CA GLN A 22 62.81 20.70 -77.70
C GLN A 22 61.57 21.49 -77.29
N PRO A 23 60.39 21.08 -77.76
CA PRO A 23 59.12 21.70 -77.39
C PRO A 23 58.82 21.56 -75.91
N ALA A 24 58.09 22.53 -75.38
CA ALA A 24 57.61 22.48 -74.01
C ALA A 24 56.28 23.19 -73.92
N GLU A 25 55.23 22.47 -74.25
CA GLU A 25 53.90 23.04 -74.31
C GLU A 25 53.27 23.12 -72.92
N PRO A 26 52.56 24.21 -72.62
CA PRO A 26 51.82 24.38 -71.37
C PRO A 26 50.73 23.32 -71.22
N GLN A 27 51.03 22.27 -70.46
CA GLN A 27 50.07 21.20 -70.24
C GLN A 27 49.19 21.50 -69.03
N GLN A 28 48.19 20.67 -68.80
CA GLN A 28 47.27 20.88 -67.69
C GLN A 28 47.41 19.80 -66.63
N PRO A 29 48.24 20.04 -65.60
CA PRO A 29 48.44 19.11 -64.50
C PRO A 29 47.28 19.17 -63.50
N VAL A 30 46.82 18.00 -63.05
CA VAL A 30 45.70 17.90 -62.13
C VAL A 30 44.41 18.40 -62.79
N PRO A 31 43.60 17.48 -63.33
CA PRO A 31 42.36 17.83 -64.04
C PRO A 31 41.23 18.20 -63.08
N THR A 32 40.00 18.08 -63.54
CA THR A 32 38.85 18.41 -62.73
C THR A 32 38.76 17.53 -61.48
N VAL A 33 38.35 18.12 -60.38
CA VAL A 33 38.21 17.41 -59.12
C VAL A 33 36.90 17.82 -58.45
N PRO A 34 35.91 16.91 -58.46
CA PRO A 34 34.58 17.16 -57.87
C PRO A 34 34.65 17.56 -56.40
N SER A 35 33.56 18.12 -55.91
CA SER A 35 33.46 18.55 -54.53
C SER A 35 33.03 17.41 -53.64
N VAL A 36 33.82 17.13 -52.62
CA VAL A 36 33.48 16.08 -51.66
C VAL A 36 33.25 16.68 -50.28
N PRO A 37 31.97 16.88 -49.90
CA PRO A 37 31.62 17.43 -48.59
C PRO A 37 31.69 16.38 -47.48
N THR A 38 31.24 16.74 -46.28
CA THR A 38 31.29 15.84 -45.15
C THR A 38 29.96 15.80 -44.42
N ILE A 39 29.60 14.63 -43.91
CA ILE A 39 28.37 14.47 -43.15
C ILE A 39 28.70 14.36 -41.67
N PRO A 40 28.43 15.42 -40.89
CA PRO A 40 28.71 15.42 -39.45
C PRO A 40 27.75 14.53 -38.68
N GLN A 41 28.19 13.36 -38.28
CA GLN A 41 27.33 12.42 -37.57
C GLN A 41 26.87 13.04 -36.25
N GLN A 42 27.84 13.52 -35.49
CA GLN A 42 27.59 14.12 -34.18
C GLN A 42 26.95 13.12 -33.22
N PRO A 43 27.74 12.18 -32.70
CA PRO A 43 27.26 11.18 -31.74
C PRO A 43 26.91 11.82 -30.40
N GLY A 44 25.84 11.34 -29.77
CA GLY A 44 25.43 11.89 -28.50
C GLY A 44 24.80 10.84 -27.63
N PRO A 45 24.77 11.06 -26.32
CA PRO A 45 24.27 10.08 -25.35
C PRO A 45 22.76 9.99 -25.33
N ILE A 46 22.24 8.79 -25.50
CA ILE A 46 20.81 8.56 -25.41
C ILE A 46 20.38 8.61 -23.95
N GLU A 47 21.03 7.79 -23.12
CA GLU A 47 20.81 7.79 -21.68
C GLU A 47 19.34 7.49 -21.39
N HIS A 48 18.99 6.20 -21.45
CA HIS A 48 17.59 5.80 -21.35
C HIS A 48 17.42 4.63 -20.40
N GLU A 49 16.27 4.60 -19.77
CA GLU A 49 15.95 3.59 -18.76
C GLU A 49 14.46 3.62 -18.48
N ASP A 50 13.87 2.44 -18.33
CA ASP A 50 12.44 2.32 -18.15
C ASP A 50 12.14 1.60 -16.84
N GLN A 51 12.85 2.01 -15.81
CA GLN A 51 12.68 1.44 -14.47
C GLN A 51 11.57 2.18 -13.74
N THR A 52 10.64 1.44 -13.14
CA THR A 52 9.55 2.03 -12.40
C THR A 52 10.04 2.78 -11.18
N ALA A 53 9.30 3.83 -10.83
CA ALA A 53 9.70 4.73 -9.77
C ALA A 53 9.13 4.35 -8.39
N PRO A 54 7.83 4.02 -8.28
CA PRO A 54 7.24 3.63 -6.99
C PRO A 54 7.41 2.15 -6.68
N PRO A 55 8.22 1.81 -5.67
CA PRO A 55 8.42 0.44 -5.25
C PRO A 55 7.35 -0.02 -4.26
N ALA A 56 6.15 -0.32 -4.79
CA ALA A 56 4.99 -0.69 -3.97
C ALA A 56 4.54 0.49 -3.10
N PRO A 57 3.39 1.11 -3.46
CA PRO A 57 2.90 2.29 -2.77
C PRO A 57 2.42 2.02 -1.36
N HIS A 58 1.91 3.05 -0.74
CA HIS A 58 1.53 3.01 0.66
C HIS A 58 0.15 3.59 0.86
N ILE A 59 -0.50 3.14 1.92
CA ILE A 59 -1.81 3.60 2.29
C ILE A 59 -1.71 4.79 3.23
N ARG A 60 -2.84 5.41 3.43
CA ARG A 60 -2.98 6.55 4.29
C ARG A 60 -2.79 6.17 5.74
N HIS A 61 -3.32 7.03 6.55
CA HIS A 61 -3.32 6.91 7.98
C HIS A 61 -4.40 7.78 8.45
N TYR A 62 -4.97 7.41 9.55
CA TYR A 62 -6.10 8.11 10.04
C TYR A 62 -5.83 8.53 11.45
N ASP A 63 -6.58 9.50 11.91
CA ASP A 63 -6.53 9.83 13.30
C ASP A 63 -7.41 8.85 14.05
N TRP A 64 -6.93 7.63 14.02
CA TRP A 64 -7.50 6.51 14.73
C TRP A 64 -7.54 6.75 16.23
N ASN A 65 -6.46 7.30 16.70
CA ASN A 65 -6.31 7.74 18.09
C ASN A 65 -7.46 8.67 18.51
N GLY A 66 -8.04 9.31 17.52
CA GLY A 66 -9.14 10.21 17.75
C GLY A 66 -10.44 9.45 17.92
N ALA A 67 -10.39 8.21 17.51
CA ALA A 67 -11.51 7.32 17.53
C ALA A 67 -11.43 6.34 18.69
N MET A 68 -10.31 5.64 18.73
CA MET A 68 -10.05 4.59 19.70
C MET A 68 -10.00 5.10 21.12
N GLN A 69 -9.12 6.05 21.37
CA GLN A 69 -8.88 6.62 22.70
C GLN A 69 -10.13 6.82 23.55
N PRO A 70 -11.15 7.55 23.05
CA PRO A 70 -12.38 7.77 23.79
C PRO A 70 -13.12 6.47 24.03
N MET A 71 -12.99 5.56 23.09
CA MET A 71 -13.67 4.28 23.14
C MET A 71 -12.98 3.31 24.07
N VAL A 72 -11.65 3.28 23.93
CA VAL A 72 -10.79 2.50 24.80
C VAL A 72 -11.03 2.91 26.22
N SER A 73 -11.22 4.20 26.36
CA SER A 73 -11.60 4.78 27.63
C SER A 73 -12.93 4.20 28.13
N LYS A 74 -13.85 3.93 27.20
CA LYS A 74 -15.17 3.38 27.53
C LYS A 74 -15.08 1.88 27.72
N MET A 75 -14.21 1.26 26.95
CA MET A 75 -14.11 -0.18 26.86
C MET A 75 -13.71 -0.78 28.18
N LEU A 76 -12.98 -0.04 28.97
CA LEU A 76 -12.48 -0.54 30.23
C LEU A 76 -13.46 -0.22 31.35
N GLY A 77 -14.44 0.57 31.00
CA GLY A 77 -15.54 0.83 31.89
C GLY A 77 -16.72 0.00 31.49
N ALA A 78 -16.44 -0.96 30.61
CA ALA A 78 -17.44 -1.85 30.09
C ALA A 78 -17.69 -2.99 31.05
N ASP A 79 -18.81 -3.61 30.89
CA ASP A 79 -19.16 -4.77 31.67
C ASP A 79 -18.59 -6.00 31.04
N GLY A 80 -17.56 -6.52 31.64
CA GLY A 80 -16.93 -7.70 31.13
C GLY A 80 -15.44 -7.54 31.13
N VAL A 81 -15.00 -6.29 31.12
CA VAL A 81 -13.59 -5.99 31.04
C VAL A 81 -13.02 -5.59 32.38
N THR A 82 -11.77 -5.89 32.56
CA THR A 82 -11.03 -5.52 33.75
C THR A 82 -9.64 -5.01 33.40
N ALA A 83 -9.23 -4.00 34.13
CA ALA A 83 -7.86 -3.52 34.11
C ALA A 83 -6.87 -4.63 34.46
N GLY A 84 -5.82 -4.75 33.67
CA GLY A 84 -4.80 -5.72 33.95
C GLY A 84 -4.84 -6.90 33.02
N SER A 85 -5.75 -6.87 32.06
CA SER A 85 -5.86 -7.97 31.11
C SER A 85 -4.97 -7.73 29.92
N VAL A 86 -4.49 -8.80 29.34
CA VAL A 86 -3.91 -8.70 28.02
C VAL A 86 -5.03 -8.66 27.00
N LEU A 87 -5.09 -7.58 26.28
CA LEU A 87 -6.18 -7.31 25.39
C LEU A 87 -5.69 -7.54 23.97
N LEU A 88 -6.19 -8.61 23.37
CA LEU A 88 -5.87 -8.92 22.00
C LEU A 88 -6.58 -7.91 21.13
N VAL A 89 -5.87 -6.87 20.79
CA VAL A 89 -6.41 -5.87 19.93
C VAL A 89 -6.48 -6.46 18.54
N ASP A 90 -7.69 -6.60 18.06
CA ASP A 90 -7.93 -7.18 16.77
C ASP A 90 -7.62 -6.15 15.74
N SER A 91 -7.29 -6.63 14.57
CA SER A 91 -7.12 -5.76 13.46
C SER A 91 -8.41 -5.02 13.28
N VAL A 92 -8.28 -3.77 13.05
CA VAL A 92 -9.37 -3.00 12.63
C VAL A 92 -9.79 -3.50 11.28
N ASN A 93 -11.06 -3.57 11.09
CA ASN A 93 -11.60 -3.93 9.82
C ASN A 93 -11.71 -2.71 8.95
N ASN A 94 -11.86 -2.97 7.70
CA ASN A 94 -12.07 -1.95 6.72
C ASN A 94 -13.34 -2.27 5.95
N ARG A 95 -14.45 -1.85 6.53
CA ARG A 95 -15.78 -2.18 6.06
C ARG A 95 -16.41 -0.95 5.46
N THR A 96 -15.63 0.10 5.52
CA THR A 96 -16.02 1.42 5.07
C THR A 96 -16.55 1.49 3.65
N ASN A 97 -16.72 2.73 3.24
CA ASN A 97 -17.06 3.07 1.86
C ASN A 97 -15.91 2.74 0.92
N GLY A 98 -14.74 2.49 1.49
CA GLY A 98 -13.56 2.25 0.69
C GLY A 98 -12.57 1.32 1.34
N SER A 99 -11.29 1.59 1.10
CA SER A 99 -10.21 0.77 1.62
C SER A 99 -9.25 1.58 2.48
N LEU A 100 -8.92 1.06 3.64
CA LEU A 100 -8.05 1.75 4.57
C LEU A 100 -7.06 0.79 5.17
N ASN A 101 -5.98 1.36 5.62
CA ASN A 101 -4.96 0.61 6.31
C ASN A 101 -5.40 0.43 7.73
N ALA A 102 -6.26 -0.51 7.90
CA ALA A 102 -6.78 -0.83 9.20
C ALA A 102 -5.70 -1.41 10.06
N ALA A 103 -4.60 -1.80 9.43
CA ALA A 103 -3.52 -2.41 10.16
C ALA A 103 -2.70 -1.32 10.83
N GLU A 104 -2.71 -0.17 10.17
CA GLU A 104 -2.15 1.03 10.72
C GLU A 104 -3.00 1.48 11.89
N ALA A 105 -4.28 1.21 11.74
CA ALA A 105 -5.28 1.53 12.71
C ALA A 105 -5.12 0.62 13.89
N THR A 106 -4.92 -0.63 13.56
CA THR A 106 -4.74 -1.66 14.54
C THR A 106 -3.48 -1.40 15.34
N GLU A 107 -2.51 -0.73 14.72
CA GLU A 107 -1.37 -0.24 15.43
C GLU A 107 -1.83 0.83 16.40
N THR A 108 -2.57 1.80 15.88
CA THR A 108 -3.14 2.88 16.69
C THR A 108 -4.00 2.31 17.82
N LEU A 109 -4.67 1.21 17.55
CA LEU A 109 -5.40 0.49 18.58
C LEU A 109 -4.52 0.26 19.76
N ARG A 110 -3.52 -0.57 19.56
CA ARG A 110 -2.51 -0.85 20.57
C ARG A 110 -2.07 0.42 21.27
N ASN A 111 -2.02 1.48 20.49
CA ASN A 111 -1.53 2.78 20.93
C ASN A 111 -2.49 3.45 21.87
N ALA A 112 -3.75 3.43 21.49
CA ALA A 112 -4.78 4.06 22.28
C ALA A 112 -5.06 3.18 23.48
N LEU A 113 -4.93 1.89 23.24
CA LEU A 113 -5.02 0.86 24.25
C LEU A 113 -3.90 1.03 25.27
N ALA A 114 -2.74 1.49 24.76
CA ALA A 114 -1.52 1.64 25.54
C ALA A 114 -1.65 2.75 26.54
N ASN A 115 -2.30 3.81 26.09
CA ASN A 115 -2.43 5.02 26.88
C ASN A 115 -3.15 4.75 28.20
N ASN A 116 -4.04 3.75 28.18
CA ASN A 116 -4.89 3.47 29.33
C ASN A 116 -4.16 2.65 30.37
N GLY A 117 -3.22 1.83 29.91
CA GLY A 117 -2.44 1.03 30.83
C GLY A 117 -3.26 0.00 31.59
N LYS A 118 -4.55 -0.08 31.27
CA LYS A 118 -5.43 -1.05 31.91
C LYS A 118 -5.41 -2.35 31.14
N PHE A 119 -4.73 -2.36 30.01
CA PHE A 119 -4.51 -3.58 29.28
C PHE A 119 -3.05 -3.87 29.06
N THR A 120 -2.85 -5.03 28.49
CA THR A 120 -1.60 -5.42 27.97
C THR A 120 -1.77 -5.71 26.51
N LEU A 121 -1.06 -4.97 25.70
CA LEU A 121 -1.31 -5.04 24.31
C LEU A 121 -0.49 -6.10 23.65
N VAL A 122 -1.09 -6.80 22.74
CA VAL A 122 -0.37 -7.71 21.89
C VAL A 122 0.05 -6.95 20.64
N SER A 123 1.19 -7.29 20.09
CA SER A 123 1.65 -6.61 18.88
C SER A 123 1.42 -7.48 17.66
N ALA A 124 1.76 -6.97 16.48
CA ALA A 124 1.61 -7.72 15.25
C ALA A 124 2.43 -8.99 15.29
N GLN A 125 3.57 -8.88 15.98
CA GLN A 125 4.51 -9.97 16.17
C GLN A 125 3.80 -11.25 16.61
N GLN A 126 2.76 -11.09 17.41
CA GLN A 126 1.91 -12.19 17.79
C GLN A 126 0.67 -12.21 16.91
N LEU A 127 0.01 -11.05 16.91
CA LEU A 127 -1.33 -10.88 16.36
C LEU A 127 -1.40 -11.12 14.87
N SER A 128 -0.72 -10.27 14.13
CA SER A 128 -0.69 -10.30 12.66
C SER A 128 -0.35 -11.69 12.21
N MET A 129 0.64 -12.20 12.93
CA MET A 129 1.15 -13.52 12.78
C MET A 129 0.06 -14.53 12.98
N ALA A 130 -0.51 -14.52 14.17
CA ALA A 130 -1.63 -15.36 14.53
C ALA A 130 -2.68 -15.39 13.45
N LYS A 131 -3.02 -14.23 12.91
CA LYS A 131 -4.01 -14.16 11.85
C LYS A 131 -3.59 -15.08 10.74
N GLN A 132 -2.36 -14.90 10.29
CA GLN A 132 -1.79 -15.70 9.22
C GLN A 132 -1.66 -17.16 9.63
N GLN A 133 -1.26 -17.35 10.90
CA GLN A 133 -1.09 -18.68 11.50
C GLN A 133 -2.38 -19.41 11.44
N LEU A 134 -3.42 -18.65 11.60
CA LEU A 134 -4.75 -19.19 11.64
C LEU A 134 -5.32 -19.23 10.24
N GLY A 135 -4.89 -18.29 9.42
CA GLY A 135 -5.38 -18.22 8.07
C GLY A 135 -5.37 -16.83 7.50
N LEU A 136 -5.83 -15.96 8.33
CA LEU A 136 -6.13 -14.60 7.99
C LEU A 136 -4.93 -13.74 7.64
N SER A 137 -5.28 -12.47 7.55
CA SER A 137 -4.39 -11.39 7.33
C SER A 137 -4.43 -10.50 8.54
N PRO A 138 -3.35 -9.79 8.86
CA PRO A 138 -3.29 -8.90 10.01
C PRO A 138 -4.26 -7.73 9.89
N GLN A 139 -4.99 -7.68 8.78
CA GLN A 139 -5.93 -6.61 8.49
C GLN A 139 -7.34 -7.15 8.36
N ASP A 140 -7.38 -8.44 8.03
CA ASP A 140 -8.62 -9.14 7.72
C ASP A 140 -9.52 -9.11 8.89
N SER A 141 -8.87 -8.90 10.03
CA SER A 141 -9.50 -8.93 11.30
C SER A 141 -9.88 -10.34 11.64
N LEU A 142 -10.25 -10.56 12.87
CA LEU A 142 -10.58 -11.90 13.29
C LEU A 142 -11.81 -12.33 12.54
N GLY A 143 -12.71 -11.37 12.42
CA GLY A 143 -13.95 -11.55 11.68
C GLY A 143 -14.87 -12.61 12.26
N THR A 144 -14.37 -13.39 13.21
CA THR A 144 -15.11 -14.50 13.76
C THR A 144 -14.64 -14.77 15.16
N ARG A 145 -15.53 -14.76 16.15
CA ARG A 145 -15.15 -14.94 17.54
C ARG A 145 -14.10 -16.01 17.71
N SER A 146 -14.27 -17.14 17.06
CA SER A 146 -13.38 -18.27 17.26
C SER A 146 -12.04 -18.05 16.56
N LYS A 147 -12.08 -17.22 15.52
CA LYS A 147 -10.88 -16.81 14.79
C LYS A 147 -10.11 -15.85 15.66
N ALA A 148 -10.89 -15.17 16.47
CA ALA A 148 -10.43 -14.20 17.43
C ALA A 148 -9.85 -14.87 18.62
N ILE A 149 -10.63 -15.80 19.10
CA ILE A 149 -10.31 -16.60 20.23
C ILE A 149 -9.12 -17.47 19.93
N GLY A 150 -9.13 -18.00 18.72
CA GLY A 150 -7.98 -18.71 18.22
C GLY A 150 -6.74 -17.86 18.32
N ILE A 151 -6.80 -16.67 17.75
CA ILE A 151 -5.68 -15.76 17.73
C ILE A 151 -5.32 -15.26 19.11
N ALA A 152 -6.30 -14.82 19.86
CA ALA A 152 -6.07 -14.29 21.19
C ALA A 152 -5.34 -15.28 22.06
N ARG A 153 -5.72 -16.54 21.96
CA ARG A 153 -5.09 -17.58 22.75
C ARG A 153 -3.78 -18.01 22.12
N ASN A 154 -3.70 -17.77 20.82
CA ASN A 154 -2.49 -18.05 20.03
C ASN A 154 -1.54 -16.90 20.22
N VAL A 155 -2.10 -15.86 20.82
CA VAL A 155 -1.42 -14.61 21.02
C VAL A 155 -1.04 -14.42 22.49
N GLY A 156 -1.83 -15.01 23.38
CA GLY A 156 -1.56 -14.86 24.80
C GLY A 156 -2.44 -13.83 25.45
N ALA A 157 -3.66 -13.72 24.99
CA ALA A 157 -4.53 -12.63 25.36
C ALA A 157 -5.68 -13.07 26.28
N HIS A 158 -6.24 -12.09 26.99
CA HIS A 158 -7.36 -12.30 27.90
C HIS A 158 -8.64 -11.91 27.22
N TYR A 159 -8.52 -10.97 26.29
CA TYR A 159 -9.67 -10.41 25.60
C TYR A 159 -9.41 -10.29 24.12
N VAL A 160 -10.35 -9.67 23.44
CA VAL A 160 -10.18 -9.20 22.08
C VAL A 160 -10.77 -7.81 21.97
N LEU A 161 -10.09 -6.94 21.27
CA LEU A 161 -10.74 -5.72 20.86
C LEU A 161 -10.99 -5.78 19.37
N TYR A 162 -12.22 -6.07 19.06
CA TYR A 162 -12.67 -6.13 17.69
C TYR A 162 -12.90 -4.72 17.23
N SER A 163 -12.19 -4.32 16.23
CA SER A 163 -12.37 -3.00 15.69
C SER A 163 -12.53 -3.05 14.21
N SER A 164 -13.11 -2.01 13.70
CA SER A 164 -13.41 -1.89 12.32
C SER A 164 -13.65 -0.47 11.97
N ALA A 165 -13.75 -0.26 10.71
CA ALA A 165 -14.03 1.01 10.20
C ALA A 165 -15.11 0.91 9.18
N SER A 166 -16.06 1.79 9.24
CA SER A 166 -17.10 1.79 8.23
C SER A 166 -17.52 3.19 7.92
N GLY A 167 -18.56 3.28 7.18
CA GLY A 167 -19.14 4.56 6.89
C GLY A 167 -18.54 5.14 5.64
N ASN A 168 -17.40 5.76 5.85
CA ASN A 168 -16.65 6.34 4.78
C ASN A 168 -15.20 6.11 5.05
N VAL A 169 -14.52 5.60 4.07
CA VAL A 169 -13.15 5.15 4.23
C VAL A 169 -12.21 6.29 4.54
N ASN A 170 -12.35 7.44 3.87
CA ASN A 170 -11.44 8.55 4.12
C ASN A 170 -11.56 9.00 5.56
N ALA A 171 -12.74 8.80 6.10
CA ALA A 171 -13.03 9.16 7.47
C ALA A 171 -14.17 8.28 7.96
N PRO A 172 -13.79 7.14 8.52
CA PRO A 172 -14.69 6.05 8.89
C PRO A 172 -15.20 6.08 10.30
N THR A 173 -16.22 5.32 10.50
CA THR A 173 -16.73 5.02 11.81
C THR A 173 -15.90 3.89 12.36
N LEU A 174 -15.25 4.09 13.48
CA LEU A 174 -14.48 3.03 14.05
C LEU A 174 -15.37 2.17 14.84
N GLN A 175 -15.83 1.15 14.25
CA GLN A 175 -16.74 0.30 14.92
C GLN A 175 -15.94 -0.71 15.72
N MET A 176 -15.97 -0.53 17.01
CA MET A 176 -15.17 -1.34 17.92
C MET A 176 -16.04 -2.24 18.77
N GLN A 177 -15.42 -3.26 19.37
CA GLN A 177 -16.15 -4.34 19.97
C GLN A 177 -15.21 -5.22 20.78
N LEU A 178 -15.44 -5.29 22.06
CA LEU A 178 -14.52 -5.99 22.95
C LEU A 178 -15.09 -7.36 23.24
N MET A 179 -14.57 -8.36 22.55
CA MET A 179 -14.97 -9.71 22.78
C MET A 179 -14.09 -10.34 23.82
N LEU A 180 -14.69 -10.83 24.86
CA LEU A 180 -13.98 -11.68 25.78
C LEU A 180 -13.51 -12.90 24.97
N VAL A 181 -12.24 -13.23 24.99
CA VAL A 181 -11.79 -14.41 24.23
C VAL A 181 -12.06 -15.69 25.02
N GLN A 182 -11.92 -15.60 26.32
CA GLN A 182 -12.11 -16.73 27.23
C GLN A 182 -13.54 -17.26 27.17
N THR A 183 -14.45 -16.48 26.60
CA THR A 183 -15.84 -16.89 26.47
C THR A 183 -16.31 -16.68 25.04
N GLY A 184 -15.79 -15.63 24.45
CA GLY A 184 -16.16 -15.28 23.10
C GLY A 184 -17.42 -14.45 23.06
N GLU A 185 -17.65 -13.70 24.12
CA GLU A 185 -18.81 -12.84 24.21
C GLU A 185 -18.42 -11.39 24.00
N ILE A 186 -19.38 -10.57 23.62
CA ILE A 186 -19.10 -9.16 23.46
C ILE A 186 -19.44 -8.42 24.74
N ILE A 187 -18.41 -7.93 25.37
CA ILE A 187 -18.55 -7.31 26.68
C ILE A 187 -18.58 -5.80 26.55
N TRP A 188 -17.89 -5.29 25.54
CA TRP A 188 -17.93 -3.88 25.20
C TRP A 188 -18.03 -3.72 23.71
N SER A 189 -18.61 -2.63 23.28
CA SER A 189 -18.48 -2.22 21.90
C SER A 189 -18.63 -0.71 21.69
N GLY A 190 -18.20 -0.23 20.53
CA GLY A 190 -18.26 1.16 20.23
C GLY A 190 -18.22 1.39 18.75
N LYS A 191 -18.13 2.65 18.40
CA LYS A 191 -17.78 3.10 17.09
C LYS A 191 -17.29 4.50 17.23
N GLY A 192 -16.39 4.88 16.40
CA GLY A 192 -15.94 6.23 16.44
C GLY A 192 -15.41 6.73 15.14
N ALA A 193 -15.96 7.82 14.70
CA ALA A 193 -15.61 8.35 13.40
C ALA A 193 -14.22 8.94 13.40
N VAL A 194 -13.34 8.23 12.76
CA VAL A 194 -11.94 8.58 12.72
C VAL A 194 -11.66 9.50 11.58
N SER A 195 -10.58 10.17 11.74
CA SER A 195 -10.13 11.19 10.85
C SER A 195 -9.07 10.63 9.96
N GLN A 196 -8.66 11.37 8.98
CA GLN A 196 -7.53 10.94 8.19
C GLN A 196 -6.30 11.71 8.62
N GLN A 197 -5.21 11.00 8.83
CA GLN A 197 -3.95 11.61 9.20
C GLN A 197 -3.20 12.08 7.97
N GLY A 1 94.57 -85.36 -62.54
CA GLY A 1 94.85 -83.95 -62.19
C GLY A 1 93.62 -83.24 -61.68
N SER A 2 93.81 -82.07 -61.09
CA SER A 2 92.70 -81.29 -60.59
C SER A 2 92.68 -79.91 -61.24
N HIS A 3 93.79 -79.19 -61.08
CA HIS A 3 93.95 -77.82 -61.59
C HIS A 3 93.02 -76.87 -60.85
N MET A 4 93.61 -75.94 -60.11
CA MET A 4 92.84 -75.00 -59.32
C MET A 4 93.16 -73.57 -59.74
N VAL A 5 92.14 -72.71 -59.64
CA VAL A 5 92.21 -71.27 -59.98
C VAL A 5 92.83 -71.01 -61.36
N GLY A 6 92.93 -72.04 -62.19
CA GLY A 6 93.46 -71.88 -63.52
C GLY A 6 92.37 -71.77 -64.56
N GLN A 7 91.56 -72.81 -64.63
CA GLN A 7 90.44 -72.85 -65.56
C GLN A 7 89.19 -72.23 -64.92
N ARG A 8 89.45 -71.10 -64.26
CA ARG A 8 88.46 -70.36 -63.49
C ARG A 8 87.88 -71.20 -62.37
N GLU A 9 88.74 -71.57 -61.44
CA GLU A 9 88.34 -72.34 -60.27
C GLU A 9 88.79 -71.64 -58.99
N PRO A 10 88.17 -70.49 -58.66
CA PRO A 10 88.51 -69.70 -57.48
C PRO A 10 87.85 -70.25 -56.22
N ALA A 11 86.54 -70.07 -56.13
CA ALA A 11 85.79 -70.52 -54.97
C ALA A 11 84.30 -70.57 -55.29
N PRO A 12 83.73 -71.78 -55.39
CA PRO A 12 82.30 -71.97 -55.66
C PRO A 12 81.44 -71.22 -54.66
N VAL A 13 80.38 -70.59 -55.16
CA VAL A 13 79.50 -69.78 -54.34
C VAL A 13 78.05 -69.99 -54.75
N GLU A 14 77.16 -69.71 -53.83
CA GLU A 14 75.73 -69.80 -54.08
C GLU A 14 75.18 -68.40 -54.26
N GLU A 15 74.28 -68.24 -55.23
CA GLU A 15 73.76 -66.93 -55.61
C GLU A 15 73.10 -66.24 -54.43
N VAL A 16 73.37 -64.95 -54.29
CA VAL A 16 72.75 -64.16 -53.25
C VAL A 16 71.25 -64.07 -53.49
N LYS A 17 70.49 -64.60 -52.54
CA LYS A 17 69.04 -64.67 -52.67
C LYS A 17 68.38 -63.31 -52.43
N PRO A 18 68.75 -62.56 -51.38
CA PRO A 18 68.29 -61.18 -51.21
C PRO A 18 69.03 -60.22 -52.14
N ALA A 19 68.65 -58.94 -52.12
CA ALA A 19 69.36 -57.94 -52.91
C ALA A 19 69.23 -56.54 -52.29
N PRO A 20 68.01 -55.96 -52.16
CA PRO A 20 67.86 -54.63 -51.57
C PRO A 20 67.95 -54.64 -50.04
N GLU A 21 68.00 -55.85 -49.48
CA GLU A 21 68.04 -56.04 -48.02
C GLU A 21 66.75 -55.54 -47.38
N GLN A 22 66.72 -55.50 -46.05
CA GLN A 22 65.61 -54.92 -45.32
C GLN A 22 66.13 -53.90 -44.32
N PRO A 23 66.53 -52.71 -44.80
CA PRO A 23 67.09 -51.65 -43.97
C PRO A 23 66.13 -51.17 -42.88
N ALA A 24 66.68 -50.95 -41.70
CA ALA A 24 65.89 -50.51 -40.57
C ALA A 24 66.50 -49.25 -39.97
N GLU A 25 66.03 -48.11 -40.44
CA GLU A 25 66.54 -46.83 -40.01
C GLU A 25 65.69 -46.31 -38.85
N PRO A 26 66.28 -46.26 -37.64
CA PRO A 26 65.62 -45.76 -36.46
C PRO A 26 65.90 -44.28 -36.22
N GLN A 27 64.94 -43.44 -36.55
CA GLN A 27 65.10 -42.00 -36.31
C GLN A 27 63.90 -41.46 -35.54
N GLN A 28 62.73 -41.57 -36.19
CA GLN A 28 61.47 -41.06 -35.68
C GLN A 28 61.56 -39.56 -35.40
N PRO A 29 61.62 -38.73 -36.45
CA PRO A 29 61.77 -37.27 -36.31
C PRO A 29 60.55 -36.62 -35.63
N VAL A 30 59.39 -37.25 -35.76
CA VAL A 30 58.18 -36.73 -35.14
C VAL A 30 58.21 -36.90 -33.62
N PRO A 31 58.07 -35.78 -32.88
CA PRO A 31 58.09 -35.81 -31.42
C PRO A 31 56.79 -36.33 -30.82
N THR A 32 56.87 -36.92 -29.64
CA THR A 32 55.72 -37.47 -28.96
C THR A 32 55.05 -36.42 -28.08
N VAL A 33 53.90 -36.76 -27.57
CA VAL A 33 53.14 -35.89 -26.67
C VAL A 33 52.50 -36.70 -25.55
N PRO A 34 52.82 -36.38 -24.29
CA PRO A 34 52.24 -37.03 -23.11
C PRO A 34 50.72 -36.90 -23.07
N SER A 35 50.09 -37.78 -22.31
CA SER A 35 48.65 -37.84 -22.23
C SER A 35 48.09 -36.68 -21.40
N VAL A 36 47.11 -36.01 -21.95
CA VAL A 36 46.50 -34.86 -21.30
C VAL A 36 44.99 -34.83 -21.57
N PRO A 37 44.17 -34.67 -20.51
CA PRO A 37 42.72 -34.50 -20.67
C PRO A 37 42.38 -33.13 -21.26
N THR A 38 41.10 -32.79 -21.27
CA THR A 38 40.69 -31.49 -21.77
C THR A 38 39.81 -30.77 -20.75
N ILE A 39 40.01 -29.47 -20.64
CA ILE A 39 39.27 -28.65 -19.70
C ILE A 39 38.19 -27.85 -20.44
N PRO A 40 36.93 -27.92 -19.99
CA PRO A 40 35.86 -27.14 -20.57
C PRO A 40 36.05 -25.65 -20.34
N GLN A 41 36.28 -24.90 -21.40
CA GLN A 41 36.44 -23.46 -21.29
C GLN A 41 35.14 -22.76 -21.61
N GLN A 42 34.10 -23.06 -20.85
CA GLN A 42 32.81 -22.45 -21.04
C GLN A 42 32.48 -21.48 -19.89
N PRO A 43 32.83 -20.19 -20.05
CA PRO A 43 32.53 -19.18 -19.06
C PRO A 43 31.20 -18.50 -19.30
N GLY A 44 30.60 -17.96 -18.24
CA GLY A 44 29.35 -17.24 -18.38
C GLY A 44 29.01 -16.47 -17.14
N PRO A 45 28.09 -15.51 -17.26
CA PRO A 45 27.71 -14.62 -16.18
C PRO A 45 26.44 -15.06 -15.46
N ILE A 46 26.47 -15.01 -14.14
CA ILE A 46 25.29 -15.26 -13.33
C ILE A 46 24.33 -14.08 -13.42
N GLU A 47 24.90 -12.89 -13.19
CA GLU A 47 24.19 -11.60 -13.28
C GLU A 47 22.74 -11.67 -12.80
N HIS A 48 22.56 -11.74 -11.50
CA HIS A 48 21.22 -11.80 -10.93
C HIS A 48 20.56 -10.44 -10.96
N GLU A 49 19.26 -10.43 -10.76
CA GLU A 49 18.49 -9.20 -10.72
C GLU A 49 17.83 -9.07 -9.36
N ASP A 50 17.17 -7.94 -9.13
CA ASP A 50 16.38 -7.76 -7.93
C ASP A 50 14.94 -8.11 -8.22
N GLN A 51 14.60 -9.38 -8.05
CA GLN A 51 13.24 -9.87 -8.25
C GLN A 51 12.31 -9.27 -7.20
N THR A 52 11.84 -8.05 -7.47
CA THR A 52 10.95 -7.35 -6.55
C THR A 52 9.83 -6.66 -7.29
N ALA A 53 8.62 -6.95 -6.85
CA ALA A 53 7.44 -6.41 -7.49
C ALA A 53 6.34 -6.19 -6.46
N PRO A 54 6.06 -4.92 -6.10
CA PRO A 54 5.02 -4.60 -5.13
C PRO A 54 3.62 -4.91 -5.66
N PRO A 55 2.84 -5.72 -4.94
CA PRO A 55 1.47 -6.04 -5.35
C PRO A 55 0.55 -4.83 -5.21
N ALA A 56 0.75 -4.06 -4.14
CA ALA A 56 -0.07 -2.90 -3.87
C ALA A 56 0.75 -1.82 -3.19
N PRO A 57 0.41 -0.54 -3.43
CA PRO A 57 1.04 0.59 -2.77
C PRO A 57 0.64 0.66 -1.31
N HIS A 58 1.12 1.67 -0.66
CA HIS A 58 0.92 1.82 0.77
C HIS A 58 -0.13 2.88 1.06
N ILE A 59 -1.03 2.53 1.95
CA ILE A 59 -2.21 3.31 2.24
C ILE A 59 -1.91 4.49 3.17
N ARG A 60 -2.93 5.28 3.35
CA ARG A 60 -2.97 6.41 4.24
C ARG A 60 -2.76 6.03 5.68
N HIS A 61 -3.23 6.93 6.50
CA HIS A 61 -3.25 6.79 7.93
C HIS A 61 -4.34 7.66 8.41
N TYR A 62 -4.91 7.29 9.51
CA TYR A 62 -6.01 8.02 10.02
C TYR A 62 -5.72 8.41 11.44
N ASP A 63 -6.43 9.40 11.92
CA ASP A 63 -6.34 9.71 13.32
C ASP A 63 -7.26 8.76 14.07
N TRP A 64 -6.84 7.53 14.01
CA TRP A 64 -7.44 6.41 14.70
C TRP A 64 -7.49 6.64 16.20
N ASN A 65 -6.40 7.14 16.69
CA ASN A 65 -6.24 7.54 18.09
C ASN A 65 -7.37 8.47 18.52
N GLY A 66 -7.90 9.19 17.56
CA GLY A 66 -8.96 10.13 17.82
C GLY A 66 -10.28 9.41 18.00
N ALA A 67 -10.29 8.20 17.53
CA ALA A 67 -11.45 7.36 17.52
C ALA A 67 -11.42 6.36 18.66
N MET A 68 -10.33 5.62 18.69
CA MET A 68 -10.08 4.59 19.67
C MET A 68 -10.10 5.13 21.07
N GLN A 69 -9.15 6.02 21.37
CA GLN A 69 -8.90 6.54 22.72
C GLN A 69 -10.15 6.74 23.56
N PRO A 70 -11.14 7.52 23.07
CA PRO A 70 -12.37 7.79 23.81
C PRO A 70 -13.16 6.53 24.03
N MET A 71 -13.05 5.62 23.07
CA MET A 71 -13.74 4.35 23.10
C MET A 71 -13.05 3.38 24.02
N VAL A 72 -11.74 3.36 23.90
CA VAL A 72 -10.87 2.56 24.74
C VAL A 72 -11.09 2.94 26.17
N SER A 73 -11.26 4.24 26.32
CA SER A 73 -11.61 4.84 27.60
C SER A 73 -12.96 4.26 28.12
N LYS A 74 -13.89 4.02 27.20
CA LYS A 74 -15.20 3.40 27.52
C LYS A 74 -15.03 1.92 27.69
N MET A 75 -14.25 1.33 26.82
CA MET A 75 -14.05 -0.10 26.76
C MET A 75 -13.81 -0.64 28.15
N LEU A 76 -12.83 -0.04 28.80
CA LEU A 76 -12.30 -0.52 30.06
C LEU A 76 -13.17 -0.12 31.23
N GLY A 77 -14.31 0.43 30.90
CA GLY A 77 -15.35 0.70 31.85
C GLY A 77 -16.61 -0.04 31.44
N ALA A 78 -16.44 -1.00 30.53
CA ALA A 78 -17.53 -1.86 30.08
C ALA A 78 -17.77 -2.96 31.07
N ASP A 79 -18.89 -3.61 30.94
CA ASP A 79 -19.21 -4.76 31.77
C ASP A 79 -18.65 -5.98 31.11
N GLY A 80 -17.60 -6.48 31.67
CA GLY A 80 -16.99 -7.63 31.11
C GLY A 80 -15.51 -7.48 31.10
N VAL A 81 -15.08 -6.22 31.07
CA VAL A 81 -13.68 -5.90 31.00
C VAL A 81 -13.13 -5.48 32.36
N THR A 82 -11.87 -5.77 32.56
CA THR A 82 -11.18 -5.39 33.76
C THR A 82 -9.80 -4.82 33.44
N ALA A 83 -9.43 -3.80 34.15
CA ALA A 83 -8.06 -3.28 34.16
C ALA A 83 -7.07 -4.37 34.51
N GLY A 84 -6.02 -4.49 33.73
CA GLY A 84 -4.97 -5.45 34.02
C GLY A 84 -4.99 -6.65 33.10
N SER A 85 -5.92 -6.68 32.17
CA SER A 85 -6.00 -7.79 31.25
C SER A 85 -5.11 -7.57 30.05
N VAL A 86 -4.65 -8.66 29.48
CA VAL A 86 -4.04 -8.59 28.18
C VAL A 86 -5.14 -8.57 27.12
N LEU A 87 -5.15 -7.53 26.34
CA LEU A 87 -6.22 -7.28 25.41
C LEU A 87 -5.72 -7.52 24.00
N LEU A 88 -6.24 -8.58 23.39
CA LEU A 88 -5.86 -8.95 22.04
C LEU A 88 -6.46 -7.98 21.07
N VAL A 89 -5.64 -7.07 20.63
CA VAL A 89 -6.04 -6.06 19.69
C VAL A 89 -6.18 -6.69 18.31
N ASP A 90 -7.42 -6.86 17.91
CA ASP A 90 -7.77 -7.41 16.61
C ASP A 90 -7.60 -6.34 15.58
N SER A 91 -7.43 -6.76 14.34
CA SER A 91 -7.35 -5.84 13.26
C SER A 91 -8.62 -5.09 13.16
N VAL A 92 -8.47 -3.84 12.97
CA VAL A 92 -9.54 -3.02 12.60
C VAL A 92 -10.00 -3.50 11.26
N ASN A 93 -11.28 -3.56 11.09
CA ASN A 93 -11.84 -3.89 9.82
C ASN A 93 -11.94 -2.66 8.97
N ASN A 94 -12.08 -2.90 7.70
CA ASN A 94 -12.25 -1.87 6.74
C ASN A 94 -13.52 -2.16 5.96
N ARG A 95 -14.62 -1.73 6.53
CA ARG A 95 -15.95 -2.03 6.05
C ARG A 95 -16.54 -0.79 5.44
N THR A 96 -15.75 0.25 5.54
CA THR A 96 -16.10 1.60 5.10
C THR A 96 -16.62 1.69 3.68
N ASN A 97 -16.73 2.93 3.25
CA ASN A 97 -17.09 3.25 1.89
C ASN A 97 -15.92 2.93 0.94
N GLY A 98 -14.77 2.62 1.51
CA GLY A 98 -13.59 2.37 0.71
C GLY A 98 -12.60 1.43 1.36
N SER A 99 -11.32 1.68 1.14
CA SER A 99 -10.25 0.84 1.65
C SER A 99 -9.28 1.61 2.54
N LEU A 100 -8.98 1.06 3.69
CA LEU A 100 -8.09 1.70 4.62
C LEU A 100 -7.13 0.72 5.22
N ASN A 101 -6.03 1.25 5.66
CA ASN A 101 -5.02 0.48 6.35
C ASN A 101 -5.45 0.28 7.77
N ALA A 102 -6.30 -0.67 7.91
CA ALA A 102 -6.83 -1.00 9.21
C ALA A 102 -5.75 -1.57 10.08
N ALA A 103 -4.65 -1.95 9.48
CA ALA A 103 -3.56 -2.56 10.23
C ALA A 103 -2.78 -1.47 10.91
N GLU A 104 -2.73 -0.33 10.23
CA GLU A 104 -2.18 0.87 10.79
C GLU A 104 -3.05 1.32 11.93
N ALA A 105 -4.33 1.06 11.75
CA ALA A 105 -5.34 1.39 12.71
C ALA A 105 -5.23 0.48 13.88
N THR A 106 -5.02 -0.77 13.56
CA THR A 106 -4.88 -1.81 14.54
C THR A 106 -3.62 -1.58 15.36
N GLU A 107 -2.62 -0.94 14.76
CA GLU A 107 -1.45 -0.56 15.50
C GLU A 107 -1.85 0.59 16.42
N THR A 108 -2.61 1.54 15.87
CA THR A 108 -3.13 2.66 16.63
C THR A 108 -4.04 2.18 17.74
N LEU A 109 -4.72 1.07 17.49
CA LEU A 109 -5.49 0.40 18.51
C LEU A 109 -4.63 0.19 19.71
N ARG A 110 -3.67 -0.70 19.56
CA ARG A 110 -2.67 -0.97 20.57
C ARG A 110 -2.21 0.30 21.25
N ASN A 111 -2.08 1.33 20.45
CA ASN A 111 -1.57 2.62 20.87
C ASN A 111 -2.56 3.36 21.76
N ALA A 112 -3.79 3.39 21.33
CA ALA A 112 -4.83 4.05 22.08
C ALA A 112 -5.14 3.21 23.31
N LEU A 113 -5.00 1.92 23.12
CA LEU A 113 -5.11 0.92 24.16
C LEU A 113 -4.03 1.15 25.22
N ALA A 114 -2.88 1.64 24.74
CA ALA A 114 -1.69 1.85 25.56
C ALA A 114 -1.84 3.05 26.45
N ASN A 115 -2.40 4.11 25.89
CA ASN A 115 -2.54 5.36 26.58
C ASN A 115 -3.45 5.24 27.78
N ASN A 116 -4.35 4.28 27.71
CA ASN A 116 -5.32 4.06 28.78
C ASN A 116 -4.71 3.20 29.87
N GLY A 117 -3.61 2.53 29.54
CA GLY A 117 -2.74 1.93 30.53
C GLY A 117 -3.39 0.93 31.46
N LYS A 118 -4.57 0.44 31.11
CA LYS A 118 -5.24 -0.56 31.92
C LYS A 118 -4.99 -1.94 31.34
N PHE A 119 -4.90 -2.02 30.04
CA PHE A 119 -4.68 -3.30 29.38
C PHE A 119 -3.24 -3.62 29.21
N THR A 120 -3.05 -4.79 28.66
CA THR A 120 -1.80 -5.23 28.18
C THR A 120 -1.94 -5.58 26.74
N LEU A 121 -1.33 -4.78 25.91
CA LEU A 121 -1.57 -4.88 24.52
C LEU A 121 -0.62 -5.85 23.89
N VAL A 122 -1.16 -6.83 23.24
CA VAL A 122 -0.36 -7.79 22.53
C VAL A 122 0.34 -7.09 21.38
N SER A 123 1.44 -7.64 20.95
CA SER A 123 2.15 -7.13 19.82
C SER A 123 1.71 -7.85 18.56
N ALA A 124 1.88 -7.16 17.45
CA ALA A 124 1.51 -7.66 16.14
C ALA A 124 2.49 -8.73 15.71
N GLN A 125 3.64 -8.70 16.36
CA GLN A 125 4.65 -9.74 16.23
C GLN A 125 4.06 -11.09 16.60
N GLN A 126 3.07 -11.05 17.49
CA GLN A 126 2.28 -12.23 17.83
C GLN A 126 0.95 -12.23 17.07
N LEU A 127 0.31 -11.06 17.10
CA LEU A 127 -1.09 -10.89 16.68
C LEU A 127 -1.29 -10.96 15.16
N SER A 128 -0.67 -10.01 14.45
CA SER A 128 -0.73 -9.95 12.97
C SER A 128 -0.38 -11.30 12.42
N MET A 129 0.58 -11.84 13.13
CA MET A 129 1.13 -13.14 12.90
C MET A 129 0.10 -14.22 13.08
N ALA A 130 -0.41 -14.30 14.31
CA ALA A 130 -1.50 -15.20 14.67
C ALA A 130 -2.56 -15.26 13.60
N LYS A 131 -2.93 -14.09 13.10
CA LYS A 131 -3.89 -14.00 12.05
C LYS A 131 -3.48 -14.87 10.90
N GLN A 132 -2.31 -14.61 10.41
CA GLN A 132 -1.70 -15.39 9.35
C GLN A 132 -1.54 -16.86 9.74
N GLN A 133 -1.08 -17.04 10.98
CA GLN A 133 -0.84 -18.38 11.54
C GLN A 133 -2.09 -19.18 11.49
N LEU A 134 -3.17 -18.50 11.70
CA LEU A 134 -4.45 -19.12 11.74
C LEU A 134 -5.03 -19.16 10.35
N GLY A 135 -4.65 -18.19 9.54
CA GLY A 135 -5.16 -18.15 8.18
C GLY A 135 -5.15 -16.79 7.55
N LEU A 136 -5.54 -15.86 8.36
CA LEU A 136 -5.85 -14.53 7.95
C LEU A 136 -4.67 -13.67 7.60
N SER A 137 -5.04 -12.44 7.38
CA SER A 137 -4.15 -11.33 7.24
C SER A 137 -4.32 -10.43 8.44
N PRO A 138 -3.26 -9.70 8.81
CA PRO A 138 -3.31 -8.75 9.91
C PRO A 138 -4.32 -7.63 9.67
N GLN A 139 -4.94 -7.65 8.49
CA GLN A 139 -5.93 -6.66 8.10
C GLN A 139 -7.26 -7.34 7.86
N ASP A 140 -7.23 -8.62 7.61
CA ASP A 140 -8.44 -9.33 7.25
C ASP A 140 -9.41 -9.18 8.39
N SER A 141 -8.76 -9.16 9.55
CA SER A 141 -9.37 -9.14 10.84
C SER A 141 -9.82 -10.52 11.23
N LEU A 142 -9.95 -10.75 12.48
CA LEU A 142 -10.23 -12.09 12.95
C LEU A 142 -11.57 -12.48 12.41
N GLY A 143 -12.44 -11.49 12.42
CA GLY A 143 -13.77 -11.60 11.84
C GLY A 143 -14.64 -12.70 12.40
N THR A 144 -14.10 -13.49 13.31
CA THR A 144 -14.84 -14.62 13.85
C THR A 144 -14.39 -14.87 15.25
N ARG A 145 -15.30 -14.82 16.20
CA ARG A 145 -14.95 -14.95 17.60
C ARG A 145 -13.92 -16.05 17.81
N SER A 146 -14.12 -17.17 17.18
CA SER A 146 -13.27 -18.33 17.39
C SER A 146 -11.89 -18.15 16.74
N LYS A 147 -11.87 -17.32 15.69
CA LYS A 147 -10.64 -16.95 15.00
C LYS A 147 -9.87 -16.00 15.89
N ALA A 148 -10.65 -15.23 16.61
CA ALA A 148 -10.16 -14.25 17.57
C ALA A 148 -9.68 -14.92 18.79
N ILE A 149 -10.46 -15.87 19.21
CA ILE A 149 -10.16 -16.68 20.34
C ILE A 149 -8.96 -17.55 20.06
N GLY A 150 -8.96 -18.11 18.87
CA GLY A 150 -7.80 -18.82 18.38
C GLY A 150 -6.56 -17.98 18.49
N ILE A 151 -6.63 -16.78 17.93
CA ILE A 151 -5.51 -15.87 17.91
C ILE A 151 -5.17 -15.35 19.28
N ALA A 152 -6.16 -14.90 20.02
CA ALA A 152 -5.93 -14.36 21.35
C ALA A 152 -5.20 -15.35 22.24
N ARG A 153 -5.54 -16.60 22.12
CA ARG A 153 -4.90 -17.64 22.92
C ARG A 153 -3.59 -18.08 22.28
N ASN A 154 -3.48 -17.79 20.99
CA ASN A 154 -2.27 -18.04 20.22
C ASN A 154 -1.35 -16.86 20.44
N VAL A 155 -1.94 -15.85 21.05
CA VAL A 155 -1.28 -14.59 21.22
C VAL A 155 -0.92 -14.36 22.69
N GLY A 156 -1.72 -14.94 23.59
CA GLY A 156 -1.46 -14.76 25.01
C GLY A 156 -2.37 -13.74 25.64
N ALA A 157 -3.59 -13.67 25.16
CA ALA A 157 -4.48 -12.58 25.51
C ALA A 157 -5.64 -13.02 26.41
N HIS A 158 -6.25 -12.03 27.07
CA HIS A 158 -7.39 -12.24 27.96
C HIS A 158 -8.66 -11.85 27.25
N TYR A 159 -8.53 -10.91 26.33
CA TYR A 159 -9.67 -10.35 25.62
C TYR A 159 -9.39 -10.24 24.14
N VAL A 160 -10.31 -9.61 23.44
CA VAL A 160 -10.11 -9.17 22.07
C VAL A 160 -10.69 -7.79 21.90
N LEU A 161 -10.03 -6.93 21.17
CA LEU A 161 -10.66 -5.73 20.72
C LEU A 161 -10.93 -5.83 19.25
N TYR A 162 -12.16 -6.16 18.94
CA TYR A 162 -12.63 -6.24 17.58
C TYR A 162 -12.99 -4.87 17.10
N SER A 163 -12.25 -4.38 16.17
CA SER A 163 -12.49 -3.07 15.66
C SER A 163 -12.73 -3.10 14.17
N SER A 164 -13.24 -1.99 13.68
CA SER A 164 -13.56 -1.83 12.30
C SER A 164 -13.73 -0.41 11.95
N ALA A 165 -13.93 -0.20 10.70
CA ALA A 165 -14.15 1.10 10.19
C ALA A 165 -15.23 1.02 9.15
N SER A 166 -16.17 1.91 9.21
CA SER A 166 -17.24 1.90 8.27
C SER A 166 -17.63 3.32 7.93
N GLY A 167 -18.63 3.49 7.12
CA GLY A 167 -19.14 4.80 6.87
C GLY A 167 -18.54 5.40 5.64
N ASN A 168 -17.39 5.96 5.83
CA ASN A 168 -16.60 6.49 4.74
C ASN A 168 -15.16 6.24 5.04
N VAL A 169 -14.49 5.70 4.08
CA VAL A 169 -13.13 5.23 4.26
C VAL A 169 -12.17 6.36 4.58
N ASN A 170 -12.31 7.50 3.91
CA ASN A 170 -11.38 8.60 4.12
C ASN A 170 -11.46 9.07 5.56
N ALA A 171 -12.64 8.90 6.10
CA ALA A 171 -12.92 9.26 7.47
C ALA A 171 -14.07 8.41 7.97
N PRO A 172 -13.72 7.26 8.51
CA PRO A 172 -14.65 6.20 8.85
C PRO A 172 -15.17 6.26 10.25
N THR A 173 -16.18 5.49 10.47
CA THR A 173 -16.65 5.20 11.77
C THR A 173 -15.85 4.03 12.29
N LEU A 174 -15.14 4.22 13.35
CA LEU A 174 -14.41 3.15 13.90
C LEU A 174 -15.31 2.35 14.77
N GLN A 175 -15.79 1.30 14.24
CA GLN A 175 -16.72 0.48 14.93
C GLN A 175 -15.98 -0.59 15.70
N MET A 176 -15.99 -0.44 17.00
CA MET A 176 -15.18 -1.29 17.87
C MET A 176 -16.05 -2.20 18.72
N GLN A 177 -15.43 -3.22 19.30
CA GLN A 177 -16.15 -4.32 19.90
C GLN A 177 -15.19 -5.21 20.68
N LEU A 178 -15.42 -5.33 21.95
CA LEU A 178 -14.52 -6.03 22.84
C LEU A 178 -15.07 -7.41 23.11
N MET A 179 -14.50 -8.39 22.44
CA MET A 179 -14.89 -9.77 22.67
C MET A 179 -14.01 -10.36 23.74
N LEU A 180 -14.60 -10.77 24.82
CA LEU A 180 -13.90 -11.57 25.79
C LEU A 180 -13.49 -12.87 25.08
N VAL A 181 -12.20 -13.15 24.97
CA VAL A 181 -11.78 -14.35 24.23
C VAL A 181 -12.08 -15.63 25.00
N GLN A 182 -11.94 -15.54 26.31
CA GLN A 182 -12.12 -16.67 27.21
C GLN A 182 -13.54 -17.23 27.13
N THR A 183 -14.45 -16.46 26.55
CA THR A 183 -15.83 -16.88 26.38
C THR A 183 -16.24 -16.71 24.94
N GLY A 184 -15.73 -15.66 24.36
CA GLY A 184 -16.03 -15.32 23.00
C GLY A 184 -17.28 -14.50 22.88
N GLU A 185 -17.60 -13.81 23.95
CA GLU A 185 -18.77 -12.96 23.98
C GLU A 185 -18.36 -11.50 23.89
N ILE A 186 -19.28 -10.67 23.46
CA ILE A 186 -18.99 -9.26 23.34
C ILE A 186 -19.37 -8.55 24.61
N ILE A 187 -18.38 -7.99 25.25
CA ILE A 187 -18.52 -7.42 26.56
C ILE A 187 -18.55 -5.89 26.49
N TRP A 188 -17.87 -5.37 25.48
CA TRP A 188 -17.92 -3.95 25.16
C TRP A 188 -18.02 -3.78 23.67
N SER A 189 -18.62 -2.69 23.25
CA SER A 189 -18.50 -2.26 21.87
C SER A 189 -18.67 -0.76 21.68
N GLY A 190 -18.23 -0.26 20.54
CA GLY A 190 -18.31 1.14 20.26
C GLY A 190 -18.26 1.41 18.79
N LYS A 191 -18.20 2.66 18.47
CA LYS A 191 -17.86 3.16 17.18
C LYS A 191 -17.41 4.57 17.39
N GLY A 192 -16.56 5.01 16.54
CA GLY A 192 -16.10 6.36 16.62
C GLY A 192 -15.49 6.83 15.34
N ALA A 193 -15.95 7.94 14.86
CA ALA A 193 -15.53 8.42 13.56
C ALA A 193 -14.09 8.93 13.60
N VAL A 194 -13.24 8.27 12.82
CA VAL A 194 -11.85 8.57 12.78
C VAL A 194 -11.55 9.50 11.63
N SER A 195 -10.43 10.15 11.80
CA SER A 195 -9.97 11.16 10.92
C SER A 195 -8.94 10.58 10.01
N GLN A 196 -8.51 11.31 9.03
CA GLN A 196 -7.39 10.87 8.24
C GLN A 196 -6.14 11.62 8.65
N GLN A 197 -5.06 10.88 8.81
CA GLN A 197 -3.77 11.46 9.14
C GLN A 197 -3.01 11.81 7.86
N GLY A 1 93.57 14.60 7.92
CA GLY A 1 94.88 14.74 8.58
C GLY A 1 95.99 14.11 7.76
N SER A 2 96.00 12.80 7.71
CA SER A 2 96.97 12.07 6.91
C SER A 2 96.42 11.79 5.52
N HIS A 3 97.28 11.31 4.63
CA HIS A 3 96.86 10.99 3.27
C HIS A 3 97.36 9.63 2.87
N MET A 4 97.18 9.29 1.61
CA MET A 4 97.67 8.03 1.06
C MET A 4 99.17 7.90 1.29
N VAL A 5 99.61 6.65 1.43
CA VAL A 5 101.01 6.28 1.69
C VAL A 5 101.62 7.07 2.86
N GLY A 6 100.77 7.67 3.68
CA GLY A 6 101.25 8.39 4.84
C GLY A 6 101.41 7.48 6.03
N GLN A 7 100.45 7.52 6.93
CA GLN A 7 100.45 6.62 8.07
C GLN A 7 99.02 6.18 8.39
N ARG A 8 98.25 5.98 7.32
CA ARG A 8 96.84 5.58 7.41
C ARG A 8 96.00 6.65 8.05
N GLU A 9 94.70 6.33 8.13
CA GLU A 9 93.69 7.18 8.75
C GLU A 9 93.62 8.56 8.09
N PRO A 10 93.11 8.62 6.86
CA PRO A 10 92.99 9.89 6.09
C PRO A 10 92.41 11.02 6.94
N ALA A 11 91.12 10.94 7.23
CA ALA A 11 90.44 12.00 7.95
C ALA A 11 89.21 11.45 8.66
N PRO A 12 89.23 11.47 10.01
CA PRO A 12 88.12 11.00 10.84
C PRO A 12 86.76 11.53 10.38
N VAL A 13 85.80 10.61 10.28
CA VAL A 13 84.48 10.91 9.77
C VAL A 13 83.40 10.33 10.65
N GLU A 14 82.17 10.70 10.35
CA GLU A 14 80.99 10.22 11.07
C GLU A 14 80.94 10.84 12.46
N GLU A 15 80.88 12.16 12.49
CA GLU A 15 80.84 12.89 13.74
C GLU A 15 79.49 13.61 13.89
N VAL A 16 78.67 13.11 14.79
CA VAL A 16 77.36 13.69 15.03
C VAL A 16 77.35 14.51 16.33
N LYS A 17 76.75 15.69 16.27
CA LYS A 17 76.56 16.50 17.45
C LYS A 17 75.16 16.30 18.00
N PRO A 18 75.01 15.81 19.24
CA PRO A 18 73.70 15.63 19.85
C PRO A 18 73.07 16.96 20.29
N ALA A 19 72.00 16.82 21.06
CA ALA A 19 71.25 17.96 21.60
C ALA A 19 70.63 18.81 20.50
N PRO A 20 69.33 18.62 20.22
CA PRO A 20 68.63 19.43 19.23
C PRO A 20 68.50 20.88 19.68
N GLU A 21 68.24 21.80 18.76
CA GLU A 21 68.14 23.21 19.11
C GLU A 21 66.70 23.64 19.30
N GLN A 22 65.77 22.73 18.99
CA GLN A 22 64.33 22.98 19.06
C GLN A 22 63.90 23.92 17.92
N PRO A 23 62.93 23.49 17.10
CA PRO A 23 62.41 24.30 15.99
C PRO A 23 62.00 25.69 16.44
N ALA A 24 62.27 26.68 15.60
CA ALA A 24 61.97 28.06 15.91
C ALA A 24 61.21 28.71 14.76
N GLU A 25 59.95 29.02 15.00
CA GLU A 25 59.10 29.63 13.98
C GLU A 25 58.56 30.98 14.45
N PRO A 26 59.36 32.05 14.29
CA PRO A 26 58.95 33.40 14.65
C PRO A 26 57.85 33.92 13.72
N GLN A 27 57.75 33.28 12.56
CA GLN A 27 56.74 33.62 11.56
C GLN A 27 56.88 35.08 11.11
N GLN A 28 55.98 35.94 11.57
CA GLN A 28 55.96 37.34 11.17
C GLN A 28 55.52 38.21 12.34
N PRO A 29 55.90 39.50 12.35
CA PRO A 29 55.47 40.45 13.39
C PRO A 29 54.00 40.85 13.25
N VAL A 30 53.17 39.90 12.82
CA VAL A 30 51.76 40.14 12.63
C VAL A 30 51.01 38.79 12.63
N PRO A 31 50.45 38.40 13.78
CA PRO A 31 49.66 37.18 13.89
C PRO A 31 48.41 37.24 13.02
N THR A 32 48.27 36.26 12.13
CA THR A 32 47.13 36.23 11.24
C THR A 32 46.30 34.98 11.47
N VAL A 33 44.98 35.13 11.37
CA VAL A 33 44.03 34.03 11.56
C VAL A 33 44.22 33.37 12.93
N PRO A 34 43.43 33.80 13.93
CA PRO A 34 43.48 33.26 15.29
C PRO A 34 43.27 31.75 15.32
N SER A 35 43.71 31.14 16.39
CA SER A 35 43.60 29.70 16.53
C SER A 35 42.18 29.30 16.86
N VAL A 36 41.59 28.48 16.00
CA VAL A 36 40.23 28.00 16.20
C VAL A 36 40.22 26.47 16.23
N PRO A 37 40.00 25.88 17.41
CA PRO A 37 39.94 24.42 17.59
C PRO A 37 38.85 23.79 16.74
N THR A 38 37.69 24.44 16.70
CA THR A 38 36.58 23.96 15.91
C THR A 38 36.10 25.04 14.95
N ILE A 39 36.57 24.95 13.71
CA ILE A 39 36.27 25.95 12.70
C ILE A 39 34.79 25.90 12.32
N PRO A 40 34.08 27.05 12.44
CA PRO A 40 32.64 27.14 12.13
C PRO A 40 32.32 26.73 10.70
N GLN A 41 31.90 25.49 10.54
CA GLN A 41 31.52 24.96 9.24
C GLN A 41 30.73 23.67 9.41
N GLN A 42 29.49 23.67 8.96
CA GLN A 42 28.60 22.53 9.16
C GLN A 42 27.57 22.42 8.04
N PRO A 43 26.76 23.49 7.76
CA PRO A 43 25.73 23.45 6.71
C PRO A 43 26.22 22.87 5.39
N GLY A 44 25.53 21.83 4.94
CA GLY A 44 25.83 21.24 3.65
C GLY A 44 24.61 21.16 2.78
N PRO A 45 24.76 20.79 1.50
CA PRO A 45 23.65 20.72 0.57
C PRO A 45 22.59 19.71 1.00
N ILE A 46 21.35 20.14 1.01
CA ILE A 46 20.25 19.27 1.41
C ILE A 46 19.72 18.50 0.22
N GLU A 47 19.11 19.22 -0.72
CA GLU A 47 18.43 18.63 -1.88
C GLU A 47 17.28 17.73 -1.41
N HIS A 48 16.10 18.31 -1.34
CA HIS A 48 14.94 17.58 -0.87
C HIS A 48 14.09 17.09 -2.03
N GLU A 49 13.24 16.11 -1.74
CA GLU A 49 12.32 15.56 -2.71
C GLU A 49 11.46 14.48 -2.05
N ASP A 50 10.17 14.53 -2.31
CA ASP A 50 9.25 13.54 -1.79
C ASP A 50 8.45 12.95 -2.93
N GLN A 51 9.17 12.28 -3.82
CA GLN A 51 8.57 11.69 -5.01
C GLN A 51 8.76 10.18 -5.00
N THR A 52 8.89 9.62 -3.79
CA THR A 52 9.19 8.20 -3.65
C THR A 52 8.07 7.33 -4.17
N ALA A 53 8.44 6.33 -4.94
CA ALA A 53 7.48 5.46 -5.59
C ALA A 53 7.93 4.00 -5.53
N PRO A 54 7.82 3.38 -4.34
CA PRO A 54 8.19 1.97 -4.17
C PRO A 54 7.13 1.03 -4.74
N PRO A 55 7.57 -0.10 -5.33
CA PRO A 55 6.66 -1.12 -5.87
C PRO A 55 5.67 -1.59 -4.81
N ALA A 56 4.38 -1.59 -5.17
CA ALA A 56 3.28 -1.80 -4.23
C ALA A 56 3.25 -0.66 -3.22
N PRO A 57 2.41 0.36 -3.49
CA PRO A 57 2.35 1.59 -2.70
C PRO A 57 1.86 1.37 -1.28
N HIS A 58 1.75 2.47 -0.59
CA HIS A 58 1.43 2.46 0.84
C HIS A 58 0.15 3.23 1.11
N ILE A 59 -0.59 2.75 2.10
CA ILE A 59 -1.87 3.33 2.45
C ILE A 59 -1.70 4.52 3.38
N ARG A 60 -2.80 5.20 3.56
CA ARG A 60 -2.90 6.36 4.41
C ARG A 60 -2.71 6.01 5.87
N HIS A 61 -3.24 6.90 6.64
CA HIS A 61 -3.26 6.82 8.08
C HIS A 61 -4.36 7.71 8.53
N TYR A 62 -4.97 7.33 9.60
CA TYR A 62 -6.08 8.05 10.09
C TYR A 62 -5.83 8.44 11.50
N ASP A 63 -6.55 9.42 11.98
CA ASP A 63 -6.49 9.72 13.38
C ASP A 63 -7.39 8.74 14.11
N TRP A 64 -6.90 7.53 14.06
CA TRP A 64 -7.47 6.40 14.75
C TRP A 64 -7.52 6.60 16.25
N ASN A 65 -6.42 7.10 16.75
CA ASN A 65 -6.26 7.45 18.16
C ASN A 65 -7.40 8.35 18.64
N GLY A 66 -7.93 9.14 17.72
CA GLY A 66 -9.00 10.05 18.04
C GLY A 66 -10.32 9.33 18.17
N ALA A 67 -10.31 8.11 17.66
CA ALA A 67 -11.47 7.26 17.63
C ALA A 67 -11.42 6.23 18.74
N MET A 68 -10.28 5.55 18.80
CA MET A 68 -10.03 4.50 19.76
C MET A 68 -9.99 5.02 21.18
N GLN A 69 -9.14 5.99 21.44
CA GLN A 69 -8.93 6.55 22.77
C GLN A 69 -10.21 6.75 23.59
N PRO A 70 -11.21 7.48 23.06
CA PRO A 70 -12.47 7.72 23.77
C PRO A 70 -13.18 6.42 24.02
N MET A 71 -12.99 5.49 23.11
CA MET A 71 -13.64 4.19 23.14
C MET A 71 -12.96 3.26 24.10
N VAL A 72 -11.65 3.23 23.99
CA VAL A 72 -10.79 2.47 24.87
C VAL A 72 -11.05 2.88 26.29
N SER A 73 -11.21 4.17 26.43
CA SER A 73 -11.59 4.77 27.69
C SER A 73 -12.95 4.21 28.18
N LYS A 74 -13.86 3.94 27.24
CA LYS A 74 -15.18 3.36 27.54
C LYS A 74 -15.10 1.86 27.72
N MET A 75 -14.22 1.24 26.95
CA MET A 75 -14.15 -0.19 26.87
C MET A 75 -13.75 -0.81 28.17
N LEU A 76 -13.02 -0.07 28.97
CA LEU A 76 -12.57 -0.56 30.25
C LEU A 76 -13.54 -0.17 31.34
N GLY A 77 -14.51 0.62 30.95
CA GLY A 77 -15.63 0.94 31.80
C GLY A 77 -16.81 0.12 31.34
N ALA A 78 -16.51 -0.92 30.58
CA ALA A 78 -17.50 -1.81 30.04
C ALA A 78 -17.76 -2.93 31.00
N ASP A 79 -18.87 -3.59 30.78
CA ASP A 79 -19.24 -4.72 31.59
C ASP A 79 -18.68 -5.98 30.98
N GLY A 80 -17.65 -6.51 31.60
CA GLY A 80 -17.03 -7.69 31.10
C GLY A 80 -15.54 -7.57 31.10
N VAL A 81 -15.09 -6.33 31.07
CA VAL A 81 -13.66 -6.06 30.94
C VAL A 81 -13.04 -5.72 32.27
N THR A 82 -11.78 -6.01 32.38
CA THR A 82 -11.03 -5.78 33.58
C THR A 82 -9.69 -5.16 33.28
N ALA A 83 -9.33 -4.22 34.13
CA ALA A 83 -7.97 -3.68 34.18
C ALA A 83 -6.95 -4.79 34.38
N GLY A 84 -5.82 -4.66 33.70
CA GLY A 84 -4.73 -5.59 33.88
C GLY A 84 -4.78 -6.75 32.91
N SER A 85 -5.75 -6.75 32.01
CA SER A 85 -5.84 -7.84 31.06
C SER A 85 -4.99 -7.59 29.86
N VAL A 86 -4.48 -8.65 29.27
CA VAL A 86 -3.90 -8.55 27.97
C VAL A 86 -4.99 -8.53 26.92
N LEU A 87 -5.07 -7.43 26.22
CA LEU A 87 -6.15 -7.18 25.30
C LEU A 87 -5.66 -7.37 23.89
N LEU A 88 -6.15 -8.43 23.29
CA LEU A 88 -5.86 -8.74 21.92
C LEU A 88 -6.59 -7.77 21.04
N VAL A 89 -5.89 -6.75 20.56
CA VAL A 89 -6.52 -5.78 19.73
C VAL A 89 -6.78 -6.44 18.39
N ASP A 90 -8.02 -6.53 18.05
CA ASP A 90 -8.42 -7.16 16.81
C ASP A 90 -8.17 -6.19 15.70
N SER A 91 -7.63 -6.68 14.60
CA SER A 91 -7.32 -5.81 13.48
C SER A 91 -8.56 -5.05 13.13
N VAL A 92 -8.40 -3.78 13.07
CA VAL A 92 -9.44 -2.97 12.62
C VAL A 92 -9.85 -3.46 11.26
N ASN A 93 -11.11 -3.55 11.08
CA ASN A 93 -11.63 -3.92 9.81
C ASN A 93 -11.76 -2.70 8.94
N ASN A 94 -11.90 -2.96 7.69
CA ASN A 94 -12.11 -1.94 6.72
C ASN A 94 -13.38 -2.28 5.95
N ARG A 95 -14.49 -1.84 6.52
CA ARG A 95 -15.81 -2.18 6.04
C ARG A 95 -16.43 -0.95 5.43
N THR A 96 -15.67 0.11 5.54
CA THR A 96 -16.06 1.45 5.10
C THR A 96 -16.58 1.53 3.66
N ASN A 97 -16.75 2.78 3.26
CA ASN A 97 -17.11 3.12 1.89
C ASN A 97 -15.93 2.87 0.93
N GLY A 98 -14.80 2.48 1.49
CA GLY A 98 -13.62 2.25 0.68
C GLY A 98 -12.60 1.34 1.34
N SER A 99 -11.33 1.60 1.09
CA SER A 99 -10.25 0.79 1.62
C SER A 99 -9.27 1.61 2.46
N LEU A 100 -8.97 1.09 3.63
CA LEU A 100 -8.10 1.78 4.57
C LEU A 100 -7.12 0.81 5.18
N ASN A 101 -6.05 1.39 5.67
CA ASN A 101 -5.03 0.64 6.37
C ASN A 101 -5.48 0.45 7.78
N ALA A 102 -6.33 -0.51 7.93
CA ALA A 102 -6.85 -0.85 9.22
C ALA A 102 -5.76 -1.45 10.07
N ALA A 103 -4.67 -1.83 9.45
CA ALA A 103 -3.59 -2.45 10.16
C ALA A 103 -2.76 -1.38 10.83
N GLU A 104 -2.75 -0.22 10.19
CA GLU A 104 -2.19 0.98 10.76
C GLU A 104 -3.04 1.41 11.92
N ALA A 105 -4.32 1.15 11.76
CA ALA A 105 -5.32 1.46 12.73
C ALA A 105 -5.17 0.53 13.90
N THR A 106 -4.98 -0.72 13.57
CA THR A 106 -4.81 -1.76 14.53
C THR A 106 -3.55 -1.53 15.35
N GLU A 107 -2.54 -0.91 14.72
CA GLU A 107 -1.37 -0.53 15.46
C GLU A 107 -1.77 0.61 16.41
N THR A 108 -2.56 1.54 15.87
CA THR A 108 -3.07 2.67 16.64
C THR A 108 -3.97 2.18 17.76
N LEU A 109 -4.64 1.06 17.52
CA LEU A 109 -5.41 0.39 18.55
C LEU A 109 -4.54 0.19 19.75
N ARG A 110 -3.57 -0.68 19.59
CA ARG A 110 -2.58 -0.96 20.61
C ARG A 110 -2.12 0.33 21.28
N ASN A 111 -1.99 1.35 20.47
CA ASN A 111 -1.49 2.65 20.89
C ASN A 111 -2.48 3.36 21.79
N ALA A 112 -3.72 3.38 21.37
CA ALA A 112 -4.76 4.04 22.12
C ALA A 112 -5.07 3.21 23.35
N LEU A 113 -4.92 1.92 23.17
CA LEU A 113 -5.03 0.95 24.22
C LEU A 113 -3.92 1.16 25.26
N ALA A 114 -2.76 1.58 24.76
CA ALA A 114 -1.55 1.75 25.56
C ALA A 114 -1.67 2.93 26.49
N ASN A 115 -2.28 3.98 25.98
CA ASN A 115 -2.43 5.22 26.69
C ASN A 115 -3.21 5.04 27.97
N ASN A 116 -4.09 4.04 27.95
CA ASN A 116 -4.99 3.81 29.06
C ASN A 116 -4.31 2.99 30.14
N GLY A 117 -3.45 2.06 29.75
CA GLY A 117 -2.68 1.31 30.72
C GLY A 117 -3.46 0.25 31.47
N LYS A 118 -4.77 0.18 31.26
CA LYS A 118 -5.59 -0.84 31.92
C LYS A 118 -5.49 -2.17 31.17
N PHE A 119 -4.90 -2.15 29.99
CA PHE A 119 -4.65 -3.39 29.28
C PHE A 119 -3.19 -3.68 29.09
N THR A 120 -2.97 -4.83 28.53
CA THR A 120 -1.71 -5.24 28.04
C THR A 120 -1.84 -5.54 26.59
N LEU A 121 -1.10 -4.83 25.79
CA LEU A 121 -1.29 -4.93 24.40
C LEU A 121 -0.45 -6.04 23.84
N VAL A 122 -1.00 -6.78 22.91
CA VAL A 122 -0.25 -7.83 22.29
C VAL A 122 0.50 -7.24 21.11
N SER A 123 1.59 -7.88 20.74
CA SER A 123 2.36 -7.44 19.61
C SER A 123 1.89 -8.12 18.35
N ALA A 124 2.14 -7.41 17.26
CA ALA A 124 1.79 -7.86 15.92
C ALA A 124 2.70 -9.00 15.51
N GLN A 125 3.86 -9.05 16.17
CA GLN A 125 4.80 -10.16 16.04
C GLN A 125 4.06 -11.47 16.36
N GLN A 126 3.07 -11.34 17.21
CA GLN A 126 2.18 -12.44 17.53
C GLN A 126 0.92 -12.35 16.68
N LEU A 127 0.28 -11.20 16.80
CA LEU A 127 -1.13 -11.01 16.44
C LEU A 127 -1.41 -10.99 14.96
N SER A 128 -0.76 -10.07 14.27
CA SER A 128 -0.88 -9.94 12.84
C SER A 128 -0.52 -11.26 12.19
N MET A 129 0.46 -11.87 12.84
CA MET A 129 0.96 -13.19 12.53
C MET A 129 -0.11 -14.23 12.74
N ALA A 130 -0.61 -14.28 13.97
CA ALA A 130 -1.69 -15.16 14.37
C ALA A 130 -2.79 -15.19 13.34
N LYS A 131 -3.12 -14.03 12.79
CA LYS A 131 -4.10 -13.98 11.73
C LYS A 131 -3.72 -14.95 10.64
N GLN A 132 -2.54 -14.74 10.13
CA GLN A 132 -1.98 -15.57 9.07
C GLN A 132 -1.83 -17.01 9.53
N GLN A 133 -1.33 -17.15 10.77
CA GLN A 133 -1.07 -18.45 11.37
C GLN A 133 -2.32 -19.26 11.37
N LEU A 134 -3.39 -18.57 11.57
CA LEU A 134 -4.67 -19.19 11.63
C LEU A 134 -5.29 -19.24 10.25
N GLY A 135 -4.93 -18.26 9.42
CA GLY A 135 -5.48 -18.22 8.09
C GLY A 135 -5.43 -16.87 7.45
N LEU A 136 -5.98 -15.96 8.18
CA LEU A 136 -6.28 -14.63 7.77
C LEU A 136 -5.10 -13.76 7.39
N SER A 137 -5.47 -12.52 7.22
CA SER A 137 -4.58 -11.44 7.00
C SER A 137 -4.59 -10.57 8.24
N PRO A 138 -3.49 -9.89 8.54
CA PRO A 138 -3.35 -9.07 9.75
C PRO A 138 -4.31 -7.87 9.73
N GLN A 139 -5.06 -7.78 8.65
CA GLN A 139 -5.96 -6.66 8.39
C GLN A 139 -7.38 -7.17 8.34
N ASP A 140 -7.48 -8.42 7.89
CA ASP A 140 -8.74 -9.13 7.78
C ASP A 140 -9.34 -9.24 9.15
N SER A 141 -8.40 -9.23 10.10
CA SER A 141 -8.70 -9.36 11.48
C SER A 141 -9.07 -10.77 11.77
N LEU A 142 -9.54 -10.94 12.97
CA LEU A 142 -9.93 -12.23 13.45
C LEU A 142 -11.10 -12.69 12.63
N GLY A 143 -11.94 -11.71 12.32
CA GLY A 143 -13.10 -11.91 11.50
C GLY A 143 -14.15 -12.86 12.08
N THR A 144 -13.80 -13.58 13.12
CA THR A 144 -14.69 -14.58 13.69
C THR A 144 -14.33 -14.80 15.14
N ARG A 145 -15.31 -14.80 16.03
CA ARG A 145 -15.06 -14.90 17.47
C ARG A 145 -14.06 -15.98 17.77
N SER A 146 -14.27 -17.15 17.24
CA SER A 146 -13.43 -18.27 17.53
C SER A 146 -12.04 -18.12 16.89
N LYS A 147 -12.01 -17.38 15.78
CA LYS A 147 -10.77 -17.08 15.07
C LYS A 147 -9.99 -16.07 15.88
N ALA A 148 -10.78 -15.25 16.55
CA ALA A 148 -10.32 -14.25 17.48
C ALA A 148 -9.77 -14.91 18.69
N ILE A 149 -10.51 -15.89 19.12
CA ILE A 149 -10.19 -16.65 20.27
C ILE A 149 -8.97 -17.51 20.01
N GLY A 150 -8.96 -18.11 18.83
CA GLY A 150 -7.80 -18.83 18.36
C GLY A 150 -6.57 -17.96 18.44
N ILE A 151 -6.67 -16.79 17.83
CA ILE A 151 -5.57 -15.85 17.78
C ILE A 151 -5.23 -15.29 19.12
N ALA A 152 -6.21 -14.85 19.86
CA ALA A 152 -5.97 -14.28 21.18
C ALA A 152 -5.22 -15.26 22.06
N ARG A 153 -5.55 -16.53 21.96
CA ARG A 153 -4.89 -17.55 22.75
C ARG A 153 -3.59 -17.98 22.09
N ASN A 154 -3.52 -17.73 20.79
CA ASN A 154 -2.32 -17.99 19.99
C ASN A 154 -1.39 -16.83 20.19
N VAL A 155 -1.96 -15.81 20.80
CA VAL A 155 -1.30 -14.56 20.98
C VAL A 155 -0.93 -14.34 22.46
N GLY A 156 -1.72 -14.92 23.35
CA GLY A 156 -1.46 -14.75 24.76
C GLY A 156 -2.34 -13.70 25.40
N ALA A 157 -3.57 -13.61 24.93
CA ALA A 157 -4.44 -12.51 25.30
C ALA A 157 -5.61 -12.95 26.21
N HIS A 158 -6.13 -11.99 26.98
CA HIS A 158 -7.25 -12.18 27.88
C HIS A 158 -8.55 -11.81 27.19
N TYR A 159 -8.43 -10.86 26.26
CA TYR A 159 -9.59 -10.28 25.59
C TYR A 159 -9.35 -10.15 24.09
N VAL A 160 -10.34 -9.59 23.42
CA VAL A 160 -10.19 -9.12 22.06
C VAL A 160 -10.84 -7.76 21.94
N LEU A 161 -10.22 -6.86 21.21
CA LEU A 161 -10.89 -5.65 20.85
C LEU A 161 -11.19 -5.65 19.36
N TYR A 162 -12.41 -6.01 19.04
CA TYR A 162 -12.86 -6.10 17.67
C TYR A 162 -13.14 -4.73 17.14
N SER A 163 -12.34 -4.31 16.22
CA SER A 163 -12.46 -2.99 15.69
C SER A 163 -12.63 -3.05 14.20
N SER A 164 -13.14 -1.97 13.69
CA SER A 164 -13.44 -1.85 12.30
C SER A 164 -13.67 -0.44 11.93
N ALA A 165 -13.78 -0.25 10.67
CA ALA A 165 -14.04 1.04 10.14
C ALA A 165 -15.13 0.92 9.13
N SER A 166 -16.08 1.81 9.19
CA SER A 166 -17.17 1.78 8.26
C SER A 166 -17.57 3.20 7.93
N GLY A 167 -18.60 3.35 7.14
CA GLY A 167 -19.12 4.67 6.92
C GLY A 167 -18.56 5.28 5.68
N ASN A 168 -17.40 5.84 5.86
CA ASN A 168 -16.65 6.42 4.78
C ASN A 168 -15.20 6.19 5.04
N VAL A 169 -14.54 5.62 4.07
CA VAL A 169 -13.19 5.14 4.23
C VAL A 169 -12.20 6.25 4.56
N ASN A 170 -12.28 7.38 3.87
CA ASN A 170 -11.31 8.45 4.11
C ASN A 170 -11.42 8.94 5.53
N ALA A 171 -12.61 8.80 6.07
CA ALA A 171 -12.90 9.19 7.43
C ALA A 171 -14.06 8.36 7.93
N PRO A 172 -13.74 7.20 8.47
CA PRO A 172 -14.68 6.15 8.83
C PRO A 172 -15.20 6.21 10.23
N THR A 173 -16.21 5.42 10.46
CA THR A 173 -16.67 5.11 11.77
C THR A 173 -15.82 3.97 12.27
N LEU A 174 -15.11 4.17 13.33
CA LEU A 174 -14.37 3.09 13.88
C LEU A 174 -15.26 2.31 14.77
N GLN A 175 -15.76 1.26 14.24
CA GLN A 175 -16.69 0.45 14.94
C GLN A 175 -15.94 -0.61 15.74
N MET A 176 -15.96 -0.44 17.03
CA MET A 176 -15.19 -1.31 17.92
C MET A 176 -16.09 -2.17 18.77
N GLN A 177 -15.50 -3.20 19.37
CA GLN A 177 -16.27 -4.27 19.98
C GLN A 177 -15.37 -5.21 20.76
N LEU A 178 -15.55 -5.29 22.04
CA LEU A 178 -14.62 -6.00 22.90
C LEU A 178 -15.18 -7.38 23.19
N MET A 179 -14.60 -8.36 22.51
CA MET A 179 -14.97 -9.74 22.72
C MET A 179 -14.08 -10.35 23.77
N LEU A 180 -14.66 -10.84 24.82
CA LEU A 180 -13.93 -11.69 25.72
C LEU A 180 -13.46 -12.89 24.91
N VAL A 181 -12.18 -13.21 24.93
CA VAL A 181 -11.71 -14.38 24.18
C VAL A 181 -11.98 -15.67 24.96
N GLN A 182 -11.86 -15.56 26.27
CA GLN A 182 -12.03 -16.69 27.17
C GLN A 182 -13.47 -17.22 27.13
N THR A 183 -14.39 -16.45 26.55
CA THR A 183 -15.77 -16.87 26.42
C THR A 183 -16.26 -16.66 25.00
N GLY A 184 -15.72 -15.64 24.38
CA GLY A 184 -16.09 -15.29 23.04
C GLY A 184 -17.35 -14.47 22.98
N GLU A 185 -17.59 -13.72 24.05
CA GLU A 185 -18.77 -12.88 24.13
C GLU A 185 -18.39 -11.43 23.99
N ILE A 186 -19.29 -10.62 23.49
CA ILE A 186 -19.05 -9.20 23.41
C ILE A 186 -19.44 -8.53 24.71
N ILE A 187 -18.47 -7.89 25.31
CA ILE A 187 -18.63 -7.29 26.63
C ILE A 187 -18.67 -5.77 26.53
N TRP A 188 -17.97 -5.27 25.53
CA TRP A 188 -18.00 -3.84 25.20
C TRP A 188 -18.11 -3.67 23.71
N SER A 189 -18.68 -2.57 23.29
CA SER A 189 -18.53 -2.15 21.90
C SER A 189 -18.65 -0.65 21.72
N GLY A 190 -18.22 -0.17 20.56
CA GLY A 190 -18.25 1.23 20.27
C GLY A 190 -18.20 1.48 18.80
N LYS A 191 -18.11 2.73 18.48
CA LYS A 191 -17.74 3.22 17.19
C LYS A 191 -17.23 4.60 17.41
N GLY A 192 -16.39 5.01 16.53
CA GLY A 192 -15.94 6.35 16.59
C GLY A 192 -15.41 6.81 15.28
N ALA A 193 -15.93 7.91 14.81
CA ALA A 193 -15.58 8.38 13.49
C ALA A 193 -14.18 8.95 13.47
N VAL A 194 -13.31 8.25 12.77
CA VAL A 194 -11.92 8.57 12.74
C VAL A 194 -11.61 9.49 11.58
N SER A 195 -10.51 10.15 11.76
CA SER A 195 -10.05 11.17 10.88
C SER A 195 -9.02 10.59 9.97
N GLN A 196 -8.60 11.32 9.00
CA GLN A 196 -7.46 10.89 8.22
C GLN A 196 -6.23 11.66 8.66
N GLN A 197 -5.15 10.95 8.88
CA GLN A 197 -3.90 11.57 9.24
C GLN A 197 -3.15 12.04 8.00
N GLY A 1 78.60 79.51 19.39
CA GLY A 1 79.44 78.30 19.17
C GLY A 1 80.29 77.97 20.38
N SER A 2 79.65 77.59 21.47
CA SER A 2 80.37 77.21 22.69
C SER A 2 79.44 76.40 23.59
N HIS A 3 79.89 75.20 23.96
CA HIS A 3 79.13 74.29 24.83
C HIS A 3 77.91 73.72 24.12
N MET A 4 77.84 72.39 24.05
CA MET A 4 76.74 71.70 23.39
C MET A 4 76.69 72.09 21.91
N VAL A 5 77.85 72.00 21.28
CA VAL A 5 77.98 72.30 19.86
C VAL A 5 78.66 71.15 19.14
N GLY A 6 79.63 70.54 19.80
CA GLY A 6 80.34 69.42 19.21
C GLY A 6 79.60 68.11 19.40
N GLN A 7 78.78 68.06 20.44
CA GLN A 7 77.98 66.87 20.71
C GLN A 7 76.64 66.94 19.97
N ARG A 8 75.57 66.39 20.60
CA ARG A 8 74.23 66.35 19.99
C ARG A 8 74.20 65.35 18.86
N GLU A 9 73.02 65.20 18.27
CA GLU A 9 72.87 64.40 17.07
C GLU A 9 72.72 65.32 15.86
N PRO A 10 73.84 65.69 15.21
CA PRO A 10 73.82 66.61 14.07
C PRO A 10 73.27 65.96 12.82
N ALA A 11 72.25 66.57 12.25
CA ALA A 11 71.69 66.12 10.99
C ALA A 11 72.02 67.13 9.90
N PRO A 12 73.05 66.87 9.08
CA PRO A 12 73.48 67.80 8.05
C PRO A 12 72.41 68.00 6.98
N VAL A 13 72.16 69.26 6.68
CA VAL A 13 71.14 69.62 5.70
C VAL A 13 71.63 70.75 4.83
N GLU A 14 71.06 70.85 3.65
CA GLU A 14 71.38 71.92 2.71
C GLU A 14 70.11 72.42 2.05
N GLU A 15 69.54 71.61 1.18
CA GLU A 15 68.31 71.97 0.52
C GLU A 15 67.12 71.38 1.25
N VAL A 16 66.59 72.14 2.20
CA VAL A 16 65.43 71.73 2.95
C VAL A 16 64.18 71.93 2.12
N LYS A 17 63.52 70.84 1.77
CA LYS A 17 62.34 70.91 0.94
C LYS A 17 61.14 70.32 1.67
N PRO A 18 59.98 70.98 1.60
CA PRO A 18 58.74 70.39 2.09
C PRO A 18 58.35 69.18 1.26
N ALA A 19 57.85 68.14 1.91
CA ALA A 19 57.45 66.94 1.21
C ALA A 19 56.06 66.50 1.62
N PRO A 20 55.01 67.23 1.15
CA PRO A 20 53.62 66.89 1.45
C PRO A 20 53.27 65.50 0.93
N GLU A 21 53.59 65.25 -0.34
CA GLU A 21 53.30 63.98 -1.01
C GLU A 21 51.79 63.78 -1.19
N GLN A 22 51.40 63.41 -2.39
CA GLN A 22 49.99 63.25 -2.70
C GLN A 22 49.73 61.87 -3.33
N PRO A 23 49.67 60.81 -2.50
CA PRO A 23 49.44 59.44 -2.96
C PRO A 23 48.06 59.26 -3.59
N ALA A 24 48.00 58.43 -4.62
CA ALA A 24 46.76 58.15 -5.31
C ALA A 24 46.51 56.66 -5.38
N GLU A 25 45.97 56.14 -4.30
CA GLU A 25 45.68 54.71 -4.17
C GLU A 25 44.18 54.49 -4.14
N PRO A 26 43.54 54.36 -5.31
CA PRO A 26 42.09 54.23 -5.40
C PRO A 26 41.60 52.86 -4.98
N GLN A 27 40.35 52.80 -4.56
CA GLN A 27 39.78 51.55 -4.07
C GLN A 27 39.10 50.79 -5.20
N GLN A 28 39.26 49.47 -5.18
CA GLN A 28 38.61 48.60 -6.14
C GLN A 28 38.18 47.32 -5.47
N PRO A 29 36.90 46.96 -5.57
CA PRO A 29 36.36 45.72 -4.98
C PRO A 29 36.75 44.49 -5.80
N VAL A 30 35.96 43.43 -5.70
CA VAL A 30 36.22 42.23 -6.47
C VAL A 30 36.16 42.50 -7.98
N PRO A 31 37.20 42.11 -8.71
CA PRO A 31 37.25 42.26 -10.17
C PRO A 31 36.38 41.21 -10.87
N THR A 32 35.91 40.24 -10.11
CA THR A 32 35.07 39.19 -10.64
C THR A 32 33.60 39.52 -10.44
N VAL A 33 32.78 39.16 -11.42
CA VAL A 33 31.36 39.45 -11.41
C VAL A 33 30.56 38.20 -11.77
N PRO A 34 29.70 37.72 -10.87
CA PRO A 34 28.84 36.57 -11.14
C PRO A 34 27.82 36.85 -12.24
N SER A 35 27.42 35.78 -12.92
CA SER A 35 26.53 35.82 -14.09
C SER A 35 26.91 36.90 -15.10
N VAL A 36 27.58 36.50 -16.14
CA VAL A 36 28.04 37.42 -17.18
C VAL A 36 27.61 36.97 -18.58
N PRO A 37 27.87 35.70 -18.98
CA PRO A 37 27.50 35.22 -20.32
C PRO A 37 26.00 35.00 -20.47
N THR A 38 25.60 34.20 -21.44
CA THR A 38 24.20 33.92 -21.69
C THR A 38 23.54 33.33 -20.46
N ILE A 39 22.39 33.88 -20.08
CA ILE A 39 21.66 33.43 -18.91
C ILE A 39 21.00 32.10 -19.19
N PRO A 40 21.45 31.03 -18.53
CA PRO A 40 21.00 29.67 -18.81
C PRO A 40 19.64 29.35 -18.18
N GLN A 41 18.58 29.82 -18.81
CA GLN A 41 17.22 29.51 -18.41
C GLN A 41 16.32 29.40 -19.63
N GLN A 42 15.52 28.35 -19.68
CA GLN A 42 14.61 28.14 -20.80
C GLN A 42 13.23 27.73 -20.31
N PRO A 43 12.42 28.71 -19.88
CA PRO A 43 11.03 28.46 -19.48
C PRO A 43 10.17 28.10 -20.69
N GLY A 44 9.18 27.25 -20.47
CA GLY A 44 8.29 26.85 -21.54
C GLY A 44 7.21 25.92 -21.04
N PRO A 45 6.39 25.37 -21.94
CA PRO A 45 5.36 24.40 -21.58
C PRO A 45 5.96 23.08 -21.13
N ILE A 46 5.49 22.57 -20.01
CA ILE A 46 5.96 21.31 -19.50
C ILE A 46 5.16 20.16 -20.11
N GLU A 47 3.86 20.16 -19.83
CA GLU A 47 2.94 19.13 -20.30
C GLU A 47 3.45 17.74 -19.92
N HIS A 48 3.35 17.43 -18.64
CA HIS A 48 3.83 16.15 -18.14
C HIS A 48 2.91 15.01 -18.57
N GLU A 49 3.41 13.80 -18.44
CA GLU A 49 2.65 12.63 -18.80
C GLU A 49 2.28 11.82 -17.56
N ASP A 50 1.54 10.75 -17.75
CA ASP A 50 1.16 9.88 -16.64
C ASP A 50 1.70 8.47 -16.87
N GLN A 51 2.96 8.41 -17.27
CA GLN A 51 3.61 7.15 -17.57
C GLN A 51 4.07 6.45 -16.28
N THR A 52 3.15 6.30 -15.35
CA THR A 52 3.47 5.69 -14.07
C THR A 52 2.85 4.31 -13.95
N ALA A 53 3.56 3.42 -13.28
CA ALA A 53 3.10 2.06 -13.09
C ALA A 53 3.40 1.59 -11.67
N PRO A 54 2.73 2.20 -10.67
CA PRO A 54 2.97 1.87 -9.27
C PRO A 54 2.59 0.44 -8.94
N PRO A 55 3.49 -0.31 -8.28
CA PRO A 55 3.20 -1.67 -7.79
C PRO A 55 2.25 -1.62 -6.59
N ALA A 56 2.36 -2.60 -5.70
CA ALA A 56 1.56 -2.61 -4.47
C ALA A 56 1.77 -1.30 -3.71
N PRO A 57 0.77 -0.41 -3.71
CA PRO A 57 0.88 0.93 -3.14
C PRO A 57 0.86 0.94 -1.63
N HIS A 58 0.89 2.14 -1.11
CA HIS A 58 0.85 2.34 0.32
C HIS A 58 -0.38 3.13 0.70
N ILE A 59 -1.01 2.74 1.78
CA ILE A 59 -2.23 3.34 2.23
C ILE A 59 -1.98 4.55 3.11
N ARG A 60 -3.05 5.24 3.39
CA ARG A 60 -3.08 6.40 4.24
C ARG A 60 -2.89 6.04 5.70
N HIS A 61 -3.37 6.96 6.49
CA HIS A 61 -3.36 6.88 7.93
C HIS A 61 -4.42 7.78 8.42
N TYR A 62 -5.01 7.40 9.50
CA TYR A 62 -6.11 8.13 10.02
C TYR A 62 -5.85 8.50 11.44
N ASP A 63 -6.53 9.52 11.94
CA ASP A 63 -6.45 9.81 13.34
C ASP A 63 -7.38 8.87 14.07
N TRP A 64 -6.96 7.64 14.01
CA TRP A 64 -7.56 6.52 14.70
C TRP A 64 -7.62 6.74 16.20
N ASN A 65 -6.54 7.28 16.70
CA ASN A 65 -6.39 7.66 18.10
C ASN A 65 -7.56 8.52 18.58
N GLY A 66 -8.13 9.28 17.67
CA GLY A 66 -9.24 10.16 18.01
C GLY A 66 -10.52 9.38 18.18
N ALA A 67 -10.47 8.17 17.68
CA ALA A 67 -11.59 7.28 17.66
C ALA A 67 -11.49 6.25 18.78
N MET A 68 -10.35 5.57 18.78
CA MET A 68 -10.06 4.50 19.72
C MET A 68 -10.00 4.97 21.16
N GLN A 69 -9.10 5.90 21.42
CA GLN A 69 -8.83 6.42 22.76
C GLN A 69 -10.06 6.62 23.61
N PRO A 70 -11.06 7.39 23.15
CA PRO A 70 -12.25 7.67 23.94
C PRO A 70 -13.04 6.40 24.16
N MET A 71 -12.95 5.50 23.21
CA MET A 71 -13.68 4.25 23.25
C MET A 71 -12.98 3.22 24.11
N VAL A 72 -11.65 3.20 23.97
CA VAL A 72 -10.79 2.40 24.83
C VAL A 72 -11.03 2.81 26.25
N SER A 73 -11.21 4.10 26.40
CA SER A 73 -11.57 4.68 27.68
C SER A 73 -12.94 4.14 28.15
N LYS A 74 -13.85 3.88 27.20
CA LYS A 74 -15.19 3.35 27.51
C LYS A 74 -15.13 1.83 27.69
N MET A 75 -14.21 1.21 26.96
CA MET A 75 -14.13 -0.22 26.88
C MET A 75 -13.72 -0.83 28.19
N LEU A 76 -12.97 -0.08 28.97
CA LEU A 76 -12.51 -0.56 30.25
C LEU A 76 -13.47 -0.13 31.36
N GLY A 77 -14.45 0.62 30.94
CA GLY A 77 -15.57 0.96 31.78
C GLY A 77 -16.76 0.17 31.33
N ALA A 78 -16.48 -0.89 30.57
CA ALA A 78 -17.50 -1.77 30.05
C ALA A 78 -17.76 -2.87 31.03
N ASP A 79 -18.87 -3.55 30.83
CA ASP A 79 -19.22 -4.68 31.66
C ASP A 79 -18.72 -5.92 31.03
N GLY A 80 -17.68 -6.46 31.60
CA GLY A 80 -17.11 -7.65 31.08
C GLY A 80 -15.62 -7.55 31.08
N VAL A 81 -15.14 -6.32 31.06
CA VAL A 81 -13.72 -6.06 30.96
C VAL A 81 -13.13 -5.74 32.32
N THR A 82 -11.87 -6.01 32.45
CA THR A 82 -11.15 -5.74 33.66
C THR A 82 -9.81 -5.09 33.32
N ALA A 83 -9.45 -4.11 34.12
CA ALA A 83 -8.11 -3.56 34.11
C ALA A 83 -7.07 -4.64 34.42
N GLY A 84 -5.92 -4.56 33.79
CA GLY A 84 -4.86 -5.49 34.05
C GLY A 84 -4.86 -6.70 33.14
N SER A 85 -5.81 -6.75 32.21
CA SER A 85 -5.92 -7.89 31.32
C SER A 85 -5.03 -7.71 30.13
N VAL A 86 -4.62 -8.82 29.54
CA VAL A 86 -4.01 -8.77 28.25
C VAL A 86 -5.09 -8.70 27.18
N LEU A 87 -5.10 -7.62 26.47
CA LEU A 87 -6.15 -7.32 25.52
C LEU A 87 -5.63 -7.57 24.11
N LEU A 88 -6.17 -8.62 23.49
CA LEU A 88 -5.82 -8.96 22.13
C LEU A 88 -6.43 -7.96 21.21
N VAL A 89 -5.61 -7.03 20.77
CA VAL A 89 -6.06 -6.01 19.86
C VAL A 89 -6.26 -6.62 18.50
N ASP A 90 -7.50 -6.70 18.10
CA ASP A 90 -7.87 -7.22 16.81
C ASP A 90 -7.58 -6.18 15.79
N SER A 91 -7.33 -6.64 14.59
CA SER A 91 -7.18 -5.75 13.48
C SER A 91 -8.47 -5.02 13.31
N VAL A 92 -8.35 -3.77 13.07
CA VAL A 92 -9.43 -3.00 12.64
C VAL A 92 -9.87 -3.53 11.29
N ASN A 93 -11.15 -3.60 11.13
CA ASN A 93 -11.70 -3.96 9.86
C ASN A 93 -11.80 -2.74 8.99
N ASN A 94 -11.95 -2.99 7.73
CA ASN A 94 -12.16 -1.97 6.75
C ASN A 94 -13.44 -2.29 6.00
N ARG A 95 -14.54 -1.86 6.57
CA ARG A 95 -15.88 -2.18 6.11
C ARG A 95 -16.50 -0.95 5.49
N THR A 96 -15.71 0.10 5.56
CA THR A 96 -16.08 1.44 5.11
C THR A 96 -16.62 1.51 3.70
N ASN A 97 -16.78 2.74 3.27
CA ASN A 97 -17.16 3.05 1.91
C ASN A 97 -15.99 2.77 0.94
N GLY A 98 -14.82 2.50 1.51
CA GLY A 98 -13.65 2.27 0.69
C GLY A 98 -12.64 1.35 1.35
N SER A 99 -11.36 1.61 1.09
CA SER A 99 -10.29 0.78 1.60
C SER A 99 -9.31 1.57 2.45
N LEU A 100 -9.02 1.06 3.64
CA LEU A 100 -8.16 1.72 4.57
C LEU A 100 -7.18 0.76 5.17
N ASN A 101 -6.10 1.32 5.63
CA ASN A 101 -5.06 0.58 6.31
C ASN A 101 -5.49 0.39 7.73
N ALA A 102 -6.32 -0.58 7.89
CA ALA A 102 -6.85 -0.90 9.19
C ALA A 102 -5.75 -1.45 10.07
N ALA A 103 -4.63 -1.82 9.47
CA ALA A 103 -3.53 -2.38 10.22
C ALA A 103 -2.76 -1.25 10.86
N GLU A 104 -2.74 -0.13 10.16
CA GLU A 104 -2.21 1.09 10.66
C GLU A 104 -3.06 1.57 11.82
N ALA A 105 -4.33 1.25 11.68
CA ALA A 105 -5.34 1.55 12.65
C ALA A 105 -5.18 0.64 13.82
N THR A 106 -4.99 -0.61 13.52
CA THR A 106 -4.82 -1.62 14.51
C THR A 106 -3.57 -1.36 15.33
N GLU A 107 -2.57 -0.76 14.70
CA GLU A 107 -1.41 -0.34 15.45
C GLU A 107 -1.84 0.79 16.39
N THR A 108 -2.64 1.72 15.84
CA THR A 108 -3.16 2.83 16.62
C THR A 108 -4.07 2.32 17.73
N LEU A 109 -4.73 1.22 17.47
CA LEU A 109 -5.48 0.51 18.49
C LEU A 109 -4.59 0.25 19.66
N ARG A 110 -3.64 -0.62 19.46
CA ARG A 110 -2.61 -0.93 20.44
C ARG A 110 -2.13 0.33 21.15
N ASN A 111 -2.05 1.40 20.39
CA ASN A 111 -1.55 2.68 20.85
C ASN A 111 -2.52 3.38 21.76
N ALA A 112 -3.77 3.40 21.35
CA ALA A 112 -4.80 4.05 22.12
C ALA A 112 -5.10 3.19 23.34
N LEU A 113 -4.93 1.90 23.12
CA LEU A 113 -4.99 0.89 24.15
C LEU A 113 -3.88 1.12 25.16
N ALA A 114 -2.73 1.57 24.63
CA ALA A 114 -1.51 1.74 25.43
C ALA A 114 -1.62 2.95 26.32
N ASN A 115 -2.21 4.01 25.79
CA ASN A 115 -2.31 5.25 26.52
C ASN A 115 -3.13 5.06 27.78
N ASN A 116 -4.09 4.15 27.72
CA ASN A 116 -4.96 3.86 28.85
C ASN A 116 -4.24 3.02 29.90
N GLY A 117 -3.18 2.34 29.46
CA GLY A 117 -2.18 1.80 30.37
C GLY A 117 -2.68 0.79 31.37
N LYS A 118 -3.89 0.32 31.20
CA LYS A 118 -4.45 -0.67 32.12
C LYS A 118 -4.54 -2.04 31.47
N PHE A 119 -4.60 -2.06 30.15
CA PHE A 119 -4.52 -3.31 29.43
C PHE A 119 -3.10 -3.69 29.14
N THR A 120 -2.98 -4.90 28.68
CA THR A 120 -1.76 -5.38 28.17
C THR A 120 -1.98 -5.80 26.75
N LEU A 121 -1.49 -4.97 25.87
CA LEU A 121 -1.84 -5.10 24.50
C LEU A 121 -0.81 -5.84 23.72
N VAL A 122 -1.29 -6.79 22.98
CA VAL A 122 -0.47 -7.54 22.07
C VAL A 122 -0.18 -6.66 20.86
N SER A 123 0.95 -6.84 20.21
CA SER A 123 1.22 -6.08 19.02
C SER A 123 0.95 -6.92 17.80
N ALA A 124 1.29 -6.39 16.65
CA ALA A 124 1.21 -7.13 15.40
C ALA A 124 2.17 -8.30 15.50
N GLN A 125 3.17 -8.10 16.34
CA GLN A 125 4.21 -9.07 16.59
C GLN A 125 3.62 -10.42 16.95
N GLN A 126 2.55 -10.41 17.73
CA GLN A 126 1.80 -11.62 18.00
C GLN A 126 0.58 -11.70 17.12
N LEU A 127 -0.18 -10.61 17.13
CA LEU A 127 -1.53 -10.52 16.57
C LEU A 127 -1.55 -10.72 15.07
N SER A 128 -0.88 -9.81 14.36
CA SER A 128 -0.82 -9.82 12.91
C SER A 128 -0.39 -11.20 12.44
N MET A 129 0.52 -11.69 13.22
CA MET A 129 1.14 -12.98 13.06
C MET A 129 0.12 -14.07 13.21
N ALA A 130 -0.47 -14.14 14.39
CA ALA A 130 -1.55 -15.05 14.69
C ALA A 130 -2.57 -15.12 13.59
N LYS A 131 -2.95 -13.96 13.05
CA LYS A 131 -3.85 -13.92 11.92
C LYS A 131 -3.35 -14.86 10.86
N GLN A 132 -2.16 -14.58 10.39
CA GLN A 132 -1.52 -15.38 9.35
C GLN A 132 -1.37 -16.83 9.80
N GLN A 133 -0.95 -16.98 11.06
CA GLN A 133 -0.73 -18.29 11.66
C GLN A 133 -1.98 -19.11 11.57
N LEU A 134 -3.06 -18.42 11.71
CA LEU A 134 -4.35 -19.05 11.73
C LEU A 134 -4.90 -19.11 10.32
N GLY A 135 -4.53 -18.12 9.53
CA GLY A 135 -5.02 -18.07 8.16
C GLY A 135 -5.05 -16.69 7.60
N LEU A 136 -5.54 -15.82 8.42
CA LEU A 136 -5.89 -14.48 8.09
C LEU A 136 -4.73 -13.57 7.76
N SER A 137 -5.13 -12.33 7.66
CA SER A 137 -4.28 -11.22 7.46
C SER A 137 -4.39 -10.34 8.68
N PRO A 138 -3.32 -9.63 9.03
CA PRO A 138 -3.34 -8.70 10.15
C PRO A 138 -4.30 -7.54 9.94
N GLN A 139 -4.98 -7.57 8.79
CA GLN A 139 -5.91 -6.53 8.38
C GLN A 139 -7.30 -7.08 8.25
N ASP A 140 -7.35 -8.39 8.07
CA ASP A 140 -8.58 -9.08 7.74
C ASP A 140 -9.47 -9.08 8.94
N SER A 141 -8.81 -8.87 10.07
CA SER A 141 -9.43 -8.95 11.35
C SER A 141 -9.71 -10.38 11.68
N LEU A 142 -10.07 -10.64 12.89
CA LEU A 142 -10.27 -12.01 13.32
C LEU A 142 -11.42 -12.57 12.51
N GLY A 143 -12.40 -11.70 12.32
CA GLY A 143 -13.55 -12.01 11.50
C GLY A 143 -14.49 -13.02 12.11
N THR A 144 -14.06 -13.69 13.16
CA THR A 144 -14.86 -14.72 13.78
C THR A 144 -14.41 -14.89 15.21
N ARG A 145 -15.34 -14.86 16.15
CA ARG A 145 -14.99 -14.98 17.56
C ARG A 145 -13.97 -16.08 17.79
N SER A 146 -14.19 -17.23 17.19
CA SER A 146 -13.33 -18.37 17.42
C SER A 146 -11.96 -18.18 16.76
N LYS A 147 -11.94 -17.35 15.71
CA LYS A 147 -10.72 -17.00 15.01
C LYS A 147 -9.96 -16.02 15.86
N ALA A 148 -10.75 -15.23 16.57
CA ALA A 148 -10.29 -14.24 17.50
C ALA A 148 -9.74 -14.90 18.72
N ILE A 149 -10.51 -15.85 19.16
CA ILE A 149 -10.19 -16.65 20.30
C ILE A 149 -9.00 -17.52 20.00
N GLY A 150 -9.00 -18.07 18.80
CA GLY A 150 -7.86 -18.77 18.30
C GLY A 150 -6.62 -17.94 18.39
N ILE A 151 -6.70 -16.74 17.84
CA ILE A 151 -5.60 -15.82 17.83
C ILE A 151 -5.24 -15.31 19.21
N ALA A 152 -6.24 -14.89 19.95
CA ALA A 152 -6.01 -14.36 21.29
C ALA A 152 -5.28 -15.36 22.17
N ARG A 153 -5.64 -16.62 22.06
CA ARG A 153 -5.01 -17.66 22.86
C ARG A 153 -3.69 -18.08 22.23
N ASN A 154 -3.59 -17.81 20.94
CA ASN A 154 -2.36 -18.06 20.17
C ASN A 154 -1.44 -16.89 20.41
N VAL A 155 -2.04 -15.87 20.98
CA VAL A 155 -1.38 -14.62 21.19
C VAL A 155 -1.02 -14.43 22.66
N GLY A 156 -1.81 -15.03 23.55
CA GLY A 156 -1.56 -14.89 24.97
C GLY A 156 -2.45 -13.85 25.60
N ALA A 157 -3.67 -13.76 25.13
CA ALA A 157 -4.55 -12.67 25.48
C ALA A 157 -5.74 -13.10 26.36
N HIS A 158 -6.30 -12.12 27.08
CA HIS A 158 -7.45 -12.33 27.96
C HIS A 158 -8.72 -11.91 27.26
N TYR A 159 -8.57 -10.97 26.34
CA TYR A 159 -9.69 -10.39 25.64
C TYR A 159 -9.41 -10.26 24.16
N VAL A 160 -10.33 -9.61 23.48
CA VAL A 160 -10.14 -9.15 22.12
C VAL A 160 -10.72 -7.76 21.97
N LEU A 161 -10.05 -6.90 21.25
CA LEU A 161 -10.67 -5.70 20.83
C LEU A 161 -10.94 -5.75 19.34
N TYR A 162 -12.15 -6.12 19.02
CA TYR A 162 -12.60 -6.22 17.65
C TYR A 162 -12.91 -4.85 17.14
N SER A 163 -12.15 -4.40 16.23
CA SER A 163 -12.35 -3.08 15.71
C SER A 163 -12.58 -3.13 14.22
N SER A 164 -13.11 -2.04 13.72
CA SER A 164 -13.46 -1.91 12.35
C SER A 164 -13.68 -0.49 11.99
N ALA A 165 -13.87 -0.29 10.74
CA ALA A 165 -14.15 1.00 10.24
C ALA A 165 -15.24 0.90 9.22
N SER A 166 -16.15 1.83 9.23
CA SER A 166 -17.19 1.84 8.24
C SER A 166 -17.57 3.24 7.89
N GLY A 167 -18.60 3.35 7.12
CA GLY A 167 -19.14 4.62 6.82
C GLY A 167 -18.50 5.21 5.60
N ASN A 168 -17.38 5.85 5.83
CA ASN A 168 -16.59 6.46 4.80
C ASN A 168 -15.17 6.08 5.07
N VAL A 169 -14.53 5.57 4.08
CA VAL A 169 -13.17 5.11 4.21
C VAL A 169 -12.21 6.24 4.54
N ASN A 170 -12.35 7.40 3.91
CA ASN A 170 -11.40 8.49 4.13
C ASN A 170 -11.52 8.99 5.55
N ALA A 171 -12.71 8.81 6.09
CA ALA A 171 -12.97 9.16 7.46
C ALA A 171 -14.12 8.31 7.95
N PRO A 172 -13.76 7.16 8.47
CA PRO A 172 -14.69 6.09 8.84
C PRO A 172 -15.19 6.16 10.24
N THR A 173 -16.22 5.42 10.45
CA THR A 173 -16.68 5.12 11.76
C THR A 173 -15.86 3.98 12.28
N LEU A 174 -15.12 4.21 13.33
CA LEU A 174 -14.36 3.16 13.88
C LEU A 174 -15.23 2.36 14.80
N GLN A 175 -15.70 1.30 14.29
CA GLN A 175 -16.59 0.46 15.02
C GLN A 175 -15.76 -0.56 15.80
N MET A 176 -15.71 -0.36 17.09
CA MET A 176 -14.91 -1.21 17.96
C MET A 176 -15.80 -2.12 18.79
N GLN A 177 -15.23 -3.15 19.37
CA GLN A 177 -16.01 -4.24 19.94
C GLN A 177 -15.11 -5.17 20.75
N LEU A 178 -15.36 -5.26 22.02
CA LEU A 178 -14.48 -5.98 22.91
C LEU A 178 -15.07 -7.34 23.18
N MET A 179 -14.51 -8.34 22.50
CA MET A 179 -14.92 -9.71 22.71
C MET A 179 -14.06 -10.34 23.78
N LEU A 180 -14.69 -10.82 24.82
CA LEU A 180 -14.00 -11.69 25.73
C LEU A 180 -13.51 -12.90 24.93
N VAL A 181 -12.24 -13.23 24.98
CA VAL A 181 -11.79 -14.41 24.23
C VAL A 181 -12.08 -15.69 25.01
N GLN A 182 -12.00 -15.58 26.33
CA GLN A 182 -12.23 -16.71 27.22
C GLN A 182 -13.67 -17.21 27.12
N THR A 183 -14.55 -16.43 26.49
CA THR A 183 -15.93 -16.83 26.30
C THR A 183 -16.34 -16.63 24.85
N GLY A 184 -15.81 -15.57 24.28
CA GLY A 184 -16.13 -15.22 22.93
C GLY A 184 -17.36 -14.35 22.85
N GLU A 185 -17.66 -13.67 23.94
CA GLU A 185 -18.81 -12.82 24.01
C GLU A 185 -18.40 -11.36 23.89
N ILE A 186 -19.29 -10.53 23.39
CA ILE A 186 -19.01 -9.12 23.28
C ILE A 186 -19.40 -8.42 24.56
N ILE A 187 -18.40 -7.92 25.24
CA ILE A 187 -18.56 -7.33 26.54
C ILE A 187 -18.57 -5.81 26.46
N TRP A 188 -17.87 -5.30 25.47
CA TRP A 188 -17.90 -3.88 25.14
C TRP A 188 -17.99 -3.71 23.66
N SER A 189 -18.56 -2.61 23.23
CA SER A 189 -18.39 -2.18 21.85
C SER A 189 -18.56 -0.68 21.68
N GLY A 190 -18.08 -0.18 20.55
CA GLY A 190 -18.17 1.22 20.26
C GLY A 190 -18.10 1.46 18.79
N LYS A 191 -18.14 2.71 18.44
CA LYS A 191 -17.82 3.19 17.13
C LYS A 191 -17.44 4.63 17.29
N GLY A 192 -16.56 5.06 16.44
CA GLY A 192 -16.12 6.41 16.50
C GLY A 192 -15.53 6.87 15.21
N ALA A 193 -16.01 7.97 14.72
CA ALA A 193 -15.61 8.44 13.42
C ALA A 193 -14.19 9.01 13.44
N VAL A 194 -13.32 8.31 12.73
CA VAL A 194 -11.92 8.64 12.70
C VAL A 194 -11.60 9.58 11.57
N SER A 195 -10.50 10.21 11.76
CA SER A 195 -10.02 11.26 10.91
C SER A 195 -9.01 10.72 9.97
N GLN A 196 -8.57 11.51 9.05
CA GLN A 196 -7.45 11.11 8.22
C GLN A 196 -6.17 11.81 8.66
N GLN A 197 -5.11 11.03 8.84
CA GLN A 197 -3.83 11.58 9.21
C GLN A 197 -3.04 11.97 7.97
N GLY A 1 111.81 -76.19 -55.94
CA GLY A 1 110.49 -75.76 -56.43
C GLY A 1 109.77 -76.89 -57.16
N SER A 2 108.49 -77.05 -56.87
CA SER A 2 107.70 -78.10 -57.51
C SER A 2 107.21 -77.66 -58.88
N HIS A 3 107.71 -78.33 -59.92
CA HIS A 3 107.33 -78.01 -61.29
C HIS A 3 106.56 -79.17 -61.89
N MET A 4 105.56 -78.80 -62.70
CA MET A 4 104.74 -79.74 -63.51
C MET A 4 104.39 -81.04 -62.79
N VAL A 5 104.09 -80.91 -61.51
CA VAL A 5 103.75 -82.06 -60.69
C VAL A 5 102.35 -81.91 -60.12
N GLY A 6 101.99 -80.69 -59.75
CA GLY A 6 100.67 -80.42 -59.24
C GLY A 6 100.40 -78.93 -59.19
N GLN A 7 100.32 -78.40 -57.98
CA GLN A 7 100.02 -76.99 -57.75
C GLN A 7 98.71 -76.58 -58.43
N ARG A 8 98.83 -75.92 -59.59
CA ARG A 8 97.68 -75.43 -60.35
C ARG A 8 96.74 -74.64 -59.46
N GLU A 9 97.20 -73.48 -59.03
CA GLU A 9 96.44 -72.65 -58.10
C GLU A 9 96.22 -71.26 -58.68
N PRO A 10 95.04 -71.01 -59.25
CA PRO A 10 94.71 -69.71 -59.83
C PRO A 10 94.40 -68.65 -58.78
N ALA A 11 95.47 -68.11 -58.18
CA ALA A 11 95.38 -67.05 -57.18
C ALA A 11 94.61 -67.51 -55.94
N PRO A 12 95.30 -68.15 -54.98
CA PRO A 12 94.66 -68.65 -53.76
C PRO A 12 94.13 -67.54 -52.87
N VAL A 13 93.01 -67.80 -52.21
CA VAL A 13 92.39 -66.80 -51.35
C VAL A 13 93.10 -66.69 -50.01
N GLU A 14 92.95 -65.54 -49.39
CA GLU A 14 93.48 -65.29 -48.06
C GLU A 14 92.81 -64.06 -47.45
N GLU A 15 92.94 -63.93 -46.12
CA GLU A 15 92.43 -62.79 -45.37
C GLU A 15 90.93 -62.91 -45.17
N VAL A 16 90.45 -62.38 -44.06
CA VAL A 16 89.02 -62.36 -43.77
C VAL A 16 88.32 -61.37 -44.70
N LYS A 17 87.65 -61.92 -45.70
CA LYS A 17 86.96 -61.10 -46.70
C LYS A 17 85.67 -60.54 -46.11
N PRO A 18 85.25 -59.33 -46.53
CA PRO A 18 83.99 -58.75 -46.11
C PRO A 18 82.79 -59.53 -46.67
N ALA A 19 82.35 -60.52 -45.93
CA ALA A 19 81.20 -61.32 -46.34
C ALA A 19 79.92 -60.91 -45.59
N PRO A 20 79.95 -60.85 -44.23
CA PRO A 20 78.76 -60.56 -43.43
C PRO A 20 78.42 -59.06 -43.38
N GLU A 21 78.54 -58.40 -44.53
CA GLU A 21 78.21 -56.98 -44.61
C GLU A 21 76.71 -56.79 -44.62
N GLN A 22 76.22 -55.94 -43.74
CA GLN A 22 74.80 -55.69 -43.61
C GLN A 22 74.55 -54.20 -43.45
N PRO A 23 73.59 -53.64 -44.22
CA PRO A 23 73.18 -52.24 -44.08
C PRO A 23 72.71 -51.91 -42.67
N ALA A 24 73.04 -50.71 -42.22
CA ALA A 24 72.70 -50.30 -40.86
C ALA A 24 72.19 -48.86 -40.84
N GLU A 25 70.94 -48.69 -40.42
CA GLU A 25 70.36 -47.37 -40.28
C GLU A 25 70.34 -46.97 -38.81
N PRO A 26 71.22 -46.05 -38.40
CA PRO A 26 71.32 -45.62 -36.99
C PRO A 26 70.11 -44.83 -36.50
N GLN A 27 70.35 -43.76 -35.77
CA GLN A 27 69.28 -42.91 -35.27
C GLN A 27 68.98 -41.79 -36.27
N GLN A 28 67.71 -41.50 -36.48
CA GLN A 28 67.31 -40.42 -37.37
C GLN A 28 66.07 -39.72 -36.84
N PRO A 29 65.96 -38.39 -37.02
CA PRO A 29 64.83 -37.62 -36.54
C PRO A 29 63.54 -37.97 -37.27
N VAL A 30 62.65 -38.65 -36.56
CA VAL A 30 61.35 -38.99 -37.11
C VAL A 30 60.30 -37.99 -36.61
N PRO A 31 59.27 -37.72 -37.44
CA PRO A 31 58.21 -36.76 -37.10
C PRO A 31 57.40 -37.18 -35.88
N THR A 32 57.87 -36.77 -34.71
CA THR A 32 57.18 -37.06 -33.46
C THR A 32 55.88 -36.27 -33.37
N VAL A 33 54.89 -36.84 -32.71
CA VAL A 33 53.59 -36.20 -32.57
C VAL A 33 53.58 -35.24 -31.38
N PRO A 34 53.38 -33.93 -31.65
CA PRO A 34 53.30 -32.92 -30.60
C PRO A 34 52.18 -33.14 -29.60
N SER A 35 52.29 -32.50 -28.46
CA SER A 35 51.29 -32.62 -27.41
C SER A 35 50.18 -31.59 -27.58
N VAL A 36 48.97 -32.00 -27.23
CA VAL A 36 47.82 -31.12 -27.29
C VAL A 36 47.93 -30.00 -26.24
N PRO A 37 47.78 -28.74 -26.66
CA PRO A 37 47.83 -27.58 -25.74
C PRO A 37 46.71 -27.62 -24.70
N THR A 38 46.94 -26.94 -23.59
CA THR A 38 45.96 -26.88 -22.51
C THR A 38 44.84 -25.91 -22.84
N ILE A 39 43.62 -26.32 -22.56
CA ILE A 39 42.46 -25.50 -22.83
C ILE A 39 41.91 -24.93 -21.53
N PRO A 40 42.14 -23.63 -21.27
CA PRO A 40 41.66 -22.97 -20.07
C PRO A 40 40.31 -22.28 -20.26
N GLN A 41 39.25 -23.08 -20.31
CA GLN A 41 37.91 -22.53 -20.48
C GLN A 41 37.00 -23.00 -19.35
N GLN A 42 37.20 -22.46 -18.17
CA GLN A 42 36.39 -22.83 -17.02
C GLN A 42 35.85 -21.57 -16.33
N PRO A 43 34.70 -21.07 -16.78
CA PRO A 43 34.04 -19.94 -16.14
C PRO A 43 33.42 -20.33 -14.80
N GLY A 44 33.55 -19.46 -13.81
CA GLY A 44 33.01 -19.76 -12.50
C GLY A 44 31.49 -19.83 -12.49
N PRO A 45 30.92 -20.57 -11.55
CA PRO A 45 29.47 -20.72 -11.41
C PRO A 45 28.79 -19.42 -11.00
N ILE A 46 27.77 -19.05 -11.74
CA ILE A 46 27.01 -17.83 -11.47
C ILE A 46 26.11 -18.02 -10.27
N GLU A 47 25.23 -19.01 -10.35
CA GLU A 47 24.26 -19.31 -9.29
C GLU A 47 23.39 -18.10 -9.00
N HIS A 48 22.31 -17.95 -9.76
CA HIS A 48 21.40 -16.83 -9.56
C HIS A 48 20.33 -17.19 -8.56
N GLU A 49 19.62 -16.17 -8.11
CA GLU A 49 18.55 -16.34 -7.13
C GLU A 49 17.20 -15.95 -7.75
N ASP A 50 16.13 -16.19 -7.01
CA ASP A 50 14.79 -15.83 -7.48
C ASP A 50 14.30 -14.58 -6.78
N GLN A 51 15.07 -13.53 -6.89
CA GLN A 51 14.77 -12.28 -6.20
C GLN A 51 14.04 -11.32 -7.12
N THR A 52 12.71 -11.30 -7.01
CA THR A 52 11.89 -10.42 -7.79
C THR A 52 11.56 -9.16 -7.03
N ALA A 53 11.14 -8.14 -7.76
CA ALA A 53 10.79 -6.87 -7.17
C ALA A 53 9.39 -6.43 -7.59
N PRO A 54 8.35 -7.01 -6.97
CA PRO A 54 6.96 -6.61 -7.20
C PRO A 54 6.63 -5.34 -6.44
N PRO A 55 5.75 -4.49 -6.99
CA PRO A 55 5.39 -3.23 -6.35
C PRO A 55 4.58 -3.44 -5.08
N ALA A 56 4.86 -2.64 -4.07
CA ALA A 56 4.13 -2.67 -2.82
C ALA A 56 3.98 -1.24 -2.27
N PRO A 57 2.88 -0.56 -2.61
CA PRO A 57 2.64 0.80 -2.17
C PRO A 57 2.31 0.89 -0.70
N HIS A 58 2.00 2.09 -0.27
CA HIS A 58 1.67 2.34 1.13
C HIS A 58 0.39 3.15 1.26
N ILE A 59 -0.35 2.85 2.30
CA ILE A 59 -1.63 3.47 2.56
C ILE A 59 -1.49 4.70 3.45
N ARG A 60 -2.61 5.35 3.61
CA ARG A 60 -2.77 6.50 4.46
C ARG A 60 -2.57 6.16 5.92
N HIS A 61 -3.13 7.01 6.71
CA HIS A 61 -3.16 6.92 8.14
C HIS A 61 -4.29 7.75 8.59
N TYR A 62 -4.90 7.35 9.65
CA TYR A 62 -6.03 8.05 10.14
C TYR A 62 -5.82 8.42 11.56
N ASP A 63 -6.53 9.42 12.02
CA ASP A 63 -6.52 9.72 13.43
C ASP A 63 -7.42 8.74 14.14
N TRP A 64 -6.94 7.53 14.09
CA TRP A 64 -7.51 6.40 14.77
C TRP A 64 -7.55 6.60 16.27
N ASN A 65 -6.46 7.10 16.78
CA ASN A 65 -6.30 7.46 18.18
C ASN A 65 -7.43 8.36 18.65
N GLY A 66 -7.95 9.15 17.73
CA GLY A 66 -9.03 10.06 18.03
C GLY A 66 -10.33 9.33 18.18
N ALA A 67 -10.33 8.12 17.68
CA ALA A 67 -11.48 7.27 17.64
C ALA A 67 -11.44 6.23 18.75
N MET A 68 -10.33 5.52 18.78
CA MET A 68 -10.09 4.45 19.72
C MET A 68 -10.06 4.92 21.16
N GLN A 69 -9.15 5.84 21.44
CA GLN A 69 -8.91 6.36 22.79
C GLN A 69 -10.17 6.59 23.62
N PRO A 70 -11.15 7.37 23.12
CA PRO A 70 -12.35 7.68 23.88
C PRO A 70 -13.16 6.43 24.12
N MET A 71 -13.06 5.50 23.17
CA MET A 71 -13.81 4.25 23.23
C MET A 71 -13.10 3.23 24.10
N VAL A 72 -11.78 3.21 23.96
CA VAL A 72 -10.89 2.43 24.80
C VAL A 72 -11.13 2.83 26.24
N SER A 73 -11.32 4.11 26.38
CA SER A 73 -11.68 4.68 27.66
C SER A 73 -13.04 4.13 28.15
N LYS A 74 -13.95 3.89 27.21
CA LYS A 74 -15.28 3.35 27.53
C LYS A 74 -15.22 1.83 27.70
N MET A 75 -14.30 1.22 26.96
CA MET A 75 -14.19 -0.22 26.90
C MET A 75 -13.75 -0.78 28.21
N LEU A 76 -13.08 0.01 28.99
CA LEU A 76 -12.58 -0.43 30.26
C LEU A 76 -13.53 -0.07 31.37
N GLY A 77 -14.56 0.66 30.98
CA GLY A 77 -15.68 0.92 31.84
C GLY A 77 -16.84 0.09 31.38
N ALA A 78 -16.52 -0.93 30.59
CA ALA A 78 -17.51 -1.82 30.04
C ALA A 78 -17.77 -2.95 30.99
N ASP A 79 -18.88 -3.61 30.78
CA ASP A 79 -19.23 -4.73 31.59
C ASP A 79 -18.70 -6.00 30.99
N GLY A 80 -17.66 -6.51 31.60
CA GLY A 80 -17.02 -7.69 31.11
C GLY A 80 -15.53 -7.54 31.13
N VAL A 81 -15.08 -6.29 31.13
CA VAL A 81 -13.68 -5.99 31.04
C VAL A 81 -13.09 -5.62 32.39
N THR A 82 -11.81 -5.85 32.53
CA THR A 82 -11.08 -5.50 33.71
C THR A 82 -9.76 -4.84 33.36
N ALA A 83 -9.41 -3.82 34.12
CA ALA A 83 -8.08 -3.24 34.11
C ALA A 83 -7.05 -4.30 34.51
N GLY A 84 -6.03 -4.47 33.68
CA GLY A 84 -4.97 -5.40 34.01
C GLY A 84 -5.01 -6.64 33.15
N SER A 85 -5.86 -6.63 32.14
CA SER A 85 -5.93 -7.77 31.24
C SER A 85 -5.03 -7.56 30.04
N VAL A 86 -4.57 -8.63 29.45
CA VAL A 86 -3.96 -8.54 28.15
C VAL A 86 -5.04 -8.52 27.10
N LEU A 87 -5.10 -7.43 26.38
CA LEU A 87 -6.17 -7.19 25.45
C LEU A 87 -5.68 -7.40 24.04
N LEU A 88 -6.17 -8.47 23.43
CA LEU A 88 -5.84 -8.81 22.07
C LEU A 88 -6.55 -7.85 21.14
N VAL A 89 -5.86 -6.79 20.75
CA VAL A 89 -6.42 -5.87 19.81
C VAL A 89 -6.40 -6.55 18.45
N ASP A 90 -7.59 -6.78 17.91
CA ASP A 90 -7.71 -7.38 16.59
C ASP A 90 -7.46 -6.31 15.57
N SER A 91 -7.35 -6.68 14.33
CA SER A 91 -7.29 -5.73 13.29
C SER A 91 -8.54 -4.91 13.30
N VAL A 92 -8.39 -3.72 12.89
CA VAL A 92 -9.47 -2.94 12.53
C VAL A 92 -9.94 -3.44 11.21
N ASN A 93 -11.22 -3.52 11.06
CA ASN A 93 -11.81 -3.87 9.81
C ASN A 93 -11.94 -2.65 8.95
N ASN A 94 -12.04 -2.89 7.69
CA ASN A 94 -12.24 -1.87 6.73
C ASN A 94 -13.52 -2.18 5.96
N ARG A 95 -14.61 -1.76 6.56
CA ARG A 95 -15.96 -2.08 6.11
C ARG A 95 -16.56 -0.84 5.49
N THR A 96 -15.76 0.20 5.55
CA THR A 96 -16.13 1.52 5.06
C THR A 96 -16.67 1.53 3.64
N ASN A 97 -16.89 2.74 3.19
CA ASN A 97 -17.29 2.96 1.81
C ASN A 97 -16.08 2.82 0.87
N GLY A 98 -14.91 2.58 1.45
CA GLY A 98 -13.70 2.40 0.67
C GLY A 98 -12.70 1.46 1.32
N SER A 99 -11.42 1.68 1.06
CA SER A 99 -10.36 0.83 1.57
C SER A 99 -9.34 1.60 2.42
N LEU A 100 -9.05 1.08 3.59
CA LEU A 100 -8.14 1.74 4.52
C LEU A 100 -7.16 0.76 5.12
N ASN A 101 -6.07 1.32 5.58
CA ASN A 101 -5.05 0.57 6.27
C ASN A 101 -5.49 0.39 7.69
N ALA A 102 -6.34 -0.56 7.85
CA ALA A 102 -6.86 -0.87 9.15
C ALA A 102 -5.77 -1.44 10.01
N ALA A 103 -4.68 -1.85 9.39
CA ALA A 103 -3.60 -2.46 10.12
C ALA A 103 -2.77 -1.39 10.77
N GLU A 104 -2.74 -0.24 10.12
CA GLU A 104 -2.19 0.97 10.66
C GLU A 104 -3.03 1.41 11.83
N ALA A 105 -4.30 1.16 11.68
CA ALA A 105 -5.28 1.49 12.66
C ALA A 105 -5.16 0.57 13.82
N THR A 106 -4.97 -0.68 13.50
CA THR A 106 -4.81 -1.72 14.47
C THR A 106 -3.54 -1.50 15.28
N GLU A 107 -2.53 -0.90 14.66
CA GLU A 107 -1.36 -0.51 15.42
C GLU A 107 -1.78 0.61 16.37
N THR A 108 -2.58 1.54 15.84
CA THR A 108 -3.10 2.67 16.61
C THR A 108 -4.00 2.19 17.73
N LEU A 109 -4.67 1.07 17.48
CA LEU A 109 -5.42 0.40 18.51
C LEU A 109 -4.54 0.20 19.71
N ARG A 110 -3.58 -0.69 19.55
CA ARG A 110 -2.59 -0.96 20.56
C ARG A 110 -2.11 0.32 21.22
N ASN A 111 -1.97 1.34 20.40
CA ASN A 111 -1.48 2.65 20.82
C ASN A 111 -2.45 3.36 21.73
N ALA A 112 -3.71 3.35 21.34
CA ALA A 112 -4.74 4.01 22.10
C ALA A 112 -5.02 3.19 23.34
N LEU A 113 -4.88 1.90 23.15
CA LEU A 113 -5.01 0.91 24.19
C LEU A 113 -3.89 1.09 25.23
N ALA A 114 -2.74 1.55 24.73
CA ALA A 114 -1.52 1.68 25.51
C ALA A 114 -1.60 2.84 26.49
N ASN A 115 -2.09 3.95 25.99
CA ASN A 115 -2.18 5.18 26.73
C ASN A 115 -3.14 5.03 27.89
N ASN A 116 -4.12 4.16 27.71
CA ASN A 116 -5.13 3.95 28.75
C ASN A 116 -4.64 3.00 29.83
N GLY A 117 -3.61 2.23 29.49
CA GLY A 117 -2.80 1.53 30.49
C GLY A 117 -3.55 0.57 31.39
N LYS A 118 -4.79 0.27 31.05
CA LYS A 118 -5.58 -0.70 31.81
C LYS A 118 -5.52 -2.05 31.12
N PHE A 119 -4.87 -2.09 29.97
CA PHE A 119 -4.62 -3.36 29.31
C PHE A 119 -3.16 -3.61 29.10
N THR A 120 -2.92 -4.80 28.64
CA THR A 120 -1.65 -5.21 28.17
C THR A 120 -1.78 -5.55 26.73
N LEU A 121 -1.12 -4.79 25.92
CA LEU A 121 -1.31 -4.93 24.52
C LEU A 121 -0.46 -6.06 23.99
N VAL A 122 -1.04 -6.84 23.13
CA VAL A 122 -0.29 -7.84 22.43
C VAL A 122 0.38 -7.16 21.23
N SER A 123 1.49 -7.70 20.81
CA SER A 123 2.20 -7.16 19.67
C SER A 123 1.91 -7.98 18.43
N ALA A 124 2.22 -7.37 17.30
CA ALA A 124 1.87 -7.85 15.97
C ALA A 124 2.63 -9.11 15.63
N GLN A 125 3.82 -9.16 16.18
CA GLN A 125 4.71 -10.32 16.13
C GLN A 125 3.99 -11.57 16.60
N GLN A 126 3.02 -11.34 17.47
CA GLN A 126 2.10 -12.38 17.87
C GLN A 126 0.81 -12.29 17.07
N LEU A 127 0.23 -11.08 17.08
CA LEU A 127 -1.14 -10.85 16.64
C LEU A 127 -1.32 -10.94 15.11
N SER A 128 -0.66 -10.03 14.40
CA SER A 128 -0.73 -9.97 12.92
C SER A 128 -0.41 -11.34 12.38
N MET A 129 0.53 -11.91 13.10
CA MET A 129 1.05 -13.24 12.86
C MET A 129 -0.02 -14.27 13.05
N ALA A 130 -0.57 -14.32 14.26
CA ALA A 130 -1.66 -15.21 14.62
C ALA A 130 -2.73 -15.24 13.55
N LYS A 131 -3.08 -14.08 13.03
CA LYS A 131 -4.05 -14.04 11.94
C LYS A 131 -3.61 -14.95 10.84
N GLN A 132 -2.41 -14.74 10.37
CA GLN A 132 -1.81 -15.53 9.32
C GLN A 132 -1.66 -16.99 9.74
N GLN A 133 -1.22 -17.15 11.00
CA GLN A 133 -1.02 -18.47 11.60
C GLN A 133 -2.28 -19.27 11.54
N LEU A 134 -3.36 -18.57 11.72
CA LEU A 134 -4.64 -19.19 11.75
C LEU A 134 -5.21 -19.21 10.35
N GLY A 135 -4.85 -18.21 9.56
CA GLY A 135 -5.37 -18.14 8.21
C GLY A 135 -5.27 -16.76 7.61
N LEU A 136 -5.77 -15.84 8.37
CA LEU A 136 -6.00 -14.49 7.96
C LEU A 136 -4.78 -13.66 7.67
N SER A 137 -5.10 -12.40 7.50
CA SER A 137 -4.18 -11.32 7.34
C SER A 137 -4.34 -10.39 8.52
N PRO A 138 -3.26 -9.67 8.87
CA PRO A 138 -3.27 -8.73 10.00
C PRO A 138 -4.31 -7.62 9.84
N GLN A 139 -4.98 -7.60 8.69
CA GLN A 139 -5.95 -6.56 8.36
C GLN A 139 -7.33 -7.15 8.19
N ASP A 140 -7.32 -8.39 7.72
CA ASP A 140 -8.54 -9.13 7.35
C ASP A 140 -9.43 -9.20 8.54
N SER A 141 -8.75 -9.10 9.68
CA SER A 141 -9.34 -9.18 10.97
C SER A 141 -9.77 -10.57 11.31
N LEU A 142 -9.97 -10.84 12.55
CA LEU A 142 -10.26 -12.20 12.99
C LEU A 142 -11.61 -12.55 12.41
N GLY A 143 -12.46 -11.55 12.45
CA GLY A 143 -13.79 -11.63 11.87
C GLY A 143 -14.68 -12.69 12.47
N THR A 144 -14.15 -13.48 13.39
CA THR A 144 -14.88 -14.59 13.94
C THR A 144 -14.43 -14.85 15.34
N ARG A 145 -15.33 -14.85 16.30
CA ARG A 145 -14.97 -15.04 17.71
C ARG A 145 -13.93 -16.12 17.86
N SER A 146 -14.18 -17.26 17.28
CA SER A 146 -13.31 -18.41 17.45
C SER A 146 -11.95 -18.18 16.79
N LYS A 147 -11.97 -17.37 15.73
CA LYS A 147 -10.76 -17.00 15.02
C LYS A 147 -9.97 -16.04 15.87
N ALA A 148 -10.74 -15.28 16.63
CA ALA A 148 -10.24 -14.30 17.56
C ALA A 148 -9.72 -14.96 18.79
N ILE A 149 -10.47 -15.92 19.22
CA ILE A 149 -10.17 -16.70 20.37
C ILE A 149 -8.97 -17.57 20.10
N GLY A 150 -8.96 -18.15 18.92
CA GLY A 150 -7.80 -18.88 18.47
C GLY A 150 -6.56 -18.03 18.53
N ILE A 151 -6.66 -16.83 18.00
CA ILE A 151 -5.56 -15.91 17.95
C ILE A 151 -5.21 -15.35 19.31
N ALA A 152 -6.20 -14.89 20.03
CA ALA A 152 -5.98 -14.31 21.34
C ALA A 152 -5.24 -15.28 22.24
N ARG A 153 -5.59 -16.54 22.15
CA ARG A 153 -4.94 -17.57 22.95
C ARG A 153 -3.62 -17.98 22.34
N ASN A 154 -3.51 -17.77 21.03
CA ASN A 154 -2.28 -18.03 20.28
C ASN A 154 -1.36 -16.86 20.53
N VAL A 155 -1.97 -15.83 21.06
CA VAL A 155 -1.31 -14.56 21.23
C VAL A 155 -0.95 -14.34 22.70
N GLY A 156 -1.74 -14.92 23.59
CA GLY A 156 -1.50 -14.76 25.01
C GLY A 156 -2.39 -13.72 25.63
N ALA A 157 -3.60 -13.61 25.12
CA ALA A 157 -4.48 -12.52 25.48
C ALA A 157 -5.63 -12.96 26.39
N HIS A 158 -6.22 -11.99 27.08
CA HIS A 158 -7.35 -12.21 27.96
C HIS A 158 -8.63 -11.82 27.25
N TYR A 159 -8.51 -10.89 26.33
CA TYR A 159 -9.65 -10.34 25.63
C TYR A 159 -9.39 -10.24 24.13
N VAL A 160 -10.31 -9.61 23.44
CA VAL A 160 -10.14 -9.18 22.08
C VAL A 160 -10.72 -7.80 21.93
N LEU A 161 -10.04 -6.93 21.21
CA LEU A 161 -10.67 -5.73 20.76
C LEU A 161 -10.91 -5.82 19.28
N TYR A 162 -12.15 -6.12 18.96
CA TYR A 162 -12.60 -6.20 17.60
C TYR A 162 -12.91 -4.81 17.09
N SER A 163 -12.14 -4.38 16.16
CA SER A 163 -12.27 -3.05 15.64
C SER A 163 -12.61 -3.09 14.16
N SER A 164 -13.14 -1.99 13.70
CA SER A 164 -13.52 -1.84 12.33
C SER A 164 -13.72 -0.42 11.98
N ALA A 165 -13.93 -0.21 10.73
CA ALA A 165 -14.18 1.08 10.22
C ALA A 165 -15.26 0.99 9.19
N SER A 166 -16.16 1.94 9.19
CA SER A 166 -17.19 1.95 8.19
C SER A 166 -17.56 3.36 7.86
N GLY A 167 -18.60 3.48 7.10
CA GLY A 167 -19.12 4.77 6.81
C GLY A 167 -18.51 5.37 5.58
N ASN A 168 -17.34 5.91 5.79
CA ASN A 168 -16.56 6.51 4.74
C ASN A 168 -15.12 6.23 5.01
N VAL A 169 -14.46 5.67 4.04
CA VAL A 169 -13.12 5.19 4.22
C VAL A 169 -12.13 6.30 4.54
N ASN A 170 -12.21 7.44 3.86
CA ASN A 170 -11.25 8.52 4.09
C ASN A 170 -11.37 9.00 5.53
N ALA A 171 -12.57 8.85 6.06
CA ALA A 171 -12.85 9.23 7.42
C ALA A 171 -14.02 8.40 7.91
N PRO A 172 -13.70 7.25 8.46
CA PRO A 172 -14.64 6.19 8.81
C PRO A 172 -15.17 6.25 10.21
N THR A 173 -16.19 5.47 10.42
CA THR A 173 -16.64 5.17 11.75
C THR A 173 -15.84 4.01 12.26
N LEU A 174 -15.11 4.21 13.31
CA LEU A 174 -14.37 3.14 13.87
C LEU A 174 -15.24 2.36 14.79
N GLN A 175 -15.73 1.30 14.28
CA GLN A 175 -16.61 0.47 15.01
C GLN A 175 -15.80 -0.55 15.80
N MET A 176 -15.78 -0.35 17.09
CA MET A 176 -14.99 -1.18 17.99
C MET A 176 -15.89 -2.13 18.77
N GLN A 177 -15.29 -3.17 19.35
CA GLN A 177 -16.05 -4.25 19.94
C GLN A 177 -15.12 -5.16 20.74
N LEU A 178 -15.36 -5.27 22.01
CA LEU A 178 -14.47 -5.97 22.89
C LEU A 178 -15.04 -7.35 23.16
N MET A 179 -14.50 -8.34 22.48
CA MET A 179 -14.90 -9.70 22.69
C MET A 179 -14.03 -10.32 23.75
N LEU A 180 -14.64 -10.76 24.83
CA LEU A 180 -13.94 -11.55 25.78
C LEU A 180 -13.52 -12.84 25.08
N VAL A 181 -12.23 -13.13 24.96
CA VAL A 181 -11.80 -14.33 24.22
C VAL A 181 -12.12 -15.61 25.00
N GLN A 182 -11.99 -15.52 26.31
CA GLN A 182 -12.19 -16.65 27.20
C GLN A 182 -13.61 -17.23 27.10
N THR A 183 -14.50 -16.46 26.48
CA THR A 183 -15.87 -16.89 26.27
C THR A 183 -16.26 -16.71 24.82
N GLY A 184 -15.77 -15.62 24.28
CA GLY A 184 -16.05 -15.26 22.93
C GLY A 184 -17.26 -14.37 22.82
N GLU A 185 -17.67 -13.80 23.94
CA GLU A 185 -18.81 -12.93 23.97
C GLU A 185 -18.39 -11.47 23.90
N ILE A 186 -19.29 -10.62 23.45
CA ILE A 186 -18.99 -9.21 23.35
C ILE A 186 -19.36 -8.53 24.64
N ILE A 187 -18.36 -7.95 25.26
CA ILE A 187 -18.48 -7.39 26.58
C ILE A 187 -18.49 -5.87 26.51
N TRP A 188 -17.83 -5.35 25.49
CA TRP A 188 -17.89 -3.92 25.17
C TRP A 188 -17.99 -3.74 23.67
N SER A 189 -18.58 -2.64 23.25
CA SER A 189 -18.43 -2.20 21.88
C SER A 189 -18.59 -0.70 21.70
N GLY A 190 -18.15 -0.19 20.55
CA GLY A 190 -18.24 1.20 20.25
C GLY A 190 -18.16 1.45 18.78
N LYS A 191 -18.20 2.70 18.43
CA LYS A 191 -17.88 3.19 17.11
C LYS A 191 -17.52 4.63 17.27
N GLY A 192 -16.61 5.03 16.46
CA GLY A 192 -16.13 6.38 16.54
C GLY A 192 -15.53 6.84 15.26
N ALA A 193 -15.98 7.97 14.79
CA ALA A 193 -15.57 8.43 13.49
C ALA A 193 -14.14 8.97 13.52
N VAL A 194 -13.28 8.28 12.78
CA VAL A 194 -11.90 8.61 12.73
C VAL A 194 -11.59 9.53 11.58
N SER A 195 -10.48 10.17 11.74
CA SER A 195 -10.01 11.18 10.85
C SER A 195 -8.97 10.60 9.97
N GLN A 196 -8.53 11.32 8.99
CA GLN A 196 -7.38 10.91 8.24
C GLN A 196 -6.17 11.69 8.70
N GLN A 197 -5.09 10.99 8.96
CA GLN A 197 -3.85 11.63 9.38
C GLN A 197 -3.06 12.12 8.19
N GLY A 1 -2.75 41.47 -128.97
CA GLY A 1 -2.78 42.44 -130.08
C GLY A 1 -2.59 43.87 -129.60
N SER A 2 -1.94 44.68 -130.42
CA SER A 2 -1.61 46.05 -130.06
C SER A 2 -2.79 47.00 -130.24
N HIS A 3 -3.76 46.91 -129.33
CA HIS A 3 -4.95 47.75 -129.41
C HIS A 3 -5.08 48.59 -128.14
N MET A 4 -4.35 49.71 -128.11
CA MET A 4 -4.35 50.59 -126.95
C MET A 4 -5.76 51.05 -126.62
N VAL A 5 -6.24 50.63 -125.44
CA VAL A 5 -7.62 50.88 -124.98
C VAL A 5 -8.65 50.67 -126.10
N GLY A 6 -8.32 49.75 -126.99
CA GLY A 6 -9.20 49.39 -128.07
C GLY A 6 -9.46 47.91 -128.12
N GLN A 7 -9.04 47.24 -127.05
CA GLN A 7 -9.23 45.80 -126.91
C GLN A 7 -10.70 45.48 -126.76
N ARG A 8 -11.38 46.26 -125.93
CA ARG A 8 -12.78 46.06 -125.61
C ARG A 8 -13.00 44.64 -125.10
N GLU A 9 -12.56 44.41 -123.87
CA GLU A 9 -12.67 43.10 -123.24
C GLU A 9 -12.80 43.28 -121.74
N PRO A 10 -13.81 42.66 -121.11
CA PRO A 10 -13.99 42.73 -119.65
C PRO A 10 -12.90 41.95 -118.91
N ALA A 11 -13.00 41.98 -117.57
CA ALA A 11 -12.03 41.37 -116.68
C ALA A 11 -10.70 42.12 -116.72
N PRO A 12 -10.53 43.12 -115.83
CA PRO A 12 -9.33 43.96 -115.82
C PRO A 12 -8.07 43.16 -115.53
N VAL A 13 -6.96 43.57 -116.13
CA VAL A 13 -5.70 42.91 -115.89
C VAL A 13 -5.11 43.35 -114.55
N GLU A 14 -4.43 42.41 -113.90
CA GLU A 14 -3.79 42.65 -112.60
C GLU A 14 -4.77 43.31 -111.63
N GLU A 15 -5.83 42.59 -111.29
CA GLU A 15 -6.85 43.11 -110.40
C GLU A 15 -7.17 42.08 -109.31
N VAL A 16 -7.52 42.58 -108.14
CA VAL A 16 -7.86 41.74 -107.00
C VAL A 16 -9.22 41.09 -107.20
N LYS A 17 -9.32 39.80 -106.92
CA LYS A 17 -10.57 39.08 -107.07
C LYS A 17 -11.37 39.13 -105.77
N PRO A 18 -12.70 39.00 -105.84
CA PRO A 18 -13.57 38.99 -104.65
C PRO A 18 -13.49 37.66 -103.91
N ALA A 19 -12.31 37.34 -103.39
CA ALA A 19 -12.08 36.08 -102.71
C ALA A 19 -12.04 36.28 -101.20
N PRO A 20 -13.04 35.74 -100.48
CA PRO A 20 -13.12 35.84 -99.01
C PRO A 20 -12.20 34.84 -98.33
N GLU A 21 -10.95 34.86 -98.72
CA GLU A 21 -9.95 33.92 -98.22
C GLU A 21 -9.53 34.27 -96.81
N GLN A 22 -10.31 33.81 -95.84
CA GLN A 22 -10.03 34.06 -94.44
C GLN A 22 -10.49 32.88 -93.60
N PRO A 23 -9.61 32.35 -92.74
CA PRO A 23 -9.93 31.21 -91.86
C PRO A 23 -11.15 31.48 -90.98
N ALA A 24 -11.95 30.45 -90.78
CA ALA A 24 -13.18 30.58 -90.01
C ALA A 24 -13.39 29.39 -89.08
N GLU A 25 -13.44 29.66 -87.80
CA GLU A 25 -13.67 28.62 -86.80
C GLU A 25 -15.12 28.17 -86.81
N PRO A 26 -15.42 26.94 -86.36
CA PRO A 26 -16.79 26.45 -86.27
C PRO A 26 -17.69 27.43 -85.53
N GLN A 27 -17.33 27.74 -84.29
CA GLN A 27 -17.99 28.79 -83.54
C GLN A 27 -16.96 29.58 -82.75
N GLN A 28 -17.39 30.34 -81.75
CA GLN A 28 -16.45 30.96 -80.84
C GLN A 28 -16.45 30.28 -79.46
N PRO A 29 -17.64 30.07 -78.84
CA PRO A 29 -17.73 29.33 -77.58
C PRO A 29 -17.12 27.94 -77.68
N VAL A 30 -16.03 27.74 -76.95
CA VAL A 30 -15.33 26.46 -76.96
C VAL A 30 -15.81 25.59 -75.80
N PRO A 31 -16.23 24.36 -76.08
CA PRO A 31 -16.74 23.42 -75.06
C PRO A 31 -15.69 23.12 -73.99
N THR A 32 -16.12 23.16 -72.74
CA THR A 32 -15.24 22.85 -71.62
C THR A 32 -15.94 21.92 -70.63
N VAL A 33 -15.18 21.00 -70.06
CA VAL A 33 -15.74 20.04 -69.13
C VAL A 33 -15.35 20.38 -67.69
N PRO A 34 -16.33 20.79 -66.87
CA PRO A 34 -16.13 21.09 -65.44
C PRO A 34 -15.59 19.89 -64.68
N SER A 35 -14.93 20.17 -63.57
CA SER A 35 -14.33 19.13 -62.76
C SER A 35 -14.43 19.48 -61.29
N VAL A 36 -15.19 18.69 -60.55
CA VAL A 36 -15.40 18.92 -59.13
C VAL A 36 -14.74 17.82 -58.30
N PRO A 37 -13.76 18.19 -57.46
CA PRO A 37 -13.06 17.23 -56.61
C PRO A 37 -13.93 16.75 -55.45
N THR A 38 -13.53 15.65 -54.84
CA THR A 38 -14.27 15.08 -53.73
C THR A 38 -13.64 15.49 -52.40
N ILE A 39 -14.46 15.51 -51.36
CA ILE A 39 -14.01 15.89 -50.03
C ILE A 39 -13.88 14.66 -49.14
N PRO A 40 -12.64 14.19 -48.88
CA PRO A 40 -12.37 13.05 -48.03
C PRO A 40 -12.37 13.42 -46.54
N GLN A 41 -12.13 12.45 -45.68
CA GLN A 41 -12.06 12.69 -44.25
C GLN A 41 -10.65 12.46 -43.72
N GLN A 42 -10.12 13.44 -43.01
CA GLN A 42 -8.75 13.36 -42.50
C GLN A 42 -8.75 13.38 -40.97
N PRO A 43 -8.84 12.21 -40.34
CA PRO A 43 -8.86 12.10 -38.89
C PRO A 43 -7.46 12.03 -38.29
N GLY A 44 -7.38 12.23 -36.99
CA GLY A 44 -6.10 12.16 -36.30
C GLY A 44 -5.94 10.85 -35.54
N PRO A 45 -4.75 10.61 -34.96
CA PRO A 45 -4.48 9.39 -34.20
C PRO A 45 -5.24 9.33 -32.90
N ILE A 46 -5.88 8.19 -32.65
CA ILE A 46 -6.69 8.00 -31.46
C ILE A 46 -5.81 7.82 -30.23
N GLU A 47 -4.89 6.85 -30.32
CA GLU A 47 -3.95 6.56 -29.24
C GLU A 47 -4.69 6.23 -27.94
N HIS A 48 -5.12 4.99 -27.81
CA HIS A 48 -5.78 4.54 -26.60
C HIS A 48 -4.77 4.20 -25.53
N GLU A 49 -5.22 4.17 -24.30
CA GLU A 49 -4.33 3.91 -23.17
C GLU A 49 -4.68 2.60 -22.48
N ASP A 50 -3.83 2.17 -21.58
CA ASP A 50 -4.09 0.97 -20.79
C ASP A 50 -4.47 1.37 -19.37
N GLN A 51 -5.00 2.56 -19.28
CA GLN A 51 -5.44 3.17 -18.04
C GLN A 51 -4.32 3.19 -17.01
N THR A 52 -4.41 2.34 -16.00
CA THR A 52 -3.40 2.27 -14.95
C THR A 52 -3.18 0.84 -14.51
N ALA A 53 -1.98 0.57 -14.06
CA ALA A 53 -1.61 -0.76 -13.62
C ALA A 53 -0.98 -0.71 -12.22
N PRO A 54 -1.81 -0.48 -11.19
CA PRO A 54 -1.36 -0.38 -9.81
C PRO A 54 -1.49 -1.72 -9.07
N PRO A 55 -0.37 -2.39 -8.81
CA PRO A 55 -0.35 -3.65 -8.04
C PRO A 55 -1.01 -3.48 -6.68
N ALA A 56 -0.34 -2.72 -5.82
CA ALA A 56 -0.83 -2.47 -4.48
C ALA A 56 -0.05 -1.32 -3.84
N PRO A 57 -0.56 -0.09 -3.97
CA PRO A 57 0.06 1.09 -3.38
C PRO A 57 -0.07 1.11 -1.89
N HIS A 58 0.44 2.16 -1.32
CA HIS A 58 0.51 2.30 0.11
C HIS A 58 -0.63 3.18 0.60
N ILE A 59 -1.26 2.74 1.67
CA ILE A 59 -2.44 3.38 2.18
C ILE A 59 -2.11 4.57 3.06
N ARG A 60 -3.15 5.31 3.35
CA ARG A 60 -3.13 6.47 4.20
C ARG A 60 -2.92 6.10 5.66
N HIS A 61 -3.35 7.03 6.46
CA HIS A 61 -3.34 6.91 7.90
C HIS A 61 -4.39 7.80 8.41
N TYR A 62 -4.97 7.41 9.49
CA TYR A 62 -6.08 8.13 10.04
C TYR A 62 -5.80 8.47 11.47
N ASP A 63 -6.50 9.47 11.98
CA ASP A 63 -6.40 9.73 13.39
C ASP A 63 -7.32 8.76 14.11
N TRP A 64 -6.88 7.54 14.03
CA TRP A 64 -7.47 6.42 14.72
C TRP A 64 -7.50 6.63 16.22
N ASN A 65 -6.43 7.16 16.72
CA ASN A 65 -6.28 7.55 18.11
C ASN A 65 -7.42 8.45 18.58
N GLY A 66 -7.97 9.18 17.63
CA GLY A 66 -9.08 10.07 17.91
C GLY A 66 -10.38 9.33 18.03
N ALA A 67 -10.33 8.11 17.56
CA ALA A 67 -11.46 7.23 17.51
C ALA A 67 -11.42 6.21 18.64
N MET A 68 -10.30 5.51 18.71
CA MET A 68 -10.06 4.46 19.66
C MET A 68 -10.03 4.97 21.09
N GLN A 69 -9.14 5.91 21.35
CA GLN A 69 -8.91 6.46 22.68
C GLN A 69 -10.18 6.70 23.48
N PRO A 70 -11.14 7.48 22.94
CA PRO A 70 -12.36 7.79 23.68
C PRO A 70 -13.15 6.54 23.94
N MET A 71 -12.99 5.56 23.07
CA MET A 71 -13.73 4.31 23.14
C MET A 71 -13.08 3.30 24.05
N VAL A 72 -11.76 3.21 23.93
CA VAL A 72 -10.94 2.38 24.80
C VAL A 72 -11.13 2.81 26.21
N SER A 73 -11.24 4.10 26.35
CA SER A 73 -11.55 4.71 27.63
C SER A 73 -12.87 4.17 28.17
N LYS A 74 -13.80 3.92 27.26
CA LYS A 74 -15.11 3.37 27.60
C LYS A 74 -15.04 1.87 27.78
N MET A 75 -14.20 1.25 26.94
CA MET A 75 -14.06 -0.18 26.88
C MET A 75 -13.64 -0.73 28.21
N LEU A 76 -12.89 0.03 28.96
CA LEU A 76 -12.41 -0.42 30.25
C LEU A 76 -13.40 -0.11 31.35
N GLY A 77 -14.44 0.60 30.97
CA GLY A 77 -15.55 0.85 31.85
C GLY A 77 -16.74 0.04 31.39
N ALA A 78 -16.45 -0.95 30.57
CA ALA A 78 -17.46 -1.83 30.04
C ALA A 78 -17.67 -2.98 30.98
N ASP A 79 -18.78 -3.64 30.81
CA ASP A 79 -19.06 -4.80 31.60
C ASP A 79 -18.54 -6.06 30.94
N GLY A 80 -17.51 -6.57 31.52
CA GLY A 80 -16.88 -7.73 30.98
C GLY A 80 -15.39 -7.59 31.03
N VAL A 81 -14.94 -6.34 31.05
CA VAL A 81 -13.53 -6.05 30.96
C VAL A 81 -12.94 -5.69 32.30
N THR A 82 -11.67 -5.95 32.44
CA THR A 82 -10.94 -5.64 33.63
C THR A 82 -9.60 -4.99 33.27
N ALA A 83 -9.23 -3.98 34.04
CA ALA A 83 -7.88 -3.45 34.03
C ALA A 83 -6.89 -4.54 34.41
N GLY A 84 -5.84 -4.67 33.62
CA GLY A 84 -4.81 -5.65 33.90
C GLY A 84 -4.82 -6.79 32.93
N SER A 85 -5.75 -6.78 31.99
CA SER A 85 -5.84 -7.86 31.02
C SER A 85 -4.94 -7.59 29.85
N VAL A 86 -4.47 -8.65 29.25
CA VAL A 86 -3.87 -8.55 27.94
C VAL A 86 -4.98 -8.51 26.90
N LEU A 87 -5.07 -7.37 26.25
CA LEU A 87 -6.14 -7.10 25.35
C LEU A 87 -5.66 -7.31 23.93
N LEU A 88 -6.13 -8.40 23.35
CA LEU A 88 -5.83 -8.74 21.99
C LEU A 88 -6.54 -7.78 21.09
N VAL A 89 -5.84 -6.75 20.64
CA VAL A 89 -6.42 -5.82 19.76
C VAL A 89 -6.60 -6.52 18.43
N ASP A 90 -7.83 -6.63 18.02
CA ASP A 90 -8.16 -7.24 16.76
C ASP A 90 -7.86 -6.24 15.70
N SER A 91 -7.45 -6.72 14.56
CA SER A 91 -7.22 -5.84 13.46
C SER A 91 -8.48 -5.10 13.23
N VAL A 92 -8.33 -3.84 13.05
CA VAL A 92 -9.41 -3.05 12.63
C VAL A 92 -9.85 -3.54 11.28
N ASN A 93 -11.12 -3.61 11.11
CA ASN A 93 -11.67 -3.96 9.85
C ASN A 93 -11.77 -2.75 8.97
N ASN A 94 -11.92 -3.00 7.72
CA ASN A 94 -12.13 -1.98 6.76
C ASN A 94 -13.41 -2.30 6.00
N ARG A 95 -14.50 -1.85 6.58
CA ARG A 95 -15.84 -2.14 6.11
C ARG A 95 -16.41 -0.92 5.46
N THR A 96 -15.63 0.14 5.56
CA THR A 96 -16.01 1.46 5.08
C THR A 96 -16.52 1.49 3.66
N ASN A 97 -16.80 2.69 3.23
CA ASN A 97 -17.19 2.94 1.85
C ASN A 97 -15.98 2.75 0.92
N GLY A 98 -14.81 2.63 1.53
CA GLY A 98 -13.60 2.46 0.76
C GLY A 98 -12.64 1.47 1.40
N SER A 99 -11.35 1.65 1.12
CA SER A 99 -10.32 0.77 1.64
C SER A 99 -9.29 1.55 2.46
N LEU A 100 -9.02 1.07 3.66
CA LEU A 100 -8.12 1.74 4.59
C LEU A 100 -7.14 0.76 5.16
N ASN A 101 -6.08 1.31 5.66
CA ASN A 101 -5.04 0.56 6.34
C ASN A 101 -5.48 0.37 7.75
N ALA A 102 -6.34 -0.59 7.92
CA ALA A 102 -6.84 -0.90 9.22
C ALA A 102 -5.75 -1.50 10.07
N ALA A 103 -4.66 -1.88 9.44
CA ALA A 103 -3.57 -2.49 10.16
C ALA A 103 -2.76 -1.41 10.83
N GLU A 104 -2.73 -0.27 10.17
CA GLU A 104 -2.16 0.92 10.71
C GLU A 104 -3.00 1.38 11.88
N ALA A 105 -4.29 1.12 11.72
CA ALA A 105 -5.27 1.45 12.70
C ALA A 105 -5.13 0.54 13.88
N THR A 106 -4.93 -0.71 13.56
CA THR A 106 -4.75 -1.73 14.54
C THR A 106 -3.48 -1.47 15.35
N GLU A 107 -2.50 -0.84 14.71
CA GLU A 107 -1.34 -0.41 15.45
C GLU A 107 -1.76 0.71 16.40
N THR A 108 -2.58 1.64 15.86
CA THR A 108 -3.11 2.74 16.65
C THR A 108 -4.00 2.23 17.77
N LEU A 109 -4.64 1.10 17.53
CA LEU A 109 -5.37 0.41 18.56
C LEU A 109 -4.49 0.23 19.76
N ARG A 110 -3.50 -0.61 19.59
CA ARG A 110 -2.48 -0.83 20.61
C ARG A 110 -2.05 0.47 21.28
N ASN A 111 -1.99 1.49 20.46
CA ASN A 111 -1.53 2.82 20.88
C ASN A 111 -2.54 3.51 21.77
N ALA A 112 -3.78 3.46 21.37
CA ALA A 112 -4.84 4.07 22.13
C ALA A 112 -5.11 3.23 23.36
N LEU A 113 -4.90 1.94 23.16
CA LEU A 113 -4.98 0.96 24.20
C LEU A 113 -3.86 1.20 25.23
N ALA A 114 -2.72 1.67 24.70
CA ALA A 114 -1.49 1.89 25.48
C ALA A 114 -1.64 3.10 26.37
N ASN A 115 -2.23 4.13 25.81
CA ASN A 115 -2.43 5.37 26.53
C ASN A 115 -3.35 5.16 27.71
N ASN A 116 -4.22 4.15 27.59
CA ASN A 116 -5.21 3.88 28.63
C ASN A 116 -4.60 3.06 29.76
N GLY A 117 -3.50 2.38 29.44
CA GLY A 117 -2.60 1.84 30.45
C GLY A 117 -3.21 0.85 31.42
N LYS A 118 -4.39 0.32 31.10
CA LYS A 118 -4.99 -0.71 31.93
C LYS A 118 -4.78 -2.07 31.30
N PHE A 119 -4.68 -2.09 29.97
CA PHE A 119 -4.51 -3.33 29.25
C PHE A 119 -3.05 -3.65 29.01
N THR A 120 -2.86 -4.83 28.48
CA THR A 120 -1.60 -5.25 27.99
C THR A 120 -1.76 -5.51 26.53
N LEU A 121 -0.96 -4.85 25.74
CA LEU A 121 -1.17 -4.89 24.35
C LEU A 121 -0.35 -5.96 23.68
N VAL A 122 -0.96 -6.61 22.73
CA VAL A 122 -0.27 -7.52 21.86
C VAL A 122 0.12 -6.74 20.60
N SER A 123 1.23 -7.07 19.97
CA SER A 123 1.60 -6.38 18.75
C SER A 123 1.26 -7.23 17.55
N ALA A 124 1.66 -6.77 16.40
CA ALA A 124 1.54 -7.54 15.18
C ALA A 124 2.42 -8.76 15.30
N GLN A 125 3.44 -8.60 16.13
CA GLN A 125 4.41 -9.63 16.43
C GLN A 125 3.72 -10.92 16.83
N GLN A 126 2.65 -10.80 17.59
CA GLN A 126 1.82 -11.94 17.91
C GLN A 126 0.60 -11.97 17.00
N LEU A 127 -0.09 -10.84 16.99
CA LEU A 127 -1.41 -10.68 16.41
C LEU A 127 -1.46 -10.96 14.92
N SER A 128 -0.73 -10.13 14.19
CA SER A 128 -0.62 -10.20 12.72
C SER A 128 -0.29 -11.60 12.31
N MET A 129 0.71 -12.07 13.02
CA MET A 129 1.20 -13.42 12.93
C MET A 129 0.08 -14.40 13.12
N ALA A 130 -0.53 -14.37 14.30
CA ALA A 130 -1.68 -15.19 14.64
C ALA A 130 -2.69 -15.24 13.53
N LYS A 131 -3.00 -14.08 12.93
CA LYS A 131 -4.01 -14.06 11.88
C LYS A 131 -3.56 -15.04 10.82
N GLN A 132 -2.32 -14.88 10.41
CA GLN A 132 -1.71 -15.69 9.38
C GLN A 132 -1.57 -17.14 9.83
N GLN A 133 -1.18 -17.29 11.10
CA GLN A 133 -1.02 -18.59 11.73
C GLN A 133 -2.30 -19.34 11.66
N LEU A 134 -3.35 -18.60 11.73
CA LEU A 134 -4.66 -19.15 11.72
C LEU A 134 -5.20 -19.19 10.30
N GLY A 135 -4.72 -18.28 9.48
CA GLY A 135 -5.18 -18.20 8.11
C GLY A 135 -5.11 -16.82 7.52
N LEU A 136 -5.65 -15.94 8.30
CA LEU A 136 -5.91 -14.58 7.94
C LEU A 136 -4.69 -13.70 7.71
N SER A 137 -5.03 -12.45 7.57
CA SER A 137 -4.12 -11.35 7.41
C SER A 137 -4.24 -10.43 8.60
N PRO A 138 -3.17 -9.70 8.94
CA PRO A 138 -3.15 -8.79 10.07
C PRO A 138 -4.16 -7.64 9.93
N GLN A 139 -4.87 -7.64 8.80
CA GLN A 139 -5.83 -6.59 8.49
C GLN A 139 -7.21 -7.17 8.34
N ASP A 140 -7.22 -8.45 7.95
CA ASP A 140 -8.44 -9.16 7.61
C ASP A 140 -9.31 -9.23 8.81
N SER A 141 -8.65 -9.09 9.95
CA SER A 141 -9.27 -9.12 11.22
C SER A 141 -9.64 -10.52 11.60
N LEU A 142 -10.00 -10.72 12.82
CA LEU A 142 -10.35 -12.05 13.26
C LEU A 142 -11.60 -12.48 12.52
N GLY A 143 -12.48 -11.51 12.39
CA GLY A 143 -13.72 -11.68 11.66
C GLY A 143 -14.67 -12.69 12.26
N THR A 144 -14.19 -13.48 13.21
CA THR A 144 -14.96 -14.57 13.77
C THR A 144 -14.52 -14.81 15.19
N ARG A 145 -15.43 -14.77 16.16
CA ARG A 145 -15.08 -14.91 17.56
C ARG A 145 -14.05 -16.02 17.78
N SER A 146 -14.28 -17.17 17.18
CA SER A 146 -13.43 -18.32 17.39
C SER A 146 -12.06 -18.13 16.74
N LYS A 147 -12.05 -17.30 15.69
CA LYS A 147 -10.82 -16.94 14.99
C LYS A 147 -10.04 -15.96 15.82
N ALA A 148 -10.84 -15.19 16.56
CA ALA A 148 -10.39 -14.21 17.51
C ALA A 148 -9.83 -14.87 18.71
N ILE A 149 -10.58 -15.83 19.16
CA ILE A 149 -10.27 -16.62 20.30
C ILE A 149 -9.08 -17.49 20.00
N GLY A 150 -9.08 -18.04 18.81
CA GLY A 150 -7.93 -18.73 18.30
C GLY A 150 -6.70 -17.86 18.39
N ILE A 151 -6.78 -16.67 17.81
CA ILE A 151 -5.65 -15.74 17.79
C ILE A 151 -5.31 -15.23 19.17
N ALA A 152 -6.30 -14.81 19.94
CA ALA A 152 -6.05 -14.24 21.25
C ALA A 152 -5.30 -15.23 22.13
N ARG A 153 -5.67 -16.49 22.06
CA ARG A 153 -5.03 -17.51 22.88
C ARG A 153 -3.72 -17.95 22.24
N ASN A 154 -3.64 -17.72 20.93
CA ASN A 154 -2.45 -17.99 20.14
C ASN A 154 -1.52 -16.82 20.32
N VAL A 155 -2.09 -15.78 20.91
CA VAL A 155 -1.41 -14.53 21.08
C VAL A 155 -1.01 -14.33 22.54
N GLY A 156 -1.79 -14.91 23.45
CA GLY A 156 -1.51 -14.76 24.86
C GLY A 156 -2.38 -13.71 25.50
N ALA A 157 -3.61 -13.61 25.04
CA ALA A 157 -4.49 -12.52 25.40
C ALA A 157 -5.64 -12.95 26.31
N HIS A 158 -6.22 -11.96 26.99
CA HIS A 158 -7.34 -12.15 27.90
C HIS A 158 -8.63 -11.78 27.21
N TYR A 159 -8.51 -10.86 26.26
CA TYR A 159 -9.67 -10.29 25.58
C TYR A 159 -9.41 -10.18 24.10
N VAL A 160 -10.37 -9.59 23.41
CA VAL A 160 -10.19 -9.14 22.05
C VAL A 160 -10.80 -7.75 21.93
N LEU A 161 -10.15 -6.86 21.23
CA LEU A 161 -10.80 -5.66 20.83
C LEU A 161 -11.07 -5.69 19.35
N TYR A 162 -12.30 -6.02 19.02
CA TYR A 162 -12.74 -6.12 17.65
C TYR A 162 -13.03 -4.74 17.14
N SER A 163 -12.26 -4.30 16.22
CA SER A 163 -12.43 -2.97 15.70
C SER A 163 -12.60 -3.02 14.21
N SER A 164 -13.18 -1.98 13.70
CA SER A 164 -13.47 -1.86 12.31
C SER A 164 -13.69 -0.44 11.95
N ALA A 165 -13.83 -0.24 10.70
CA ALA A 165 -14.08 1.06 10.20
C ALA A 165 -15.13 0.96 9.15
N SER A 166 -16.12 1.81 9.22
CA SER A 166 -17.16 1.79 8.24
C SER A 166 -17.57 3.21 7.90
N GLY A 167 -18.55 3.36 7.05
CA GLY A 167 -19.07 4.66 6.78
C GLY A 167 -18.44 5.29 5.58
N ASN A 168 -17.30 5.86 5.83
CA ASN A 168 -16.49 6.49 4.81
C ASN A 168 -15.08 6.15 5.13
N VAL A 169 -14.41 5.62 4.15
CA VAL A 169 -13.04 5.20 4.31
C VAL A 169 -12.14 6.34 4.69
N ASN A 170 -12.28 7.49 4.04
CA ASN A 170 -11.36 8.59 4.27
C ASN A 170 -11.54 9.12 5.68
N ALA A 171 -12.71 8.89 6.21
CA ALA A 171 -13.01 9.24 7.58
C ALA A 171 -14.15 8.34 8.06
N PRO A 172 -13.76 7.18 8.58
CA PRO A 172 -14.65 6.09 8.93
C PRO A 172 -15.16 6.10 10.33
N THR A 173 -16.19 5.34 10.51
CA THR A 173 -16.71 5.06 11.81
C THR A 173 -15.93 3.91 12.37
N LEU A 174 -15.26 4.10 13.48
CA LEU A 174 -14.51 3.05 14.06
C LEU A 174 -15.39 2.17 14.84
N GLN A 175 -15.83 1.15 14.25
CA GLN A 175 -16.74 0.29 14.91
C GLN A 175 -15.96 -0.72 15.73
N MET A 176 -15.98 -0.52 17.01
CA MET A 176 -15.18 -1.31 17.92
C MET A 176 -16.05 -2.21 18.78
N GLN A 177 -15.44 -3.22 19.38
CA GLN A 177 -16.18 -4.30 19.98
C GLN A 177 -15.26 -5.20 20.78
N LEU A 178 -15.52 -5.31 22.05
CA LEU A 178 -14.62 -6.02 22.94
C LEU A 178 -15.18 -7.39 23.20
N MET A 179 -14.63 -8.37 22.52
CA MET A 179 -15.00 -9.74 22.73
C MET A 179 -14.11 -10.35 23.77
N LEU A 180 -14.71 -10.82 24.83
CA LEU A 180 -13.98 -11.67 25.73
C LEU A 180 -13.51 -12.88 24.93
N VAL A 181 -12.23 -13.20 24.96
CA VAL A 181 -11.76 -14.38 24.21
C VAL A 181 -12.03 -15.65 25.01
N GLN A 182 -11.88 -15.54 26.31
CA GLN A 182 -12.05 -16.65 27.23
C GLN A 182 -13.47 -17.23 27.17
N THR A 183 -14.40 -16.46 26.60
CA THR A 183 -15.77 -16.93 26.43
C THR A 183 -16.20 -16.75 24.98
N GLY A 184 -15.75 -15.65 24.42
CA GLY A 184 -16.07 -15.31 23.07
C GLY A 184 -17.33 -14.51 22.96
N GLU A 185 -17.61 -13.75 24.01
CA GLU A 185 -18.79 -12.92 24.03
C GLU A 185 -18.41 -11.45 23.93
N ILE A 186 -19.32 -10.64 23.42
CA ILE A 186 -19.08 -9.22 23.34
C ILE A 186 -19.48 -8.57 24.64
N ILE A 187 -18.52 -7.91 25.26
CA ILE A 187 -18.71 -7.32 26.56
C ILE A 187 -18.73 -5.80 26.47
N TRP A 188 -17.96 -5.28 25.52
CA TRP A 188 -18.00 -3.86 25.20
C TRP A 188 -18.10 -3.69 23.70
N SER A 189 -18.68 -2.61 23.27
CA SER A 189 -18.54 -2.20 21.89
C SER A 189 -18.70 -0.71 21.69
N GLY A 190 -18.24 -0.23 20.54
CA GLY A 190 -18.31 1.16 20.22
C GLY A 190 -18.24 1.39 18.75
N LYS A 191 -18.19 2.63 18.39
CA LYS A 191 -17.84 3.06 17.07
C LYS A 191 -17.41 4.49 17.20
N GLY A 192 -16.50 4.86 16.36
CA GLY A 192 -16.02 6.21 16.43
C GLY A 192 -15.44 6.71 15.15
N ALA A 193 -15.95 7.82 14.70
CA ALA A 193 -15.53 8.35 13.42
C ALA A 193 -14.13 8.89 13.49
N VAL A 194 -13.24 8.21 12.78
CA VAL A 194 -11.85 8.53 12.77
C VAL A 194 -11.54 9.50 11.66
N SER A 195 -10.44 10.14 11.85
CA SER A 195 -9.99 11.21 11.01
C SER A 195 -8.98 10.68 10.07
N GLN A 196 -8.55 11.48 9.15
CA GLN A 196 -7.44 11.11 8.32
C GLN A 196 -6.17 11.81 8.79
N GLN A 197 -5.11 11.05 8.93
CA GLN A 197 -3.82 11.60 9.30
C GLN A 197 -3.07 12.06 8.07
N GLY A 1 12.09 36.02 -143.47
CA GLY A 1 13.01 36.97 -144.14
C GLY A 1 14.07 37.50 -143.19
N SER A 2 15.14 36.75 -143.01
CA SER A 2 16.21 37.15 -142.11
C SER A 2 17.21 38.06 -142.82
N HIS A 3 17.16 38.10 -144.14
CA HIS A 3 18.09 38.92 -144.91
C HIS A 3 17.59 40.35 -145.06
N MET A 4 17.66 41.07 -143.96
CA MET A 4 17.32 42.49 -143.94
C MET A 4 18.53 43.29 -144.40
N VAL A 5 18.53 44.58 -144.12
CA VAL A 5 19.69 45.41 -144.41
C VAL A 5 20.89 45.01 -143.55
N GLY A 6 20.63 44.15 -142.56
CA GLY A 6 21.69 43.67 -141.68
C GLY A 6 22.21 44.74 -140.76
N GLN A 7 21.35 45.69 -140.41
CA GLN A 7 21.76 46.81 -139.59
C GLN A 7 20.81 46.97 -138.40
N ARG A 8 21.39 46.68 -137.22
CA ARG A 8 20.73 46.82 -135.92
C ARG A 8 19.56 45.88 -135.76
N GLU A 9 19.86 44.62 -135.49
CA GLU A 9 18.83 43.62 -135.27
C GLU A 9 18.22 43.78 -133.87
N PRO A 10 16.92 43.47 -133.72
CA PRO A 10 16.24 43.56 -132.43
C PRO A 10 16.73 42.51 -131.45
N ALA A 11 17.39 42.94 -130.38
CA ALA A 11 17.93 42.03 -129.38
C ALA A 11 16.97 41.87 -128.22
N PRO A 12 16.40 40.66 -128.04
CA PRO A 12 15.52 40.36 -126.93
C PRO A 12 16.26 39.81 -125.72
N VAL A 13 15.86 40.26 -124.55
CA VAL A 13 16.45 39.80 -123.30
C VAL A 13 15.36 39.48 -122.29
N GLU A 14 15.57 38.42 -121.54
CA GLU A 14 14.57 37.94 -120.60
C GLU A 14 15.16 37.79 -119.21
N GLU A 15 14.70 38.62 -118.29
CA GLU A 15 15.14 38.52 -116.91
C GLU A 15 14.00 38.00 -116.05
N VAL A 16 14.33 37.14 -115.09
CA VAL A 16 13.32 36.55 -114.21
C VAL A 16 12.62 37.61 -113.37
N LYS A 17 11.35 37.83 -113.66
CA LYS A 17 10.56 38.83 -112.95
C LYS A 17 9.91 38.25 -111.69
N PRO A 18 9.28 37.06 -111.75
CA PRO A 18 8.73 36.41 -110.54
C PRO A 18 9.84 36.08 -109.53
N ALA A 19 9.53 36.23 -108.26
CA ALA A 19 10.49 35.98 -107.20
C ALA A 19 9.91 35.03 -106.15
N PRO A 20 10.03 33.71 -106.38
CA PRO A 20 9.48 32.70 -105.49
C PRO A 20 10.28 32.56 -104.20
N GLU A 21 9.74 33.10 -103.11
CA GLU A 21 10.41 33.04 -101.83
C GLU A 21 10.35 31.63 -101.25
N GLN A 22 11.45 30.90 -101.31
CA GLN A 22 11.45 29.54 -100.77
C GLN A 22 11.35 29.51 -99.24
N PRO A 23 12.23 30.24 -98.51
CA PRO A 23 12.28 30.20 -97.04
C PRO A 23 10.94 30.56 -96.38
N ALA A 24 10.64 29.89 -95.29
CA ALA A 24 9.41 30.13 -94.55
C ALA A 24 9.66 30.01 -93.05
N GLU A 25 9.17 30.97 -92.29
CA GLU A 25 9.33 30.95 -90.84
C GLU A 25 8.19 30.20 -90.16
N PRO A 26 8.46 29.01 -89.61
CA PRO A 26 7.46 28.20 -88.93
C PRO A 26 7.39 28.49 -87.44
N GLN A 27 6.48 29.37 -87.05
CA GLN A 27 6.29 29.69 -85.64
C GLN A 27 5.68 28.50 -84.91
N GLN A 28 6.38 28.02 -83.89
CA GLN A 28 5.93 26.86 -83.12
C GLN A 28 5.54 27.30 -81.71
N PRO A 29 4.25 27.50 -81.45
CA PRO A 29 3.77 27.95 -80.16
C PRO A 29 3.78 26.82 -79.13
N VAL A 30 4.75 26.85 -78.23
CA VAL A 30 4.88 25.83 -77.21
C VAL A 30 3.99 26.17 -76.01
N PRO A 31 3.03 25.30 -75.68
CA PRO A 31 2.12 25.51 -74.57
C PRO A 31 2.78 25.33 -73.20
N THR A 32 2.09 25.75 -72.16
CA THR A 32 2.57 25.59 -70.79
C THR A 32 1.88 24.40 -70.15
N VAL A 33 2.54 23.78 -69.19
CA VAL A 33 1.98 22.63 -68.51
C VAL A 33 1.63 22.98 -67.05
N PRO A 34 0.36 23.34 -66.80
CA PRO A 34 -0.15 23.62 -65.45
C PRO A 34 -0.07 22.43 -64.52
N SER A 35 -0.43 22.68 -63.26
CA SER A 35 -0.45 21.67 -62.20
C SER A 35 0.96 21.27 -61.78
N VAL A 36 1.13 21.06 -60.49
CA VAL A 36 2.41 20.70 -59.93
C VAL A 36 2.24 19.69 -58.79
N PRO A 37 2.92 18.53 -58.90
CA PRO A 37 2.89 17.49 -57.87
C PRO A 37 3.33 18.01 -56.52
N THR A 38 2.76 17.43 -55.47
CA THR A 38 3.03 17.85 -54.12
C THR A 38 2.93 16.66 -53.17
N ILE A 39 3.95 16.49 -52.32
CA ILE A 39 4.04 15.33 -51.46
C ILE A 39 3.43 15.62 -50.08
N PRO A 40 2.31 14.97 -49.76
CA PRO A 40 1.64 15.14 -48.48
C PRO A 40 2.16 14.20 -47.41
N GLN A 41 1.57 14.25 -46.21
CA GLN A 41 1.84 13.29 -45.15
C GLN A 41 3.32 13.13 -44.87
N GLN A 42 3.93 14.17 -44.32
CA GLN A 42 5.33 14.12 -43.92
C GLN A 42 5.42 14.30 -42.41
N PRO A 43 5.33 13.20 -41.65
CA PRO A 43 5.30 13.25 -40.19
C PRO A 43 6.69 13.19 -39.56
N GLY A 44 6.73 13.47 -38.28
CA GLY A 44 7.95 13.31 -37.52
C GLY A 44 7.81 12.18 -36.52
N PRO A 45 8.82 11.95 -35.66
CA PRO A 45 8.77 10.88 -34.67
C PRO A 45 7.89 11.24 -33.49
N ILE A 46 6.99 10.33 -33.14
CA ILE A 46 6.08 10.56 -32.04
C ILE A 46 6.77 10.29 -30.71
N GLU A 47 7.27 9.07 -30.56
CA GLU A 47 8.00 8.66 -29.36
C GLU A 47 7.10 8.73 -28.13
N HIS A 48 6.33 7.68 -27.91
CA HIS A 48 5.42 7.61 -26.78
C HIS A 48 4.95 6.18 -26.57
N GLU A 49 4.44 5.94 -25.38
CA GLU A 49 3.91 4.63 -25.02
C GLU A 49 3.24 4.73 -23.66
N ASP A 50 2.03 4.21 -23.57
CA ASP A 50 1.24 4.29 -22.36
C ASP A 50 0.88 2.89 -21.88
N GLN A 51 1.84 2.00 -22.00
CA GLN A 51 1.63 0.63 -21.56
C GLN A 51 2.24 0.41 -20.18
N THR A 52 1.90 -0.75 -19.59
CA THR A 52 2.22 -1.11 -18.22
C THR A 52 1.60 -0.16 -17.20
N ALA A 53 1.16 -0.71 -16.09
CA ALA A 53 0.53 0.07 -15.05
C ALA A 53 0.88 -0.44 -13.66
N PRO A 54 2.16 -0.34 -13.26
CA PRO A 54 2.63 -0.73 -11.94
C PRO A 54 2.89 0.48 -11.03
N PRO A 55 1.83 1.03 -10.40
CA PRO A 55 1.94 2.21 -9.56
C PRO A 55 2.58 1.90 -8.21
N ALA A 56 2.20 0.75 -7.65
CA ALA A 56 2.70 0.30 -6.35
C ALA A 56 2.58 1.39 -5.28
N PRO A 57 1.36 1.88 -5.02
CA PRO A 57 1.14 2.97 -4.07
C PRO A 57 1.21 2.53 -2.63
N HIS A 58 0.97 3.48 -1.77
CA HIS A 58 0.93 3.25 -0.34
C HIS A 58 -0.31 3.89 0.25
N ILE A 59 -0.81 3.29 1.31
CA ILE A 59 -2.06 3.72 1.92
C ILE A 59 -1.86 4.87 2.87
N ARG A 60 -2.97 5.46 3.23
CA ARG A 60 -3.04 6.57 4.13
C ARG A 60 -2.78 6.16 5.56
N HIS A 61 -3.28 7.01 6.41
CA HIS A 61 -3.26 6.86 7.84
C HIS A 61 -4.33 7.74 8.36
N TYR A 62 -4.89 7.34 9.45
CA TYR A 62 -5.97 8.06 10.01
C TYR A 62 -5.67 8.41 11.43
N ASP A 63 -6.34 9.40 11.97
CA ASP A 63 -6.21 9.66 13.37
C ASP A 63 -7.13 8.71 14.10
N TRP A 64 -6.72 7.47 13.99
CA TRP A 64 -7.31 6.35 14.69
C TRP A 64 -7.27 6.53 16.19
N ASN A 65 -6.15 7.02 16.63
CA ASN A 65 -5.91 7.31 18.05
C ASN A 65 -6.97 8.25 18.58
N GLY A 66 -7.50 9.06 17.69
CA GLY A 66 -8.51 10.03 18.07
C GLY A 66 -9.86 9.38 18.12
N ALA A 67 -9.92 8.21 17.55
CA ALA A 67 -11.13 7.44 17.46
C ALA A 67 -11.19 6.42 18.57
N MET A 68 -10.14 5.62 18.64
CA MET A 68 -10.02 4.53 19.58
C MET A 68 -10.04 5.00 21.03
N GLN A 69 -9.23 5.99 21.32
CA GLN A 69 -9.09 6.51 22.68
C GLN A 69 -10.39 6.67 23.46
N PRO A 70 -11.39 7.40 22.93
CA PRO A 70 -12.65 7.63 23.65
C PRO A 70 -13.40 6.35 23.87
N MET A 71 -13.20 5.41 22.95
CA MET A 71 -13.88 4.11 22.99
C MET A 71 -13.18 3.18 23.95
N VAL A 72 -11.85 3.18 23.85
CA VAL A 72 -10.96 2.46 24.76
C VAL A 72 -11.25 2.90 26.16
N SER A 73 -11.43 4.20 26.25
CA SER A 73 -11.85 4.83 27.49
C SER A 73 -13.17 4.22 28.01
N LYS A 74 -14.07 3.85 27.10
CA LYS A 74 -15.36 3.26 27.46
C LYS A 74 -15.23 1.76 27.64
N MET A 75 -14.36 1.16 26.86
CA MET A 75 -14.25 -0.28 26.77
C MET A 75 -13.84 -0.89 28.08
N LEU A 76 -13.14 -0.14 28.88
CA LEU A 76 -12.66 -0.63 30.14
C LEU A 76 -13.63 -0.30 31.26
N GLY A 77 -14.62 0.47 30.92
CA GLY A 77 -15.72 0.75 31.80
C GLY A 77 -16.91 -0.06 31.39
N ALA A 78 -16.64 -1.05 30.53
CA ALA A 78 -17.65 -1.93 30.01
C ALA A 78 -17.91 -3.06 30.96
N ASP A 79 -19.02 -3.72 30.75
CA ASP A 79 -19.34 -4.90 31.53
C ASP A 79 -18.70 -6.11 30.91
N GLY A 80 -17.68 -6.60 31.55
CA GLY A 80 -16.99 -7.75 31.05
C GLY A 80 -15.51 -7.55 31.06
N VAL A 81 -15.11 -6.28 31.08
CA VAL A 81 -13.71 -5.93 30.99
C VAL A 81 -13.13 -5.52 32.34
N THR A 82 -11.85 -5.73 32.47
CA THR A 82 -11.11 -5.32 33.63
C THR A 82 -9.77 -4.69 33.23
N ALA A 83 -9.37 -3.70 33.98
CA ALA A 83 -8.01 -3.16 33.92
C ALA A 83 -7.01 -4.24 34.31
N GLY A 84 -5.87 -4.25 33.65
CA GLY A 84 -4.83 -5.18 34.00
C GLY A 84 -4.89 -6.47 33.20
N SER A 85 -5.88 -6.55 32.32
CA SER A 85 -6.02 -7.74 31.51
C SER A 85 -5.33 -7.55 30.17
N VAL A 86 -4.76 -8.61 29.63
CA VAL A 86 -4.15 -8.52 28.32
C VAL A 86 -5.23 -8.51 27.24
N LEU A 87 -5.16 -7.51 26.39
CA LEU A 87 -6.21 -7.23 25.43
C LEU A 87 -5.68 -7.46 24.04
N LEU A 88 -6.17 -8.53 23.44
CA LEU A 88 -5.82 -8.87 22.08
C LEU A 88 -6.53 -7.92 21.15
N VAL A 89 -5.86 -6.86 20.76
CA VAL A 89 -6.42 -5.94 19.82
C VAL A 89 -6.40 -6.61 18.45
N ASP A 90 -7.58 -6.84 17.91
CA ASP A 90 -7.71 -7.41 16.59
C ASP A 90 -7.45 -6.35 15.57
N SER A 91 -7.35 -6.72 14.32
CA SER A 91 -7.30 -5.76 13.29
C SER A 91 -8.54 -4.93 13.32
N VAL A 92 -8.37 -3.73 12.94
CA VAL A 92 -9.44 -2.95 12.56
C VAL A 92 -9.89 -3.43 11.22
N ASN A 93 -11.16 -3.52 11.04
CA ASN A 93 -11.72 -3.86 9.77
C ASN A 93 -11.85 -2.63 8.92
N ASN A 94 -12.03 -2.87 7.66
CA ASN A 94 -12.25 -1.83 6.71
C ASN A 94 -13.55 -2.14 5.97
N ARG A 95 -14.63 -1.69 6.58
CA ARG A 95 -15.98 -1.99 6.13
C ARG A 95 -16.57 -0.74 5.51
N THR A 96 -15.78 0.30 5.59
CA THR A 96 -16.15 1.64 5.16
C THR A 96 -16.70 1.74 3.74
N ASN A 97 -16.86 2.98 3.35
CA ASN A 97 -17.24 3.33 1.99
C ASN A 97 -16.09 3.07 1.02
N GLY A 98 -14.93 2.75 1.57
CA GLY A 98 -13.76 2.52 0.73
C GLY A 98 -12.75 1.59 1.37
N SER A 99 -11.47 1.85 1.11
CA SER A 99 -10.39 1.01 1.59
C SER A 99 -9.40 1.77 2.46
N LEU A 100 -9.09 1.21 3.62
CA LEU A 100 -8.18 1.83 4.55
C LEU A 100 -7.23 0.83 5.11
N ASN A 101 -6.09 1.33 5.49
CA ASN A 101 -5.07 0.53 6.15
C ASN A 101 -5.50 0.33 7.57
N ALA A 102 -6.37 -0.60 7.73
CA ALA A 102 -6.89 -0.92 9.02
C ALA A 102 -5.82 -1.53 9.87
N ALA A 103 -4.74 -1.94 9.25
CA ALA A 103 -3.66 -2.58 9.97
C ALA A 103 -2.80 -1.51 10.61
N GLU A 104 -2.77 -0.36 9.95
CA GLU A 104 -2.19 0.83 10.49
C GLU A 104 -3.00 1.28 11.68
N ALA A 105 -4.29 1.07 11.54
CA ALA A 105 -5.25 1.41 12.54
C ALA A 105 -5.11 0.49 13.69
N THR A 106 -4.97 -0.77 13.36
CA THR A 106 -4.77 -1.81 14.33
C THR A 106 -3.51 -1.55 15.14
N GLU A 107 -2.50 -0.95 14.51
CA GLU A 107 -1.32 -0.57 15.25
C GLU A 107 -1.69 0.57 16.19
N THR A 108 -2.45 1.53 15.66
CA THR A 108 -2.95 2.65 16.44
C THR A 108 -3.86 2.17 17.55
N LEU A 109 -4.51 1.06 17.28
CA LEU A 109 -5.38 0.44 18.23
C LEU A 109 -4.61 0.16 19.49
N ARG A 110 -3.63 -0.70 19.37
CA ARG A 110 -2.68 -0.98 20.43
C ARG A 110 -2.24 0.31 21.12
N ASN A 111 -2.09 1.34 20.31
CA ASN A 111 -1.58 2.62 20.74
C ASN A 111 -2.55 3.35 21.62
N ALA A 112 -3.80 3.38 21.21
CA ALA A 112 -4.82 4.06 21.97
C ALA A 112 -5.13 3.24 23.19
N LEU A 113 -5.03 1.94 23.00
CA LEU A 113 -5.10 0.97 24.07
C LEU A 113 -3.98 1.26 25.08
N ALA A 114 -2.81 1.64 24.55
CA ALA A 114 -1.62 1.90 25.35
C ALA A 114 -1.74 3.21 26.09
N ASN A 115 -2.28 4.18 25.39
CA ASN A 115 -2.46 5.52 25.94
C ASN A 115 -3.28 5.46 27.20
N ASN A 116 -4.24 4.53 27.19
CA ASN A 116 -5.16 4.31 28.30
C ASN A 116 -4.42 3.64 29.45
N GLY A 117 -3.66 2.60 29.14
CA GLY A 117 -2.80 1.98 30.13
C GLY A 117 -3.46 0.91 30.97
N LYS A 118 -4.79 0.79 30.93
CA LYS A 118 -5.46 -0.23 31.74
C LYS A 118 -5.16 -1.63 31.21
N PHE A 119 -5.07 -1.78 29.91
CA PHE A 119 -4.85 -3.10 29.33
C PHE A 119 -3.41 -3.46 29.20
N THR A 120 -3.24 -4.66 28.71
CA THR A 120 -1.98 -5.13 28.27
C THR A 120 -2.11 -5.55 26.84
N LEU A 121 -1.56 -4.73 26.00
CA LEU A 121 -1.82 -4.87 24.60
C LEU A 121 -0.77 -5.68 23.91
N VAL A 122 -1.24 -6.66 23.19
CA VAL A 122 -0.40 -7.47 22.36
C VAL A 122 0.04 -6.63 21.16
N SER A 123 1.17 -6.92 20.56
CA SER A 123 1.58 -6.20 19.39
C SER A 123 1.30 -7.02 18.14
N ALA A 124 1.63 -6.50 16.98
CA ALA A 124 1.45 -7.24 15.75
C ALA A 124 2.39 -8.43 15.76
N GLN A 125 3.50 -8.22 16.47
CA GLN A 125 4.52 -9.24 16.71
C GLN A 125 3.90 -10.58 17.08
N GLN A 126 2.84 -10.54 17.87
CA GLN A 126 2.06 -11.73 18.16
C GLN A 126 0.88 -11.76 17.20
N LEU A 127 0.14 -10.67 17.25
CA LEU A 127 -1.23 -10.57 16.76
C LEU A 127 -1.36 -10.74 15.25
N SER A 128 -0.67 -9.86 14.52
CA SER A 128 -0.66 -9.87 13.05
C SER A 128 -0.29 -11.25 12.58
N MET A 129 0.66 -11.76 13.35
CA MET A 129 1.23 -13.06 13.18
C MET A 129 0.22 -14.14 13.36
N ALA A 130 -0.37 -14.18 14.56
CA ALA A 130 -1.45 -15.09 14.89
C ALA A 130 -2.47 -15.20 13.81
N LYS A 131 -2.87 -14.06 13.24
CA LYS A 131 -3.78 -14.09 12.14
C LYS A 131 -3.27 -15.01 11.08
N GLN A 132 -2.06 -14.74 10.65
CA GLN A 132 -1.39 -15.52 9.62
C GLN A 132 -1.20 -16.97 10.07
N GLN A 133 -0.80 -17.10 11.34
CA GLN A 133 -0.55 -18.41 11.95
C GLN A 133 -1.77 -19.25 11.87
N LEU A 134 -2.88 -18.59 12.02
CA LEU A 134 -4.15 -19.23 12.02
C LEU A 134 -4.67 -19.28 10.59
N GLY A 135 -4.31 -18.27 9.82
CA GLY A 135 -4.77 -18.20 8.44
C GLY A 135 -4.68 -16.83 7.85
N LEU A 136 -5.34 -15.95 8.55
CA LEU A 136 -5.62 -14.61 8.13
C LEU A 136 -4.44 -13.72 7.89
N SER A 137 -4.80 -12.49 7.68
CA SER A 137 -3.93 -11.38 7.51
C SER A 137 -4.12 -10.43 8.66
N PRO A 138 -3.07 -9.68 9.02
CA PRO A 138 -3.12 -8.71 10.11
C PRO A 138 -4.19 -7.65 9.93
N GLN A 139 -4.83 -7.64 8.76
CA GLN A 139 -5.85 -6.66 8.43
C GLN A 139 -7.16 -7.35 8.22
N ASP A 140 -7.11 -8.57 7.77
CA ASP A 140 -8.32 -9.31 7.39
C ASP A 140 -9.30 -9.23 8.54
N SER A 141 -8.66 -9.26 9.71
CA SER A 141 -9.28 -9.31 10.99
C SER A 141 -9.72 -10.71 11.33
N LEU A 142 -9.91 -10.97 12.57
CA LEU A 142 -10.18 -12.32 13.01
C LEU A 142 -11.50 -12.73 12.43
N GLY A 143 -12.38 -11.74 12.43
CA GLY A 143 -13.69 -11.86 11.85
C GLY A 143 -14.56 -12.95 12.44
N THR A 144 -14.04 -13.68 13.41
CA THR A 144 -14.75 -14.81 13.96
C THR A 144 -14.33 -15.01 15.37
N ARG A 145 -15.27 -14.94 16.31
CA ARG A 145 -14.94 -15.06 17.72
C ARG A 145 -13.90 -16.14 17.95
N SER A 146 -14.11 -17.29 17.37
CA SER A 146 -13.26 -18.44 17.59
C SER A 146 -11.87 -18.25 16.95
N LYS A 147 -11.85 -17.47 15.87
CA LYS A 147 -10.61 -17.12 15.18
C LYS A 147 -9.85 -16.14 16.03
N ALA A 148 -10.65 -15.34 16.72
CA ALA A 148 -10.17 -14.33 17.64
C ALA A 148 -9.67 -14.97 18.89
N ILE A 149 -10.44 -15.93 19.32
CA ILE A 149 -10.13 -16.69 20.48
C ILE A 149 -8.92 -17.55 20.22
N GLY A 150 -8.89 -18.13 19.05
CA GLY A 150 -7.72 -18.86 18.60
C GLY A 150 -6.49 -17.99 18.69
N ILE A 151 -6.58 -16.81 18.11
CA ILE A 151 -5.48 -15.88 18.09
C ILE A 151 -5.15 -15.32 19.44
N ALA A 152 -6.16 -14.88 20.16
CA ALA A 152 -5.95 -14.30 21.48
C ALA A 152 -5.21 -15.27 22.39
N ARG A 153 -5.55 -16.53 22.28
CA ARG A 153 -4.92 -17.55 23.10
C ARG A 153 -3.59 -17.99 22.49
N ASN A 154 -3.46 -17.72 21.19
CA ASN A 154 -2.24 -17.97 20.45
C ASN A 154 -1.33 -16.80 20.67
N VAL A 155 -1.93 -15.78 21.23
CA VAL A 155 -1.29 -14.51 21.41
C VAL A 155 -0.95 -14.27 22.89
N GLY A 156 -1.74 -14.86 23.78
CA GLY A 156 -1.50 -14.68 25.20
C GLY A 156 -2.41 -13.64 25.80
N ALA A 157 -3.64 -13.58 25.32
CA ALA A 157 -4.53 -12.50 25.64
C ALA A 157 -5.71 -12.93 26.52
N HIS A 158 -6.25 -11.96 27.25
CA HIS A 158 -7.41 -12.15 28.11
C HIS A 158 -8.67 -11.74 27.37
N TYR A 159 -8.50 -10.84 26.41
CA TYR A 159 -9.62 -10.24 25.70
C TYR A 159 -9.34 -10.18 24.22
N VAL A 160 -10.30 -9.65 23.49
CA VAL A 160 -10.12 -9.24 22.11
C VAL A 160 -10.71 -7.86 21.93
N LEU A 161 -10.05 -7.01 21.20
CA LEU A 161 -10.68 -5.81 20.75
C LEU A 161 -10.91 -5.89 19.27
N TYR A 162 -12.13 -6.21 18.93
CA TYR A 162 -12.58 -6.26 17.56
C TYR A 162 -12.91 -4.87 17.09
N SER A 163 -12.14 -4.38 16.18
CA SER A 163 -12.36 -3.05 15.68
C SER A 163 -12.57 -3.06 14.18
N SER A 164 -13.12 -1.99 13.69
CA SER A 164 -13.44 -1.83 12.32
C SER A 164 -13.67 -0.41 11.98
N ALA A 165 -13.88 -0.19 10.73
CA ALA A 165 -14.13 1.11 10.24
C ALA A 165 -15.19 1.05 9.21
N SER A 166 -16.12 1.96 9.25
CA SER A 166 -17.19 1.96 8.30
C SER A 166 -17.56 3.39 7.99
N GLY A 167 -18.61 3.57 7.25
CA GLY A 167 -19.10 4.90 7.04
C GLY A 167 -18.53 5.51 5.80
N ASN A 168 -17.36 6.07 5.98
CA ASN A 168 -16.63 6.63 4.87
C ASN A 168 -15.17 6.38 5.06
N VAL A 169 -14.56 5.75 4.11
CA VAL A 169 -13.20 5.28 4.29
C VAL A 169 -12.25 6.38 4.72
N ASN A 170 -12.26 7.51 4.02
CA ASN A 170 -11.31 8.59 4.28
C ASN A 170 -11.40 9.03 5.72
N ALA A 171 -12.60 8.93 6.24
CA ALA A 171 -12.88 9.29 7.60
C ALA A 171 -14.04 8.47 8.08
N PRO A 172 -13.72 7.30 8.58
CA PRO A 172 -14.67 6.25 8.93
C PRO A 172 -15.18 6.29 10.33
N THR A 173 -16.23 5.56 10.53
CA THR A 173 -16.69 5.22 11.84
C THR A 173 -15.85 4.07 12.31
N LEU A 174 -15.12 4.26 13.36
CA LEU A 174 -14.37 3.18 13.89
C LEU A 174 -15.26 2.38 14.77
N GLN A 175 -15.74 1.32 14.25
CA GLN A 175 -16.65 0.47 14.95
C GLN A 175 -15.86 -0.57 15.72
N MET A 176 -15.87 -0.43 17.01
CA MET A 176 -15.07 -1.28 17.88
C MET A 176 -15.95 -2.20 18.72
N GLN A 177 -15.35 -3.22 19.28
CA GLN A 177 -16.09 -4.33 19.85
C GLN A 177 -15.16 -5.23 20.65
N LEU A 178 -15.42 -5.35 21.91
CA LEU A 178 -14.53 -6.05 22.82
C LEU A 178 -15.10 -7.43 23.08
N MET A 179 -14.53 -8.42 22.43
CA MET A 179 -14.92 -9.79 22.66
C MET A 179 -14.04 -10.39 23.74
N LEU A 180 -14.65 -10.78 24.83
CA LEU A 180 -13.95 -11.54 25.83
C LEU A 180 -13.52 -12.87 25.19
N VAL A 181 -12.24 -13.10 25.02
CA VAL A 181 -11.80 -14.33 24.33
C VAL A 181 -12.11 -15.58 25.14
N GLN A 182 -12.00 -15.45 26.45
CA GLN A 182 -12.20 -16.57 27.37
C GLN A 182 -13.63 -17.13 27.29
N THR A 183 -14.52 -16.39 26.61
CA THR A 183 -15.89 -16.83 26.41
C THR A 183 -16.28 -16.71 24.96
N GLY A 184 -15.78 -15.65 24.37
CA GLY A 184 -16.07 -15.32 23.02
C GLY A 184 -17.30 -14.45 22.92
N GLU A 185 -17.62 -13.80 24.03
CA GLU A 185 -18.78 -12.93 24.07
C GLU A 185 -18.37 -11.48 23.91
N ILE A 186 -19.28 -10.67 23.42
CA ILE A 186 -19.01 -9.25 23.27
C ILE A 186 -19.38 -8.54 24.56
N ILE A 187 -18.38 -8.06 25.23
CA ILE A 187 -18.54 -7.46 26.54
C ILE A 187 -18.60 -5.95 26.43
N TRP A 188 -17.90 -5.43 25.43
CA TRP A 188 -17.96 -4.01 25.09
C TRP A 188 -18.05 -3.85 23.60
N SER A 189 -18.66 -2.77 23.18
CA SER A 189 -18.51 -2.32 21.80
C SER A 189 -18.71 -0.82 21.65
N GLY A 190 -18.25 -0.27 20.54
CA GLY A 190 -18.36 1.13 20.31
C GLY A 190 -18.17 1.44 18.86
N LYS A 191 -18.21 2.69 18.54
CA LYS A 191 -17.79 3.21 17.26
C LYS A 191 -17.32 4.60 17.50
N GLY A 192 -16.45 5.04 16.66
CA GLY A 192 -15.99 6.38 16.73
C GLY A 192 -15.38 6.83 15.44
N ALA A 193 -15.84 7.95 14.95
CA ALA A 193 -15.42 8.41 13.66
C ALA A 193 -13.98 8.93 13.69
N VAL A 194 -13.16 8.28 12.90
CA VAL A 194 -11.75 8.57 12.85
C VAL A 194 -11.45 9.55 11.75
N SER A 195 -10.32 10.17 11.92
CA SER A 195 -9.86 11.22 11.08
C SER A 195 -8.88 10.66 10.11
N GLN A 196 -8.45 11.46 9.18
CA GLN A 196 -7.37 11.06 8.30
C GLN A 196 -6.09 11.74 8.73
N GLN A 197 -5.03 10.96 8.86
CA GLN A 197 -3.73 11.52 9.21
C GLN A 197 -2.98 11.94 7.94
#